data_2J3Z
#
_entry.id   2J3Z
#
_cell.length_a   93.421
_cell.length_b   272.898
_cell.length_c   246.290
_cell.angle_alpha   90.00
_cell.angle_beta   90.00
_cell.angle_gamma   90.00
#
_symmetry.space_group_name_H-M   'C 2 2 21'
#
loop_
_entity.id
_entity.type
_entity.pdbx_description
1 polymer 'C2 TOXIN COMPONENT I'
2 non-polymer 'COBALT (II) ION'
3 non-polymer GLYCEROL
4 non-polymer 'SULFATE ION'
5 water water
#
_entity_poly.entity_id   1
_entity_poly.type   'polypeptide(L)'
_entity_poly.pdbx_seq_one_letter_code
;MPIIKEPIDFINKPESEAKKWGKEEEKRWFTKLNNLEEVAVNQLKNKEYKTKIDNFSTDILFSSLTAIEIMKEDENRNLF
DVERIREALLKNTLDRDAIGYVNFTPKELGINFSIRDVELDRDISDETLDKVRQQIINQEYTKFSFISLGLNDNSINESV
PVIVKTRVPTTFDYGVLNDKETVSLLLNQGFSIIPESAIITTIKGKDYILIEGSLSQELDFYNKGSEAWGAENYGDYISK
LSHEQLGALEGYLHSDYKAINSYLRNNRVPNNDELNKKIELISSALSVKPIPQTLIAYRRVDGIPFDLPSDFSFDKKENG
EIIADKQKLNEFIDKWTGKEIENLSFSSTSLKSTPSSFSKSRFIFRLRLSEGAIGAFIYGFSGFQDEQEILLNKNSTFKI
FRITPITSIINRVTKMTQVVIDAEGIQNKEI
;
_entity_poly.pdbx_strand_id   A,B,C,D,E,F
#
loop_
_chem_comp.id
_chem_comp.type
_chem_comp.name
_chem_comp.formula
CO non-polymer 'COBALT (II) ION' 'Co 2'
GOL non-polymer GLYCEROL 'C3 H8 O3'
SO4 non-polymer 'SULFATE ION' 'O4 S -2'
#
# COMPACT_ATOMS: atom_id res chain seq x y z
N PRO A 2 24.54 44.16 -3.76
CA PRO A 2 24.69 45.49 -4.33
C PRO A 2 25.57 46.43 -3.48
N ILE A 3 26.03 47.51 -4.14
CA ILE A 3 26.87 48.55 -3.56
C ILE A 3 26.21 49.07 -2.28
N ILE A 4 27.00 49.25 -1.22
CA ILE A 4 26.46 49.69 0.06
C ILE A 4 26.22 51.22 0.05
N LYS A 5 25.10 51.64 0.61
CA LYS A 5 24.67 53.03 0.60
C LYS A 5 24.06 53.32 1.93
N GLU A 6 24.23 54.53 2.44
CA GLU A 6 23.50 54.93 3.66
C GLU A 6 21.97 54.89 3.40
N PRO A 7 21.18 54.50 4.43
CA PRO A 7 19.74 54.38 4.21
C PRO A 7 19.09 55.70 3.79
N ILE A 8 17.94 55.61 3.10
CA ILE A 8 17.07 56.78 2.93
C ILE A 8 16.58 57.17 4.33
N ASP A 9 16.90 58.38 4.78
CA ASP A 9 16.46 58.88 6.08
C ASP A 9 16.31 60.40 6.05
N PHE A 10 15.08 60.87 6.17
CA PHE A 10 14.78 62.29 6.08
C PHE A 10 14.26 62.85 7.39
N ILE A 11 14.22 62.00 8.42
CA ILE A 11 13.63 62.35 9.70
C ILE A 11 14.36 63.55 10.30
N ASN A 12 15.69 63.49 10.30
CA ASN A 12 16.41 64.65 10.84
C ASN A 12 17.05 65.52 9.75
N LYS A 13 16.23 65.84 8.73
CA LYS A 13 16.65 66.65 7.57
C LYS A 13 15.56 67.68 7.16
N PRO A 14 15.94 68.83 6.57
CA PRO A 14 14.92 69.81 6.13
C PRO A 14 13.84 69.19 5.25
N GLU A 15 12.61 69.68 5.34
CA GLU A 15 11.50 69.22 4.49
C GLU A 15 11.76 69.33 2.99
N SER A 16 12.48 70.37 2.60
CA SER A 16 12.71 70.70 1.20
C SER A 16 13.54 69.62 0.55
N GLU A 17 14.41 69.02 1.35
CA GLU A 17 15.26 67.93 0.91
C GLU A 17 14.42 66.67 0.58
N ALA A 18 13.53 66.30 1.50
CA ALA A 18 12.53 65.26 1.28
C ALA A 18 11.64 65.55 0.06
N LYS A 19 11.13 66.79 -0.04
CA LYS A 19 10.33 67.23 -1.19
C LYS A 19 11.03 67.06 -2.55
N LYS A 20 12.30 67.46 -2.63
CA LYS A 20 13.08 67.38 -3.86
C LYS A 20 13.29 65.91 -4.26
N TRP A 21 13.73 65.09 -3.31
CA TRP A 21 13.90 63.68 -3.53
C TRP A 21 12.58 63.00 -3.96
N GLY A 22 11.49 63.38 -3.27
CA GLY A 22 10.18 62.80 -3.47
C GLY A 22 9.61 63.06 -4.85
N LYS A 23 9.85 64.27 -5.35
CA LYS A 23 9.32 64.72 -6.63
C LYS A 23 9.98 63.97 -7.80
N GLU A 24 11.31 63.94 -7.80
CA GLU A 24 12.05 63.18 -8.80
C GLU A 24 11.68 61.68 -8.82
N GLU A 25 11.66 61.08 -7.65
CA GLU A 25 11.38 59.65 -7.50
C GLU A 25 9.98 59.27 -7.97
N GLU A 26 8.98 60.06 -7.59
CA GLU A 26 7.61 59.83 -8.05
C GLU A 26 7.55 59.96 -9.57
N LYS A 27 8.18 61.00 -10.11
CA LYS A 27 8.20 61.22 -11.56
C LYS A 27 8.81 60.01 -12.24
N ARG A 28 9.90 59.52 -11.66
CA ARG A 28 10.67 58.38 -12.16
C ARG A 28 9.81 57.13 -12.16
N TRP A 29 9.10 56.90 -11.08
CA TRP A 29 8.20 55.73 -10.97
C TRP A 29 7.06 55.86 -11.96
N PHE A 30 6.41 57.02 -11.92
CA PHE A 30 5.28 57.31 -12.78
C PHE A 30 5.64 57.14 -14.25
N THR A 31 6.91 57.29 -14.60
CA THR A 31 7.28 57.13 -16.02
C THR A 31 7.32 55.65 -16.39
N LYS A 32 7.63 54.82 -15.41
CA LYS A 32 7.64 53.37 -15.57
C LYS A 32 6.24 52.80 -15.65
N LEU A 33 5.22 53.60 -15.38
CA LEU A 33 3.83 53.09 -15.30
C LEU A 33 3.03 53.33 -16.57
N ASN A 34 2.14 52.38 -16.89
CA ASN A 34 1.14 52.67 -17.94
C ASN A 34 0.04 53.57 -17.39
N ASN A 35 -0.78 54.10 -18.27
CA ASN A 35 -1.76 55.08 -17.87
C ASN A 35 -2.71 54.65 -16.75
N LEU A 36 -3.15 53.41 -16.82
CA LEU A 36 -4.11 52.86 -15.87
C LEU A 36 -3.49 52.59 -14.53
N GLU A 37 -2.21 52.22 -14.54
CA GLU A 37 -1.46 52.02 -13.32
C GLU A 37 -1.20 53.38 -12.67
N GLU A 38 -0.96 54.41 -13.48
CA GLU A 38 -0.69 55.73 -12.92
C GLU A 38 -1.92 56.33 -12.21
N VAL A 39 -3.09 56.23 -12.83
CA VAL A 39 -4.31 56.75 -12.19
C VAL A 39 -4.61 56.00 -10.88
N ALA A 40 -4.49 54.67 -10.90
CA ALA A 40 -4.73 53.86 -9.70
C ALA A 40 -3.82 54.28 -8.53
N VAL A 41 -2.54 54.36 -8.81
CA VAL A 41 -1.52 54.84 -7.88
C VAL A 41 -1.68 56.31 -7.43
N ASN A 42 -1.83 57.24 -8.38
CA ASN A 42 -1.93 58.65 -8.00
C ASN A 42 -3.13 58.99 -7.10
N GLN A 43 -4.25 58.33 -7.34
CA GLN A 43 -5.48 58.51 -6.57
C GLN A 43 -5.36 58.11 -5.10
N LEU A 44 -4.28 57.43 -4.75
CA LEU A 44 -3.99 57.04 -3.36
C LEU A 44 -3.59 58.27 -2.52
N LYS A 45 -3.37 59.41 -3.19
CA LYS A 45 -3.20 60.69 -2.49
C LYS A 45 -4.56 61.23 -1.99
N ASN A 46 -5.62 60.58 -2.45
CA ASN A 46 -6.97 60.91 -2.03
C ASN A 46 -7.33 59.96 -0.89
N LYS A 47 -7.68 60.54 0.25
CA LYS A 47 -7.80 59.75 1.48
C LYS A 47 -8.98 58.76 1.46
N GLU A 48 -10.08 59.14 0.81
CA GLU A 48 -11.27 58.28 0.63
C GLU A 48 -10.94 57.09 -0.27
N TYR A 49 -10.30 57.37 -1.41
CA TYR A 49 -9.83 56.33 -2.33
C TYR A 49 -8.86 55.38 -1.60
N LYS A 50 -7.87 55.95 -0.92
CA LYS A 50 -6.87 55.12 -0.22
C LYS A 50 -7.52 54.18 0.81
N THR A 51 -8.44 54.69 1.61
CA THR A 51 -9.16 53.90 2.62
C THR A 51 -9.88 52.74 1.95
N LYS A 52 -10.66 53.08 0.92
CA LYS A 52 -11.41 52.13 0.12
C LYS A 52 -10.51 51.03 -0.42
N ILE A 53 -9.42 51.42 -1.08
CA ILE A 53 -8.49 50.49 -1.72
C ILE A 53 -7.77 49.61 -0.71
N ASP A 54 -7.32 50.21 0.40
CA ASP A 54 -6.77 49.42 1.50
C ASP A 54 -7.81 48.44 2.04
N ASN A 55 -9.04 48.90 2.27
CA ASN A 55 -10.13 48.01 2.70
C ASN A 55 -10.33 46.88 1.71
N PHE A 56 -10.56 47.19 0.44
CA PHE A 56 -10.81 46.18 -0.57
C PHE A 56 -9.66 45.18 -0.66
N SER A 57 -8.41 45.66 -0.60
CA SER A 57 -7.22 44.80 -0.69
C SER A 57 -7.14 43.86 0.50
N THR A 58 -7.85 44.21 1.57
CA THR A 58 -7.96 43.30 2.70
C THR A 58 -9.07 42.28 2.40
N ASP A 59 -10.24 42.79 2.02
CA ASP A 59 -11.42 41.96 1.71
C ASP A 59 -11.15 40.78 0.78
N ILE A 60 -10.30 40.99 -0.23
CA ILE A 60 -10.10 39.98 -1.26
C ILE A 60 -9.20 38.82 -0.81
N LEU A 61 -8.48 39.02 0.31
CA LEU A 61 -7.69 37.97 0.94
C LEU A 61 -8.56 37.01 1.71
N PHE A 62 -9.78 37.45 2.03
CA PHE A 62 -10.75 36.64 2.77
C PHE A 62 -12.08 36.51 2.03
N SER A 63 -11.95 36.39 0.71
CA SER A 63 -13.01 35.95 -0.18
C SER A 63 -12.53 34.67 -0.85
N SER A 64 -13.43 33.72 -1.13
CA SER A 64 -13.07 32.50 -1.87
C SER A 64 -12.43 32.78 -3.23
N LEU A 65 -11.61 31.83 -3.67
CA LEU A 65 -11.02 31.83 -4.98
C LEU A 65 -12.06 31.95 -6.11
N THR A 66 -13.26 31.40 -5.86
CA THR A 66 -14.42 31.49 -6.74
C THR A 66 -14.92 32.93 -6.90
N ALA A 67 -15.03 33.63 -5.78
CA ALA A 67 -15.41 35.03 -5.75
C ALA A 67 -14.41 35.89 -6.50
N ILE A 68 -13.12 35.56 -6.39
CA ILE A 68 -12.04 36.31 -7.09
C ILE A 68 -12.29 36.23 -8.58
N GLU A 69 -12.51 35.01 -9.07
CA GLU A 69 -12.77 34.77 -10.48
C GLU A 69 -14.04 35.45 -10.94
N ILE A 70 -15.09 35.42 -10.11
CA ILE A 70 -16.35 36.07 -10.43
C ILE A 70 -16.01 37.53 -10.72
N MET A 71 -15.22 38.09 -9.81
CA MET A 71 -14.82 39.51 -9.89
C MET A 71 -13.99 39.90 -11.10
N LYS A 72 -13.05 39.02 -11.45
CA LYS A 72 -12.26 39.18 -12.67
C LYS A 72 -13.20 39.20 -13.89
N GLU A 73 -14.12 38.23 -13.96
CA GLU A 73 -15.10 38.12 -15.06
C GLU A 73 -15.93 39.40 -15.17
N ASP A 74 -16.44 39.85 -14.02
CA ASP A 74 -17.20 41.06 -13.85
C ASP A 74 -16.39 42.35 -14.10
N GLU A 75 -15.06 42.24 -14.17
CA GLU A 75 -14.19 43.38 -14.45
C GLU A 75 -14.29 44.35 -13.27
N ASN A 76 -14.22 43.80 -12.03
CA ASN A 76 -14.37 44.62 -10.81
C ASN A 76 -13.26 45.66 -10.70
N ARG A 77 -13.65 46.93 -10.76
CA ARG A 77 -12.68 48.05 -10.86
C ARG A 77 -11.79 48.20 -9.64
N ASN A 78 -12.31 47.87 -8.48
CA ASN A 78 -11.51 47.83 -7.26
C ASN A 78 -10.48 46.70 -7.29
N LEU A 79 -10.90 45.50 -7.73
CA LEU A 79 -9.96 44.39 -7.81
C LEU A 79 -8.88 44.72 -8.83
N PHE A 80 -9.30 45.28 -9.99
CA PHE A 80 -8.37 45.71 -11.03
C PHE A 80 -7.39 46.75 -10.52
N ASP A 81 -7.90 47.78 -9.86
CA ASP A 81 -7.05 48.83 -9.30
C ASP A 81 -6.05 48.25 -8.31
N VAL A 82 -6.49 47.39 -7.41
CA VAL A 82 -5.59 46.67 -6.49
C VAL A 82 -4.48 45.90 -7.24
N GLU A 83 -4.88 45.16 -8.28
CA GLU A 83 -3.93 44.43 -9.15
C GLU A 83 -2.96 45.35 -9.92
N ARG A 84 -3.44 46.49 -10.44
CA ARG A 84 -2.55 47.48 -11.05
C ARG A 84 -1.58 48.12 -10.04
N ILE A 85 -2.04 48.36 -8.81
CA ILE A 85 -1.15 48.90 -7.77
C ILE A 85 -0.02 47.90 -7.46
N ARG A 86 -0.36 46.63 -7.27
CA ARG A 86 0.66 45.59 -7.05
C ARG A 86 1.69 45.55 -8.17
N GLU A 87 1.21 45.62 -9.42
CA GLU A 87 2.05 45.54 -10.61
C GLU A 87 2.97 46.76 -10.73
N ALA A 88 2.42 47.93 -10.40
CA ALA A 88 3.18 49.18 -10.33
C ALA A 88 4.35 49.08 -9.32
N LEU A 89 4.05 48.48 -8.16
CA LEU A 89 5.03 48.32 -7.11
C LEU A 89 6.17 47.42 -7.59
N LEU A 90 5.86 46.50 -8.51
CA LEU A 90 6.85 45.52 -9.00
C LEU A 90 7.96 46.12 -9.85
N LYS A 91 7.71 47.31 -10.38
CA LYS A 91 8.60 47.92 -11.34
C LYS A 91 9.74 48.71 -10.72
N ASN A 92 9.86 48.64 -9.40
CA ASN A 92 10.72 49.51 -8.65
C ASN A 92 11.27 48.78 -7.42
N THR A 93 12.59 48.65 -7.29
CA THR A 93 13.11 47.96 -6.11
C THR A 93 14.19 48.82 -5.41
N LEU A 94 14.19 48.80 -4.08
CA LEU A 94 15.11 49.61 -3.30
C LEU A 94 16.58 49.20 -3.46
N ASP A 95 17.42 50.23 -3.46
CA ASP A 95 18.85 50.28 -3.65
C ASP A 95 19.60 50.31 -2.32
N ARG A 96 18.85 50.53 -1.26
CA ARG A 96 19.36 50.83 0.07
C ARG A 96 18.17 50.69 1.00
N ASP A 97 18.45 50.61 2.30
CA ASP A 97 17.41 50.61 3.31
C ASP A 97 16.64 51.95 3.31
N ALA A 98 15.40 51.92 3.81
CA ALA A 98 14.67 53.16 4.02
C ALA A 98 14.17 53.23 5.46
N ILE A 99 14.42 54.34 6.11
CA ILE A 99 13.91 54.54 7.47
C ILE A 99 12.77 55.53 7.49
N GLY A 100 11.71 55.19 8.25
CA GLY A 100 10.55 56.05 8.39
C GLY A 100 9.41 55.46 9.23
N TYR A 101 8.20 55.92 8.95
CA TYR A 101 7.03 55.56 9.74
C TYR A 101 5.98 54.80 8.93
N VAL A 102 5.70 53.55 9.34
CA VAL A 102 4.61 52.76 8.72
C VAL A 102 3.27 53.17 9.30
N ASN A 103 2.25 53.19 8.44
CA ASN A 103 0.92 53.67 8.79
C ASN A 103 0.02 52.61 9.46
N PHE A 104 0.46 52.08 10.60
CA PHE A 104 -0.38 51.25 11.44
C PHE A 104 -1.17 52.13 12.39
N THR A 105 -2.45 51.85 12.52
CA THR A 105 -3.30 52.51 13.49
C THR A 105 -3.30 51.69 14.79
N PRO A 106 -3.79 52.26 15.90
CA PRO A 106 -4.03 51.47 17.09
C PRO A 106 -4.81 50.17 16.81
N LYS A 107 -5.89 50.22 16.02
CA LYS A 107 -6.73 49.05 15.80
C LYS A 107 -5.96 47.90 15.22
N GLU A 108 -5.04 48.25 14.33
CA GLU A 108 -4.18 47.30 13.66
C GLU A 108 -3.10 46.71 14.54
N LEU A 109 -2.93 47.27 15.74
CA LEU A 109 -2.07 46.69 16.77
C LEU A 109 -2.95 46.08 17.84
N GLY A 110 -4.22 45.83 17.52
CA GLY A 110 -5.15 45.23 18.46
C GLY A 110 -5.46 46.08 19.67
N ILE A 111 -5.39 47.40 19.48
CA ILE A 111 -5.72 48.35 20.54
C ILE A 111 -7.10 48.95 20.29
N ASN A 112 -8.04 48.71 21.21
CA ASN A 112 -9.41 49.26 21.11
C ASN A 112 -9.76 50.34 22.10
N PHE A 113 -9.03 50.44 23.20
CA PHE A 113 -9.21 51.50 24.17
C PHE A 113 -8.55 52.79 23.68
N SER A 114 -9.00 53.92 24.22
CA SER A 114 -8.45 55.25 23.90
C SER A 114 -7.03 55.35 24.40
N ILE A 115 -6.14 55.78 23.52
CA ILE A 115 -4.76 55.99 23.93
C ILE A 115 -4.67 57.35 24.62
N ARG A 116 -5.14 58.37 23.92
CA ARG A 116 -5.12 59.72 24.46
C ARG A 116 -6.36 60.01 25.30
N ASP A 117 -6.25 61.00 26.19
CA ASP A 117 -7.41 61.48 26.94
C ASP A 117 -8.57 61.75 25.98
N VAL A 118 -9.75 61.34 26.41
CA VAL A 118 -10.96 61.44 25.59
C VAL A 118 -11.32 62.89 25.21
N GLU A 119 -11.27 63.81 26.17
CA GLU A 119 -11.63 65.20 25.91
C GLU A 119 -10.69 65.99 24.96
N LEU A 120 -9.42 66.10 25.34
CA LEU A 120 -8.44 66.93 24.62
C LEU A 120 -7.68 66.19 23.53
N ASP A 121 -7.77 64.85 23.55
CA ASP A 121 -7.03 64.01 22.61
C ASP A 121 -5.56 64.47 22.56
N ARG A 122 -4.98 64.67 23.74
CA ARG A 122 -3.66 65.28 23.91
C ARG A 122 -2.67 64.43 24.72
N ASP A 123 -3.11 63.96 25.90
CA ASP A 123 -2.23 63.25 26.85
C ASP A 123 -2.45 61.74 26.91
N ILE A 124 -1.33 61.04 27.11
CA ILE A 124 -1.30 59.59 27.32
C ILE A 124 -0.76 59.39 28.74
N SER A 125 -1.51 58.66 29.57
CA SER A 125 -1.06 58.35 30.93
C SER A 125 -0.10 57.17 30.90
N ASP A 126 0.62 57.01 32.01
CA ASP A 126 1.58 55.91 32.15
C ASP A 126 0.88 54.56 32.18
N GLU A 127 -0.24 54.49 32.90
CA GLU A 127 -1.11 53.31 32.88
C GLU A 127 -1.46 52.86 31.47
N THR A 128 -1.86 53.81 30.62
CA THR A 128 -2.14 53.52 29.21
C THR A 128 -0.90 53.01 28.51
N LEU A 129 0.26 53.62 28.82
CA LEU A 129 1.50 53.15 28.21
C LEU A 129 1.73 51.67 28.55
N ASP A 130 1.67 51.34 29.85
CA ASP A 130 1.82 49.97 30.34
C ASP A 130 0.84 49.02 29.67
N LYS A 131 -0.42 49.43 29.56
CA LYS A 131 -1.42 48.63 28.87
C LYS A 131 -1.06 48.39 27.41
N VAL A 132 -0.51 49.39 26.70
CA VAL A 132 -0.18 49.14 25.27
C VAL A 132 1.06 48.24 25.09
N ARG A 133 2.05 48.44 25.96
CA ARG A 133 3.23 47.57 26.06
C ARG A 133 2.81 46.12 26.25
N GLN A 134 1.89 45.88 27.18
CA GLN A 134 1.38 44.52 27.40
C GLN A 134 0.71 43.95 26.17
N GLN A 135 -0.05 44.76 25.45
CA GLN A 135 -0.66 44.25 24.21
C GLN A 135 0.34 44.01 23.07
N ILE A 136 1.25 44.97 22.86
CA ILE A 136 1.98 45.00 21.58
C ILE A 136 3.43 44.49 21.59
N ILE A 137 4.09 44.45 22.74
CA ILE A 137 5.53 44.17 22.72
C ILE A 137 5.82 42.70 22.39
N ASN A 138 6.59 42.53 21.31
CA ASN A 138 7.06 41.23 20.81
C ASN A 138 5.95 40.47 20.13
N GLN A 139 4.82 41.12 19.95
CA GLN A 139 3.71 40.60 19.18
C GLN A 139 3.91 40.98 17.71
N GLU A 140 3.44 40.16 16.80
CA GLU A 140 3.60 40.43 15.38
C GLU A 140 2.23 40.76 14.82
N TYR A 141 2.13 41.93 14.19
CA TYR A 141 0.91 42.41 13.56
C TYR A 141 1.07 42.60 12.04
N THR A 142 0.29 41.87 11.28
CA THR A 142 0.29 41.95 9.82
C THR A 142 -0.57 43.08 9.27
N LYS A 143 0.03 43.87 8.39
CA LYS A 143 -0.77 44.83 7.62
C LYS A 143 -1.29 44.17 6.35
N PHE A 144 -2.56 43.81 6.35
CA PHE A 144 -3.18 43.16 5.19
C PHE A 144 -3.11 43.99 3.89
N SER A 145 -3.33 45.29 4.01
CA SER A 145 -3.30 46.16 2.88
C SER A 145 -1.84 46.52 2.52
N PHE A 146 -1.69 47.26 1.43
CA PHE A 146 -0.47 48.00 1.14
C PHE A 146 -0.02 48.82 2.36
N ILE A 147 1.25 49.16 2.41
CA ILE A 147 1.78 49.85 3.54
C ILE A 147 2.44 51.13 3.03
N SER A 148 2.25 52.21 3.78
CA SER A 148 2.94 53.49 3.55
C SER A 148 4.11 53.59 4.49
N LEU A 149 5.24 54.06 3.94
CA LEU A 149 6.34 54.49 4.80
C LEU A 149 6.52 56.00 4.64
N GLY A 150 6.08 56.74 5.66
CA GLY A 150 6.24 58.18 5.70
C GLY A 150 7.69 58.54 5.98
N LEU A 151 8.23 59.47 5.21
CA LEU A 151 9.68 59.67 5.22
C LEU A 151 10.19 60.79 6.12
N ASN A 152 9.34 61.73 6.47
CA ASN A 152 9.70 62.74 7.48
C ASN A 152 8.59 63.04 8.48
N ASP A 153 8.82 64.02 9.35
CA ASP A 153 7.91 64.26 10.48
C ASP A 153 6.59 64.89 10.06
N ASN A 154 6.53 65.43 8.85
CA ASN A 154 5.26 65.89 8.24
C ASN A 154 4.28 64.75 7.94
N SER A 155 4.78 63.53 7.79
CA SER A 155 3.94 62.32 7.62
C SER A 155 3.20 61.91 8.89
N ILE A 156 3.64 62.44 10.03
CA ILE A 156 2.98 62.14 11.30
C ILE A 156 1.60 62.79 11.25
N ASN A 157 0.58 61.93 11.27
CA ASN A 157 -0.79 62.36 11.38
C ASN A 157 -1.08 62.55 12.86
N GLU A 158 -1.37 63.78 13.25
CA GLU A 158 -1.62 64.17 14.66
C GLU A 158 -2.80 63.47 15.34
N SER A 159 -3.81 63.07 14.57
CA SER A 159 -4.95 62.37 15.10
C SER A 159 -4.64 60.92 15.47
N VAL A 160 -3.56 60.37 14.87
CA VAL A 160 -3.09 59.01 15.19
C VAL A 160 -2.10 59.05 16.39
N PRO A 161 -2.47 58.39 17.53
CA PRO A 161 -1.71 58.49 18.82
C PRO A 161 -0.48 57.59 18.92
N VAL A 162 -0.09 57.06 17.78
CA VAL A 162 0.91 56.05 17.71
C VAL A 162 1.83 56.43 16.58
N ILE A 163 3.13 56.29 16.79
CA ILE A 163 4.14 56.50 15.74
C ILE A 163 4.99 55.25 15.66
N VAL A 164 4.92 54.60 14.50
CA VAL A 164 5.60 53.32 14.33
C VAL A 164 6.78 53.48 13.39
N LYS A 165 7.97 53.51 13.99
CA LYS A 165 9.22 53.69 13.25
C LYS A 165 9.92 52.37 12.98
N THR A 166 10.32 52.19 11.72
CA THR A 166 10.92 50.95 11.26
C THR A 166 11.93 51.17 10.13
N ARG A 167 12.57 50.07 9.73
CA ARG A 167 13.51 50.04 8.63
C ARG A 167 12.98 49.08 7.55
N VAL A 168 12.90 49.58 6.31
CA VAL A 168 12.57 48.77 5.16
C VAL A 168 13.89 48.37 4.47
N PRO A 169 14.15 47.04 4.34
CA PRO A 169 15.42 46.55 3.77
C PRO A 169 15.58 46.82 2.28
N THR A 170 16.82 46.93 1.83
CA THR A 170 17.14 47.02 0.41
C THR A 170 16.60 45.79 -0.35
N THR A 171 16.25 45.97 -1.64
CA THR A 171 15.69 44.94 -2.55
C THR A 171 14.16 44.79 -2.45
N PHE A 172 13.53 45.47 -1.50
CA PHE A 172 12.06 45.47 -1.47
C PHE A 172 11.46 46.37 -2.55
N ASP A 173 10.31 45.97 -3.07
CA ASP A 173 9.60 46.77 -4.09
C ASP A 173 9.01 47.98 -3.41
N TYR A 174 8.87 49.05 -4.17
CA TYR A 174 8.37 50.29 -3.61
C TYR A 174 7.96 51.26 -4.67
N GLY A 175 7.09 52.18 -4.31
CA GLY A 175 6.93 53.38 -5.09
C GLY A 175 7.05 54.56 -4.17
N VAL A 176 7.21 55.74 -4.76
CA VAL A 176 7.21 56.95 -3.95
C VAL A 176 6.10 57.90 -4.40
N LEU A 177 5.40 58.38 -3.40
CA LEU A 177 4.35 59.36 -3.58
C LEU A 177 4.76 60.65 -2.89
N ASN A 178 4.61 61.70 -3.66
CA ASN A 178 4.87 63.04 -3.22
C ASN A 178 3.57 63.83 -3.34
N ASP A 179 2.96 64.16 -2.20
CA ASP A 179 1.84 65.11 -2.20
C ASP A 179 1.85 66.01 -0.99
N LYS A 180 1.71 67.31 -1.25
CA LYS A 180 1.31 68.26 -0.22
C LYS A 180 2.03 68.03 1.11
N GLU A 181 3.34 68.25 1.11
CA GLU A 181 4.19 68.16 2.35
C GLU A 181 4.49 66.75 2.92
N THR A 182 3.73 65.73 2.51
CA THR A 182 4.06 64.34 2.82
C THR A 182 4.83 63.69 1.67
N VAL A 183 6.02 63.16 1.99
CA VAL A 183 6.72 62.26 1.07
C VAL A 183 6.68 60.85 1.65
N SER A 184 6.19 59.90 0.88
CA SER A 184 6.18 58.53 1.36
C SER A 184 6.54 57.44 0.33
N LEU A 185 6.98 56.30 0.87
CA LEU A 185 7.06 55.08 0.04
C LEU A 185 5.78 54.28 0.13
N LEU A 186 5.41 53.65 -0.97
CA LEU A 186 4.35 52.65 -0.98
C LEU A 186 5.01 51.28 -1.07
N LEU A 187 4.50 50.33 -0.29
CA LEU A 187 5.04 48.98 -0.24
C LEU A 187 3.94 47.93 -0.35
N ASN A 188 4.33 46.70 -0.64
CA ASN A 188 3.43 45.56 -0.83
C ASN A 188 2.48 45.24 0.32
N GLN A 189 1.42 44.50 0.00
CA GLN A 189 0.52 43.97 1.02
C GLN A 189 1.28 42.98 1.85
N GLY A 190 0.79 42.71 3.05
CA GLY A 190 1.26 41.55 3.79
C GLY A 190 2.49 41.63 4.65
N PHE A 191 3.06 42.81 4.88
CA PHE A 191 4.19 42.91 5.84
C PHE A 191 3.67 42.94 7.26
N SER A 192 4.51 42.52 8.19
CA SER A 192 4.19 42.70 9.58
C SER A 192 5.15 43.65 10.29
N ILE A 193 4.69 44.17 11.42
CA ILE A 193 5.55 44.86 12.33
C ILE A 193 5.60 44.06 13.64
N ILE A 194 6.78 43.97 14.21
CA ILE A 194 6.96 43.41 15.55
C ILE A 194 7.40 44.53 16.49
N PRO A 195 6.47 45.03 17.32
CA PRO A 195 6.93 46.12 18.18
C PRO A 195 7.95 45.68 19.25
N GLU A 196 9.03 46.43 19.34
CA GLU A 196 10.13 46.06 20.21
C GLU A 196 10.28 46.94 21.43
N SER A 197 9.92 48.20 21.28
CA SER A 197 9.81 49.13 22.39
C SER A 197 8.69 50.13 22.13
N ALA A 198 8.21 50.72 23.22
CA ALA A 198 7.21 51.76 23.16
C ALA A 198 7.43 52.68 24.34
N ILE A 199 7.69 53.93 24.04
CA ILE A 199 7.79 55.00 25.01
C ILE A 199 6.84 56.14 24.60
N ILE A 200 6.67 57.10 25.51
CA ILE A 200 5.91 58.31 25.23
C ILE A 200 6.84 59.40 24.72
N THR A 201 6.44 59.95 23.58
CA THR A 201 7.03 61.18 23.05
C THR A 201 5.97 62.29 22.88
N THR A 202 6.40 63.53 23.04
CA THR A 202 5.55 64.69 22.90
C THR A 202 6.08 65.54 21.76
N ILE A 203 5.33 65.69 20.68
CA ILE A 203 5.68 66.69 19.68
C ILE A 203 4.53 67.68 19.53
N LYS A 204 4.86 68.95 19.82
CA LYS A 204 3.96 70.09 19.70
C LYS A 204 2.82 70.02 20.69
N GLY A 205 3.19 69.72 21.95
CA GLY A 205 2.22 69.57 23.04
C GLY A 205 1.38 68.30 23.02
N LYS A 206 1.44 67.53 21.94
CA LYS A 206 0.69 66.28 21.81
C LYS A 206 1.51 65.04 22.11
N ASP A 207 0.92 64.11 22.87
CA ASP A 207 1.59 62.85 23.23
C ASP A 207 1.39 61.76 22.19
N TYR A 208 2.48 61.04 21.92
CA TYR A 208 2.39 59.85 21.10
C TYR A 208 3.11 58.71 21.77
N ILE A 209 2.68 57.50 21.44
CA ILE A 209 3.45 56.31 21.74
C ILE A 209 4.39 56.08 20.55
N LEU A 210 5.68 56.28 20.78
CA LEU A 210 6.70 56.01 19.77
C LEU A 210 7.06 54.54 19.86
N ILE A 211 6.79 53.83 18.79
CA ILE A 211 7.12 52.43 18.74
C ILE A 211 8.28 52.22 17.76
N GLU A 212 9.29 51.46 18.20
CA GLU A 212 10.35 51.02 17.31
C GLU A 212 10.05 49.54 17.04
N GLY A 213 9.88 49.22 15.76
CA GLY A 213 9.54 47.87 15.32
C GLY A 213 10.42 47.33 14.19
N SER A 214 10.49 46.00 14.08
CA SER A 214 11.10 45.35 12.92
C SER A 214 10.01 45.04 11.91
N LEU A 215 10.33 45.27 10.65
CA LEU A 215 9.45 44.87 9.59
C LEU A 215 9.75 43.39 9.33
N SER A 216 8.70 42.59 9.30
CA SER A 216 8.90 41.19 9.02
C SER A 216 7.83 40.74 8.06
N GLN A 217 7.59 39.42 8.01
CA GLN A 217 6.54 38.86 7.21
C GLN A 217 6.16 37.48 7.76
N GLU A 218 4.87 37.22 7.94
CA GLU A 218 4.42 35.90 8.36
C GLU A 218 4.23 35.01 7.13
N LEU A 219 4.49 33.72 7.33
CA LEU A 219 4.15 32.70 6.37
C LEU A 219 2.63 32.49 6.35
N ASP A 220 1.98 33.12 5.36
CA ASP A 220 0.53 33.20 5.30
C ASP A 220 0.11 33.13 3.84
N PHE A 221 -0.77 32.18 3.53
CA PHE A 221 -1.18 31.95 2.16
C PHE A 221 -2.53 32.57 1.81
N TYR A 222 -3.13 33.27 2.78
CA TYR A 222 -4.46 33.87 2.61
C TYR A 222 -5.45 32.91 1.94
N ASN A 223 -6.12 33.36 0.88
CA ASN A 223 -7.13 32.52 0.22
C ASN A 223 -6.56 31.57 -0.84
N LYS A 224 -5.31 31.80 -1.24
CA LYS A 224 -4.65 30.94 -2.23
C LYS A 224 -4.25 29.56 -1.70
N GLY A 225 -3.96 29.47 -0.39
CA GLY A 225 -3.30 28.30 0.19
C GLY A 225 -1.95 28.00 -0.49
N SER A 226 -1.42 26.82 -0.25
CA SER A 226 -0.21 26.40 -0.93
C SER A 226 -0.29 24.91 -1.25
N GLU A 227 -0.02 24.50 -2.47
CA GLU A 227 0.13 23.04 -2.71
C GLU A 227 1.56 22.52 -2.44
N ALA A 228 2.52 23.44 -2.41
CA ALA A 228 3.90 23.15 -2.13
C ALA A 228 4.23 22.93 -0.61
N TRP A 229 3.66 23.76 0.27
CA TRP A 229 3.96 23.71 1.71
C TRP A 229 3.75 22.31 2.33
N GLY A 230 2.61 21.69 1.98
CA GLY A 230 2.19 20.36 2.43
C GLY A 230 3.07 19.21 1.94
N ALA A 231 3.40 19.23 0.65
CA ALA A 231 4.39 18.32 0.06
C ALA A 231 5.79 18.49 0.68
N GLU A 232 6.24 19.75 0.80
CA GLU A 232 7.56 20.05 1.37
C GLU A 232 7.70 19.45 2.76
N ASN A 233 6.67 19.68 3.58
CA ASN A 233 6.71 19.39 5.00
C ASN A 233 6.03 18.10 5.41
N TYR A 234 5.04 17.64 4.64
CA TYR A 234 4.21 16.47 5.04
C TYR A 234 4.10 15.39 3.94
N GLY A 235 4.92 15.53 2.90
CA GLY A 235 5.03 14.54 1.82
C GLY A 235 5.31 13.12 2.25
N ASP A 236 6.10 12.92 3.31
CA ASP A 236 6.39 11.58 3.83
C ASP A 236 5.70 11.27 5.16
N TYR A 237 4.66 12.04 5.46
CA TYR A 237 4.00 11.92 6.76
C TYR A 237 3.36 10.53 7.02
N ILE A 238 2.57 10.03 6.06
CA ILE A 238 1.89 8.73 6.18
C ILE A 238 2.90 7.61 6.49
N SER A 239 4.02 7.61 5.76
CA SER A 239 5.11 6.65 5.95
C SER A 239 5.80 6.70 7.33
N LYS A 240 5.56 7.76 8.10
CA LYS A 240 6.14 7.89 9.42
C LYS A 240 5.21 7.36 10.53
N LEU A 241 3.94 7.13 10.18
CA LEU A 241 2.95 6.62 11.13
C LEU A 241 2.97 5.10 11.23
N SER A 242 2.81 4.58 12.46
CA SER A 242 2.49 3.16 12.64
C SER A 242 1.16 2.80 11.97
N HIS A 243 0.81 1.52 11.92
CA HIS A 243 -0.49 1.11 11.39
C HIS A 243 -1.64 1.60 12.25
N GLU A 244 -1.44 1.55 13.57
CA GLU A 244 -2.49 1.93 14.49
C GLU A 244 -2.69 3.45 14.54
N GLN A 245 -1.62 4.21 14.34
CA GLN A 245 -1.75 5.66 14.26
C GLN A 245 -2.47 6.07 12.98
N LEU A 246 -2.11 5.45 11.86
CA LEU A 246 -2.71 5.70 10.54
C LEU A 246 -4.19 5.37 10.57
N GLY A 247 -4.49 4.13 10.96
CA GLY A 247 -5.87 3.67 11.10
C GLY A 247 -6.72 4.59 11.95
N ALA A 248 -6.21 4.98 13.13
CA ALA A 248 -6.95 5.86 14.04
C ALA A 248 -7.22 7.23 13.44
N LEU A 249 -6.22 7.78 12.77
CA LEU A 249 -6.34 9.06 12.05
C LEU A 249 -7.26 8.97 10.82
N GLU A 250 -7.02 8.00 9.93
CA GLU A 250 -7.92 7.76 8.79
C GLU A 250 -9.39 7.64 9.23
N GLY A 251 -9.60 6.96 10.36
CA GLY A 251 -10.94 6.73 10.93
C GLY A 251 -11.56 8.05 11.34
N TYR A 252 -10.76 8.89 12.00
CA TYR A 252 -11.21 10.20 12.44
C TYR A 252 -11.63 10.99 11.21
N LEU A 253 -10.74 11.02 10.21
CA LEU A 253 -10.99 11.79 9.01
C LEU A 253 -12.23 11.36 8.24
N HIS A 254 -12.53 10.06 8.26
CA HIS A 254 -13.53 9.50 7.36
C HIS A 254 -14.85 9.05 7.97
N SER A 255 -14.85 8.78 9.28
CA SER A 255 -16.01 8.18 9.91
C SER A 255 -16.24 8.52 11.40
N ASP A 256 -15.17 8.73 12.16
CA ASP A 256 -15.27 8.80 13.62
C ASP A 256 -15.34 10.24 14.12
N TYR A 257 -15.13 11.23 13.27
CA TYR A 257 -15.00 12.58 13.81
C TYR A 257 -16.25 13.18 14.42
N LYS A 258 -17.42 12.76 13.95
CA LYS A 258 -18.67 13.23 14.54
C LYS A 258 -18.75 12.76 15.98
N ALA A 259 -18.56 11.46 16.19
CA ALA A 259 -18.63 10.80 17.49
C ALA A 259 -17.54 11.27 18.44
N ILE A 260 -16.30 11.32 17.94
CA ILE A 260 -15.14 11.74 18.69
C ILE A 260 -15.24 13.21 19.08
N ASN A 261 -15.63 14.08 18.14
CA ASN A 261 -15.77 15.50 18.47
C ASN A 261 -16.80 15.70 19.57
N SER A 262 -17.96 15.03 19.43
CA SER A 262 -19.04 15.20 20.37
C SER A 262 -18.67 14.57 21.71
N TYR A 263 -18.06 13.40 21.71
CA TYR A 263 -17.62 12.77 22.96
C TYR A 263 -16.67 13.70 23.72
N LEU A 264 -15.74 14.31 23.00
CA LEU A 264 -14.78 15.23 23.59
C LEU A 264 -15.44 16.53 24.07
N ARG A 265 -16.33 17.10 23.24
CA ARG A 265 -17.08 18.30 23.60
C ARG A 265 -18.00 18.08 24.81
N ASN A 266 -18.31 16.82 25.09
CA ASN A 266 -19.11 16.39 26.24
C ASN A 266 -18.30 16.04 27.50
N ASN A 267 -17.02 16.43 27.54
CA ASN A 267 -16.09 16.09 28.63
C ASN A 267 -15.97 14.60 28.90
N ARG A 268 -16.04 13.81 27.82
CA ARG A 268 -15.91 12.33 27.91
C ARG A 268 -16.89 11.62 28.87
N VAL A 269 -18.13 12.07 28.89
CA VAL A 269 -19.12 11.48 29.76
C VAL A 269 -20.37 11.13 28.93
N PRO A 270 -20.78 9.84 28.94
CA PRO A 270 -20.17 8.78 29.74
C PRO A 270 -18.89 8.22 29.10
N ASN A 271 -17.98 7.72 29.95
CA ASN A 271 -16.73 7.12 29.51
C ASN A 271 -16.94 6.06 28.45
N ASN A 272 -16.12 6.18 27.42
CA ASN A 272 -16.13 5.27 26.30
C ASN A 272 -14.71 4.83 26.02
N ASP A 273 -14.37 3.62 26.45
CA ASP A 273 -13.00 3.10 26.37
C ASP A 273 -12.49 2.98 24.96
N GLU A 274 -13.35 2.54 24.03
CA GLU A 274 -12.98 2.45 22.62
C GLU A 274 -12.68 3.84 22.02
N LEU A 275 -13.52 4.82 22.33
CA LEU A 275 -13.28 6.18 21.87
C LEU A 275 -11.99 6.73 22.48
N ASN A 276 -11.79 6.52 23.79
CA ASN A 276 -10.52 6.85 24.49
C ASN A 276 -9.25 6.35 23.79
N LYS A 277 -9.31 5.10 23.35
CA LYS A 277 -8.22 4.42 22.62
C LYS A 277 -7.93 5.07 21.27
N LYS A 278 -8.97 5.32 20.47
CA LYS A 278 -8.86 6.04 19.19
C LYS A 278 -8.28 7.43 19.38
N ILE A 279 -8.80 8.18 20.35
CA ILE A 279 -8.34 9.54 20.60
C ILE A 279 -6.86 9.54 20.97
N GLU A 280 -6.47 8.65 21.88
CA GLU A 280 -5.07 8.49 22.30
C GLU A 280 -4.16 8.30 21.08
N LEU A 281 -4.57 7.41 20.19
CA LEU A 281 -3.85 7.09 18.94
C LEU A 281 -3.84 8.23 17.90
N ILE A 282 -4.91 9.00 17.83
CA ILE A 282 -4.96 10.16 16.93
C ILE A 282 -4.02 11.27 17.42
N SER A 283 -3.97 11.48 18.73
CA SER A 283 -3.14 12.52 19.32
C SER A 283 -1.70 12.14 19.10
N SER A 284 -1.44 10.85 19.33
CA SER A 284 -0.13 10.22 19.13
C SER A 284 0.38 10.43 17.69
N ALA A 285 -0.52 10.28 16.70
CA ALA A 285 -0.21 10.51 15.28
C ALA A 285 0.19 11.95 15.02
N LEU A 286 -0.51 12.87 15.67
CA LEU A 286 -0.34 14.28 15.39
C LEU A 286 0.97 14.84 15.94
N SER A 287 1.59 14.10 16.85
CA SER A 287 2.87 14.52 17.38
C SER A 287 4.05 13.79 16.72
N VAL A 288 3.76 12.93 15.75
CA VAL A 288 4.84 12.27 15.00
C VAL A 288 5.69 13.32 14.26
N LYS A 289 5.05 14.30 13.64
CA LYS A 289 5.76 15.38 12.94
C LYS A 289 5.17 16.74 13.31
N PRO A 290 5.55 17.27 14.49
CA PRO A 290 5.02 18.54 14.94
C PRO A 290 5.17 19.63 13.85
N ILE A 291 4.28 20.61 13.83
CA ILE A 291 4.42 21.77 12.90
C ILE A 291 5.91 22.23 12.85
N PRO A 292 6.52 22.22 11.64
CA PRO A 292 7.98 22.41 11.55
C PRO A 292 8.45 23.88 11.57
N GLN A 293 7.53 24.83 11.34
CA GLN A 293 7.85 26.25 11.34
C GLN A 293 6.57 26.98 11.64
N THR A 294 6.66 28.19 12.21
CA THR A 294 5.50 29.03 12.50
C THR A 294 4.76 29.48 11.23
N LEU A 295 3.44 29.25 11.18
CA LEU A 295 2.65 29.72 10.04
C LEU A 295 1.19 30.04 10.37
N ILE A 296 0.52 30.65 9.40
CA ILE A 296 -0.88 30.98 9.54
C ILE A 296 -1.74 29.91 8.85
N ALA A 297 -2.74 29.44 9.59
CA ALA A 297 -3.75 28.54 9.07
C ALA A 297 -5.08 29.13 9.50
N TYR A 298 -6.14 28.71 8.83
CA TYR A 298 -7.46 29.33 8.96
C TYR A 298 -8.54 28.36 9.37
N ARG A 299 -9.46 28.85 10.18
CA ARG A 299 -10.64 28.11 10.58
C ARG A 299 -11.83 29.05 10.59
N ARG A 300 -12.72 28.89 9.61
CA ARG A 300 -13.95 29.67 9.60
C ARG A 300 -15.00 28.95 10.45
N VAL A 301 -15.67 29.71 11.32
CA VAL A 301 -16.74 29.20 12.19
C VAL A 301 -17.93 30.17 12.21
N ASP A 302 -19.04 29.74 12.83
CA ASP A 302 -20.19 30.64 13.02
C ASP A 302 -20.25 31.27 14.43
N GLY A 303 -21.39 31.79 14.84
CA GLY A 303 -21.49 32.50 16.12
C GLY A 303 -21.27 31.65 17.37
N ILE A 304 -21.55 30.36 17.26
CA ILE A 304 -21.61 29.43 18.37
C ILE A 304 -20.46 29.48 19.41
N PRO A 305 -19.18 29.44 18.98
CA PRO A 305 -18.09 29.52 19.98
C PRO A 305 -18.04 30.84 20.79
N PHE A 306 -18.80 31.84 20.35
CA PHE A 306 -18.84 33.18 20.94
C PHE A 306 -20.16 33.45 21.63
N ASP A 307 -20.93 32.37 21.84
CA ASP A 307 -22.21 32.42 22.53
C ASP A 307 -23.23 33.30 21.81
N LEU A 308 -23.19 33.24 20.48
CA LEU A 308 -24.03 34.06 19.62
C LEU A 308 -24.86 33.13 18.74
N PRO A 309 -26.03 33.59 18.26
CA PRO A 309 -26.77 32.76 17.32
C PRO A 309 -25.88 32.32 16.15
N SER A 310 -26.07 31.09 15.66
CA SER A 310 -25.30 30.64 14.49
C SER A 310 -25.52 31.55 13.28
N ASP A 311 -26.76 32.02 13.07
CA ASP A 311 -27.09 32.97 12.01
C ASP A 311 -26.84 34.47 12.37
N PHE A 312 -26.05 34.73 13.41
CA PHE A 312 -25.74 36.09 13.84
C PHE A 312 -25.18 36.91 12.68
N SER A 313 -25.69 38.11 12.44
CA SER A 313 -25.14 38.96 11.38
C SER A 313 -24.44 40.21 11.91
N PHE A 314 -23.36 40.61 11.27
CA PHE A 314 -22.64 41.84 11.60
C PHE A 314 -23.16 42.96 10.68
N ASP A 315 -24.19 42.63 9.89
CA ASP A 315 -24.82 43.55 8.97
C ASP A 315 -26.20 43.97 9.46
N LYS A 316 -26.73 45.04 8.86
CA LYS A 316 -28.07 45.58 9.15
C LYS A 316 -28.75 46.27 7.96
N LYS A 317 -30.10 46.23 7.95
CA LYS A 317 -30.93 46.99 7.02
C LYS A 317 -30.93 48.45 7.43
N GLU A 318 -30.51 49.33 6.53
CA GLU A 318 -30.49 50.77 6.80
C GLU A 318 -30.74 51.55 5.50
N ASN A 319 -31.93 52.13 5.37
CA ASN A 319 -32.27 52.97 4.20
C ASN A 319 -32.48 52.15 2.89
N GLY A 320 -32.81 50.86 3.01
CA GLY A 320 -32.90 49.97 1.87
C GLY A 320 -31.74 48.99 1.80
N GLU A 321 -30.53 49.50 1.62
CA GLU A 321 -29.33 48.65 1.47
C GLU A 321 -28.89 47.99 2.77
N ILE A 322 -27.97 47.02 2.63
CA ILE A 322 -27.36 46.35 3.76
C ILE A 322 -25.97 46.97 4.06
N ILE A 323 -25.80 47.45 5.30
CA ILE A 323 -24.54 48.06 5.71
C ILE A 323 -24.04 47.40 7.01
N ALA A 324 -22.75 47.60 7.31
CA ALA A 324 -22.15 47.09 8.54
C ALA A 324 -22.83 47.66 9.78
N ASP A 325 -22.94 46.80 10.78
CA ASP A 325 -23.48 47.19 12.07
C ASP A 325 -22.24 47.46 12.90
N LYS A 326 -21.89 48.75 12.98
CA LYS A 326 -20.68 49.24 13.66
C LYS A 326 -20.73 48.89 15.16
N GLN A 327 -21.93 49.02 15.72
CA GLN A 327 -22.21 48.79 17.14
C GLN A 327 -21.88 47.34 17.51
N LYS A 328 -22.35 46.41 16.68
CA LYS A 328 -22.06 44.98 16.85
C LYS A 328 -20.58 44.72 16.67
N LEU A 329 -19.96 45.26 15.63
CA LEU A 329 -18.51 45.12 15.48
C LEU A 329 -17.75 45.61 16.73
N ASN A 330 -18.02 46.83 17.17
CA ASN A 330 -17.34 47.39 18.33
C ASN A 330 -17.50 46.55 19.59
N GLU A 331 -18.73 46.11 19.86
CA GLU A 331 -19.05 45.28 21.02
C GLU A 331 -18.44 43.89 20.92
N PHE A 332 -18.33 43.35 19.71
CA PHE A 332 -17.72 42.05 19.58
C PHE A 332 -16.21 42.15 19.85
N ILE A 333 -15.57 43.17 19.27
CA ILE A 333 -14.13 43.41 19.40
C ILE A 333 -13.73 43.67 20.85
N ASP A 334 -14.52 44.48 21.56
CA ASP A 334 -14.21 44.85 22.93
C ASP A 334 -14.37 43.66 23.87
N LYS A 335 -15.36 42.81 23.59
CA LYS A 335 -15.61 41.65 24.41
C LYS A 335 -14.56 40.56 24.16
N TRP A 336 -14.13 40.37 22.92
CA TRP A 336 -13.33 39.19 22.58
C TRP A 336 -11.80 39.34 22.42
N THR A 337 -11.31 40.57 22.21
CA THR A 337 -9.86 40.79 22.13
C THR A 337 -9.21 40.39 23.46
N GLY A 338 -8.22 39.51 23.39
CA GLY A 338 -7.50 39.00 24.56
C GLY A 338 -8.09 37.73 25.19
N LYS A 339 -9.22 37.24 24.66
CA LYS A 339 -9.87 36.06 25.22
C LYS A 339 -9.35 34.77 24.60
N GLU A 340 -9.49 33.69 25.36
CA GLU A 340 -9.05 32.39 24.91
C GLU A 340 -10.25 31.53 24.54
N ILE A 341 -10.20 30.94 23.34
CA ILE A 341 -11.21 30.01 22.85
C ILE A 341 -10.70 28.59 23.06
N GLU A 342 -11.38 27.85 23.94
CA GLU A 342 -11.14 26.44 24.19
C GLU A 342 -11.61 25.53 23.06
N ASN A 343 -10.75 24.61 22.65
CA ASN A 343 -11.14 23.55 21.72
C ASN A 343 -10.92 22.15 22.34
N LEU A 344 -12.01 21.61 22.89
CA LEU A 344 -12.00 20.31 23.57
C LEU A 344 -11.76 19.15 22.63
N SER A 345 -12.25 19.27 21.40
CA SER A 345 -11.94 18.28 20.37
C SER A 345 -10.80 18.74 19.47
N PHE A 346 -10.42 17.87 18.56
CA PHE A 346 -9.49 18.20 17.48
C PHE A 346 -10.10 19.34 16.68
N SER A 347 -9.25 20.17 16.09
CA SER A 347 -9.75 21.28 15.28
C SER A 347 -9.17 21.20 13.91
N SER A 348 -10.09 21.22 12.96
CA SER A 348 -9.82 21.30 11.56
C SER A 348 -9.42 22.72 11.17
N THR A 349 -8.44 22.83 10.29
CA THR A 349 -7.83 24.10 9.88
C THR A 349 -7.40 23.91 8.43
N SER A 350 -7.30 24.99 7.67
CA SER A 350 -6.82 24.91 6.29
C SER A 350 -5.78 25.99 6.03
N LEU A 351 -4.88 25.75 5.06
CA LEU A 351 -4.00 26.78 4.54
C LEU A 351 -4.79 27.89 3.83
N LYS A 352 -6.00 27.53 3.36
CA LYS A 352 -6.87 28.44 2.61
C LYS A 352 -7.79 29.17 3.60
N SER A 353 -7.81 30.50 3.49
CA SER A 353 -8.61 31.37 4.38
C SER A 353 -10.12 31.20 4.17
N THR A 354 -10.54 30.93 2.92
CA THR A 354 -11.95 30.93 2.55
C THR A 354 -12.40 29.79 1.62
N PRO A 355 -12.40 28.51 2.12
CA PRO A 355 -12.98 27.45 1.27
C PRO A 355 -14.40 27.87 0.96
N SER A 356 -14.82 27.76 -0.30
CA SER A 356 -16.08 28.36 -0.73
C SER A 356 -17.35 27.82 -0.03
N SER A 357 -17.36 26.53 0.29
CA SER A 357 -18.41 25.93 1.13
C SER A 357 -18.60 26.65 2.50
N PHE A 358 -17.60 27.43 2.93
CA PHE A 358 -17.68 28.17 4.20
C PHE A 358 -17.73 29.66 4.02
N SER A 359 -18.10 30.09 2.81
CA SER A 359 -18.14 31.49 2.46
C SER A 359 -18.96 32.35 3.43
N LYS A 360 -20.02 31.78 4.00
CA LYS A 360 -20.90 32.54 4.87
C LYS A 360 -20.56 32.39 6.35
N SER A 361 -19.47 31.71 6.69
CA SER A 361 -18.96 31.62 8.08
C SER A 361 -18.19 32.91 8.40
N ARG A 362 -18.81 33.76 9.25
CA ARG A 362 -18.40 35.16 9.57
C ARG A 362 -17.18 35.39 10.46
N PHE A 363 -16.79 34.36 11.23
CA PHE A 363 -15.74 34.48 12.22
C PHE A 363 -14.56 33.66 11.70
N ILE A 364 -13.52 34.37 11.27
CA ILE A 364 -12.42 33.80 10.54
C ILE A 364 -11.26 33.85 11.48
N PHE A 365 -10.97 32.72 12.14
CA PHE A 365 -9.78 32.60 12.96
C PHE A 365 -8.52 32.54 12.06
N ARG A 366 -7.60 33.47 12.29
CA ARG A 366 -6.33 33.49 11.62
C ARG A 366 -5.31 33.10 12.70
N LEU A 367 -4.86 31.85 12.61
CA LEU A 367 -4.19 31.15 13.69
C LEU A 367 -2.72 31.05 13.46
N ARG A 368 -1.96 31.56 14.42
CA ARG A 368 -0.53 31.43 14.39
C ARG A 368 -0.22 30.10 15.04
N LEU A 369 0.23 29.15 14.22
CA LEU A 369 0.68 27.89 14.75
C LEU A 369 2.18 27.98 14.94
N SER A 370 2.64 27.80 16.18
CA SER A 370 4.06 27.81 16.53
C SER A 370 4.72 26.55 16.02
N GLU A 371 6.01 26.66 15.67
CA GLU A 371 6.85 25.50 15.49
C GLU A 371 6.76 24.63 16.73
N GLY A 372 6.57 23.34 16.52
CA GLY A 372 6.43 22.39 17.61
C GLY A 372 4.99 22.02 17.87
N ALA A 373 4.05 22.81 17.36
CA ALA A 373 2.63 22.54 17.57
C ALA A 373 2.26 21.13 17.11
N ILE A 374 1.45 20.48 17.93
CA ILE A 374 1.00 19.11 17.70
C ILE A 374 -0.15 19.17 16.70
N GLY A 375 0.14 18.75 15.48
CA GLY A 375 -0.82 18.85 14.37
C GLY A 375 -0.13 18.29 13.15
N ALA A 376 -0.86 18.17 12.04
CA ALA A 376 -0.25 17.69 10.80
C ALA A 376 -1.05 18.17 9.63
N PHE A 377 -0.35 18.44 8.52
CA PHE A 377 -0.99 18.76 7.27
C PHE A 377 -1.46 17.43 6.71
N ILE A 378 -2.74 17.37 6.34
CA ILE A 378 -3.34 16.15 5.79
C ILE A 378 -2.94 15.97 4.31
N TYR A 379 -1.85 15.24 4.10
CA TYR A 379 -1.24 15.04 2.79
C TYR A 379 -1.32 13.59 2.30
N GLY A 380 -1.92 13.38 1.13
CA GLY A 380 -1.92 12.05 0.51
C GLY A 380 -3.02 11.13 0.97
N PHE A 381 -3.89 11.62 1.86
CA PHE A 381 -5.07 10.88 2.26
C PHE A 381 -6.13 10.93 1.16
N SER A 382 -6.75 9.77 0.90
CA SER A 382 -7.86 9.67 -0.05
C SER A 382 -9.02 10.56 0.41
N GLY A 383 -9.58 11.32 -0.53
CA GLY A 383 -10.75 12.17 -0.26
C GLY A 383 -10.49 13.61 0.13
N PHE A 384 -9.25 13.92 0.53
CA PHE A 384 -8.88 15.27 0.94
C PHE A 384 -8.14 16.00 -0.18
N GLN A 385 -8.67 15.83 -1.40
CA GLN A 385 -7.90 16.12 -2.61
C GLN A 385 -7.43 17.59 -2.83
N ASP A 386 -8.14 18.58 -2.30
CA ASP A 386 -7.56 19.94 -2.22
C ASP A 386 -8.00 20.80 -1.00
N GLU A 387 -8.31 20.17 0.13
CA GLU A 387 -8.71 20.96 1.30
C GLU A 387 -7.56 21.65 1.99
N GLN A 388 -6.33 21.17 1.73
CA GLN A 388 -5.14 21.74 2.38
C GLN A 388 -5.32 21.87 3.89
N GLU A 389 -5.75 20.77 4.51
CA GLU A 389 -6.08 20.77 5.92
C GLU A 389 -4.89 20.53 6.83
N ILE A 390 -4.79 21.34 7.86
CA ILE A 390 -3.95 21.02 9.03
C ILE A 390 -4.85 20.62 10.18
N LEU A 391 -4.74 19.37 10.64
CA LEU A 391 -5.53 18.98 11.80
C LEU A 391 -4.75 19.27 13.08
N LEU A 392 -5.32 20.10 13.97
CA LEU A 392 -4.67 20.37 15.27
C LEU A 392 -5.15 19.44 16.37
N ASN A 393 -4.26 19.14 17.30
CA ASN A 393 -4.61 18.27 18.41
C ASN A 393 -5.79 18.82 19.22
N LYS A 394 -6.58 17.92 19.82
CA LYS A 394 -7.55 18.28 20.86
C LYS A 394 -6.91 19.19 21.93
N ASN A 395 -7.71 19.98 22.65
CA ASN A 395 -7.23 20.98 23.63
C ASN A 395 -6.30 22.05 23.08
N SER A 396 -6.53 22.45 21.83
CA SER A 396 -5.80 23.59 21.28
C SER A 396 -6.58 24.89 21.59
N THR A 397 -5.98 25.78 22.38
CA THR A 397 -6.59 27.06 22.72
C THR A 397 -6.24 28.12 21.66
N PHE A 398 -7.20 28.99 21.35
CA PHE A 398 -6.96 30.07 20.42
C PHE A 398 -6.96 31.34 21.26
N LYS A 399 -5.80 31.97 21.47
CA LYS A 399 -5.76 33.22 22.23
C LYS A 399 -5.79 34.43 21.32
N ILE A 400 -6.88 35.19 21.37
CA ILE A 400 -7.17 36.28 20.41
C ILE A 400 -6.34 37.51 20.75
N PHE A 401 -5.61 38.05 19.78
CA PHE A 401 -4.86 39.28 20.00
C PHE A 401 -5.33 40.48 19.12
N ARG A 402 -6.13 40.22 18.10
CA ARG A 402 -6.60 41.29 17.22
C ARG A 402 -7.82 40.87 16.42
N ILE A 403 -8.79 41.77 16.27
CA ILE A 403 -10.02 41.49 15.52
C ILE A 403 -10.29 42.59 14.49
N THR A 404 -10.29 42.18 13.22
CA THR A 404 -10.33 43.11 12.12
C THR A 404 -11.56 42.85 11.25
N PRO A 405 -12.48 43.83 11.22
CA PRO A 405 -13.70 43.70 10.43
C PRO A 405 -13.36 43.83 8.97
N ILE A 406 -14.08 43.07 8.15
CA ILE A 406 -13.89 43.10 6.72
C ILE A 406 -15.24 43.03 6.03
N THR A 407 -15.21 43.27 4.72
CA THR A 407 -16.37 43.11 3.86
C THR A 407 -16.03 42.01 2.85
N SER A 408 -16.25 40.75 3.23
CA SER A 408 -16.00 39.58 2.36
C SER A 408 -16.91 39.58 1.14
N ILE A 409 -16.37 39.14 0.02
CA ILE A 409 -17.14 39.02 -1.23
C ILE A 409 -17.51 37.55 -1.42
N ILE A 410 -18.80 37.29 -1.59
CA ILE A 410 -19.33 35.93 -1.64
C ILE A 410 -19.58 35.50 -3.08
N ASN A 411 -20.21 36.37 -3.86
CA ASN A 411 -20.45 36.13 -5.28
C ASN A 411 -20.75 37.43 -5.98
N ARG A 412 -21.19 37.40 -7.23
CA ARG A 412 -21.42 38.60 -8.05
C ARG A 412 -22.30 39.63 -7.32
N VAL A 413 -23.34 39.17 -6.63
CA VAL A 413 -24.39 40.04 -6.09
C VAL A 413 -24.40 40.09 -4.53
N THR A 414 -23.40 39.49 -3.88
CA THR A 414 -23.41 39.30 -2.41
C THR A 414 -22.12 39.63 -1.64
N LYS A 415 -22.24 40.56 -0.69
CA LYS A 415 -21.17 40.92 0.24
C LYS A 415 -21.59 40.62 1.67
N MET A 416 -20.63 40.57 2.59
CA MET A 416 -20.93 40.25 3.99
C MET A 416 -19.85 40.74 4.95
N THR A 417 -20.26 41.51 5.95
CA THR A 417 -19.36 41.94 7.01
C THR A 417 -18.97 40.68 7.81
N GLN A 418 -17.66 40.49 7.94
CA GLN A 418 -17.11 39.35 8.65
C GLN A 418 -15.95 39.86 9.52
N VAL A 419 -15.40 38.99 10.36
CA VAL A 419 -14.31 39.45 11.19
C VAL A 419 -13.13 38.53 11.08
N VAL A 420 -11.96 39.13 10.83
CA VAL A 420 -10.73 38.35 10.86
C VAL A 420 -10.20 38.34 12.30
N ILE A 421 -10.18 37.17 12.90
CA ILE A 421 -9.85 37.02 14.31
C ILE A 421 -8.44 36.45 14.41
N ASP A 422 -7.49 37.33 14.68
CA ASP A 422 -6.11 36.94 14.92
C ASP A 422 -5.93 36.29 16.28
N ALA A 423 -5.49 35.03 16.26
CA ALA A 423 -5.19 34.30 17.48
C ALA A 423 -3.97 33.44 17.30
N GLU A 424 -3.31 33.21 18.43
CA GLU A 424 -2.25 32.23 18.61
C GLU A 424 -2.81 30.90 19.11
N GLY A 425 -2.44 29.81 18.40
CA GLY A 425 -2.73 28.46 18.86
C GLY A 425 -1.84 28.18 20.04
N ILE A 426 -2.43 27.84 21.18
CA ILE A 426 -1.71 27.55 22.45
C ILE A 426 -2.11 26.16 22.94
N GLN A 427 -1.12 25.35 23.33
CA GLN A 427 -1.39 23.99 23.81
C GLN A 427 -0.80 23.73 25.20
N ASN A 428 -1.65 23.92 26.21
CA ASN A 428 -1.36 23.55 27.58
C ASN A 428 -1.82 22.10 27.56
N LYS A 429 -0.83 21.23 27.45
CA LYS A 429 -1.03 20.05 26.65
C LYS A 429 -0.53 18.79 27.24
N GLU A 430 -1.45 17.97 27.75
CA GLU A 430 -1.14 16.56 27.79
C GLU A 430 -1.38 16.10 26.36
N ILE A 431 -0.48 15.26 25.86
CA ILE A 431 -0.64 14.57 24.57
C ILE A 431 -0.34 15.47 23.38
N PRO B 2 -48.51 -0.72 13.17
CA PRO B 2 -49.90 -0.45 12.84
C PRO B 2 -50.91 -0.86 13.94
N ILE B 3 -52.22 -0.76 13.65
CA ILE B 3 -53.27 -1.06 14.62
C ILE B 3 -53.17 -2.49 15.11
N ILE B 4 -53.36 -2.70 16.40
CA ILE B 4 -53.25 -4.05 16.94
C ILE B 4 -54.58 -4.76 16.76
N LYS B 5 -54.52 -6.02 16.37
CA LYS B 5 -55.70 -6.84 16.12
C LYS B 5 -55.48 -8.21 16.70
N GLU B 6 -56.53 -8.92 17.07
CA GLU B 6 -56.37 -10.33 17.42
C GLU B 6 -55.94 -11.09 16.15
N PRO B 7 -55.08 -12.11 16.30
CA PRO B 7 -54.69 -12.98 15.20
C PRO B 7 -55.84 -13.61 14.41
N ILE B 8 -55.56 -13.93 13.15
CA ILE B 8 -56.41 -14.84 12.41
C ILE B 8 -56.20 -16.22 13.05
N ASP B 9 -57.27 -16.79 13.59
CA ASP B 9 -57.20 -18.07 14.25
C ASP B 9 -58.55 -18.83 14.13
N PHE B 10 -58.64 -19.63 13.08
CA PHE B 10 -59.83 -20.42 12.76
C PHE B 10 -59.78 -21.84 13.30
N ILE B 11 -58.69 -22.20 13.96
CA ILE B 11 -58.53 -23.59 14.42
C ILE B 11 -59.72 -24.06 15.26
N ASN B 12 -60.20 -23.20 16.14
CA ASN B 12 -61.31 -23.59 16.99
C ASN B 12 -62.60 -22.86 16.66
N LYS B 13 -62.85 -22.71 15.37
CA LYS B 13 -64.04 -22.03 14.88
C LYS B 13 -64.73 -22.85 13.75
N PRO B 14 -66.03 -22.59 13.49
CA PRO B 14 -66.72 -23.34 12.43
C PRO B 14 -66.03 -23.25 11.06
N GLU B 15 -65.98 -24.37 10.35
CA GLU B 15 -65.40 -24.45 8.98
C GLU B 15 -66.01 -23.43 8.02
N SER B 16 -67.31 -23.18 8.19
CA SER B 16 -68.05 -22.25 7.35
C SER B 16 -67.52 -20.84 7.52
N GLU B 17 -67.04 -20.53 8.72
CA GLU B 17 -66.50 -19.22 9.04
C GLU B 17 -65.16 -18.98 8.37
N ALA B 18 -64.31 -20.01 8.32
CA ALA B 18 -63.05 -19.95 7.56
C ALA B 18 -63.33 -19.80 6.06
N LYS B 19 -64.30 -20.57 5.55
CA LYS B 19 -64.69 -20.60 4.13
C LYS B 19 -65.19 -19.24 3.67
N LYS B 20 -66.06 -18.63 4.46
CA LYS B 20 -66.61 -17.32 4.16
C LYS B 20 -65.48 -16.31 4.11
N TRP B 21 -64.63 -16.32 5.12
CA TRP B 21 -63.48 -15.42 5.19
C TRP B 21 -62.49 -15.63 4.03
N GLY B 22 -62.18 -16.89 3.69
CA GLY B 22 -61.23 -17.22 2.61
C GLY B 22 -61.78 -16.88 1.23
N LYS B 23 -63.10 -16.87 1.11
CA LYS B 23 -63.75 -16.57 -0.15
C LYS B 23 -63.63 -15.07 -0.54
N GLU B 24 -63.89 -14.17 0.41
CA GLU B 24 -63.68 -12.72 0.19
C GLU B 24 -62.22 -12.36 0.09
N GLU B 25 -61.40 -12.98 0.94
CA GLU B 25 -59.95 -12.73 0.92
C GLU B 25 -59.28 -13.10 -0.40
N GLU B 26 -59.56 -14.28 -0.94
CA GLU B 26 -59.04 -14.64 -2.24
C GLU B 26 -59.58 -13.73 -3.36
N LYS B 27 -60.88 -13.45 -3.33
CA LYS B 27 -61.48 -12.60 -4.37
C LYS B 27 -60.77 -11.25 -4.36
N ARG B 28 -60.55 -10.73 -3.16
CA ARG B 28 -59.87 -9.46 -2.92
C ARG B 28 -58.46 -9.48 -3.50
N TRP B 29 -57.71 -10.55 -3.23
CA TRP B 29 -56.37 -10.71 -3.82
C TRP B 29 -56.41 -10.87 -5.33
N PHE B 30 -57.23 -11.79 -5.79
CA PHE B 30 -57.34 -12.04 -7.24
C PHE B 30 -57.61 -10.77 -8.04
N THR B 31 -58.34 -9.84 -7.44
CA THR B 31 -58.70 -8.57 -8.11
C THR B 31 -57.46 -7.71 -8.39
N LYS B 32 -56.49 -7.72 -7.47
CA LYS B 32 -55.20 -7.03 -7.57
C LYS B 32 -54.25 -7.68 -8.59
N LEU B 33 -54.53 -8.90 -8.99
CA LEU B 33 -53.58 -9.60 -9.85
C LEU B 33 -53.92 -9.40 -11.32
N ASN B 34 -52.89 -9.38 -12.16
CA ASN B 34 -53.14 -9.52 -13.59
C ASN B 34 -53.49 -10.98 -13.89
N ASN B 35 -54.01 -11.20 -15.09
CA ASN B 35 -54.40 -12.50 -15.60
C ASN B 35 -53.36 -13.59 -15.36
N LEU B 36 -52.13 -13.36 -15.82
CA LEU B 36 -51.08 -14.38 -15.75
C LEU B 36 -50.68 -14.71 -14.29
N GLU B 37 -50.76 -13.69 -13.43
CA GLU B 37 -50.51 -13.86 -12.00
C GLU B 37 -51.60 -14.72 -11.37
N GLU B 38 -52.83 -14.50 -11.80
CA GLU B 38 -53.97 -15.24 -11.26
C GLU B 38 -53.92 -16.72 -11.67
N VAL B 39 -53.76 -16.93 -12.98
CA VAL B 39 -53.58 -18.23 -13.58
C VAL B 39 -52.52 -19.04 -12.83
N ALA B 40 -51.38 -18.41 -12.54
CA ALA B 40 -50.26 -19.04 -11.84
C ALA B 40 -50.56 -19.38 -10.39
N VAL B 41 -51.13 -18.43 -9.65
CA VAL B 41 -51.53 -18.65 -8.27
C VAL B 41 -52.68 -19.68 -8.08
N ASN B 42 -53.74 -19.55 -8.87
CA ASN B 42 -54.88 -20.46 -8.83
C ASN B 42 -54.54 -21.95 -9.07
N GLN B 43 -53.57 -22.24 -9.93
CA GLN B 43 -53.20 -23.60 -10.23
C GLN B 43 -52.46 -24.29 -9.08
N LEU B 44 -52.08 -23.52 -8.07
CA LEU B 44 -51.51 -24.08 -6.87
C LEU B 44 -52.53 -24.93 -6.09
N LYS B 45 -53.80 -24.81 -6.47
CA LYS B 45 -54.85 -25.62 -5.90
C LYS B 45 -54.84 -27.06 -6.45
N ASN B 46 -54.12 -27.25 -7.56
CA ASN B 46 -53.81 -28.54 -8.22
C ASN B 46 -52.54 -29.07 -7.53
N LYS B 47 -52.62 -30.27 -6.98
CA LYS B 47 -51.52 -30.82 -6.18
C LYS B 47 -50.20 -31.03 -6.95
N GLU B 48 -50.33 -31.41 -8.22
CA GLU B 48 -49.22 -31.74 -9.11
C GLU B 48 -48.47 -30.47 -9.52
N TYR B 49 -49.24 -29.43 -9.81
CA TYR B 49 -48.66 -28.15 -10.21
C TYR B 49 -47.96 -27.49 -9.01
N LYS B 50 -48.63 -27.48 -7.86
CA LYS B 50 -48.02 -27.00 -6.63
C LYS B 50 -46.68 -27.67 -6.30
N THR B 51 -46.61 -28.98 -6.42
CA THR B 51 -45.39 -29.73 -6.13
C THR B 51 -44.25 -29.34 -7.08
N LYS B 52 -44.60 -29.25 -8.37
CA LYS B 52 -43.68 -28.82 -9.44
C LYS B 52 -43.11 -27.43 -9.22
N ILE B 53 -43.99 -26.51 -8.85
CA ILE B 53 -43.63 -25.11 -8.56
C ILE B 53 -42.80 -25.05 -7.30
N ASP B 54 -43.21 -25.74 -6.23
CA ASP B 54 -42.35 -25.77 -5.03
C ASP B 54 -40.98 -26.38 -5.33
N ASN B 55 -40.94 -27.50 -6.07
CA ASN B 55 -39.66 -28.12 -6.45
C ASN B 55 -38.79 -27.13 -7.23
N PHE B 56 -39.38 -26.51 -8.25
CA PHE B 56 -38.65 -25.61 -9.14
C PHE B 56 -38.18 -24.37 -8.39
N SER B 57 -39.03 -23.84 -7.52
CA SER B 57 -38.67 -22.63 -6.74
C SER B 57 -37.49 -22.92 -5.80
N THR B 58 -37.27 -24.20 -5.52
CA THR B 58 -36.13 -24.65 -4.71
C THR B 58 -34.90 -24.77 -5.62
N ASP B 59 -35.09 -25.45 -6.75
CA ASP B 59 -34.04 -25.66 -7.79
C ASP B 59 -33.32 -24.37 -8.22
N ILE B 60 -34.10 -23.31 -8.44
CA ILE B 60 -33.57 -22.05 -8.94
C ILE B 60 -32.66 -21.32 -7.95
N LEU B 61 -32.82 -21.60 -6.66
CA LEU B 61 -31.90 -21.13 -5.62
C LEU B 61 -30.55 -21.84 -5.65
N PHE B 62 -30.48 -23.00 -6.26
CA PHE B 62 -29.25 -23.75 -6.33
C PHE B 62 -28.85 -24.04 -7.78
N SER B 63 -29.12 -23.06 -8.64
CA SER B 63 -28.64 -22.99 -9.99
C SER B 63 -27.82 -21.70 -10.13
N SER B 64 -26.80 -21.71 -10.98
CA SER B 64 -25.99 -20.50 -11.17
C SER B 64 -26.79 -19.34 -11.77
N LEU B 65 -26.27 -18.13 -11.52
CA LEU B 65 -26.87 -16.88 -12.02
C LEU B 65 -26.95 -16.87 -13.53
N THR B 66 -25.97 -17.53 -14.17
CA THR B 66 -25.92 -17.77 -15.62
C THR B 66 -27.11 -18.64 -16.06
N ALA B 67 -27.39 -19.68 -15.29
CA ALA B 67 -28.50 -20.58 -15.61
C ALA B 67 -29.82 -19.84 -15.46
N ILE B 68 -29.92 -18.93 -14.50
CA ILE B 68 -31.14 -18.13 -14.33
C ILE B 68 -31.37 -17.29 -15.58
N GLU B 69 -30.33 -16.55 -15.97
CA GLU B 69 -30.35 -15.66 -17.12
C GLU B 69 -30.67 -16.36 -18.41
N ILE B 70 -30.06 -17.53 -18.63
CA ILE B 70 -30.40 -18.41 -19.74
C ILE B 70 -31.93 -18.68 -19.76
N MET B 71 -32.46 -19.02 -18.59
CA MET B 71 -33.88 -19.35 -18.44
C MET B 71 -34.86 -18.21 -18.68
N LYS B 72 -34.47 -16.98 -18.34
CA LYS B 72 -35.22 -15.78 -18.65
C LYS B 72 -35.36 -15.60 -20.17
N GLU B 73 -34.23 -15.69 -20.88
CA GLU B 73 -34.17 -15.53 -22.34
C GLU B 73 -34.97 -16.58 -23.07
N ASP B 74 -34.91 -17.81 -22.56
CA ASP B 74 -35.69 -18.96 -23.02
C ASP B 74 -37.14 -18.91 -22.58
N GLU B 75 -37.53 -17.89 -21.80
CA GLU B 75 -38.91 -17.72 -21.41
C GLU B 75 -39.43 -18.97 -20.64
N ASN B 76 -38.56 -19.53 -19.80
CA ASN B 76 -38.88 -20.74 -19.02
C ASN B 76 -40.14 -20.48 -18.25
N ARG B 77 -41.15 -21.30 -18.49
CA ARG B 77 -42.50 -21.04 -17.97
C ARG B 77 -42.57 -21.34 -16.49
N ASN B 78 -41.78 -22.29 -16.01
CA ASN B 78 -41.71 -22.48 -14.57
C ASN B 78 -41.05 -21.27 -13.88
N LEU B 79 -39.99 -20.72 -14.48
CA LEU B 79 -39.35 -19.54 -13.88
C LEU B 79 -40.32 -18.35 -13.96
N PHE B 80 -41.00 -18.18 -15.10
CA PHE B 80 -41.96 -17.09 -15.17
C PHE B 80 -43.01 -17.31 -14.05
N ASP B 81 -43.59 -18.52 -13.99
CA ASP B 81 -44.61 -18.82 -12.99
C ASP B 81 -44.12 -18.53 -11.58
N VAL B 82 -42.90 -18.92 -11.27
CA VAL B 82 -42.42 -18.65 -9.91
C VAL B 82 -42.35 -17.15 -9.66
N GLU B 83 -41.85 -16.39 -10.61
CA GLU B 83 -41.74 -14.94 -10.46
C GLU B 83 -43.10 -14.24 -10.34
N ARG B 84 -44.10 -14.73 -11.08
CA ARG B 84 -45.46 -14.20 -10.99
C ARG B 84 -46.06 -14.51 -9.65
N ILE B 85 -45.71 -15.63 -9.05
CA ILE B 85 -46.29 -15.97 -7.76
C ILE B 85 -45.69 -15.02 -6.70
N ARG B 86 -44.37 -14.87 -6.72
CA ARG B 86 -43.66 -13.91 -5.88
C ARG B 86 -44.24 -12.51 -5.99
N GLU B 87 -44.45 -12.09 -7.22
CA GLU B 87 -45.00 -10.79 -7.50
C GLU B 87 -46.40 -10.63 -6.93
N ALA B 88 -47.20 -11.69 -7.07
CA ALA B 88 -48.56 -11.69 -6.54
C ALA B 88 -48.55 -11.53 -5.01
N LEU B 89 -47.65 -12.23 -4.33
CA LEU B 89 -47.53 -12.09 -2.86
C LEU B 89 -47.18 -10.67 -2.41
N LEU B 90 -46.36 -9.98 -3.21
CA LEU B 90 -45.93 -8.62 -2.88
C LEU B 90 -47.09 -7.65 -2.67
N LYS B 91 -48.24 -8.02 -3.22
CA LYS B 91 -49.36 -7.09 -3.36
C LYS B 91 -50.32 -7.09 -2.18
N ASN B 92 -50.06 -7.96 -1.21
CA ASN B 92 -50.93 -8.18 -0.10
C ASN B 92 -50.05 -8.30 1.15
N THR B 93 -50.29 -7.50 2.17
CA THR B 93 -49.49 -7.62 3.40
C THR B 93 -50.42 -7.75 4.61
N LEU B 94 -50.06 -8.65 5.53
CA LEU B 94 -50.87 -8.89 6.72
C LEU B 94 -51.09 -7.70 7.61
N ASP B 95 -52.36 -7.53 7.99
CA ASP B 95 -52.89 -6.61 9.00
C ASP B 95 -52.69 -7.03 10.44
N ARG B 96 -52.30 -8.29 10.65
CA ARG B 96 -52.35 -8.92 11.96
C ARG B 96 -51.64 -10.24 11.82
N ASP B 97 -51.32 -10.88 12.95
CA ASP B 97 -50.70 -12.19 12.96
C ASP B 97 -51.70 -13.23 12.46
N ALA B 98 -51.22 -14.36 11.96
CA ALA B 98 -52.09 -15.48 11.58
C ALA B 98 -51.55 -16.73 12.24
N ILE B 99 -52.43 -17.50 12.85
CA ILE B 99 -52.07 -18.80 13.42
C ILE B 99 -52.60 -19.92 12.52
N GLY B 100 -51.74 -20.91 12.28
CA GLY B 100 -52.10 -22.02 11.45
C GLY B 100 -51.01 -23.09 11.40
N TYR B 101 -51.16 -23.97 10.42
CA TYR B 101 -50.26 -25.11 10.25
C TYR B 101 -49.45 -24.98 8.98
N VAL B 102 -48.13 -25.01 9.12
CA VAL B 102 -47.24 -24.85 7.96
C VAL B 102 -46.94 -26.20 7.33
N ASN B 103 -46.90 -26.21 6.00
CA ASN B 103 -46.73 -27.44 5.25
C ASN B 103 -45.30 -28.00 5.17
N PHE B 104 -44.72 -28.33 6.33
CA PHE B 104 -43.48 -29.08 6.39
C PHE B 104 -43.85 -30.58 6.55
N THR B 105 -43.11 -31.43 5.84
CA THR B 105 -43.17 -32.89 5.96
C THR B 105 -42.04 -33.36 6.90
N PRO B 106 -42.09 -34.61 7.38
CA PRO B 106 -40.99 -35.10 8.22
C PRO B 106 -39.58 -34.92 7.62
N LYS B 107 -39.48 -35.07 6.30
CA LYS B 107 -38.20 -35.02 5.61
C LYS B 107 -37.60 -33.63 5.59
N GLU B 108 -38.44 -32.61 5.51
CA GLU B 108 -38.04 -31.24 5.61
C GLU B 108 -37.66 -30.84 7.04
N LEU B 109 -37.87 -31.73 8.00
CA LEU B 109 -37.37 -31.57 9.39
C LEU B 109 -36.21 -32.53 9.62
N GLY B 110 -35.70 -33.07 8.51
CA GLY B 110 -34.59 -34.04 8.51
C GLY B 110 -34.90 -35.36 9.17
N ILE B 111 -36.16 -35.79 9.11
CA ILE B 111 -36.60 -37.06 9.67
C ILE B 111 -36.79 -38.04 8.52
N ASN B 112 -36.06 -39.14 8.60
CA ASN B 112 -36.00 -40.18 7.55
C ASN B 112 -36.48 -41.53 8.03
N PHE B 113 -36.61 -41.66 9.34
CA PHE B 113 -37.18 -42.87 9.88
C PHE B 113 -38.69 -42.68 9.77
N SER B 114 -39.39 -43.80 9.82
CA SER B 114 -40.84 -43.87 9.79
C SER B 114 -41.40 -43.33 11.10
N ILE B 115 -42.34 -42.37 11.06
CA ILE B 115 -42.91 -41.88 12.34
C ILE B 115 -44.00 -42.77 12.93
N ARG B 116 -45.03 -43.10 12.14
CA ARG B 116 -46.03 -44.09 12.60
C ARG B 116 -45.56 -45.52 12.33
N ASP B 117 -46.09 -46.48 13.10
CA ASP B 117 -45.81 -47.89 12.86
C ASP B 117 -46.01 -48.15 11.36
N VAL B 118 -45.08 -48.91 10.77
CA VAL B 118 -45.00 -49.01 9.31
C VAL B 118 -46.27 -49.64 8.69
N GLU B 119 -46.75 -50.72 9.33
CA GLU B 119 -47.87 -51.49 8.79
C GLU B 119 -49.25 -50.81 8.88
N LEU B 120 -49.73 -50.55 10.09
CA LEU B 120 -51.01 -49.84 10.27
C LEU B 120 -51.00 -48.37 9.86
N ASP B 121 -49.81 -47.76 9.90
CA ASP B 121 -49.60 -46.33 9.66
C ASP B 121 -50.55 -45.47 10.50
N ARG B 122 -50.71 -45.86 11.76
CA ARG B 122 -51.71 -45.29 12.65
C ARG B 122 -51.14 -44.74 13.97
N ASP B 123 -50.24 -45.52 14.58
CA ASP B 123 -49.74 -45.23 15.92
C ASP B 123 -48.31 -44.66 15.97
N ILE B 124 -48.03 -43.84 16.99
CA ILE B 124 -46.69 -43.26 17.24
C ILE B 124 -46.20 -43.62 18.65
N SER B 125 -45.07 -44.31 18.73
CA SER B 125 -44.54 -44.74 20.03
C SER B 125 -43.80 -43.59 20.72
N ASP B 126 -43.68 -43.73 22.03
CA ASP B 126 -42.94 -42.79 22.88
C ASP B 126 -41.47 -42.66 22.45
N GLU B 127 -40.87 -43.81 22.18
CA GLU B 127 -39.50 -43.91 21.67
C GLU B 127 -39.35 -43.14 20.37
N THR B 128 -40.36 -43.21 19.49
CA THR B 128 -40.36 -42.43 18.26
C THR B 128 -40.48 -40.94 18.57
N LEU B 129 -41.31 -40.59 19.56
CA LEU B 129 -41.40 -39.18 19.96
C LEU B 129 -40.05 -38.63 20.51
N ASP B 130 -39.42 -39.37 21.41
CA ASP B 130 -38.09 -39.00 21.93
C ASP B 130 -37.10 -38.77 20.79
N LYS B 131 -37.06 -39.72 19.85
CA LYS B 131 -36.23 -39.62 18.65
C LYS B 131 -36.41 -38.32 17.88
N VAL B 132 -37.65 -37.90 17.66
CA VAL B 132 -37.84 -36.71 16.82
C VAL B 132 -37.59 -35.43 17.62
N ARG B 133 -37.84 -35.48 18.92
CA ARG B 133 -37.50 -34.40 19.83
C ARG B 133 -36.01 -34.09 19.80
N GLN B 134 -35.17 -35.13 19.96
CA GLN B 134 -33.69 -35.02 19.89
C GLN B 134 -33.26 -34.43 18.59
N GLN B 135 -33.88 -34.92 17.52
CA GLN B 135 -33.65 -34.38 16.20
C GLN B 135 -34.02 -32.90 16.11
N ILE B 136 -35.28 -32.56 16.37
CA ILE B 136 -35.79 -31.29 15.86
C ILE B 136 -35.84 -30.14 16.84
N ILE B 137 -35.87 -30.41 18.14
CA ILE B 137 -36.12 -29.33 19.12
C ILE B 137 -34.97 -28.35 19.07
N ASN B 138 -35.32 -27.07 18.89
CA ASN B 138 -34.33 -25.97 18.78
C ASN B 138 -33.44 -25.94 17.52
N GLN B 139 -33.66 -26.87 16.60
CA GLN B 139 -32.99 -26.83 15.30
C GLN B 139 -33.85 -25.92 14.43
N GLU B 140 -33.30 -25.39 13.34
CA GLU B 140 -34.01 -24.41 12.52
C GLU B 140 -34.00 -24.90 11.07
N TYR B 141 -35.20 -25.11 10.52
CA TYR B 141 -35.43 -25.72 9.22
C TYR B 141 -36.01 -24.73 8.21
N THR B 142 -35.31 -24.55 7.10
CA THR B 142 -35.73 -23.58 6.10
C THR B 142 -36.60 -24.24 5.08
N LYS B 143 -37.76 -23.64 4.86
CA LYS B 143 -38.61 -23.99 3.72
C LYS B 143 -38.11 -23.21 2.52
N PHE B 144 -37.45 -23.89 1.59
CA PHE B 144 -36.85 -23.23 0.42
C PHE B 144 -37.93 -22.67 -0.52
N SER B 145 -39.02 -23.41 -0.63
CA SER B 145 -40.12 -23.07 -1.50
C SER B 145 -41.06 -22.10 -0.76
N PHE B 146 -42.12 -21.67 -1.44
CA PHE B 146 -43.24 -20.99 -0.80
C PHE B 146 -43.75 -21.84 0.36
N ILE B 147 -44.44 -21.21 1.29
CA ILE B 147 -44.97 -21.93 2.42
C ILE B 147 -46.48 -21.69 2.39
N SER B 148 -47.24 -22.73 2.79
CA SER B 148 -48.67 -22.68 2.99
C SER B 148 -48.94 -22.69 4.47
N LEU B 149 -49.88 -21.83 4.89
CA LEU B 149 -50.36 -21.85 6.26
C LEU B 149 -51.81 -22.28 6.19
N GLY B 150 -52.07 -23.54 6.55
CA GLY B 150 -53.44 -24.04 6.75
C GLY B 150 -54.12 -23.41 7.97
N LEU B 151 -55.33 -22.89 7.76
CA LEU B 151 -56.00 -22.03 8.74
C LEU B 151 -56.90 -22.75 9.74
N ASN B 152 -57.36 -23.95 9.38
CA ASN B 152 -58.09 -24.81 10.32
C ASN B 152 -57.73 -26.29 10.10
N ASP B 153 -58.40 -27.18 10.81
CA ASP B 153 -58.08 -28.62 10.83
C ASP B 153 -58.37 -29.40 9.56
N ASN B 154 -59.15 -28.81 8.65
CA ASN B 154 -59.32 -29.37 7.30
C ASN B 154 -58.04 -29.41 6.49
N SER B 155 -57.15 -28.46 6.76
CA SER B 155 -55.83 -28.45 6.13
C SER B 155 -54.93 -29.60 6.52
N ILE B 156 -55.24 -30.29 7.62
CA ILE B 156 -54.44 -31.43 8.05
C ILE B 156 -54.54 -32.61 7.06
N ASN B 157 -53.43 -32.93 6.42
CA ASN B 157 -53.31 -34.14 5.60
C ASN B 157 -52.99 -35.33 6.52
N GLU B 158 -53.93 -36.26 6.58
CA GLU B 158 -53.83 -37.48 7.40
C GLU B 158 -52.59 -38.32 7.16
N SER B 159 -52.07 -38.31 5.94
CA SER B 159 -50.94 -39.14 5.61
C SER B 159 -49.59 -38.50 5.93
N VAL B 160 -49.60 -37.26 6.42
CA VAL B 160 -48.41 -36.61 6.93
C VAL B 160 -48.52 -36.68 8.46
N PRO B 161 -47.60 -37.42 9.13
CA PRO B 161 -47.76 -37.74 10.56
C PRO B 161 -47.23 -36.65 11.49
N VAL B 162 -47.12 -35.45 10.97
CA VAL B 162 -46.55 -34.32 11.68
C VAL B 162 -47.47 -33.12 11.43
N ILE B 163 -47.79 -32.38 12.48
CA ILE B 163 -48.55 -31.14 12.38
C ILE B 163 -47.70 -29.99 12.90
N VAL B 164 -47.44 -29.03 12.03
CA VAL B 164 -46.51 -27.96 12.38
C VAL B 164 -47.26 -26.63 12.58
N LYS B 165 -47.39 -26.27 13.86
CA LYS B 165 -48.23 -25.15 14.24
C LYS B 165 -47.41 -23.94 14.60
N THR B 166 -47.72 -22.82 13.96
CA THR B 166 -46.92 -21.61 14.17
C THR B 166 -47.76 -20.33 14.08
N ARG B 167 -47.09 -19.19 14.25
CA ARG B 167 -47.67 -17.85 14.11
C ARG B 167 -46.90 -17.09 13.03
N VAL B 168 -47.64 -16.57 12.06
CA VAL B 168 -47.10 -15.67 11.04
C VAL B 168 -47.30 -14.21 11.52
N PRO B 169 -46.20 -13.44 11.64
CA PRO B 169 -46.35 -12.10 12.20
C PRO B 169 -46.95 -11.16 11.17
N THR B 170 -47.59 -10.12 11.67
CA THR B 170 -48.16 -9.02 10.88
C THR B 170 -47.07 -8.29 10.06
N THR B 171 -47.48 -7.74 8.91
CA THR B 171 -46.62 -7.07 7.87
C THR B 171 -46.01 -8.03 6.84
N PHE B 172 -46.15 -9.33 7.06
CA PHE B 172 -45.63 -10.31 6.13
C PHE B 172 -46.55 -10.34 4.92
N ASP B 173 -45.94 -10.44 3.73
CA ASP B 173 -46.68 -10.58 2.49
C ASP B 173 -47.43 -11.90 2.49
N TYR B 174 -48.65 -11.88 1.99
CA TYR B 174 -49.46 -13.09 1.92
C TYR B 174 -50.47 -13.09 0.79
N GLY B 175 -51.02 -14.26 0.56
CA GLY B 175 -52.18 -14.42 -0.31
C GLY B 175 -53.04 -15.49 0.33
N VAL B 176 -54.29 -15.56 -0.09
CA VAL B 176 -55.26 -16.47 0.48
C VAL B 176 -55.79 -17.37 -0.63
N LEU B 177 -55.78 -18.67 -0.35
CA LEU B 177 -56.32 -19.62 -1.29
C LEU B 177 -57.50 -20.34 -0.66
N ASN B 178 -58.61 -20.26 -1.38
CA ASN B 178 -59.90 -20.84 -1.00
C ASN B 178 -60.18 -22.08 -1.84
N ASP B 179 -59.77 -23.23 -1.33
CA ASP B 179 -59.75 -24.49 -2.08
C ASP B 179 -60.63 -25.53 -1.44
N LYS B 180 -61.89 -25.62 -1.88
CA LYS B 180 -62.75 -26.78 -1.58
C LYS B 180 -62.43 -27.46 -0.21
N GLU B 181 -63.08 -27.01 0.87
CA GLU B 181 -62.78 -27.48 2.25
C GLU B 181 -61.55 -26.87 2.93
N THR B 182 -60.59 -26.43 2.14
CA THR B 182 -59.32 -25.91 2.62
C THR B 182 -59.22 -24.39 2.40
N VAL B 183 -58.81 -23.69 3.46
CA VAL B 183 -58.48 -22.30 3.35
C VAL B 183 -57.09 -22.16 3.90
N SER B 184 -56.22 -21.55 3.10
CA SER B 184 -54.83 -21.40 3.50
C SER B 184 -54.22 -20.06 3.09
N LEU B 185 -53.13 -19.74 3.74
CA LEU B 185 -52.32 -18.60 3.35
C LEU B 185 -51.14 -19.11 2.54
N LEU B 186 -50.75 -18.32 1.55
CA LEU B 186 -49.55 -18.55 0.82
C LEU B 186 -48.60 -17.46 1.26
N LEU B 187 -47.40 -17.87 1.63
CA LEU B 187 -46.34 -16.95 2.00
C LEU B 187 -45.11 -17.17 1.14
N ASN B 188 -44.19 -16.20 1.23
CA ASN B 188 -42.90 -16.17 0.52
C ASN B 188 -41.97 -17.39 0.74
N GLN B 189 -41.04 -17.56 -0.18
CA GLN B 189 -39.96 -18.52 -0.05
C GLN B 189 -39.01 -18.14 1.09
N GLY B 190 -38.30 -19.13 1.60
CA GLY B 190 -37.19 -18.86 2.52
C GLY B 190 -37.47 -18.61 3.99
N PHE B 191 -38.66 -18.93 4.49
CA PHE B 191 -38.87 -18.87 5.94
C PHE B 191 -38.40 -20.15 6.59
N SER B 192 -38.10 -20.06 7.86
CA SER B 192 -37.71 -21.25 8.59
C SER B 192 -38.63 -21.51 9.77
N ILE B 193 -38.59 -22.75 10.25
CA ILE B 193 -39.32 -23.13 11.43
C ILE B 193 -38.34 -23.62 12.48
N ILE B 194 -38.54 -23.15 13.70
CA ILE B 194 -37.73 -23.59 14.86
C ILE B 194 -38.66 -24.37 15.78
N PRO B 195 -38.61 -25.71 15.72
CA PRO B 195 -39.51 -26.48 16.55
C PRO B 195 -39.17 -26.27 18.02
N GLU B 196 -40.18 -25.94 18.82
CA GLU B 196 -39.99 -25.67 20.25
C GLU B 196 -40.58 -26.71 21.19
N SER B 197 -41.60 -27.40 20.71
CA SER B 197 -42.21 -28.50 21.47
C SER B 197 -42.75 -29.51 20.47
N ALA B 198 -42.76 -30.75 20.90
CA ALA B 198 -43.37 -31.83 20.17
C ALA B 198 -44.02 -32.78 21.17
N ILE B 199 -45.29 -33.07 20.91
CA ILE B 199 -46.07 -34.02 21.68
C ILE B 199 -46.93 -34.85 20.71
N ILE B 200 -47.32 -36.03 21.14
CA ILE B 200 -48.26 -36.83 20.36
C ILE B 200 -49.67 -36.30 20.55
N THR B 201 -50.38 -36.18 19.43
CA THR B 201 -51.79 -35.85 19.47
C THR B 201 -52.55 -36.83 18.56
N THR B 202 -53.71 -37.29 19.02
CA THR B 202 -54.51 -38.26 18.25
C THR B 202 -55.72 -37.55 17.61
N ILE B 203 -55.96 -37.77 16.31
CA ILE B 203 -57.24 -37.35 15.72
C ILE B 203 -57.84 -38.43 14.80
N LYS B 204 -59.12 -38.73 15.05
CA LYS B 204 -59.85 -39.86 14.42
C LYS B 204 -59.06 -41.16 14.55
N GLY B 205 -58.60 -41.44 15.77
CA GLY B 205 -57.89 -42.67 16.10
C GLY B 205 -56.48 -42.81 15.54
N LYS B 206 -55.99 -41.74 14.92
CA LYS B 206 -54.71 -41.69 14.21
C LYS B 206 -53.77 -40.66 14.86
N ASP B 207 -52.55 -41.10 15.16
CA ASP B 207 -51.57 -40.28 15.85
C ASP B 207 -50.85 -39.31 14.92
N TYR B 208 -50.40 -38.20 15.51
CA TYR B 208 -49.56 -37.23 14.84
C TYR B 208 -48.63 -36.67 15.88
N ILE B 209 -47.47 -36.22 15.43
CA ILE B 209 -46.62 -35.41 16.29
C ILE B 209 -46.99 -33.96 16.04
N LEU B 210 -47.39 -33.31 17.12
CA LEU B 210 -47.82 -31.94 17.08
C LEU B 210 -46.63 -31.14 17.53
N ILE B 211 -46.20 -30.27 16.64
CA ILE B 211 -45.05 -29.41 16.86
C ILE B 211 -45.51 -27.96 16.92
N GLU B 212 -45.11 -27.26 17.99
CA GLU B 212 -45.33 -25.83 18.03
C GLU B 212 -43.98 -25.25 17.69
N GLY B 213 -44.00 -24.35 16.71
CA GLY B 213 -42.77 -23.78 16.24
C GLY B 213 -42.82 -22.28 16.10
N SER B 214 -41.62 -21.71 16.00
CA SER B 214 -41.42 -20.30 15.75
C SER B 214 -40.99 -20.08 14.31
N LEU B 215 -41.65 -19.14 13.64
CA LEU B 215 -41.33 -18.82 12.28
C LEU B 215 -40.19 -17.80 12.32
N SER B 216 -39.11 -18.11 11.60
CA SER B 216 -37.99 -17.19 11.54
C SER B 216 -37.46 -17.06 10.10
N GLN B 217 -36.27 -16.49 9.97
CA GLN B 217 -35.55 -16.50 8.69
C GLN B 217 -34.04 -16.51 8.96
N GLU B 218 -33.29 -17.22 8.11
CA GLU B 218 -31.82 -17.21 8.15
C GLU B 218 -31.32 -16.17 7.16
N LEU B 219 -30.17 -15.58 7.50
CA LEU B 219 -29.53 -14.66 6.61
C LEU B 219 -28.79 -15.52 5.62
N ASP B 220 -29.38 -15.61 4.44
CA ASP B 220 -28.95 -16.55 3.41
C ASP B 220 -29.23 -15.87 2.08
N PHE B 221 -28.24 -15.86 1.18
CA PHE B 221 -28.35 -15.13 -0.07
C PHE B 221 -28.53 -16.03 -1.27
N TYR B 222 -28.57 -17.33 -1.02
CA TYR B 222 -28.72 -18.37 -2.08
C TYR B 222 -27.73 -18.13 -3.23
N ASN B 223 -28.22 -18.15 -4.47
CA ASN B 223 -27.37 -18.03 -5.64
C ASN B 223 -26.97 -16.58 -5.93
N LYS B 224 -27.67 -15.64 -5.31
CA LYS B 224 -27.38 -14.22 -5.48
C LYS B 224 -26.13 -13.72 -4.74
N GLY B 225 -25.78 -14.33 -3.61
CA GLY B 225 -24.76 -13.79 -2.70
C GLY B 225 -25.05 -12.35 -2.26
N SER B 226 -24.05 -11.69 -1.68
CA SER B 226 -24.17 -10.27 -1.32
C SER B 226 -22.84 -9.51 -1.46
N GLU B 227 -22.77 -8.52 -2.36
CA GLU B 227 -21.64 -7.57 -2.31
C GLU B 227 -21.59 -6.79 -0.97
N ALA B 228 -22.73 -6.22 -0.59
CA ALA B 228 -22.89 -5.47 0.65
C ALA B 228 -22.43 -6.17 1.97
N TRP B 229 -22.84 -7.42 2.22
CA TRP B 229 -22.45 -8.10 3.48
C TRP B 229 -20.93 -8.08 3.75
N GLY B 230 -20.15 -8.43 2.73
CA GLY B 230 -18.69 -8.44 2.81
C GLY B 230 -18.09 -7.06 3.10
N ALA B 231 -18.60 -6.04 2.42
CA ALA B 231 -18.17 -4.64 2.61
C ALA B 231 -18.57 -4.12 3.98
N GLU B 232 -19.77 -4.47 4.39
CA GLU B 232 -20.33 -4.10 5.71
C GLU B 232 -19.44 -4.61 6.84
N ASN B 233 -19.12 -5.90 6.76
CA ASN B 233 -18.44 -6.58 7.85
C ASN B 233 -16.93 -6.72 7.70
N TYR B 234 -16.44 -6.78 6.45
CA TYR B 234 -15.02 -7.06 6.20
C TYR B 234 -14.34 -6.00 5.34
N GLY B 235 -15.00 -4.85 5.23
CA GLY B 235 -14.49 -3.70 4.50
C GLY B 235 -13.15 -3.20 4.99
N ASP B 236 -12.95 -3.19 6.30
CA ASP B 236 -11.65 -2.76 6.81
C ASP B 236 -10.80 -3.90 7.38
N TYR B 237 -11.03 -5.12 6.92
CA TYR B 237 -10.37 -6.31 7.49
C TYR B 237 -8.87 -6.32 7.23
N ILE B 238 -8.47 -6.05 5.99
CA ILE B 238 -7.05 -5.95 5.64
C ILE B 238 -6.28 -5.01 6.59
N SER B 239 -6.87 -3.84 6.88
CA SER B 239 -6.24 -2.86 7.76
C SER B 239 -6.06 -3.33 9.21
N LYS B 240 -6.76 -4.39 9.61
CA LYS B 240 -6.68 -4.90 10.98
C LYS B 240 -5.60 -5.97 11.17
N LEU B 241 -5.00 -6.40 10.06
CA LEU B 241 -3.99 -7.44 10.09
C LEU B 241 -2.57 -6.87 10.06
N SER B 242 -1.71 -7.51 10.84
CA SER B 242 -0.28 -7.29 10.78
C SER B 242 0.31 -7.73 9.43
N HIS B 243 1.50 -7.25 9.09
CA HIS B 243 2.18 -7.69 7.86
C HIS B 243 2.39 -9.21 7.78
N GLU B 244 2.69 -9.88 8.89
CA GLU B 244 2.84 -11.33 8.87
C GLU B 244 1.49 -12.04 8.68
N GLN B 245 0.44 -11.47 9.26
CA GLN B 245 -0.92 -12.01 9.13
C GLN B 245 -1.41 -11.86 7.70
N LEU B 246 -1.22 -10.65 7.15
CA LEU B 246 -1.60 -10.36 5.79
C LEU B 246 -0.85 -11.20 4.75
N GLY B 247 0.48 -11.25 4.91
CA GLY B 247 1.36 -12.00 4.01
C GLY B 247 1.03 -13.48 4.00
N ALA B 248 0.89 -14.07 5.18
CA ALA B 248 0.57 -15.48 5.32
C ALA B 248 -0.75 -15.83 4.63
N LEU B 249 -1.77 -15.02 4.88
CA LEU B 249 -3.09 -15.21 4.31
C LEU B 249 -3.14 -14.97 2.79
N GLU B 250 -2.39 -13.98 2.32
CA GLU B 250 -2.30 -13.68 0.90
C GLU B 250 -1.58 -14.80 0.12
N GLY B 251 -0.55 -15.36 0.74
CA GLY B 251 0.16 -16.54 0.23
C GLY B 251 -0.76 -17.75 0.20
N TYR B 252 -1.54 -17.96 1.26
CA TYR B 252 -2.51 -19.03 1.22
C TYR B 252 -3.45 -18.89 0.02
N LEU B 253 -4.02 -17.71 -0.16
CA LEU B 253 -4.96 -17.50 -1.24
C LEU B 253 -4.36 -17.67 -2.63
N HIS B 254 -3.07 -17.36 -2.81
CA HIS B 254 -2.47 -17.19 -4.15
C HIS B 254 -1.42 -18.20 -4.64
N SER B 255 -0.85 -18.97 -3.71
CA SER B 255 0.39 -19.66 -3.99
C SER B 255 0.55 -20.93 -3.15
N ASP B 256 0.24 -20.79 -1.86
CA ASP B 256 0.55 -21.78 -0.85
C ASP B 256 -0.63 -22.70 -0.48
N TYR B 257 -1.82 -22.54 -1.05
CA TYR B 257 -2.93 -23.35 -0.52
C TYR B 257 -2.86 -24.84 -0.81
N LYS B 258 -2.36 -25.20 -1.99
CA LYS B 258 -2.25 -26.58 -2.42
C LYS B 258 -1.37 -27.35 -1.44
N ALA B 259 -0.20 -26.81 -1.15
CA ALA B 259 0.75 -27.42 -0.23
C ALA B 259 0.26 -27.46 1.21
N ILE B 260 -0.25 -26.33 1.67
CA ILE B 260 -0.81 -26.16 3.03
C ILE B 260 -1.99 -27.08 3.28
N ASN B 261 -2.92 -27.13 2.34
CA ASN B 261 -4.04 -28.04 2.45
C ASN B 261 -3.66 -29.55 2.46
N SER B 262 -2.75 -29.94 1.55
CA SER B 262 -2.20 -31.28 1.56
C SER B 262 -1.43 -31.57 2.87
N TYR B 263 -0.63 -30.61 3.34
CA TYR B 263 0.15 -30.81 4.56
C TYR B 263 -0.76 -31.11 5.77
N LEU B 264 -1.80 -30.30 5.92
CA LEU B 264 -2.81 -30.46 6.96
C LEU B 264 -3.65 -31.73 6.79
N ARG B 265 -4.02 -32.05 5.56
CA ARG B 265 -4.75 -33.28 5.21
C ARG B 265 -3.90 -34.54 5.48
N ASN B 266 -2.59 -34.40 5.42
CA ASN B 266 -1.66 -35.49 5.74
C ASN B 266 -1.28 -35.59 7.24
N ASN B 267 -1.99 -34.81 8.08
CA ASN B 267 -1.75 -34.66 9.52
C ASN B 267 -0.34 -34.18 9.77
N ARG B 268 0.05 -33.16 9.02
CA ARG B 268 1.39 -32.55 9.14
C ARG B 268 2.59 -33.51 9.17
N VAL B 269 2.51 -34.62 8.43
CA VAL B 269 3.68 -35.51 8.36
C VAL B 269 4.23 -35.58 6.93
N PRO B 270 5.56 -35.40 6.78
CA PRO B 270 6.53 -35.11 7.84
C PRO B 270 6.42 -33.67 8.31
N ASN B 271 6.94 -33.37 9.50
CA ASN B 271 6.95 -31.99 9.99
C ASN B 271 7.62 -31.03 9.01
N ASN B 272 6.99 -29.89 8.82
CA ASN B 272 7.52 -28.83 8.00
C ASN B 272 7.26 -27.57 8.79
N ASP B 273 8.31 -27.10 9.46
CA ASP B 273 8.20 -25.99 10.39
C ASP B 273 7.84 -24.65 9.75
N GLU B 274 8.30 -24.42 8.52
CA GLU B 274 7.95 -23.18 7.78
C GLU B 274 6.49 -23.19 7.32
N LEU B 275 5.97 -24.37 7.05
CA LEU B 275 4.55 -24.49 6.84
C LEU B 275 3.81 -24.30 8.15
N ASN B 276 4.32 -24.89 9.25
CA ASN B 276 3.71 -24.66 10.58
C ASN B 276 3.56 -23.17 10.91
N LYS B 277 4.58 -22.40 10.55
CA LYS B 277 4.63 -20.95 10.76
C LYS B 277 3.55 -20.20 10.00
N LYS B 278 3.35 -20.55 8.73
CA LYS B 278 2.33 -19.92 7.88
C LYS B 278 0.93 -20.27 8.35
N ILE B 279 0.71 -21.54 8.71
CA ILE B 279 -0.60 -22.03 9.12
C ILE B 279 -1.05 -21.31 10.38
N GLU B 280 -0.12 -21.17 11.33
CA GLU B 280 -0.39 -20.41 12.56
C GLU B 280 -0.80 -18.97 12.26
N LEU B 281 -0.03 -18.32 11.37
CA LEU B 281 -0.31 -16.95 10.92
C LEU B 281 -1.67 -16.80 10.24
N ILE B 282 -2.03 -17.78 9.41
CA ILE B 282 -3.34 -17.81 8.75
C ILE B 282 -4.45 -17.96 9.79
N SER B 283 -4.36 -18.96 10.67
CA SER B 283 -5.31 -19.10 11.78
C SER B 283 -5.41 -17.86 12.64
N SER B 284 -4.29 -17.16 12.80
CA SER B 284 -4.29 -15.92 13.60
C SER B 284 -5.03 -14.79 12.86
N ALA B 285 -4.68 -14.55 11.59
CA ALA B 285 -5.41 -13.61 10.72
C ALA B 285 -6.91 -13.82 10.74
N LEU B 286 -7.31 -15.09 10.66
CA LEU B 286 -8.73 -15.44 10.59
C LEU B 286 -9.48 -15.19 11.88
N SER B 287 -8.76 -15.01 12.98
CA SER B 287 -9.42 -14.85 14.23
C SER B 287 -9.48 -13.37 14.62
N VAL B 288 -8.93 -12.49 13.78
CA VAL B 288 -8.92 -11.05 14.07
C VAL B 288 -10.34 -10.45 14.04
N LYS B 289 -11.13 -10.83 13.04
CA LYS B 289 -12.51 -10.41 12.93
C LYS B 289 -13.44 -11.63 12.71
N PRO B 290 -13.81 -12.31 13.82
CA PRO B 290 -14.65 -13.50 13.77
C PRO B 290 -15.97 -13.19 13.09
N ILE B 291 -16.64 -14.20 12.56
CA ILE B 291 -17.93 -14.01 11.89
C ILE B 291 -18.89 -13.28 12.85
N PRO B 292 -19.42 -12.11 12.44
CA PRO B 292 -20.07 -11.24 13.44
C PRO B 292 -21.58 -11.50 13.72
N GLN B 293 -22.16 -12.41 12.95
CA GLN B 293 -23.56 -12.78 13.10
C GLN B 293 -23.73 -14.11 12.41
N THR B 294 -24.71 -14.90 12.85
CA THR B 294 -25.04 -16.15 12.15
C THR B 294 -25.42 -15.90 10.68
N LEU B 295 -24.82 -16.64 9.76
CA LEU B 295 -25.32 -16.59 8.38
C LEU B 295 -25.10 -17.94 7.66
N ILE B 296 -25.70 -18.08 6.48
CA ILE B 296 -25.53 -19.24 5.63
C ILE B 296 -24.46 -18.89 4.60
N ALA B 297 -23.52 -19.81 4.41
CA ALA B 297 -22.51 -19.74 3.35
C ALA B 297 -22.42 -21.14 2.76
N TYR B 298 -21.93 -21.22 1.51
CA TYR B 298 -22.03 -22.43 0.70
C TYR B 298 -20.70 -22.97 0.24
N ARG B 299 -20.64 -24.29 0.12
CA ARG B 299 -19.44 -24.97 -0.33
C ARG B 299 -19.85 -26.21 -1.12
N ARG B 300 -19.68 -26.12 -2.43
CA ARG B 300 -19.96 -27.20 -3.34
C ARG B 300 -18.72 -28.06 -3.44
N VAL B 301 -18.91 -29.37 -3.16
CA VAL B 301 -17.87 -30.41 -3.21
C VAL B 301 -18.41 -31.56 -4.09
N ASP B 302 -17.56 -32.51 -4.44
CA ASP B 302 -18.02 -33.68 -5.18
C ASP B 302 -18.12 -34.85 -4.21
N GLY B 303 -18.07 -36.08 -4.72
CA GLY B 303 -18.33 -37.27 -3.89
C GLY B 303 -17.27 -37.66 -2.89
N ILE B 304 -16.10 -37.04 -3.02
CA ILE B 304 -14.91 -37.44 -2.24
C ILE B 304 -15.09 -37.42 -0.72
N PRO B 305 -15.64 -36.32 -0.14
CA PRO B 305 -15.71 -36.34 1.33
C PRO B 305 -16.67 -37.42 1.84
N PHE B 306 -17.47 -37.99 0.91
CA PHE B 306 -18.49 -38.96 1.26
C PHE B 306 -18.08 -40.39 0.93
N ASP B 307 -16.83 -40.54 0.49
CA ASP B 307 -16.24 -41.80 -0.01
C ASP B 307 -16.95 -42.35 -1.26
N LEU B 308 -17.40 -41.44 -2.13
CA LEU B 308 -18.03 -41.80 -3.39
C LEU B 308 -17.09 -41.40 -4.52
N PRO B 309 -17.24 -41.99 -5.73
CA PRO B 309 -16.34 -41.53 -6.78
C PRO B 309 -16.58 -40.07 -7.20
N SER B 310 -15.58 -39.45 -7.80
CA SER B 310 -15.67 -38.02 -8.13
C SER B 310 -16.63 -37.82 -9.31
N ASP B 311 -16.89 -38.87 -10.09
CA ASP B 311 -17.92 -38.85 -11.10
C ASP B 311 -19.28 -39.38 -10.58
N PHE B 312 -19.39 -39.58 -9.26
CA PHE B 312 -20.62 -40.10 -8.66
C PHE B 312 -21.82 -39.31 -9.13
N SER B 313 -22.87 -40.00 -9.58
CA SER B 313 -24.06 -39.31 -10.00
C SER B 313 -25.28 -39.85 -9.30
N PHE B 314 -26.17 -38.94 -8.91
CA PHE B 314 -27.47 -39.25 -8.38
C PHE B 314 -28.44 -39.48 -9.53
N ASP B 315 -27.93 -39.43 -10.76
CA ASP B 315 -28.70 -39.77 -11.95
C ASP B 315 -28.30 -41.14 -12.47
N LYS B 316 -29.15 -41.66 -13.36
CA LYS B 316 -28.92 -42.92 -14.05
C LYS B 316 -29.55 -42.86 -15.43
N LYS B 317 -29.11 -43.76 -16.31
CA LYS B 317 -29.66 -43.91 -17.66
C LYS B 317 -30.69 -45.02 -17.70
N GLU B 318 -31.94 -44.73 -17.35
CA GLU B 318 -32.99 -45.77 -17.37
C GLU B 318 -33.83 -45.77 -18.67
N ASN B 319 -33.48 -46.65 -19.60
CA ASN B 319 -34.17 -46.83 -20.89
C ASN B 319 -34.34 -45.52 -21.68
N GLY B 320 -33.26 -45.11 -22.36
CA GLY B 320 -33.17 -43.79 -22.99
C GLY B 320 -33.15 -42.64 -21.98
N GLU B 321 -34.33 -42.34 -21.41
CA GLU B 321 -34.53 -41.24 -20.45
C GLU B 321 -33.39 -41.02 -19.41
N ILE B 322 -33.36 -39.80 -18.88
CA ILE B 322 -32.29 -39.32 -18.03
C ILE B 322 -32.83 -38.82 -16.67
N ILE B 323 -32.92 -39.75 -15.71
CA ILE B 323 -33.76 -39.60 -14.51
C ILE B 323 -33.01 -39.83 -13.21
N ALA B 324 -33.58 -39.38 -12.09
CA ALA B 324 -32.97 -39.46 -10.76
C ALA B 324 -32.86 -40.90 -10.25
N ASP B 325 -31.80 -41.19 -9.53
CA ASP B 325 -31.66 -42.49 -8.89
C ASP B 325 -32.17 -42.30 -7.49
N LYS B 326 -33.45 -42.66 -7.30
CA LYS B 326 -34.13 -42.40 -6.05
C LYS B 326 -33.58 -43.22 -4.90
N GLN B 327 -33.20 -44.46 -5.19
CA GLN B 327 -32.55 -45.36 -4.25
C GLN B 327 -31.20 -44.82 -3.74
N LYS B 328 -30.39 -44.26 -4.65
CA LYS B 328 -29.14 -43.59 -4.31
C LYS B 328 -29.37 -42.36 -3.41
N LEU B 329 -30.38 -41.55 -3.75
CA LEU B 329 -30.74 -40.38 -2.95
C LEU B 329 -31.15 -40.80 -1.54
N ASN B 330 -31.94 -41.86 -1.42
CA ASN B 330 -32.45 -42.32 -0.13
C ASN B 330 -31.36 -42.90 0.74
N GLU B 331 -30.49 -43.70 0.11
CA GLU B 331 -29.34 -44.27 0.81
C GLU B 331 -28.36 -43.19 1.24
N PHE B 332 -28.21 -42.14 0.44
CA PHE B 332 -27.31 -41.06 0.81
C PHE B 332 -27.84 -40.31 2.05
N ILE B 333 -29.06 -39.79 1.91
CA ILE B 333 -29.76 -39.08 2.98
C ILE B 333 -29.79 -39.88 4.27
N ASP B 334 -30.12 -41.17 4.20
CA ASP B 334 -30.19 -41.99 5.39
C ASP B 334 -28.84 -42.23 6.08
N LYS B 335 -27.77 -42.27 5.28
CA LYS B 335 -26.43 -42.53 5.82
C LYS B 335 -25.83 -41.27 6.42
N TRP B 336 -25.99 -40.14 5.70
CA TRP B 336 -25.26 -38.91 6.05
C TRP B 336 -25.96 -37.94 7.00
N THR B 337 -27.29 -38.05 7.13
CA THR B 337 -28.05 -37.18 8.03
C THR B 337 -27.56 -37.46 9.44
N GLY B 338 -27.04 -36.43 10.12
CA GLY B 338 -26.52 -36.55 11.48
C GLY B 338 -25.03 -36.86 11.56
N LYS B 339 -24.38 -36.89 10.40
CA LYS B 339 -22.95 -37.16 10.30
C LYS B 339 -22.10 -35.90 10.35
N GLU B 340 -20.92 -36.06 10.93
CA GLU B 340 -19.95 -35.00 11.11
C GLU B 340 -18.84 -35.15 10.07
N ILE B 341 -18.72 -34.16 9.17
CA ILE B 341 -17.66 -34.10 8.16
C ILE B 341 -16.54 -33.23 8.73
N GLU B 342 -15.33 -33.78 8.83
CA GLU B 342 -14.20 -33.00 9.33
C GLU B 342 -13.44 -32.36 8.19
N ASN B 343 -12.87 -31.18 8.44
CA ASN B 343 -12.00 -30.52 7.45
C ASN B 343 -10.70 -30.12 8.14
N LEU B 344 -9.66 -30.93 7.91
CA LEU B 344 -8.36 -30.72 8.53
C LEU B 344 -7.66 -29.46 7.98
N SER B 345 -7.94 -29.15 6.72
CA SER B 345 -7.45 -27.94 6.10
C SER B 345 -8.43 -26.77 6.33
N PHE B 346 -8.03 -25.57 5.91
CA PHE B 346 -8.93 -24.40 5.88
C PHE B 346 -9.95 -24.71 4.79
N SER B 347 -11.18 -24.24 4.98
CA SER B 347 -12.25 -24.53 4.01
C SER B 347 -12.72 -23.29 3.33
N SER B 348 -12.75 -23.38 2.02
CA SER B 348 -13.33 -22.35 1.21
C SER B 348 -14.84 -22.42 1.23
N THR B 349 -15.47 -21.26 1.36
CA THR B 349 -16.91 -21.08 1.40
C THR B 349 -17.22 -19.83 0.52
N SER B 350 -18.45 -19.71 0.04
CA SER B 350 -18.92 -18.50 -0.61
C SER B 350 -20.35 -18.17 -0.16
N LEU B 351 -20.69 -16.89 -0.32
CA LEU B 351 -22.01 -16.38 -0.05
C LEU B 351 -22.99 -16.83 -1.13
N LYS B 352 -22.43 -17.17 -2.30
CA LYS B 352 -23.16 -17.66 -3.47
C LYS B 352 -23.26 -19.19 -3.44
N SER B 353 -24.47 -19.70 -3.66
CA SER B 353 -24.68 -21.15 -3.56
C SER B 353 -24.08 -21.87 -4.76
N THR B 354 -24.10 -21.22 -5.93
CA THR B 354 -23.74 -21.82 -7.22
C THR B 354 -22.84 -21.00 -8.14
N PRO B 355 -21.56 -20.81 -7.73
CA PRO B 355 -20.58 -20.25 -8.67
C PRO B 355 -20.51 -21.23 -9.83
N SER B 356 -20.71 -20.72 -11.04
CA SER B 356 -20.97 -21.54 -12.22
C SER B 356 -19.83 -22.48 -12.60
N SER B 357 -18.62 -22.14 -12.15
CA SER B 357 -17.47 -23.01 -12.32
C SER B 357 -17.68 -24.29 -11.51
N PHE B 358 -18.58 -24.27 -10.54
CA PHE B 358 -18.83 -25.47 -9.71
C PHE B 358 -20.22 -26.04 -9.86
N SER B 359 -20.80 -25.75 -11.02
CA SER B 359 -22.19 -26.06 -11.34
C SER B 359 -22.52 -27.53 -11.33
N LYS B 360 -21.53 -28.36 -11.66
CA LYS B 360 -21.70 -29.83 -11.61
C LYS B 360 -21.23 -30.50 -10.30
N SER B 361 -20.87 -29.73 -9.28
CA SER B 361 -20.57 -30.31 -7.97
C SER B 361 -21.90 -30.60 -7.25
N ARG B 362 -22.28 -31.86 -7.17
CA ARG B 362 -23.60 -32.34 -6.73
C ARG B 362 -23.89 -32.23 -5.23
N PHE B 363 -22.87 -31.99 -4.41
CA PHE B 363 -22.99 -31.98 -2.95
C PHE B 363 -22.77 -30.53 -2.47
N ILE B 364 -23.89 -29.90 -2.06
CA ILE B 364 -23.94 -28.48 -1.78
C ILE B 364 -24.04 -28.31 -0.28
N PHE B 365 -22.93 -28.02 0.38
CA PHE B 365 -23.01 -27.70 1.82
C PHE B 365 -23.67 -26.33 1.98
N ARG B 366 -24.77 -26.32 2.72
CA ARG B 366 -25.45 -25.10 3.09
C ARG B 366 -25.11 -25.02 4.56
N LEU B 367 -24.08 -24.21 4.84
CA LEU B 367 -23.49 -24.14 6.19
C LEU B 367 -24.00 -22.97 7.03
N ARG B 368 -24.57 -23.29 8.19
CA ARG B 368 -24.87 -22.29 9.20
C ARG B 368 -23.60 -21.93 9.93
N LEU B 369 -23.16 -20.69 9.81
CA LEU B 369 -21.96 -20.22 10.49
C LEU B 369 -22.38 -19.37 11.68
N SER B 370 -22.07 -19.82 12.90
CA SER B 370 -22.46 -19.08 14.08
C SER B 370 -21.60 -17.83 14.28
N GLU B 371 -22.20 -16.83 14.93
CA GLU B 371 -21.46 -15.65 15.38
C GLU B 371 -20.23 -16.10 16.18
N GLY B 372 -19.09 -15.52 15.86
CA GLY B 372 -17.86 -15.87 16.51
C GLY B 372 -17.06 -16.93 15.79
N ALA B 373 -17.57 -17.46 14.67
CA ALA B 373 -16.81 -18.46 13.93
C ALA B 373 -15.49 -17.85 13.51
N ILE B 374 -14.44 -18.67 13.57
CA ILE B 374 -13.12 -18.25 13.09
C ILE B 374 -13.09 -18.36 11.55
N GLY B 375 -13.05 -17.19 10.93
CA GLY B 375 -13.08 -17.06 9.47
C GLY B 375 -13.14 -15.58 9.12
N ALA B 376 -13.12 -15.30 7.82
CA ALA B 376 -13.22 -13.93 7.32
C ALA B 376 -13.64 -13.96 5.88
N PHE B 377 -14.43 -12.94 5.50
CA PHE B 377 -14.75 -12.70 4.11
C PHE B 377 -13.53 -12.09 3.44
N ILE B 378 -13.18 -12.71 2.33
CA ILE B 378 -12.00 -12.29 1.58
C ILE B 378 -12.40 -11.08 0.74
N TYR B 379 -12.27 -9.89 1.35
CA TYR B 379 -12.66 -8.60 0.75
C TYR B 379 -11.47 -7.66 0.43
N GLY B 380 -11.43 -7.11 -0.77
CA GLY B 380 -10.36 -6.20 -1.18
C GLY B 380 -9.03 -6.85 -1.54
N PHE B 381 -9.04 -8.16 -1.73
CA PHE B 381 -7.86 -8.89 -2.19
C PHE B 381 -7.87 -8.97 -3.71
N SER B 382 -6.69 -8.77 -4.31
CA SER B 382 -6.52 -8.85 -5.76
C SER B 382 -6.82 -10.26 -6.26
N GLY B 383 -7.67 -10.38 -7.29
CA GLY B 383 -8.02 -11.66 -7.89
C GLY B 383 -9.12 -12.47 -7.20
N PHE B 384 -9.77 -11.83 -6.21
CA PHE B 384 -10.94 -12.38 -5.53
C PHE B 384 -12.12 -11.45 -5.80
N GLN B 385 -11.90 -10.67 -6.86
CA GLN B 385 -12.83 -9.73 -7.49
C GLN B 385 -14.11 -10.47 -7.87
N ASP B 386 -15.15 -10.30 -7.04
CA ASP B 386 -16.48 -10.86 -7.31
C ASP B 386 -16.51 -12.39 -7.25
N GLU B 387 -16.31 -12.93 -6.04
CA GLU B 387 -16.42 -14.37 -5.74
C GLU B 387 -17.03 -14.62 -4.34
N GLN B 388 -16.93 -13.61 -3.48
CA GLN B 388 -17.60 -13.59 -2.17
C GLN B 388 -17.18 -14.72 -1.25
N GLU B 389 -15.88 -14.91 -1.16
CA GLU B 389 -15.39 -16.01 -0.37
C GLU B 389 -15.35 -15.70 1.10
N ILE B 390 -15.86 -16.64 1.87
CA ILE B 390 -15.52 -16.67 3.30
C ILE B 390 -14.60 -17.87 3.55
N LEU B 391 -13.42 -17.60 4.07
CA LEU B 391 -12.48 -18.64 4.41
C LEU B 391 -12.65 -19.07 5.85
N LEU B 392 -12.97 -20.35 6.07
CA LEU B 392 -13.11 -20.88 7.43
C LEU B 392 -11.80 -21.46 7.92
N ASN B 393 -11.54 -21.26 9.21
CA ASN B 393 -10.39 -21.88 9.85
C ASN B 393 -10.27 -23.38 9.58
N LYS B 394 -9.04 -23.88 9.57
CA LYS B 394 -8.80 -25.31 9.59
C LYS B 394 -9.54 -25.94 10.80
N ASN B 395 -9.79 -27.25 10.71
CA ASN B 395 -10.51 -28.03 11.73
C ASN B 395 -11.95 -27.52 11.96
N SER B 396 -12.59 -27.10 10.88
CA SER B 396 -14.01 -26.76 10.89
C SER B 396 -14.78 -28.03 10.51
N THR B 397 -15.67 -28.45 11.42
CA THR B 397 -16.51 -29.62 11.24
C THR B 397 -17.88 -29.20 10.74
N PHE B 398 -18.42 -30.01 9.84
CA PHE B 398 -19.77 -29.79 9.32
C PHE B 398 -20.69 -30.88 9.89
N LYS B 399 -21.65 -30.49 10.73
CA LYS B 399 -22.55 -31.45 11.33
C LYS B 399 -23.85 -31.42 10.56
N ILE B 400 -24.14 -32.53 9.88
CA ILE B 400 -25.27 -32.56 8.95
C ILE B 400 -26.55 -32.79 9.73
N PHE B 401 -27.53 -31.93 9.47
CA PHE B 401 -28.85 -32.04 10.11
C PHE B 401 -30.01 -32.23 9.11
N ARG B 402 -29.79 -31.94 7.82
CA ARG B 402 -30.82 -32.23 6.80
C ARG B 402 -30.21 -32.31 5.40
N ILE B 403 -30.68 -33.28 4.60
CA ILE B 403 -30.28 -33.42 3.20
C ILE B 403 -31.51 -33.43 2.29
N THR B 404 -31.51 -32.50 1.33
CA THR B 404 -32.60 -32.26 0.45
C THR B 404 -32.20 -32.42 -1.00
N PRO B 405 -32.83 -33.38 -1.70
CA PRO B 405 -32.70 -33.60 -3.15
C PRO B 405 -33.26 -32.42 -3.92
N ILE B 406 -32.52 -31.97 -4.93
CA ILE B 406 -32.97 -30.90 -5.83
C ILE B 406 -32.63 -31.35 -7.24
N THR B 407 -33.18 -30.64 -8.20
CA THR B 407 -32.85 -30.79 -9.62
C THR B 407 -32.26 -29.45 -10.06
N SER B 408 -30.95 -29.28 -9.93
CA SER B 408 -30.27 -28.06 -10.35
C SER B 408 -30.28 -27.89 -11.87
N ILE B 409 -30.46 -26.65 -12.34
CA ILE B 409 -30.38 -26.36 -13.78
C ILE B 409 -28.98 -25.89 -14.15
N ILE B 410 -28.36 -26.57 -15.12
CA ILE B 410 -26.99 -26.23 -15.54
C ILE B 410 -26.95 -25.32 -16.76
N ASN B 411 -27.65 -25.68 -17.82
CA ASN B 411 -27.80 -24.73 -18.91
C ASN B 411 -29.12 -24.91 -19.64
N ARG B 412 -29.23 -24.40 -20.85
CA ARG B 412 -30.48 -24.45 -21.60
C ARG B 412 -30.99 -25.89 -21.72
N VAL B 413 -30.07 -26.84 -21.82
CA VAL B 413 -30.42 -28.21 -22.14
C VAL B 413 -30.00 -29.27 -21.09
N THR B 414 -29.53 -28.86 -19.91
CA THR B 414 -29.00 -29.78 -18.90
C THR B 414 -29.49 -29.51 -17.48
N LYS B 415 -30.14 -30.52 -16.90
CA LYS B 415 -30.48 -30.54 -15.47
C LYS B 415 -29.64 -31.62 -14.79
N MET B 416 -29.54 -31.59 -13.48
CA MET B 416 -28.78 -32.59 -12.74
C MET B 416 -29.31 -32.69 -11.33
N THR B 417 -29.46 -33.91 -10.86
CA THR B 417 -29.91 -34.15 -9.52
C THR B 417 -28.76 -33.84 -8.59
N GLN B 418 -29.03 -33.00 -7.61
CA GLN B 418 -28.05 -32.62 -6.62
C GLN B 418 -28.71 -32.74 -5.24
N VAL B 419 -27.89 -32.61 -4.20
CA VAL B 419 -28.38 -32.57 -2.82
C VAL B 419 -27.90 -31.34 -2.03
N VAL B 420 -28.85 -30.68 -1.35
CA VAL B 420 -28.52 -29.57 -0.46
C VAL B 420 -28.28 -30.15 0.93
N ILE B 421 -27.05 -30.00 1.44
CA ILE B 421 -26.67 -30.63 2.72
C ILE B 421 -26.57 -29.56 3.82
N ASP B 422 -27.63 -29.47 4.62
CA ASP B 422 -27.70 -28.53 5.71
C ASP B 422 -26.81 -29.01 6.83
N ALA B 423 -25.87 -28.16 7.20
CA ALA B 423 -24.92 -28.51 8.23
C ALA B 423 -24.61 -27.29 9.04
N GLU B 424 -24.22 -27.50 10.30
CA GLU B 424 -23.76 -26.45 11.18
C GLU B 424 -22.23 -26.48 11.20
N GLY B 425 -21.62 -25.32 11.00
CA GLY B 425 -20.18 -25.17 11.25
C GLY B 425 -19.92 -25.31 12.74
N ILE B 426 -19.07 -26.26 13.10
CA ILE B 426 -18.70 -26.44 14.50
C ILE B 426 -17.18 -26.39 14.60
N GLN B 427 -16.66 -25.57 15.50
CA GLN B 427 -15.22 -25.45 15.61
C GLN B 427 -14.69 -25.76 17.01
N ASN B 428 -14.15 -26.96 17.14
CA ASN B 428 -13.27 -27.29 18.25
C ASN B 428 -11.89 -26.97 17.63
N LYS B 429 -10.90 -26.53 18.42
CA LYS B 429 -9.90 -25.59 17.85
C LYS B 429 -8.40 -25.72 18.17
N GLU B 430 -7.57 -25.30 17.22
CA GLU B 430 -6.12 -25.09 17.49
C GLU B 430 -5.68 -23.69 16.98
N ILE B 431 -4.69 -23.10 17.67
CA ILE B 431 -4.20 -21.74 17.38
C ILE B 431 -2.67 -21.68 17.53
N PRO C 2 18.78 -40.34 -23.97
CA PRO C 2 19.37 -40.89 -25.21
C PRO C 2 20.12 -42.19 -24.96
N ILE C 3 20.27 -42.98 -25.99
CA ILE C 3 21.08 -44.20 -25.99
C ILE C 3 22.52 -43.88 -25.49
N ILE C 4 23.06 -44.73 -24.63
CA ILE C 4 24.39 -44.47 -24.07
C ILE C 4 25.43 -44.90 -25.11
N LYS C 5 26.51 -44.14 -25.19
CA LYS C 5 27.51 -44.31 -26.24
C LYS C 5 28.83 -43.85 -25.66
N GLU C 6 29.94 -44.44 -26.09
CA GLU C 6 31.24 -43.97 -25.61
C GLU C 6 31.52 -42.60 -26.21
N PRO C 7 32.22 -41.75 -25.45
CA PRO C 7 32.52 -40.39 -25.90
C PRO C 7 33.32 -40.38 -27.20
N ILE C 8 33.11 -39.35 -28.02
CA ILE C 8 34.03 -39.03 -29.10
C ILE C 8 35.41 -38.71 -28.51
N ASP C 9 36.42 -39.54 -28.84
CA ASP C 9 37.76 -39.35 -28.31
C ASP C 9 38.84 -39.86 -29.27
N PHE C 10 39.42 -38.94 -30.01
CA PHE C 10 40.38 -39.19 -31.09
C PHE C 10 41.79 -38.84 -30.68
N ILE C 11 41.95 -38.41 -29.43
CA ILE C 11 43.25 -37.95 -28.93
C ILE C 11 44.33 -39.02 -29.11
N ASN C 12 43.99 -40.26 -28.75
CA ASN C 12 44.99 -41.31 -28.91
C ASN C 12 44.77 -42.19 -30.16
N LYS C 13 44.11 -41.63 -31.17
CA LYS C 13 43.78 -42.38 -32.37
C LYS C 13 44.48 -41.82 -33.61
N PRO C 14 44.68 -42.66 -34.64
CA PRO C 14 45.18 -42.19 -35.93
C PRO C 14 44.46 -40.95 -36.47
N GLU C 15 45.24 -39.93 -36.84
CA GLU C 15 44.77 -38.74 -37.56
C GLU C 15 43.72 -39.09 -38.63
N SER C 16 43.94 -40.19 -39.36
CA SER C 16 43.07 -40.60 -40.47
C SER C 16 41.66 -40.94 -40.02
N GLU C 17 41.53 -41.41 -38.78
CA GLU C 17 40.23 -41.76 -38.24
C GLU C 17 39.44 -40.50 -37.89
N ALA C 18 40.08 -39.55 -37.21
CA ALA C 18 39.49 -38.24 -37.01
C ALA C 18 39.16 -37.55 -38.35
N LYS C 19 40.07 -37.59 -39.31
CA LYS C 19 39.80 -37.03 -40.64
C LYS C 19 38.54 -37.59 -41.26
N LYS C 20 38.45 -38.92 -41.34
CA LYS C 20 37.26 -39.58 -41.91
C LYS C 20 35.99 -39.19 -41.14
N TRP C 21 36.05 -39.22 -39.80
CA TRP C 21 34.91 -38.83 -38.99
C TRP C 21 34.49 -37.36 -39.28
N GLY C 22 35.44 -36.45 -39.18
CA GLY C 22 35.18 -35.04 -39.41
C GLY C 22 34.60 -34.74 -40.77
N LYS C 23 35.05 -35.43 -41.80
CA LYS C 23 34.62 -35.18 -43.17
C LYS C 23 33.10 -35.43 -43.32
N GLU C 24 32.65 -36.55 -42.78
CA GLU C 24 31.24 -36.93 -42.79
C GLU C 24 30.36 -36.05 -41.88
N GLU C 25 30.89 -35.67 -40.73
CA GLU C 25 30.14 -34.86 -39.80
C GLU C 25 29.93 -33.43 -40.32
N GLU C 26 30.96 -32.89 -40.98
CA GLU C 26 30.86 -31.58 -41.57
C GLU C 26 29.89 -31.59 -42.74
N LYS C 27 29.98 -32.62 -43.57
CA LYS C 27 29.11 -32.75 -44.75
C LYS C 27 27.66 -32.78 -44.27
N ARG C 28 27.43 -33.54 -43.20
CA ARG C 28 26.14 -33.74 -42.59
C ARG C 28 25.58 -32.40 -42.06
N TRP C 29 26.43 -31.62 -41.40
CA TRP C 29 26.05 -30.31 -40.87
C TRP C 29 25.78 -29.33 -41.99
N PHE C 30 26.68 -29.32 -42.97
CA PHE C 30 26.54 -28.39 -44.06
C PHE C 30 25.25 -28.58 -44.83
N THR C 31 24.77 -29.83 -44.95
CA THR C 31 23.54 -30.03 -45.72
C THR C 31 22.31 -29.45 -44.97
N LYS C 32 22.42 -29.32 -43.65
CA LYS C 32 21.36 -28.74 -42.81
C LYS C 32 21.26 -27.21 -42.92
N LEU C 33 22.29 -26.59 -43.48
CA LEU C 33 22.41 -25.13 -43.41
C LEU C 33 21.96 -24.50 -44.72
N ASN C 34 21.41 -23.28 -44.65
CA ASN C 34 21.21 -22.51 -45.88
C ASN C 34 22.55 -21.95 -46.36
N ASN C 35 22.57 -21.38 -47.56
CA ASN C 35 23.77 -20.87 -48.20
C ASN C 35 24.51 -19.87 -47.32
N LEU C 36 23.80 -18.89 -46.76
CA LEU C 36 24.45 -17.85 -45.94
C LEU C 36 25.03 -18.42 -44.65
N GLU C 37 24.40 -19.47 -44.11
CA GLU C 37 24.88 -20.09 -42.88
C GLU C 37 26.15 -20.86 -43.15
N GLU C 38 26.21 -21.55 -44.29
CA GLU C 38 27.39 -22.33 -44.66
C GLU C 38 28.57 -21.42 -44.96
N VAL C 39 28.33 -20.35 -45.73
CA VAL C 39 29.38 -19.35 -46.04
C VAL C 39 29.96 -18.72 -44.75
N ALA C 40 29.08 -18.38 -43.81
CA ALA C 40 29.47 -17.84 -42.52
C ALA C 40 30.35 -18.83 -41.73
N VAL C 41 29.90 -20.08 -41.64
CA VAL C 41 30.58 -21.14 -40.89
C VAL C 41 31.89 -21.67 -41.52
N ASN C 42 31.88 -21.93 -42.83
CA ASN C 42 33.09 -22.39 -43.51
C ASN C 42 34.24 -21.40 -43.48
N GLN C 43 33.95 -20.10 -43.50
CA GLN C 43 34.99 -19.08 -43.38
C GLN C 43 35.69 -19.11 -42.03
N LEU C 44 35.11 -19.77 -41.05
CA LEU C 44 35.80 -19.90 -39.75
C LEU C 44 37.11 -20.66 -39.88
N LYS C 45 37.30 -21.31 -41.05
CA LYS C 45 38.54 -22.02 -41.36
C LYS C 45 39.69 -21.06 -41.72
N ASN C 46 39.33 -19.83 -42.12
CA ASN C 46 40.28 -18.73 -42.29
C ASN C 46 40.62 -18.09 -40.92
N LYS C 47 41.91 -18.00 -40.60
CA LYS C 47 42.37 -17.49 -39.29
C LYS C 47 41.91 -16.06 -38.99
N GLU C 48 42.03 -15.19 -39.98
CA GLU C 48 41.70 -13.78 -39.84
C GLU C 48 40.20 -13.61 -39.63
N TYR C 49 39.42 -14.29 -40.44
CA TYR C 49 37.96 -14.31 -40.32
C TYR C 49 37.54 -14.85 -38.97
N LYS C 50 38.12 -15.97 -38.54
CA LYS C 50 37.76 -16.51 -37.20
C LYS C 50 38.05 -15.52 -36.06
N THR C 51 39.21 -14.87 -36.11
CA THR C 51 39.58 -13.85 -35.08
C THR C 51 38.57 -12.70 -35.09
N LYS C 52 38.30 -12.15 -36.28
CA LYS C 52 37.34 -11.05 -36.46
C LYS C 52 35.98 -11.37 -35.85
N ILE C 53 35.43 -12.54 -36.19
CA ILE C 53 34.12 -13.00 -35.69
C ILE C 53 34.15 -13.29 -34.18
N ASP C 54 35.21 -13.95 -33.70
CA ASP C 54 35.36 -14.16 -32.27
C ASP C 54 35.40 -12.85 -31.49
N ASN C 55 36.26 -11.92 -31.89
CA ASN C 55 36.26 -10.54 -31.41
C ASN C 55 34.86 -9.85 -31.41
N PHE C 56 34.27 -9.77 -32.60
CA PHE C 56 33.03 -9.06 -32.81
C PHE C 56 31.90 -9.69 -32.03
N SER C 57 31.82 -11.03 -31.99
CA SER C 57 30.85 -11.74 -31.14
C SER C 57 31.03 -11.47 -29.63
N THR C 58 32.24 -11.06 -29.23
CA THR C 58 32.49 -10.62 -27.85
C THR C 58 31.96 -9.20 -27.73
N ASP C 59 32.31 -8.37 -28.73
CA ASP C 59 31.99 -6.93 -28.70
C ASP C 59 30.51 -6.67 -28.52
N ILE C 60 29.69 -7.50 -29.16
CA ILE C 60 28.25 -7.24 -29.20
C ILE C 60 27.55 -7.56 -27.87
N LEU C 61 28.22 -8.33 -27.01
CA LEU C 61 27.76 -8.59 -25.65
C LEU C 61 27.92 -7.37 -24.73
N PHE C 62 28.76 -6.42 -25.15
CA PHE C 62 29.06 -5.28 -24.30
C PHE C 62 28.83 -3.99 -25.06
N SER C 63 27.84 -4.03 -25.95
CA SER C 63 27.33 -2.85 -26.61
C SER C 63 25.90 -2.78 -26.17
N SER C 64 25.33 -1.57 -26.19
CA SER C 64 23.95 -1.36 -25.73
C SER C 64 22.95 -2.04 -26.66
N LEU C 65 21.75 -2.28 -26.13
CA LEU C 65 20.68 -2.84 -26.92
C LEU C 65 20.31 -1.92 -28.09
N THR C 66 20.46 -0.61 -27.88
CA THR C 66 20.22 0.41 -28.88
C THR C 66 21.24 0.21 -30.00
N ALA C 67 22.52 0.06 -29.60
CA ALA C 67 23.60 -0.24 -30.54
C ALA C 67 23.31 -1.52 -31.37
N ILE C 68 22.83 -2.60 -30.73
CA ILE C 68 22.46 -3.80 -31.50
C ILE C 68 21.42 -3.46 -32.60
N GLU C 69 20.40 -2.67 -32.24
CA GLU C 69 19.27 -2.36 -33.12
C GLU C 69 19.70 -1.47 -34.27
N ILE C 70 20.61 -0.53 -33.96
CA ILE C 70 21.24 0.29 -34.97
C ILE C 70 21.94 -0.60 -36.02
N MET C 71 22.77 -1.52 -35.53
CA MET C 71 23.48 -2.47 -36.40
C MET C 71 22.56 -3.40 -37.19
N LYS C 72 21.43 -3.81 -36.61
CA LYS C 72 20.46 -4.62 -37.32
C LYS C 72 19.88 -3.82 -38.51
N GLU C 73 19.50 -2.57 -38.26
CA GLU C 73 18.98 -1.63 -39.29
C GLU C 73 20.01 -1.33 -40.38
N ASP C 74 21.28 -1.27 -39.99
CA ASP C 74 22.38 -1.09 -40.92
C ASP C 74 22.77 -2.35 -41.66
N GLU C 75 22.14 -3.47 -41.33
CA GLU C 75 22.44 -4.75 -41.96
C GLU C 75 23.92 -5.06 -41.79
N ASN C 76 24.44 -4.85 -40.58
CA ASN C 76 25.85 -5.07 -40.25
C ASN C 76 26.23 -6.51 -40.53
N ARG C 77 27.18 -6.67 -41.44
CA ARG C 77 27.54 -8.01 -41.94
C ARG C 77 28.21 -8.86 -40.88
N ASN C 78 28.98 -8.25 -40.00
CA ASN C 78 29.54 -9.04 -38.90
C ASN C 78 28.46 -9.53 -37.95
N LEU C 79 27.46 -8.70 -37.67
CA LEU C 79 26.38 -9.10 -36.74
C LEU C 79 25.54 -10.22 -37.36
N PHE C 80 25.22 -10.05 -38.63
CA PHE C 80 24.53 -11.07 -39.39
C PHE C 80 25.32 -12.38 -39.49
N ASP C 81 26.64 -12.31 -39.65
CA ASP C 81 27.41 -13.54 -39.67
C ASP C 81 27.35 -14.25 -38.31
N VAL C 82 27.59 -13.51 -37.23
CA VAL C 82 27.55 -14.09 -35.89
C VAL C 82 26.21 -14.81 -35.64
N GLU C 83 25.09 -14.14 -35.94
CA GLU C 83 23.73 -14.70 -35.84
C GLU C 83 23.52 -15.96 -36.70
N ARG C 84 24.12 -16.02 -37.90
CA ARG C 84 23.96 -17.20 -38.75
C ARG C 84 24.74 -18.41 -38.19
N ILE C 85 25.89 -18.12 -37.60
CA ILE C 85 26.71 -19.14 -36.95
C ILE C 85 25.94 -19.72 -35.78
N ARG C 86 25.35 -18.83 -34.98
CA ARG C 86 24.53 -19.23 -33.86
C ARG C 86 23.42 -20.17 -34.30
N GLU C 87 22.73 -19.79 -35.38
CA GLU C 87 21.62 -20.54 -35.93
C GLU C 87 22.07 -21.89 -36.44
N ALA C 88 23.16 -21.89 -37.20
CA ALA C 88 23.80 -23.10 -37.68
C ALA C 88 24.09 -24.08 -36.57
N LEU C 89 24.64 -23.59 -35.46
CA LEU C 89 24.90 -24.43 -34.28
C LEU C 89 23.66 -25.10 -33.71
N LEU C 90 22.52 -24.41 -33.69
CA LEU C 90 21.25 -24.96 -33.13
C LEU C 90 20.72 -26.21 -33.84
N LYS C 91 21.10 -26.40 -35.09
CA LYS C 91 20.63 -27.47 -35.95
C LYS C 91 21.21 -28.85 -35.66
N ASN C 92 22.14 -28.93 -34.70
CA ASN C 92 22.95 -30.09 -34.56
C ASN C 92 23.24 -30.25 -33.09
N THR C 93 22.94 -31.41 -32.50
CA THR C 93 23.16 -31.62 -31.05
C THR C 93 23.88 -32.93 -30.74
N LEU C 94 24.78 -32.91 -29.76
CA LEU C 94 25.56 -34.10 -29.48
C LEU C 94 24.73 -35.28 -28.98
N ASP C 95 25.11 -36.48 -29.50
CA ASP C 95 24.60 -37.84 -29.20
C ASP C 95 25.32 -38.48 -28.05
N ARG C 96 26.44 -37.87 -27.69
CA ARG C 96 27.39 -38.45 -26.78
C ARG C 96 28.38 -37.34 -26.39
N ASP C 97 29.15 -37.55 -25.31
CA ASP C 97 30.15 -36.60 -24.88
C ASP C 97 31.29 -36.58 -25.91
N ALA C 98 32.10 -35.53 -25.84
CA ALA C 98 33.21 -35.37 -26.75
C ALA C 98 34.43 -34.89 -25.96
N ILE C 99 35.59 -35.49 -26.24
CA ILE C 99 36.78 -35.09 -25.50
C ILE C 99 37.74 -34.42 -26.44
N GLY C 100 38.35 -33.33 -25.99
CA GLY C 100 39.32 -32.59 -26.78
C GLY C 100 39.87 -31.34 -26.11
N TYR C 101 40.34 -30.40 -26.94
CA TYR C 101 41.06 -29.22 -26.47
C TYR C 101 40.33 -27.93 -26.79
N VAL C 102 40.09 -27.11 -25.76
CA VAL C 102 39.36 -25.85 -26.00
C VAL C 102 40.36 -24.72 -26.26
N ASN C 103 40.01 -23.83 -27.18
CA ASN C 103 40.89 -22.76 -27.61
C ASN C 103 40.97 -21.55 -26.65
N PHE C 104 41.46 -21.81 -25.44
CA PHE C 104 41.86 -20.74 -24.52
C PHE C 104 43.35 -20.46 -24.67
N THR C 105 43.72 -19.18 -24.68
CA THR C 105 45.11 -18.77 -24.69
C THR C 105 45.45 -18.34 -23.26
N PRO C 106 46.73 -18.18 -22.90
CA PRO C 106 47.07 -17.70 -21.55
C PRO C 106 46.33 -16.42 -21.07
N LYS C 107 46.24 -15.39 -21.92
CA LYS C 107 45.62 -14.11 -21.58
C LYS C 107 44.17 -14.32 -21.16
N GLU C 108 43.47 -15.23 -21.88
CA GLU C 108 42.09 -15.60 -21.61
C GLU C 108 41.92 -16.40 -20.33
N LEU C 109 43.03 -16.82 -19.74
CA LEU C 109 43.06 -17.31 -18.34
C LEU C 109 43.65 -16.28 -17.36
N GLY C 110 43.79 -15.01 -17.78
CA GLY C 110 44.37 -13.96 -16.94
C GLY C 110 45.86 -14.17 -16.64
N ILE C 111 46.58 -14.82 -17.57
CA ILE C 111 48.04 -14.96 -17.44
C ILE C 111 48.71 -13.93 -18.35
N ASN C 112 49.50 -13.03 -17.78
CA ASN C 112 50.09 -11.94 -18.55
C ASN C 112 51.62 -12.03 -18.67
N PHE C 113 52.20 -12.94 -17.90
CA PHE C 113 53.64 -13.20 -17.90
C PHE C 113 53.95 -14.34 -18.90
N SER C 114 55.22 -14.42 -19.30
CA SER C 114 55.72 -15.46 -20.22
C SER C 114 55.76 -16.80 -19.54
N ILE C 115 55.23 -17.81 -20.20
CA ILE C 115 55.26 -19.18 -19.66
C ILE C 115 56.60 -19.89 -20.01
N ARG C 116 56.95 -19.91 -21.30
CA ARG C 116 58.21 -20.52 -21.77
C ARG C 116 59.45 -19.62 -21.69
N ASP C 117 60.62 -20.23 -21.48
CA ASP C 117 61.92 -19.51 -21.42
C ASP C 117 62.11 -18.57 -22.62
N VAL C 118 62.69 -17.40 -22.39
CA VAL C 118 62.77 -16.37 -23.42
C VAL C 118 63.65 -16.79 -24.60
N GLU C 119 64.85 -17.28 -24.32
CA GLU C 119 65.80 -17.63 -25.38
C GLU C 119 65.31 -18.68 -26.38
N LEU C 120 64.93 -19.87 -25.88
CA LEU C 120 64.57 -21.02 -26.73
C LEU C 120 63.08 -21.22 -26.91
N ASP C 121 62.28 -20.48 -26.13
CA ASP C 121 60.84 -20.61 -26.17
C ASP C 121 60.41 -22.07 -26.14
N ARG C 122 61.03 -22.84 -25.24
CA ARG C 122 60.86 -24.30 -25.24
C ARG C 122 60.49 -24.86 -23.88
N ASP C 123 61.14 -24.33 -22.84
CA ASP C 123 61.05 -24.86 -21.50
C ASP C 123 60.17 -24.04 -20.60
N ILE C 124 59.40 -24.74 -19.77
CA ILE C 124 58.61 -24.12 -18.69
C ILE C 124 59.25 -24.57 -17.38
N SER C 125 59.54 -23.62 -16.49
CA SER C 125 60.08 -24.00 -15.19
C SER C 125 58.94 -24.38 -14.25
N ASP C 126 59.31 -24.92 -13.10
CA ASP C 126 58.40 -25.30 -12.03
C ASP C 126 57.81 -24.06 -11.38
N GLU C 127 58.65 -23.05 -11.23
CA GLU C 127 58.28 -21.77 -10.68
C GLU C 127 57.13 -21.18 -11.50
N THR C 128 57.25 -21.27 -12.82
CA THR C 128 56.20 -20.79 -13.70
C THR C 128 54.91 -21.60 -13.54
N LEU C 129 55.05 -22.92 -13.43
CA LEU C 129 53.88 -23.79 -13.26
C LEU C 129 53.13 -23.43 -11.98
N ASP C 130 53.88 -23.24 -10.88
CA ASP C 130 53.29 -22.83 -9.59
C ASP C 130 52.51 -21.52 -9.76
N LYS C 131 53.11 -20.53 -10.42
CA LYS C 131 52.49 -19.25 -10.64
C LYS C 131 51.20 -19.31 -11.41
N VAL C 132 51.13 -20.21 -12.39
CA VAL C 132 49.91 -20.30 -13.16
C VAL C 132 48.84 -21.05 -12.38
N ARG C 133 49.26 -22.06 -11.60
CA ARG C 133 48.38 -22.78 -10.67
C ARG C 133 47.65 -21.82 -9.74
N GLN C 134 48.40 -20.90 -9.15
CA GLN C 134 47.84 -19.95 -8.18
C GLN C 134 46.82 -19.09 -8.89
N GLN C 135 47.12 -18.66 -10.12
CA GLN C 135 46.14 -17.88 -10.90
C GLN C 135 44.85 -18.62 -11.21
N ILE C 136 44.98 -19.81 -11.78
CA ILE C 136 43.89 -20.35 -12.59
C ILE C 136 43.14 -21.50 -11.93
N ILE C 137 43.76 -22.17 -10.95
CA ILE C 137 43.14 -23.38 -10.38
C ILE C 137 41.88 -23.01 -9.62
N ASN C 138 40.80 -23.71 -9.97
CA ASN C 138 39.46 -23.49 -9.43
C ASN C 138 38.85 -22.11 -9.72
N GLN C 139 39.48 -21.32 -10.57
CA GLN C 139 38.88 -20.08 -11.04
C GLN C 139 38.11 -20.50 -12.26
N GLU C 140 37.24 -19.62 -12.75
CA GLU C 140 36.28 -19.94 -13.83
C GLU C 140 36.38 -18.84 -14.84
N TYR C 141 36.74 -19.21 -16.08
CA TYR C 141 36.95 -18.29 -17.22
C TYR C 141 35.95 -18.49 -18.33
N THR C 142 35.21 -17.42 -18.61
CA THR C 142 34.22 -17.43 -19.66
C THR C 142 34.83 -17.17 -21.03
N LYS C 143 34.56 -18.09 -21.94
CA LYS C 143 34.86 -17.86 -23.34
C LYS C 143 33.68 -17.11 -23.94
N PHE C 144 33.85 -15.80 -24.09
CA PHE C 144 32.76 -14.95 -24.56
C PHE C 144 32.27 -15.31 -25.97
N SER C 145 33.21 -15.66 -26.85
CA SER C 145 32.90 -15.97 -28.24
C SER C 145 32.58 -17.45 -28.40
N PHE C 146 32.34 -17.90 -29.62
CA PHE C 146 32.26 -19.34 -29.86
C PHE C 146 33.52 -20.03 -29.36
N ILE C 147 33.36 -21.31 -29.03
CA ILE C 147 34.48 -22.11 -28.54
C ILE C 147 34.79 -23.23 -29.55
N SER C 148 36.08 -23.53 -29.72
CA SER C 148 36.53 -24.65 -30.55
C SER C 148 37.00 -25.79 -29.68
N LEU C 149 36.58 -27.00 -30.04
CA LEU C 149 37.11 -28.16 -29.37
C LEU C 149 37.85 -28.98 -30.41
N GLY C 150 39.18 -28.85 -30.42
CA GLY C 150 40.05 -29.63 -31.30
C GLY C 150 40.02 -31.07 -30.87
N LEU C 151 39.95 -32.00 -31.82
CA LEU C 151 39.71 -33.40 -31.45
C LEU C 151 40.95 -34.30 -31.33
N ASN C 152 42.09 -33.87 -31.86
CA ASN C 152 43.34 -34.62 -31.69
C ASN C 152 44.53 -33.70 -31.60
N ASP C 153 45.72 -34.29 -31.52
CA ASP C 153 46.94 -33.51 -31.27
C ASP C 153 47.37 -32.58 -32.40
N ASN C 154 46.85 -32.78 -33.61
CA ASN C 154 47.09 -31.81 -34.70
C ASN C 154 46.49 -30.46 -34.42
N SER C 155 45.44 -30.42 -33.61
CA SER C 155 44.83 -29.17 -33.17
C SER C 155 45.69 -28.31 -32.22
N ILE C 156 46.68 -28.93 -31.57
CA ILE C 156 47.58 -28.20 -30.70
C ILE C 156 48.44 -27.23 -31.53
N ASN C 157 48.35 -25.96 -31.18
CA ASN C 157 49.15 -24.92 -31.78
C ASN C 157 50.38 -24.81 -30.91
N GLU C 158 51.55 -24.95 -31.50
CA GLU C 158 52.75 -25.01 -30.70
C GLU C 158 53.23 -23.65 -30.18
N SER C 159 52.68 -22.59 -30.76
CA SER C 159 52.95 -21.21 -30.31
C SER C 159 52.18 -20.86 -29.03
N VAL C 160 51.17 -21.67 -28.68
CA VAL C 160 50.36 -21.49 -27.48
C VAL C 160 50.92 -22.46 -26.41
N PRO C 161 51.46 -21.93 -25.29
CA PRO C 161 52.13 -22.75 -24.25
C PRO C 161 51.21 -23.44 -23.22
N VAL C 162 49.91 -23.44 -23.49
CA VAL C 162 48.89 -23.96 -22.59
C VAL C 162 47.98 -24.88 -23.43
N ILE C 163 47.67 -26.07 -22.93
CA ILE C 163 46.72 -26.96 -23.60
C ILE C 163 45.55 -27.16 -22.63
N VAL C 164 44.32 -26.85 -23.08
CA VAL C 164 43.19 -26.94 -22.16
C VAL C 164 42.29 -28.10 -22.55
N LYS C 165 42.36 -29.20 -21.80
CA LYS C 165 41.56 -30.40 -22.11
C LYS C 165 40.29 -30.50 -21.26
N THR C 166 39.16 -30.83 -21.90
CA THR C 166 37.87 -30.88 -21.23
C THR C 166 36.92 -31.89 -21.92
N ARG C 167 35.70 -32.01 -21.39
CA ARG C 167 34.70 -32.92 -21.92
C ARG C 167 33.47 -32.06 -22.19
N VAL C 168 32.93 -32.11 -23.41
CA VAL C 168 31.65 -31.50 -23.76
C VAL C 168 30.55 -32.57 -23.55
N PRO C 169 29.51 -32.27 -22.73
CA PRO C 169 28.41 -33.21 -22.44
C PRO C 169 27.44 -33.45 -23.61
N THR C 170 26.82 -34.63 -23.61
CA THR C 170 25.77 -35.00 -24.54
C THR C 170 24.71 -33.89 -24.48
N THR C 171 24.06 -33.65 -25.63
CA THR C 171 22.96 -32.68 -25.86
C THR C 171 23.42 -31.26 -26.16
N PHE C 172 24.72 -30.99 -26.13
CA PHE C 172 25.16 -29.65 -26.49
C PHE C 172 25.08 -29.48 -27.99
N ASP C 173 24.73 -28.27 -28.41
CA ASP C 173 24.76 -27.88 -29.81
C ASP C 173 26.20 -27.90 -30.33
N TYR C 174 26.36 -28.31 -31.58
CA TYR C 174 27.69 -28.35 -32.17
C TYR C 174 27.68 -28.33 -33.66
N GLY C 175 28.83 -27.98 -34.20
CA GLY C 175 29.12 -28.12 -35.59
C GLY C 175 30.49 -28.78 -35.65
N VAL C 176 30.82 -29.35 -36.79
CA VAL C 176 32.11 -29.97 -37.00
C VAL C 176 32.76 -29.29 -38.20
N LEU C 177 34.01 -28.89 -37.96
CA LEU C 177 34.84 -28.32 -38.99
C LEU C 177 36.02 -29.23 -39.32
N ASN C 178 36.18 -29.46 -40.61
CA ASN C 178 37.21 -30.32 -41.14
C ASN C 178 38.14 -29.53 -42.11
N ASP C 179 39.19 -28.88 -41.60
CA ASP C 179 40.20 -28.23 -42.48
C ASP C 179 41.63 -28.69 -42.20
N LYS C 180 42.34 -29.10 -43.27
CA LYS C 180 43.79 -29.27 -43.22
C LYS C 180 44.35 -29.96 -41.96
N GLU C 181 44.30 -31.28 -41.88
CA GLU C 181 44.88 -32.02 -40.71
C GLU C 181 44.15 -31.80 -39.40
N THR C 182 43.42 -30.69 -39.29
CA THR C 182 42.70 -30.39 -38.07
C THR C 182 41.21 -30.73 -38.14
N VAL C 183 40.72 -31.32 -37.05
CA VAL C 183 39.32 -31.63 -36.89
C VAL C 183 38.81 -31.10 -35.56
N SER C 184 37.77 -30.29 -35.64
CA SER C 184 37.25 -29.66 -34.44
C SER C 184 35.73 -29.48 -34.45
N LEU C 185 35.22 -29.36 -33.22
CA LEU C 185 33.84 -29.01 -32.96
C LEU C 185 33.77 -27.51 -32.76
N LEU C 186 32.66 -26.91 -33.17
CA LEU C 186 32.36 -25.54 -32.82
C LEU C 186 31.18 -25.63 -31.89
N LEU C 187 31.22 -24.79 -30.85
CA LEU C 187 30.19 -24.75 -29.82
C LEU C 187 29.79 -23.29 -29.55
N ASN C 188 28.68 -23.14 -28.83
CA ASN C 188 28.07 -21.83 -28.60
C ASN C 188 28.95 -20.86 -27.81
N GLN C 189 28.68 -19.56 -27.99
CA GLN C 189 29.28 -18.52 -27.15
C GLN C 189 28.98 -18.75 -25.68
N GLY C 190 29.85 -18.22 -24.83
CA GLY C 190 29.56 -18.12 -23.41
C GLY C 190 29.81 -19.29 -22.48
N PHE C 191 30.53 -20.33 -22.91
CA PHE C 191 30.86 -21.40 -21.97
C PHE C 191 32.04 -20.95 -21.14
N SER C 192 32.25 -21.59 -20.01
CA SER C 192 33.43 -21.30 -19.21
C SER C 192 34.21 -22.57 -19.01
N ILE C 193 35.50 -22.42 -18.74
CA ILE C 193 36.34 -23.49 -18.24
C ILE C 193 36.71 -23.19 -16.79
N ILE C 194 36.70 -24.23 -15.97
CA ILE C 194 37.20 -24.20 -14.60
C ILE C 194 38.41 -25.11 -14.61
N PRO C 195 39.62 -24.54 -14.61
CA PRO C 195 40.83 -25.36 -14.52
C PRO C 195 40.91 -26.07 -13.16
N GLU C 196 41.10 -27.39 -13.21
CA GLU C 196 41.11 -28.23 -12.01
C GLU C 196 42.50 -28.74 -11.63
N SER C 197 43.35 -28.91 -12.65
CA SER C 197 44.73 -29.33 -12.48
C SER C 197 45.57 -28.74 -13.60
N ALA C 198 46.86 -28.58 -13.32
CA ALA C 198 47.85 -28.12 -14.30
C ALA C 198 49.16 -28.79 -14.00
N ILE C 199 49.75 -29.34 -15.04
CA ILE C 199 51.05 -30.00 -15.00
C ILE C 199 51.75 -29.62 -16.27
N ILE C 200 53.05 -29.88 -16.31
CA ILE C 200 53.83 -29.69 -17.52
C ILE C 200 53.82 -30.98 -18.33
N THR C 201 53.52 -30.85 -19.62
CA THR C 201 53.72 -31.94 -20.55
C THR C 201 54.71 -31.53 -21.66
N THR C 202 55.47 -32.49 -22.16
CA THR C 202 56.44 -32.21 -23.23
C THR C 202 56.04 -32.96 -24.51
N ILE C 203 55.68 -32.24 -25.56
CA ILE C 203 55.34 -32.83 -26.84
C ILE C 203 56.39 -32.40 -27.84
N LYS C 204 57.16 -33.42 -28.29
CA LYS C 204 58.27 -33.27 -29.25
C LYS C 204 59.31 -32.26 -28.78
N GLY C 205 59.76 -32.44 -27.53
CA GLY C 205 60.72 -31.54 -26.90
C GLY C 205 60.25 -30.16 -26.41
N LYS C 206 59.06 -29.72 -26.84
CA LYS C 206 58.49 -28.46 -26.38
C LYS C 206 57.60 -28.67 -25.16
N ASP C 207 57.75 -27.81 -24.14
CA ASP C 207 56.91 -27.85 -22.95
C ASP C 207 55.59 -27.12 -23.13
N TYR C 208 54.55 -27.69 -22.53
CA TYR C 208 53.25 -27.05 -22.41
C TYR C 208 52.75 -27.31 -21.01
N ILE C 209 51.91 -26.39 -20.52
CA ILE C 209 51.14 -26.59 -19.32
C ILE C 209 49.86 -27.22 -19.80
N LEU C 210 49.69 -28.48 -19.45
CA LEU C 210 48.47 -29.20 -19.75
C LEU C 210 47.49 -28.95 -18.63
N ILE C 211 46.35 -28.37 -18.97
CA ILE C 211 45.33 -28.09 -17.98
C ILE C 211 44.12 -29.00 -18.21
N GLU C 212 43.68 -29.66 -17.14
CA GLU C 212 42.41 -30.40 -17.18
C GLU C 212 41.33 -29.53 -16.51
N GLY C 213 40.21 -29.39 -17.20
CA GLY C 213 39.13 -28.53 -16.73
C GLY C 213 37.71 -28.97 -17.03
N SER C 214 36.76 -28.42 -16.26
CA SER C 214 35.33 -28.68 -16.46
C SER C 214 34.77 -27.56 -17.26
N LEU C 215 34.02 -27.92 -18.29
CA LEU C 215 33.28 -26.98 -19.07
C LEU C 215 32.05 -26.64 -18.23
N SER C 216 31.73 -25.35 -18.10
CA SER C 216 30.57 -24.96 -17.33
C SER C 216 29.93 -23.73 -17.97
N GLN C 217 29.07 -23.01 -17.23
CA GLN C 217 28.53 -21.76 -17.75
C GLN C 217 28.14 -20.87 -16.59
N GLU C 218 28.47 -19.59 -16.68
CA GLU C 218 27.98 -18.63 -15.72
C GLU C 218 26.56 -18.27 -16.05
N LEU C 219 25.78 -17.98 -15.03
CA LEU C 219 24.51 -17.30 -15.20
C LEU C 219 24.82 -15.82 -15.48
N ASP C 220 24.63 -15.41 -16.72
CA ASP C 220 25.08 -14.13 -17.22
C ASP C 220 24.18 -13.72 -18.38
N PHE C 221 23.58 -12.54 -18.26
CA PHE C 221 22.62 -12.07 -19.24
C PHE C 221 23.21 -11.07 -20.23
N TYR C 222 24.50 -10.80 -20.10
CA TYR C 222 25.21 -9.86 -20.97
C TYR C 222 24.43 -8.58 -21.14
N ASN C 223 24.31 -8.10 -22.38
CA ASN C 223 23.58 -6.83 -22.57
C ASN C 223 22.05 -6.93 -22.47
N LYS C 224 21.50 -8.13 -22.56
CA LYS C 224 20.04 -8.26 -22.58
C LYS C 224 19.34 -8.10 -21.22
N GLY C 225 20.06 -8.45 -20.16
CA GLY C 225 19.49 -8.54 -18.82
C GLY C 225 18.43 -9.63 -18.69
N SER C 226 17.67 -9.59 -17.61
CA SER C 226 16.55 -10.50 -17.43
C SER C 226 15.42 -9.85 -16.62
N GLU C 227 14.28 -9.62 -17.26
CA GLU C 227 13.06 -9.26 -16.50
C GLU C 227 12.58 -10.41 -15.60
N ALA C 228 12.83 -11.66 -16.05
CA ALA C 228 12.45 -12.86 -15.30
C ALA C 228 13.24 -13.14 -13.99
N TRP C 229 14.56 -12.98 -14.01
CA TRP C 229 15.38 -13.27 -12.84
C TRP C 229 14.96 -12.49 -11.59
N GLY C 230 14.76 -11.18 -11.75
CA GLY C 230 14.31 -10.30 -10.67
C GLY C 230 12.94 -10.69 -10.12
N ALA C 231 11.99 -10.98 -11.01
CA ALA C 231 10.66 -11.43 -10.62
C ALA C 231 10.70 -12.75 -9.85
N GLU C 232 11.41 -13.72 -10.42
CA GLU C 232 11.64 -15.02 -9.83
C GLU C 232 12.20 -14.94 -8.39
N ASN C 233 13.23 -14.11 -8.20
CA ASN C 233 13.95 -14.08 -6.91
C ASN C 233 13.61 -12.90 -5.99
N TYR C 234 13.10 -11.82 -6.57
CA TYR C 234 12.85 -10.58 -5.84
C TYR C 234 11.44 -9.99 -5.99
N GLY C 235 10.55 -10.80 -6.58
CA GLY C 235 9.15 -10.48 -6.77
C GLY C 235 8.38 -10.13 -5.52
N ASP C 236 8.74 -10.75 -4.40
CA ASP C 236 8.11 -10.42 -3.13
C ASP C 236 9.10 -9.87 -2.11
N TYR C 237 10.16 -9.24 -2.60
CA TYR C 237 11.18 -8.68 -1.73
C TYR C 237 10.61 -7.58 -0.85
N ILE C 238 9.85 -6.65 -1.43
CA ILE C 238 9.30 -5.51 -0.66
C ILE C 238 8.39 -6.00 0.46
N SER C 239 7.62 -7.06 0.20
CA SER C 239 6.71 -7.60 1.21
C SER C 239 7.46 -8.23 2.38
N LYS C 240 8.77 -8.41 2.24
CA LYS C 240 9.56 -9.05 3.28
C LYS C 240 10.25 -8.00 4.15
N LEU C 241 10.15 -6.76 3.70
CA LEU C 241 10.76 -5.65 4.40
C LEU C 241 9.82 -5.09 5.47
N SER C 242 10.41 -4.70 6.59
CA SER C 242 9.71 -3.92 7.60
C SER C 242 9.59 -2.49 7.09
N HIS C 243 8.74 -1.69 7.72
CA HIS C 243 8.58 -0.28 7.38
C HIS C 243 9.87 0.54 7.35
N GLU C 244 10.71 0.34 8.36
CA GLU C 244 11.93 1.13 8.49
C GLU C 244 13.01 0.67 7.52
N GLN C 245 13.01 -0.62 7.23
CA GLN C 245 13.87 -1.16 6.18
C GLN C 245 13.43 -0.64 4.81
N LEU C 246 12.14 -0.70 4.53
CA LEU C 246 11.63 -0.20 3.25
C LEU C 246 11.89 1.30 3.07
N GLY C 247 11.54 2.09 4.07
CA GLY C 247 11.77 3.54 4.08
C GLY C 247 13.23 3.96 3.83
N ALA C 248 14.16 3.34 4.55
CA ALA C 248 15.61 3.60 4.39
C ALA C 248 16.08 3.27 2.98
N LEU C 249 15.75 2.07 2.52
CA LEU C 249 16.11 1.63 1.17
C LEU C 249 15.52 2.55 0.08
N GLU C 250 14.22 2.86 0.16
CA GLU C 250 13.56 3.78 -0.79
C GLU C 250 14.13 5.20 -0.74
N GLY C 251 14.57 5.61 0.46
CA GLY C 251 15.17 6.93 0.66
C GLY C 251 16.51 6.99 -0.04
N TYR C 252 17.30 5.92 0.16
CA TYR C 252 18.58 5.76 -0.51
C TYR C 252 18.46 5.87 -2.02
N LEU C 253 17.50 5.14 -2.59
CA LEU C 253 17.34 5.06 -4.05
C LEU C 253 16.95 6.39 -4.67
N HIS C 254 16.24 7.20 -3.91
CA HIS C 254 15.55 8.35 -4.48
C HIS C 254 16.04 9.71 -4.05
N SER C 255 16.72 9.74 -2.91
CA SER C 255 16.88 10.98 -2.19
C SER C 255 18.22 11.09 -1.48
N ASP C 256 18.63 10.01 -0.82
CA ASP C 256 19.74 10.03 0.12
C ASP C 256 21.05 9.51 -0.42
N TYR C 257 21.07 8.95 -1.62
CA TYR C 257 22.27 8.19 -1.98
C TYR C 257 23.51 9.05 -2.13
N LYS C 258 23.32 10.30 -2.53
CA LYS C 258 24.43 11.25 -2.69
C LYS C 258 25.12 11.49 -1.35
N ALA C 259 24.32 11.87 -0.35
CA ALA C 259 24.84 12.17 0.98
C ALA C 259 25.40 10.92 1.66
N ILE C 260 24.68 9.82 1.54
CA ILE C 260 25.11 8.53 2.15
C ILE C 260 26.41 8.02 1.53
N ASN C 261 26.49 8.03 0.22
CA ASN C 261 27.69 7.53 -0.43
C ASN C 261 28.93 8.40 -0.15
N SER C 262 28.77 9.74 -0.19
CA SER C 262 29.87 10.64 0.13
C SER C 262 30.30 10.50 1.61
N TYR C 263 29.32 10.37 2.50
CA TYR C 263 29.53 10.21 3.93
C TYR C 263 30.36 8.94 4.18
N LEU C 264 29.95 7.84 3.53
CA LEU C 264 30.69 6.56 3.57
C LEU C 264 32.07 6.68 2.94
N ARG C 265 32.14 7.25 1.74
CA ARG C 265 33.44 7.44 1.08
C ARG C 265 34.37 8.36 1.92
N ASN C 266 33.78 9.19 2.78
CA ASN C 266 34.56 10.06 3.70
C ASN C 266 34.93 9.41 5.04
N ASN C 267 34.70 8.10 5.15
CA ASN C 267 34.97 7.33 6.38
C ASN C 267 34.15 7.85 7.53
N ARG C 268 32.95 8.34 7.21
CA ARG C 268 31.96 8.77 8.21
C ARG C 268 32.42 9.90 9.12
N VAL C 269 33.25 10.80 8.59
CA VAL C 269 33.60 12.00 9.37
C VAL C 269 33.11 13.32 8.70
N PRO C 270 32.48 14.22 9.48
CA PRO C 270 32.23 14.02 10.91
C PRO C 270 31.04 13.07 11.09
N ASN C 271 30.94 12.48 12.29
CA ASN C 271 29.87 11.55 12.60
C ASN C 271 28.49 12.17 12.42
N ASN C 272 27.59 11.42 11.81
CA ASN C 272 26.22 11.84 11.55
C ASN C 272 25.32 10.66 11.99
N ASP C 273 24.69 10.79 13.14
CA ASP C 273 23.84 9.73 13.74
C ASP C 273 22.68 9.39 12.85
N GLU C 274 21.99 10.41 12.33
CA GLU C 274 20.88 10.23 11.37
C GLU C 274 21.30 9.41 10.14
N LEU C 275 22.48 9.65 9.60
CA LEU C 275 22.93 8.82 8.48
C LEU C 275 23.35 7.41 8.92
N ASN C 276 24.02 7.29 10.06
CA ASN C 276 24.36 5.98 10.62
C ASN C 276 23.13 5.04 10.67
N LYS C 277 22.03 5.60 11.17
CA LYS C 277 20.76 4.89 11.29
C LYS C 277 20.21 4.44 9.94
N LYS C 278 20.18 5.35 8.97
CA LYS C 278 19.71 5.01 7.63
C LYS C 278 20.60 3.90 7.06
N ILE C 279 21.91 4.09 7.17
CA ILE C 279 22.88 3.15 6.62
C ILE C 279 22.67 1.74 7.18
N GLU C 280 22.52 1.64 8.49
CA GLU C 280 22.30 0.35 9.13
C GLU C 280 20.97 -0.27 8.66
N LEU C 281 19.95 0.56 8.54
CA LEU C 281 18.66 0.12 8.02
C LEU C 281 18.76 -0.34 6.59
N ILE C 282 19.60 0.33 5.78
CA ILE C 282 19.80 -0.11 4.41
C ILE C 282 20.53 -1.47 4.35
N SER C 283 21.62 -1.60 5.10
CA SER C 283 22.32 -2.88 5.14
C SER C 283 21.38 -4.00 5.62
N SER C 284 20.54 -3.68 6.61
CA SER C 284 19.55 -4.64 7.13
C SER C 284 18.57 -5.08 6.03
N ALA C 285 18.05 -4.13 5.24
CA ALA C 285 17.17 -4.50 4.11
C ALA C 285 17.88 -5.43 3.09
N LEU C 286 19.10 -5.05 2.71
CA LEU C 286 19.92 -5.83 1.77
C LEU C 286 20.23 -7.25 2.27
N SER C 287 20.16 -7.47 3.57
CA SER C 287 20.46 -8.81 4.09
C SER C 287 19.20 -9.67 4.31
N VAL C 288 18.01 -9.09 4.14
CA VAL C 288 16.74 -9.84 4.27
C VAL C 288 16.66 -11.00 3.24
N LYS C 289 17.08 -10.76 2.00
CA LYS C 289 17.03 -11.76 0.96
C LYS C 289 18.37 -11.80 0.18
N PRO C 290 19.41 -12.43 0.78
CA PRO C 290 20.75 -12.50 0.14
C PRO C 290 20.66 -13.05 -1.27
N ILE C 291 21.60 -12.71 -2.14
CA ILE C 291 21.57 -13.24 -3.52
C ILE C 291 21.45 -14.77 -3.51
N PRO C 292 20.43 -15.34 -4.21
CA PRO C 292 20.11 -16.75 -3.94
C PRO C 292 20.90 -17.77 -4.75
N GLN C 293 21.73 -17.33 -5.69
CA GLN C 293 22.57 -18.21 -6.49
C GLN C 293 23.68 -17.35 -7.08
N THR C 294 24.76 -17.97 -7.57
CA THR C 294 25.88 -17.24 -8.14
C THR C 294 25.46 -16.66 -9.48
N LEU C 295 25.75 -15.39 -9.71
CA LEU C 295 25.49 -14.84 -11.03
C LEU C 295 26.43 -13.69 -11.37
N ILE C 296 26.29 -13.24 -12.62
CA ILE C 296 27.01 -12.10 -13.15
C ILE C 296 26.08 -10.91 -13.27
N ALA C 297 26.56 -9.78 -12.76
CA ALA C 297 25.95 -8.46 -12.87
C ALA C 297 27.09 -7.50 -13.22
N TYR C 298 26.69 -6.32 -13.73
CA TYR C 298 27.61 -5.37 -14.32
C TYR C 298 27.59 -4.00 -13.65
N ARG C 299 28.74 -3.35 -13.67
CA ARG C 299 28.88 -1.98 -13.16
C ARG C 299 29.94 -1.34 -14.01
N ARG C 300 29.49 -0.43 -14.88
CA ARG C 300 30.34 0.39 -15.72
C ARG C 300 30.78 1.67 -15.01
N VAL C 301 32.09 1.93 -15.07
CA VAL C 301 32.70 3.09 -14.47
C VAL C 301 33.65 3.76 -15.45
N ASP C 302 34.22 4.90 -15.05
CA ASP C 302 35.25 5.57 -15.84
C ASP C 302 36.64 5.31 -15.21
N GLY C 303 37.60 6.18 -15.47
CA GLY C 303 38.99 5.93 -15.08
C GLY C 303 39.23 6.06 -13.59
N ILE C 304 38.31 6.73 -12.92
CA ILE C 304 38.53 7.24 -11.56
C ILE C 304 39.00 6.16 -10.59
N PRO C 305 38.27 5.03 -10.49
CA PRO C 305 38.66 3.95 -9.59
C PRO C 305 40.07 3.42 -9.84
N PHE C 306 40.70 3.85 -10.93
CA PHE C 306 41.98 3.28 -11.36
C PHE C 306 43.05 4.34 -11.41
N ASP C 307 42.79 5.42 -10.67
CA ASP C 307 43.65 6.61 -10.66
C ASP C 307 43.98 7.06 -12.09
N LEU C 308 42.96 7.07 -12.95
CA LEU C 308 43.11 7.58 -14.32
C LEU C 308 42.15 8.74 -14.51
N PRO C 309 42.37 9.57 -15.56
CA PRO C 309 41.44 10.69 -15.76
C PRO C 309 40.03 10.20 -16.10
N SER C 310 39.04 11.07 -15.87
CA SER C 310 37.63 10.74 -16.15
C SER C 310 37.47 10.38 -17.62
N ASP C 311 38.06 11.20 -18.49
CA ASP C 311 38.04 11.03 -19.93
C ASP C 311 39.16 10.14 -20.51
N PHE C 312 39.86 9.37 -19.66
CA PHE C 312 40.94 8.49 -20.14
C PHE C 312 40.49 7.62 -21.32
N SER C 313 41.30 7.55 -22.37
CA SER C 313 40.95 6.73 -23.51
C SER C 313 41.94 5.59 -23.72
N PHE C 314 41.43 4.45 -24.19
CA PHE C 314 42.26 3.34 -24.68
C PHE C 314 42.40 3.43 -26.19
N ASP C 315 42.05 4.59 -26.73
CA ASP C 315 42.16 4.84 -28.15
C ASP C 315 43.16 5.93 -28.41
N LYS C 316 43.83 5.81 -29.56
CA LYS C 316 44.77 6.81 -30.01
C LYS C 316 44.55 7.10 -31.49
N LYS C 317 44.89 8.32 -31.88
CA LYS C 317 44.80 8.75 -33.27
C LYS C 317 46.15 8.42 -33.91
N GLU C 318 46.13 7.61 -34.97
CA GLU C 318 47.38 7.22 -35.62
C GLU C 318 47.69 8.11 -36.81
N ASN C 319 47.20 7.77 -38.01
CA ASN C 319 47.39 8.68 -39.17
C ASN C 319 46.13 8.94 -40.02
N GLY C 320 45.06 9.36 -39.36
CA GLY C 320 43.74 9.52 -39.98
C GLY C 320 42.89 8.32 -39.62
N GLU C 321 42.97 7.93 -38.34
CA GLU C 321 42.31 6.74 -37.84
C GLU C 321 42.16 6.79 -36.33
N ILE C 322 41.14 6.11 -35.82
CA ILE C 322 41.04 5.84 -34.39
C ILE C 322 41.26 4.34 -34.18
N ILE C 323 42.39 3.99 -33.55
CA ILE C 323 42.71 2.59 -33.29
C ILE C 323 43.06 2.38 -31.82
N ALA C 324 42.94 1.12 -31.38
CA ALA C 324 43.27 0.74 -30.01
C ALA C 324 44.69 1.12 -29.67
N ASP C 325 44.88 1.52 -28.42
CA ASP C 325 46.20 1.88 -27.93
C ASP C 325 46.70 0.66 -27.18
N LYS C 326 47.35 -0.24 -27.91
CA LYS C 326 47.86 -1.50 -27.38
C LYS C 326 48.75 -1.32 -26.17
N GLN C 327 49.54 -0.26 -26.19
CA GLN C 327 50.42 0.02 -25.06
C GLN C 327 49.64 0.31 -23.78
N LYS C 328 48.55 1.08 -23.90
CA LYS C 328 47.70 1.38 -22.74
C LYS C 328 46.98 0.15 -22.23
N LEU C 329 46.47 -0.66 -23.16
CA LEU C 329 45.73 -1.87 -22.81
C LEU C 329 46.64 -2.83 -22.06
N ASN C 330 47.84 -3.06 -22.59
CA ASN C 330 48.82 -3.95 -21.98
C ASN C 330 49.23 -3.52 -20.57
N GLU C 331 49.57 -2.25 -20.42
CA GLU C 331 49.89 -1.71 -19.10
C GLU C 331 48.68 -1.78 -18.16
N PHE C 332 47.47 -1.50 -18.66
CA PHE C 332 46.31 -1.54 -17.77
C PHE C 332 46.08 -2.96 -17.26
N ILE C 333 46.13 -3.93 -18.17
CA ILE C 333 45.90 -5.34 -17.86
C ILE C 333 46.99 -5.88 -16.93
N ASP C 334 48.24 -5.52 -17.21
CA ASP C 334 49.38 -5.95 -16.41
C ASP C 334 49.25 -5.46 -14.98
N LYS C 335 48.87 -4.18 -14.85
CA LYS C 335 48.81 -3.49 -13.58
C LYS C 335 47.62 -3.98 -12.75
N TRP C 336 46.46 -4.13 -13.39
CA TRP C 336 45.24 -4.38 -12.61
C TRP C 336 44.81 -5.83 -12.38
N THR C 337 45.30 -6.78 -13.17
CA THR C 337 45.00 -8.21 -12.94
C THR C 337 45.49 -8.67 -11.55
N GLY C 338 44.55 -9.11 -10.71
CA GLY C 338 44.90 -9.59 -9.37
C GLY C 338 44.70 -8.56 -8.27
N LYS C 339 44.28 -7.35 -8.68
CA LYS C 339 44.10 -6.26 -7.73
C LYS C 339 42.66 -6.22 -7.20
N GLU C 340 42.51 -5.75 -5.96
CA GLU C 340 41.22 -5.63 -5.28
C GLU C 340 40.76 -4.16 -5.25
N ILE C 341 39.54 -3.93 -5.75
CA ILE C 341 38.88 -2.62 -5.72
C ILE C 341 37.85 -2.52 -4.57
N GLU C 342 38.17 -1.70 -3.57
CA GLU C 342 37.28 -1.45 -2.45
C GLU C 342 36.11 -0.50 -2.77
N ASN C 343 34.95 -0.75 -2.17
CA ASN C 343 33.83 0.16 -2.31
C ASN C 343 33.25 0.45 -0.92
N LEU C 344 33.54 1.67 -0.45
CA LEU C 344 33.12 2.16 0.85
C LEU C 344 31.60 2.35 0.94
N SER C 345 31.04 2.96 -0.10
CA SER C 345 29.60 3.08 -0.21
C SER C 345 28.96 1.79 -0.70
N PHE C 346 27.63 1.83 -0.79
CA PHE C 346 26.82 0.83 -1.45
C PHE C 346 27.11 0.93 -2.95
N SER C 347 27.05 -0.21 -3.64
CA SER C 347 27.47 -0.26 -5.05
C SER C 347 26.32 -0.64 -5.93
N SER C 348 26.03 0.23 -6.88
CA SER C 348 25.01 -0.01 -7.86
C SER C 348 25.51 -0.93 -8.97
N THR C 349 24.66 -1.90 -9.34
CA THR C 349 24.98 -2.99 -10.24
C THR C 349 23.76 -3.20 -11.14
N SER C 350 23.94 -3.79 -12.31
CA SER C 350 22.81 -4.16 -13.16
C SER C 350 22.98 -5.54 -13.83
N LEU C 351 21.85 -6.18 -14.14
CA LEU C 351 21.90 -7.41 -14.93
C LEU C 351 22.32 -7.15 -16.40
N LYS C 352 22.14 -5.92 -16.87
CA LYS C 352 22.43 -5.53 -18.27
C LYS C 352 23.84 -4.96 -18.29
N SER C 353 24.67 -5.41 -19.23
CA SER C 353 26.08 -5.03 -19.27
C SER C 353 26.27 -3.57 -19.73
N THR C 354 25.35 -3.10 -20.57
CA THR C 354 25.49 -1.84 -21.27
C THR C 354 24.24 -0.96 -21.33
N PRO C 355 23.78 -0.43 -20.17
CA PRO C 355 22.76 0.62 -20.23
C PRO C 355 23.32 1.74 -21.12
N SER C 356 22.53 2.17 -22.10
CA SER C 356 23.01 3.11 -23.13
C SER C 356 23.46 4.46 -22.57
N SER C 357 22.83 4.88 -21.47
CA SER C 357 23.24 6.07 -20.73
C SER C 357 24.67 5.92 -20.21
N PHE C 358 25.15 4.68 -20.08
CA PHE C 358 26.54 4.44 -19.71
C PHE C 358 27.40 3.88 -20.86
N SER C 359 27.03 4.21 -22.09
CA SER C 359 27.70 3.64 -23.26
C SER C 359 29.20 3.92 -23.37
N LYS C 360 29.62 5.07 -22.85
CA LYS C 360 31.01 5.51 -22.95
C LYS C 360 31.82 5.28 -21.68
N SER C 361 31.30 4.50 -20.73
CA SER C 361 32.06 4.15 -19.52
C SER C 361 32.88 2.92 -19.87
N ARG C 362 34.18 3.12 -20.06
CA ARG C 362 35.10 2.13 -20.65
C ARG C 362 35.55 0.99 -19.75
N PHE C 363 35.27 1.10 -18.45
CA PHE C 363 35.67 0.10 -17.47
C PHE C 363 34.41 -0.68 -16.99
N ILE C 364 34.25 -1.88 -17.53
CA ILE C 364 33.08 -2.70 -17.38
C ILE C 364 33.40 -3.77 -16.36
N PHE C 365 32.99 -3.57 -15.09
CA PHE C 365 33.14 -4.65 -14.12
C PHE C 365 32.11 -5.72 -14.46
N ARG C 366 32.61 -6.93 -14.72
CA ARG C 366 31.84 -8.16 -14.87
C ARG C 366 32.06 -8.93 -13.54
N LEU C 367 31.08 -8.78 -12.67
CA LEU C 367 31.14 -9.18 -11.26
C LEU C 367 30.46 -10.49 -11.02
N ARG C 368 31.21 -11.43 -10.43
CA ARG C 368 30.64 -12.69 -9.99
C ARG C 368 30.11 -12.50 -8.57
N LEU C 369 28.79 -12.60 -8.44
CA LEU C 369 28.15 -12.46 -7.14
C LEU C 369 27.82 -13.82 -6.65
N SER C 370 28.43 -14.18 -5.52
CA SER C 370 28.27 -15.45 -4.89
C SER C 370 26.92 -15.55 -4.21
N GLU C 371 26.38 -16.76 -4.18
CA GLU C 371 25.23 -17.11 -3.38
C GLU C 371 25.46 -16.61 -1.95
N GLY C 372 24.48 -15.91 -1.39
CA GLY C 372 24.64 -15.37 -0.04
C GLY C 372 25.12 -13.94 -0.01
N ALA C 373 25.51 -13.36 -1.16
CA ALA C 373 25.98 -11.98 -1.15
C ALA C 373 24.86 -11.09 -0.64
N ILE C 374 25.22 -10.12 0.19
CA ILE C 374 24.29 -9.15 0.74
C ILE C 374 23.97 -8.10 -0.34
N GLY C 375 22.73 -8.06 -0.77
CA GLY C 375 22.36 -7.28 -1.95
C GLY C 375 20.96 -7.68 -2.38
N ALA C 376 20.36 -6.93 -3.30
CA ALA C 376 18.98 -7.15 -3.67
C ALA C 376 18.75 -6.60 -5.02
N PHE C 377 17.94 -7.32 -5.80
CA PHE C 377 17.42 -6.81 -7.05
C PHE C 377 16.28 -5.84 -6.71
N ILE C 378 16.38 -4.64 -7.25
CA ILE C 378 15.39 -3.59 -6.99
C ILE C 378 14.18 -3.85 -7.88
N TYR C 379 13.25 -4.67 -7.37
CA TYR C 379 12.04 -5.08 -8.11
C TYR C 379 10.83 -4.39 -7.50
N GLY C 380 10.04 -3.71 -8.35
CA GLY C 380 8.79 -3.09 -7.93
C GLY C 380 8.89 -1.80 -7.14
N PHE C 381 10.03 -1.11 -7.24
CA PHE C 381 10.12 0.25 -6.68
C PHE C 381 9.72 1.25 -7.77
N SER C 382 8.96 2.28 -7.39
CA SER C 382 8.64 3.36 -8.32
C SER C 382 9.91 3.99 -8.89
N GLY C 383 9.90 4.21 -10.20
CA GLY C 383 10.98 4.87 -10.95
C GLY C 383 12.15 4.01 -11.43
N PHE C 384 12.04 2.69 -11.28
CA PHE C 384 13.13 1.77 -11.64
C PHE C 384 12.68 0.78 -12.73
N GLN C 385 11.76 1.30 -13.56
CA GLN C 385 10.99 0.51 -14.51
C GLN C 385 11.77 -0.63 -15.17
N ASP C 386 12.91 -0.34 -15.79
CA ASP C 386 13.77 -1.44 -16.27
C ASP C 386 15.28 -1.17 -16.19
N GLU C 387 15.74 -0.73 -15.01
CA GLU C 387 17.17 -0.64 -14.80
C GLU C 387 17.82 -1.96 -14.44
N GLN C 388 17.02 -2.88 -13.91
CA GLN C 388 17.47 -4.21 -13.49
C GLN C 388 18.64 -4.10 -12.49
N GLU C 389 18.51 -3.20 -11.54
CA GLU C 389 19.59 -2.95 -10.63
C GLU C 389 19.65 -4.00 -9.53
N ILE C 390 20.85 -4.50 -9.29
CA ILE C 390 21.16 -5.15 -8.01
C ILE C 390 21.97 -4.19 -7.12
N LEU C 391 21.41 -3.84 -5.98
CA LEU C 391 22.14 -2.98 -5.10
C LEU C 391 22.96 -3.87 -4.18
N LEU C 392 24.26 -3.61 -4.12
CA LEU C 392 25.15 -4.36 -3.26
C LEU C 392 25.45 -3.60 -2.01
N ASN C 393 25.59 -4.33 -0.92
CA ASN C 393 25.93 -3.74 0.37
C ASN C 393 27.22 -2.92 0.29
N LYS C 394 27.35 -1.92 1.15
CA LYS C 394 28.62 -1.20 1.34
C LYS C 394 29.75 -2.18 1.69
N ASN C 395 30.99 -1.76 1.48
CA ASN C 395 32.17 -2.60 1.69
C ASN C 395 32.23 -3.90 0.85
N SER C 396 31.76 -3.80 -0.40
CA SER C 396 31.86 -4.87 -1.37
C SER C 396 33.12 -4.69 -2.21
N THR C 397 34.10 -5.58 -2.05
CA THR C 397 35.34 -5.52 -2.80
C THR C 397 35.22 -6.28 -4.12
N PHE C 398 35.75 -5.69 -5.19
CA PHE C 398 35.87 -6.38 -6.48
C PHE C 398 37.29 -6.91 -6.65
N LYS C 399 37.44 -8.22 -6.66
CA LYS C 399 38.77 -8.82 -6.83
C LYS C 399 38.95 -9.22 -8.26
N ILE C 400 39.83 -8.50 -8.96
CA ILE C 400 40.02 -8.68 -10.38
C ILE C 400 40.85 -9.92 -10.69
N PHE C 401 40.26 -10.87 -11.42
CA PHE C 401 41.02 -12.02 -11.94
C PHE C 401 41.32 -11.98 -13.49
N ARG C 402 40.60 -11.17 -14.27
CA ARG C 402 40.91 -11.07 -15.71
C ARG C 402 40.42 -9.78 -16.38
N ILE C 403 41.19 -9.29 -17.34
CA ILE C 403 40.83 -8.08 -18.08
C ILE C 403 40.87 -8.33 -19.59
N THR C 404 39.72 -8.19 -20.23
CA THR C 404 39.60 -8.46 -21.67
C THR C 404 39.27 -7.21 -22.44
N PRO C 405 40.14 -6.81 -23.37
CA PRO C 405 39.89 -5.64 -24.22
C PRO C 405 38.83 -5.96 -25.24
N ILE C 406 37.98 -4.98 -25.53
CA ILE C 406 36.93 -5.14 -26.53
C ILE C 406 36.85 -3.84 -27.36
N THR C 407 36.05 -3.87 -28.40
CA THR C 407 35.73 -2.70 -29.20
C THR C 407 34.23 -2.54 -29.11
N SER C 408 33.75 -1.78 -28.12
CA SER C 408 32.32 -1.55 -27.97
C SER C 408 31.78 -0.72 -29.13
N ILE C 409 30.60 -1.09 -29.62
CA ILE C 409 29.83 -0.29 -30.62
C ILE C 409 28.89 0.67 -29.87
N ILE C 410 29.11 1.97 -30.08
CA ILE C 410 28.38 2.99 -29.33
C ILE C 410 27.19 3.48 -30.15
N ASN C 411 27.44 3.76 -31.42
CA ASN C 411 26.36 4.05 -32.36
C ASN C 411 26.79 3.72 -33.78
N ARG C 412 26.02 4.19 -34.77
CA ARG C 412 26.21 3.84 -36.18
C ARG C 412 27.60 4.20 -36.67
N VAL C 413 28.15 5.29 -36.12
CA VAL C 413 29.42 5.83 -36.60
C VAL C 413 30.50 5.88 -35.49
N THR C 414 30.24 5.22 -34.35
CA THR C 414 31.11 5.31 -33.17
C THR C 414 31.41 3.93 -32.58
N LYS C 415 32.70 3.59 -32.55
CA LYS C 415 33.22 2.45 -31.80
C LYS C 415 34.18 3.01 -30.75
N MET C 416 34.42 2.25 -29.69
CA MET C 416 35.32 2.66 -28.63
C MET C 416 35.94 1.43 -27.96
N THR C 417 37.26 1.48 -27.72
CA THR C 417 37.97 0.41 -27.04
C THR C 417 37.65 0.48 -25.57
N GLN C 418 37.24 -0.64 -25.00
CA GLN C 418 36.91 -0.68 -23.57
C GLN C 418 37.50 -1.96 -22.99
N VAL C 419 37.39 -2.13 -21.68
CA VAL C 419 37.86 -3.36 -21.05
C VAL C 419 36.74 -4.05 -20.25
N VAL C 420 36.63 -5.38 -20.37
CA VAL C 420 35.74 -6.16 -19.53
C VAL C 420 36.59 -6.65 -18.34
N ILE C 421 36.25 -6.17 -17.15
CA ILE C 421 37.06 -6.43 -15.95
C ILE C 421 36.30 -7.49 -15.17
N ASP C 422 36.79 -8.74 -15.25
CA ASP C 422 36.23 -9.86 -14.52
C ASP C 422 36.77 -9.79 -13.10
N ALA C 423 35.83 -9.79 -12.16
CA ALA C 423 36.12 -9.66 -10.77
C ALA C 423 35.11 -10.46 -9.96
N GLU C 424 35.54 -10.88 -8.77
CA GLU C 424 34.65 -11.51 -7.80
C GLU C 424 34.25 -10.48 -6.75
N GLY C 425 32.96 -10.42 -6.45
CA GLY C 425 32.43 -9.58 -5.40
C GLY C 425 32.74 -10.27 -4.08
N ILE C 426 33.39 -9.57 -3.18
CA ILE C 426 33.76 -10.17 -1.90
C ILE C 426 33.35 -9.27 -0.73
N GLN C 427 32.62 -9.85 0.21
CA GLN C 427 32.09 -9.14 1.38
C GLN C 427 32.53 -9.77 2.71
N ASN C 428 33.44 -9.13 3.41
CA ASN C 428 33.82 -9.58 4.76
C ASN C 428 33.61 -8.37 5.64
N LYS C 429 32.51 -8.33 6.41
CA LYS C 429 32.22 -7.24 7.38
C LYS C 429 30.78 -7.24 7.90
N GLU D 6 37.16 -54.72 -28.75
CA GLU D 6 37.57 -56.01 -28.06
C GLU D 6 36.63 -56.37 -26.88
N PRO D 7 35.33 -56.57 -27.14
CA PRO D 7 34.35 -56.59 -26.06
C PRO D 7 34.56 -57.66 -24.98
N ILE D 8 34.11 -57.39 -23.76
CA ILE D 8 33.97 -58.43 -22.76
C ILE D 8 32.75 -59.24 -23.18
N ASP D 9 32.96 -60.50 -23.57
CA ASP D 9 31.87 -61.35 -24.05
C ASP D 9 32.17 -62.81 -23.71
N PHE D 10 31.55 -63.30 -22.65
CA PHE D 10 31.80 -64.64 -22.16
C PHE D 10 30.65 -65.61 -22.46
N ILE D 11 29.65 -65.13 -23.19
CA ILE D 11 28.44 -65.90 -23.52
C ILE D 11 28.77 -67.23 -24.22
N ASN D 12 29.78 -67.23 -25.09
CA ASN D 12 30.13 -68.44 -25.83
C ASN D 12 31.53 -68.95 -25.50
N LYS D 13 31.99 -68.62 -24.30
CA LYS D 13 33.27 -69.03 -23.82
C LYS D 13 33.04 -70.03 -22.71
N PRO D 14 33.99 -70.97 -22.50
CA PRO D 14 33.98 -71.83 -21.32
C PRO D 14 33.82 -70.99 -20.07
N GLU D 15 32.98 -71.46 -19.15
CA GLU D 15 32.72 -70.72 -17.92
C GLU D 15 33.95 -70.47 -17.08
N SER D 16 34.94 -71.37 -17.15
CA SER D 16 36.20 -71.18 -16.45
C SER D 16 36.91 -69.90 -16.87
N GLU D 17 36.78 -69.54 -18.15
CA GLU D 17 37.34 -68.27 -18.64
C GLU D 17 36.69 -67.08 -17.92
N ALA D 18 35.35 -67.06 -17.89
CA ALA D 18 34.64 -66.02 -17.16
C ALA D 18 35.05 -65.99 -15.68
N LYS D 19 35.11 -67.15 -15.04
CA LYS D 19 35.49 -67.26 -13.63
C LYS D 19 36.90 -66.70 -13.32
N LYS D 20 37.89 -67.08 -14.14
CA LYS D 20 39.25 -66.58 -13.99
C LYS D 20 39.30 -65.07 -14.14
N TRP D 21 38.66 -64.56 -15.19
CA TRP D 21 38.59 -63.14 -15.42
C TRP D 21 37.86 -62.42 -14.27
N GLY D 22 36.69 -62.95 -13.90
CA GLY D 22 35.91 -62.42 -12.79
C GLY D 22 36.64 -62.43 -11.46
N LYS D 23 37.48 -63.43 -11.23
CA LYS D 23 38.30 -63.45 -10.02
C LYS D 23 39.29 -62.27 -9.96
N GLU D 24 40.08 -62.08 -11.02
CA GLU D 24 41.02 -60.95 -11.08
C GLU D 24 40.31 -59.61 -11.01
N GLU D 25 39.37 -59.36 -11.90
CA GLU D 25 38.66 -58.09 -11.90
C GLU D 25 38.07 -57.74 -10.52
N GLU D 26 37.37 -58.69 -9.87
CA GLU D 26 36.80 -58.41 -8.54
C GLU D 26 37.88 -58.04 -7.55
N LYS D 27 38.99 -58.77 -7.60
CA LYS D 27 40.12 -58.50 -6.74
C LYS D 27 40.65 -57.08 -6.96
N ARG D 28 40.75 -56.67 -8.23
CA ARG D 28 41.25 -55.35 -8.61
C ARG D 28 40.29 -54.23 -8.19
N TRP D 29 39.01 -54.56 -8.13
CA TRP D 29 38.00 -53.66 -7.59
C TRP D 29 38.11 -53.52 -6.07
N PHE D 30 38.20 -54.65 -5.38
CA PHE D 30 38.10 -54.68 -3.91
C PHE D 30 39.23 -53.98 -3.18
N THR D 31 40.43 -53.97 -3.77
CA THR D 31 41.57 -53.22 -3.24
C THR D 31 41.35 -51.70 -3.24
N LYS D 32 40.45 -51.21 -4.11
CA LYS D 32 40.13 -49.77 -4.22
C LYS D 32 39.18 -49.29 -3.12
N LEU D 33 38.44 -50.23 -2.53
CA LEU D 33 37.42 -49.94 -1.52
C LEU D 33 37.95 -50.00 -0.08
N ASN D 34 37.30 -49.28 0.83
CA ASN D 34 37.53 -49.51 2.26
C ASN D 34 36.70 -50.69 2.73
N ASN D 35 36.90 -51.11 3.98
CA ASN D 35 36.18 -52.25 4.57
C ASN D 35 34.66 -52.26 4.37
N LEU D 36 34.01 -51.11 4.59
CA LEU D 36 32.58 -51.00 4.54
C LEU D 36 32.05 -50.96 3.12
N GLU D 37 32.73 -50.21 2.24
CA GLU D 37 32.42 -50.24 0.81
C GLU D 37 32.47 -51.70 0.33
N GLU D 38 33.47 -52.44 0.75
CA GLU D 38 33.60 -53.82 0.32
C GLU D 38 32.53 -54.77 0.89
N VAL D 39 32.23 -54.67 2.18
CA VAL D 39 31.12 -55.44 2.73
C VAL D 39 29.81 -55.12 1.98
N ALA D 40 29.58 -53.85 1.65
CA ALA D 40 28.33 -53.38 1.08
C ALA D 40 28.10 -53.98 -0.31
N VAL D 41 29.15 -53.94 -1.11
CA VAL D 41 29.14 -54.46 -2.46
C VAL D 41 29.21 -55.97 -2.42
N ASN D 42 30.04 -56.51 -1.52
CA ASN D 42 30.22 -57.95 -1.50
C ASN D 42 28.95 -58.70 -1.10
N GLN D 43 28.11 -58.05 -0.30
CA GLN D 43 26.90 -58.70 0.22
C GLN D 43 25.80 -58.76 -0.83
N LEU D 44 26.00 -58.09 -1.96
CA LEU D 44 25.05 -58.18 -3.07
C LEU D 44 24.97 -59.59 -3.73
N LYS D 45 25.83 -60.53 -3.32
CA LYS D 45 25.83 -61.93 -3.79
C LYS D 45 24.78 -62.79 -3.08
N ASN D 46 24.28 -62.27 -1.96
CA ASN D 46 23.14 -62.85 -1.22
C ASN D 46 21.87 -62.21 -1.78
N LYS D 47 21.05 -63.05 -2.43
CA LYS D 47 19.96 -62.59 -3.30
C LYS D 47 18.81 -61.88 -2.60
N GLU D 48 18.78 -62.00 -1.27
CA GLU D 48 17.82 -61.32 -0.42
C GLU D 48 18.36 -59.94 0.02
N TYR D 49 19.66 -59.83 0.28
CA TYR D 49 20.26 -58.51 0.59
C TYR D 49 20.37 -57.62 -0.66
N LYS D 50 20.37 -58.23 -1.84
CA LYS D 50 20.46 -57.51 -3.11
C LYS D 50 19.09 -56.92 -3.43
N THR D 51 18.04 -57.67 -3.13
CA THR D 51 16.65 -57.24 -3.22
C THR D 51 16.44 -56.09 -2.25
N LYS D 52 16.86 -56.26 -1.00
CA LYS D 52 16.75 -55.18 -0.03
C LYS D 52 17.39 -53.89 -0.56
N ILE D 53 18.63 -53.99 -1.05
CA ILE D 53 19.36 -52.83 -1.51
C ILE D 53 18.70 -52.27 -2.78
N ASP D 54 18.29 -53.15 -3.70
CA ASP D 54 17.64 -52.70 -4.93
C ASP D 54 16.31 -51.98 -4.64
N ASN D 55 15.48 -52.58 -3.80
CA ASN D 55 14.25 -51.93 -3.32
C ASN D 55 14.57 -50.61 -2.66
N PHE D 56 15.48 -50.62 -1.69
CA PHE D 56 15.74 -49.42 -0.93
C PHE D 56 16.23 -48.27 -1.81
N SER D 57 17.06 -48.60 -2.80
CA SER D 57 17.70 -47.63 -3.68
C SER D 57 16.69 -47.03 -4.68
N THR D 58 15.57 -47.73 -4.87
CA THR D 58 14.43 -47.20 -5.59
C THR D 58 13.65 -46.30 -4.60
N ASP D 59 13.50 -46.78 -3.36
CA ASP D 59 12.64 -46.14 -2.37
C ASP D 59 13.05 -44.69 -2.06
N ILE D 60 14.36 -44.43 -1.99
CA ILE D 60 14.89 -43.16 -1.55
C ILE D 60 14.78 -42.07 -2.64
N LEU D 61 14.59 -42.52 -3.87
CA LEU D 61 14.34 -41.68 -5.04
C LEU D 61 12.96 -41.12 -5.00
N PHE D 62 12.08 -41.79 -4.25
CA PHE D 62 10.69 -41.38 -4.18
C PHE D 62 10.27 -41.13 -2.73
N SER D 63 11.18 -40.50 -2.00
CA SER D 63 11.00 -40.02 -0.66
C SER D 63 11.49 -38.56 -0.66
N SER D 64 10.91 -37.75 0.20
CA SER D 64 11.23 -36.34 0.23
C SER D 64 12.70 -36.11 0.62
N LEU D 65 13.23 -34.97 0.17
CA LEU D 65 14.51 -34.50 0.68
C LEU D 65 14.60 -34.51 2.24
N THR D 66 13.46 -34.29 2.89
CA THR D 66 13.34 -34.25 4.34
C THR D 66 13.54 -35.65 4.93
N ALA D 67 12.79 -36.61 4.42
CA ALA D 67 13.05 -38.02 4.70
C ALA D 67 14.52 -38.43 4.48
N ILE D 68 15.13 -38.02 3.37
CA ILE D 68 16.54 -38.36 3.12
C ILE D 68 17.41 -37.74 4.22
N GLU D 69 17.11 -36.49 4.56
CA GLU D 69 17.93 -35.76 5.50
C GLU D 69 17.83 -36.36 6.90
N ILE D 70 16.69 -36.96 7.20
CA ILE D 70 16.45 -37.58 8.48
C ILE D 70 17.30 -38.85 8.58
N MET D 71 17.23 -39.67 7.53
CA MET D 71 17.95 -40.95 7.52
C MET D 71 19.45 -40.72 7.58
N LYS D 72 19.90 -39.72 6.84
CA LYS D 72 21.24 -39.16 6.89
C LYS D 72 21.72 -38.99 8.34
N GLU D 73 20.99 -38.19 9.10
CA GLU D 73 21.36 -37.82 10.45
C GLU D 73 21.21 -38.98 11.43
N ASP D 74 20.28 -39.89 11.10
CA ASP D 74 20.02 -41.04 11.93
C ASP D 74 20.80 -42.29 11.45
N GLU D 75 21.89 -42.01 10.72
CA GLU D 75 22.86 -43.02 10.25
C GLU D 75 22.22 -44.29 9.68
N ASN D 76 21.34 -44.15 8.70
CA ASN D 76 20.54 -45.27 8.26
C ASN D 76 21.35 -46.31 7.48
N ARG D 77 21.40 -47.54 7.99
CA ARG D 77 22.22 -48.64 7.40
C ARG D 77 21.98 -48.86 5.90
N ASN D 78 20.72 -48.92 5.52
CA ASN D 78 20.35 -49.10 4.12
C ASN D 78 20.75 -47.91 3.26
N LEU D 79 20.57 -46.69 3.77
CA LEU D 79 20.98 -45.52 3.01
C LEU D 79 22.48 -45.50 2.82
N PHE D 80 23.21 -45.80 3.89
CA PHE D 80 24.68 -45.75 3.83
C PHE D 80 25.27 -46.78 2.88
N ASP D 81 24.72 -48.00 2.86
CA ASP D 81 25.13 -49.03 1.93
C ASP D 81 24.92 -48.62 0.46
N VAL D 82 23.72 -48.12 0.12
CA VAL D 82 23.46 -47.56 -1.22
C VAL D 82 24.51 -46.52 -1.59
N GLU D 83 24.80 -45.59 -0.68
CA GLU D 83 25.78 -44.54 -0.95
C GLU D 83 27.23 -45.08 -1.10
N ARG D 84 27.59 -46.09 -0.30
CA ARG D 84 28.85 -46.80 -0.43
C ARG D 84 28.94 -47.62 -1.73
N ILE D 85 27.84 -48.27 -2.11
CA ILE D 85 27.82 -48.98 -3.40
C ILE D 85 28.05 -48.00 -4.56
N ARG D 86 27.26 -46.92 -4.61
CA ARG D 86 27.47 -45.83 -5.61
C ARG D 86 28.92 -45.36 -5.70
N GLU D 87 29.56 -45.20 -4.52
CA GLU D 87 30.91 -44.68 -4.41
C GLU D 87 31.91 -45.68 -4.94
N ALA D 88 31.64 -46.95 -4.68
CA ALA D 88 32.45 -48.06 -5.12
C ALA D 88 32.46 -48.16 -6.66
N LEU D 89 31.29 -48.06 -7.28
CA LEU D 89 31.17 -48.06 -8.75
C LEU D 89 31.98 -46.96 -9.42
N LEU D 90 32.11 -45.82 -8.74
CA LEU D 90 32.81 -44.64 -9.26
C LEU D 90 34.30 -44.90 -9.51
N LYS D 91 34.80 -46.04 -9.04
CA LYS D 91 36.24 -46.36 -9.01
C LYS D 91 36.86 -47.14 -10.17
N ASN D 92 36.07 -47.82 -11.00
CA ASN D 92 36.60 -48.44 -12.22
C ASN D 92 35.75 -47.97 -13.36
N THR D 93 36.34 -47.86 -14.55
CA THR D 93 35.60 -47.51 -15.76
C THR D 93 36.05 -48.45 -16.85
N LEU D 94 35.10 -48.87 -17.67
CA LEU D 94 35.32 -49.88 -18.70
C LEU D 94 36.36 -49.41 -19.68
N ASP D 95 37.24 -50.35 -20.06
CA ASP D 95 38.24 -50.19 -21.09
C ASP D 95 37.75 -50.68 -22.42
N ARG D 96 36.67 -51.43 -22.39
CA ARG D 96 36.11 -52.10 -23.55
C ARG D 96 34.67 -52.19 -23.28
N ASP D 97 33.90 -52.37 -24.34
CA ASP D 97 32.49 -52.65 -24.28
C ASP D 97 32.25 -53.97 -23.61
N ALA D 98 31.09 -54.13 -22.99
CA ALA D 98 30.71 -55.38 -22.36
C ALA D 98 29.35 -55.79 -22.88
N ILE D 99 29.22 -57.10 -23.11
CA ILE D 99 28.01 -57.72 -23.62
C ILE D 99 27.47 -58.72 -22.58
N GLY D 100 26.18 -58.62 -22.28
CA GLY D 100 25.54 -59.56 -21.38
C GLY D 100 24.07 -59.31 -21.16
N TYR D 101 23.59 -59.81 -20.04
CA TYR D 101 22.17 -59.84 -19.73
C TYR D 101 21.81 -58.94 -18.57
N VAL D 102 20.96 -57.97 -18.80
CA VAL D 102 20.53 -57.09 -17.72
C VAL D 102 19.35 -57.73 -17.00
N ASN D 103 19.35 -57.57 -15.67
CA ASN D 103 18.37 -58.19 -14.80
C ASN D 103 17.03 -57.44 -14.82
N PHE D 104 16.28 -57.62 -15.92
CA PHE D 104 14.88 -57.17 -16.01
C PHE D 104 13.92 -58.36 -16.01
N THR D 105 12.98 -58.37 -15.07
CA THR D 105 11.91 -59.36 -15.03
C THR D 105 10.76 -58.89 -15.94
N PRO D 106 9.86 -59.80 -16.34
CA PRO D 106 8.70 -59.35 -17.13
C PRO D 106 7.92 -58.18 -16.50
N LYS D 107 7.72 -58.19 -15.19
CA LYS D 107 6.97 -57.12 -14.49
C LYS D 107 7.62 -55.76 -14.72
N GLU D 108 8.96 -55.74 -14.77
CA GLU D 108 9.76 -54.53 -14.93
C GLU D 108 9.76 -54.07 -16.38
N LEU D 109 9.16 -54.87 -17.24
CA LEU D 109 8.92 -54.45 -18.63
C LEU D 109 7.43 -54.18 -18.85
N GLY D 110 6.69 -54.10 -17.75
CA GLY D 110 5.28 -53.79 -17.81
C GLY D 110 4.44 -54.97 -18.20
N ILE D 111 5.02 -56.18 -18.15
CA ILE D 111 4.34 -57.41 -18.58
C ILE D 111 3.75 -58.14 -17.37
N ASN D 112 2.42 -58.10 -17.28
CA ASN D 112 1.68 -58.75 -16.19
C ASN D 112 0.96 -60.07 -16.58
N PHE D 113 0.99 -60.43 -17.86
CA PHE D 113 0.40 -61.69 -18.30
C PHE D 113 1.44 -62.83 -18.32
N SER D 114 0.96 -64.06 -18.35
CA SER D 114 1.79 -65.26 -18.42
C SER D 114 2.45 -65.41 -19.78
N ILE D 115 3.71 -65.82 -19.77
CA ILE D 115 4.49 -65.91 -20.99
C ILE D 115 4.61 -67.38 -21.42
N ARG D 116 4.90 -68.23 -20.45
CA ARG D 116 5.04 -69.65 -20.70
C ARG D 116 3.70 -70.33 -20.46
N ASP D 117 3.50 -71.49 -21.08
CA ASP D 117 2.29 -72.28 -20.88
C ASP D 117 2.19 -72.71 -19.42
N VAL D 118 0.97 -72.61 -18.87
CA VAL D 118 0.68 -72.97 -17.48
C VAL D 118 0.96 -74.46 -17.19
N GLU D 119 0.42 -75.33 -18.04
CA GLU D 119 0.54 -76.76 -17.87
C GLU D 119 1.98 -77.17 -17.57
N LEU D 120 2.89 -76.86 -18.47
CA LEU D 120 4.28 -77.31 -18.36
C LEU D 120 5.28 -76.23 -17.94
N ASP D 121 4.87 -74.96 -17.97
CA ASP D 121 5.76 -73.82 -17.72
C ASP D 121 7.02 -73.90 -18.57
N ARG D 122 6.82 -74.05 -19.87
CA ARG D 122 7.92 -74.33 -20.78
C ARG D 122 7.81 -73.70 -22.20
N ASP D 123 6.59 -73.62 -22.73
CA ASP D 123 6.35 -73.21 -24.12
C ASP D 123 5.85 -71.79 -24.27
N ILE D 124 6.43 -71.06 -25.23
CA ILE D 124 6.00 -69.69 -25.58
C ILE D 124 5.52 -69.72 -27.03
N SER D 125 4.29 -69.29 -27.23
CA SER D 125 3.68 -69.25 -28.55
C SER D 125 4.10 -67.99 -29.32
N ASP D 126 3.88 -67.99 -30.63
CA ASP D 126 4.10 -66.79 -31.47
C ASP D 126 3.16 -65.68 -31.02
N GLU D 127 1.92 -66.06 -30.67
CA GLU D 127 0.93 -65.11 -30.15
C GLU D 127 1.41 -64.36 -28.89
N THR D 128 2.05 -65.07 -27.97
CA THR D 128 2.61 -64.45 -26.77
C THR D 128 3.73 -63.47 -27.16
N LEU D 129 4.54 -63.90 -28.14
CA LEU D 129 5.66 -63.11 -28.65
C LEU D 129 5.14 -61.87 -29.33
N ASP D 130 4.09 -62.00 -30.14
CA ASP D 130 3.52 -60.83 -30.80
C ASP D 130 2.97 -59.85 -29.79
N LYS D 131 2.27 -60.37 -28.78
CA LYS D 131 1.75 -59.52 -27.72
C LYS D 131 2.88 -58.77 -26.98
N VAL D 132 3.98 -59.44 -26.64
CA VAL D 132 5.04 -58.71 -25.93
C VAL D 132 5.76 -57.73 -26.87
N ARG D 133 5.87 -58.11 -28.14
CA ARG D 133 6.42 -57.20 -29.14
C ARG D 133 5.61 -55.92 -29.20
N GLN D 134 4.29 -56.02 -29.42
CA GLN D 134 3.43 -54.83 -29.49
C GLN D 134 3.57 -53.93 -28.25
N GLN D 135 3.74 -54.54 -27.08
CA GLN D 135 3.87 -53.80 -25.85
C GLN D 135 5.22 -53.14 -25.57
N ILE D 136 6.35 -53.82 -25.87
CA ILE D 136 7.67 -53.38 -25.35
C ILE D 136 8.65 -52.74 -26.36
N ILE D 137 8.48 -53.01 -27.65
CA ILE D 137 9.46 -52.55 -28.62
C ILE D 137 9.40 -51.01 -28.73
N ASN D 138 10.58 -50.38 -28.61
CA ASN D 138 10.77 -48.92 -28.69
C ASN D 138 10.31 -48.19 -27.44
N GLN D 139 9.78 -48.92 -26.47
CA GLN D 139 9.50 -48.37 -25.14
C GLN D 139 10.80 -48.33 -24.33
N GLU D 140 10.82 -47.58 -23.23
CA GLU D 140 12.01 -47.32 -22.48
C GLU D 140 11.71 -47.47 -21.01
N TYR D 141 12.28 -48.49 -20.39
CA TYR D 141 12.02 -48.89 -19.00
C TYR D 141 13.21 -48.70 -18.11
N THR D 142 13.03 -47.95 -17.02
CA THR D 142 14.12 -47.55 -16.16
C THR D 142 14.36 -48.56 -15.07
N LYS D 143 15.63 -48.93 -14.94
CA LYS D 143 16.06 -49.73 -13.80
C LYS D 143 16.44 -48.69 -12.75
N PHE D 144 15.55 -48.46 -11.79
CA PHE D 144 15.75 -47.41 -10.79
C PHE D 144 16.92 -47.77 -9.85
N SER D 145 17.04 -49.06 -9.55
CA SER D 145 18.15 -49.51 -8.73
C SER D 145 19.42 -49.67 -9.61
N PHE D 146 20.53 -50.04 -8.99
CA PHE D 146 21.71 -50.52 -9.73
C PHE D 146 21.23 -51.61 -10.70
N ILE D 147 22.01 -51.89 -11.73
CA ILE D 147 21.62 -52.87 -12.75
C ILE D 147 22.75 -53.89 -12.84
N SER D 148 22.40 -55.17 -12.97
CA SER D 148 23.39 -56.21 -13.10
C SER D 148 23.50 -56.62 -14.54
N LEU D 149 24.72 -56.96 -14.95
CA LEU D 149 24.96 -57.49 -16.28
C LEU D 149 25.66 -58.84 -16.14
N GLY D 150 24.89 -59.90 -16.28
CA GLY D 150 25.41 -61.25 -16.20
C GLY D 150 26.17 -61.52 -17.48
N LEU D 151 27.34 -62.12 -17.33
CA LEU D 151 28.31 -62.19 -18.40
C LEU D 151 28.23 -63.48 -19.22
N ASN D 152 27.58 -64.49 -18.66
CA ASN D 152 27.35 -65.74 -19.39
C ASN D 152 26.01 -66.41 -19.00
N ASP D 153 25.76 -67.60 -19.53
CA ASP D 153 24.47 -68.28 -19.41
C ASP D 153 24.12 -68.80 -18.01
N ASN D 154 25.11 -68.94 -17.13
CA ASN D 154 24.83 -69.19 -15.70
C ASN D 154 24.08 -68.05 -14.99
N SER D 155 24.11 -66.86 -15.58
CA SER D 155 23.34 -65.77 -15.04
C SER D 155 21.86 -65.90 -15.41
N ILE D 156 21.54 -66.80 -16.32
CA ILE D 156 20.14 -66.92 -16.70
C ILE D 156 19.39 -67.71 -15.62
N ASN D 157 18.35 -67.07 -15.08
CA ASN D 157 17.47 -67.68 -14.10
C ASN D 157 16.36 -68.33 -14.91
N GLU D 158 16.26 -69.64 -14.76
CA GLU D 158 15.32 -70.46 -15.52
C GLU D 158 13.85 -70.08 -15.30
N SER D 159 13.49 -69.73 -14.06
CA SER D 159 12.11 -69.33 -13.74
C SER D 159 11.70 -67.97 -14.31
N VAL D 160 12.67 -67.22 -14.81
CA VAL D 160 12.43 -65.94 -15.45
C VAL D 160 12.36 -66.17 -16.97
N PRO D 161 11.16 -66.03 -17.59
CA PRO D 161 10.88 -66.38 -19.00
C PRO D 161 11.40 -65.37 -20.04
N VAL D 162 12.15 -64.39 -19.57
CA VAL D 162 12.62 -63.32 -20.40
C VAL D 162 14.13 -63.21 -20.19
N ILE D 163 14.85 -62.96 -21.28
CA ILE D 163 16.28 -62.70 -21.24
C ILE D 163 16.50 -61.36 -21.91
N VAL D 164 17.22 -60.45 -21.24
CA VAL D 164 17.41 -59.12 -21.84
C VAL D 164 18.86 -58.90 -22.14
N LYS D 165 19.21 -58.98 -23.42
CA LYS D 165 20.59 -58.85 -23.82
C LYS D 165 20.95 -57.42 -24.29
N THR D 166 22.06 -56.90 -23.76
CA THR D 166 22.48 -55.56 -24.16
C THR D 166 24.01 -55.42 -24.15
N ARG D 167 24.46 -54.19 -24.39
CA ARG D 167 25.87 -53.84 -24.42
C ARG D 167 26.10 -52.53 -23.67
N VAL D 168 27.13 -52.55 -22.81
CA VAL D 168 27.62 -51.37 -22.10
C VAL D 168 28.90 -50.84 -22.82
N PRO D 169 28.93 -49.54 -23.17
CA PRO D 169 30.09 -49.02 -23.90
C PRO D 169 31.26 -48.82 -22.96
N THR D 170 32.46 -48.86 -23.53
CA THR D 170 33.66 -48.48 -22.79
C THR D 170 33.56 -47.03 -22.26
N THR D 171 34.32 -46.79 -21.19
CA THR D 171 34.36 -45.58 -20.32
C THR D 171 33.29 -45.54 -19.24
N PHE D 172 32.29 -46.42 -19.31
CA PHE D 172 31.28 -46.41 -18.27
C PHE D 172 31.74 -47.08 -16.95
N ASP D 173 31.20 -46.59 -15.84
CA ASP D 173 31.57 -47.05 -14.49
C ASP D 173 31.01 -48.46 -14.26
N TYR D 174 31.74 -49.25 -13.47
CA TYR D 174 31.29 -50.61 -13.25
C TYR D 174 32.04 -51.25 -12.12
N GLY D 175 31.48 -52.36 -11.64
CA GLY D 175 32.20 -53.28 -10.75
C GLY D 175 31.96 -54.71 -11.23
N VAL D 176 32.75 -55.64 -10.76
CA VAL D 176 32.62 -57.05 -11.10
C VAL D 176 32.37 -57.84 -9.81
N LEU D 177 31.37 -58.71 -9.85
CA LEU D 177 31.10 -59.60 -8.73
C LEU D 177 31.19 -61.02 -9.22
N ASN D 178 32.12 -61.76 -8.63
CA ASN D 178 32.37 -63.12 -8.98
C ASN D 178 31.81 -64.02 -7.87
N ASP D 179 30.61 -64.54 -8.14
CA ASP D 179 29.84 -65.32 -7.17
C ASP D 179 30.02 -66.79 -7.51
N LYS D 180 29.53 -67.70 -6.67
CA LYS D 180 29.60 -69.15 -6.91
C LYS D 180 29.63 -69.53 -8.41
N GLU D 181 28.48 -69.52 -9.09
CA GLU D 181 28.43 -69.94 -10.52
C GLU D 181 28.52 -68.77 -11.50
N THR D 182 28.30 -67.59 -10.96
CA THR D 182 27.99 -66.39 -11.67
C THR D 182 29.15 -65.41 -11.71
N VAL D 183 29.20 -64.67 -12.82
CA VAL D 183 30.07 -63.49 -12.98
C VAL D 183 29.21 -62.41 -13.64
N SER D 184 29.21 -61.23 -13.04
CA SER D 184 28.44 -60.12 -13.56
C SER D 184 29.14 -58.79 -13.30
N LEU D 185 28.74 -57.80 -14.08
CA LEU D 185 29.05 -56.41 -13.79
C LEU D 185 27.91 -55.76 -13.04
N LEU D 186 28.28 -54.82 -12.19
CA LEU D 186 27.33 -53.99 -11.52
C LEU D 186 27.53 -52.63 -12.11
N LEU D 187 26.42 -51.99 -12.40
CA LEU D 187 26.42 -50.67 -12.96
C LEU D 187 25.56 -49.73 -12.11
N ASN D 188 25.74 -48.43 -12.35
CA ASN D 188 25.03 -47.37 -11.62
C ASN D 188 23.49 -47.47 -11.72
N GLN D 189 22.82 -46.89 -10.73
CA GLN D 189 21.37 -46.70 -10.79
C GLN D 189 20.96 -45.87 -12.00
N GLY D 190 19.76 -46.07 -12.50
CA GLY D 190 19.16 -45.11 -13.41
C GLY D 190 19.28 -45.29 -14.89
N PHE D 191 19.84 -46.42 -15.32
CA PHE D 191 19.84 -46.78 -16.72
C PHE D 191 18.48 -47.31 -17.14
N SER D 192 18.15 -47.05 -18.40
CA SER D 192 16.95 -47.56 -19.02
C SER D 192 17.33 -48.56 -20.10
N ILE D 193 16.40 -49.49 -20.33
CA ILE D 193 16.52 -50.38 -21.47
C ILE D 193 15.48 -49.97 -22.54
N ILE D 194 15.90 -49.93 -23.80
CA ILE D 194 14.95 -49.76 -24.90
C ILE D 194 14.95 -51.06 -25.70
N PRO D 195 13.93 -51.94 -25.53
CA PRO D 195 13.85 -53.16 -26.33
C PRO D 195 13.72 -52.86 -27.81
N GLU D 196 14.54 -53.54 -28.60
CA GLU D 196 14.65 -53.27 -30.04
C GLU D 196 14.14 -54.42 -30.90
N SER D 197 14.23 -55.62 -30.31
CA SER D 197 13.67 -56.81 -30.89
C SER D 197 13.44 -57.84 -29.78
N ALA D 198 12.58 -58.82 -30.10
CA ALA D 198 12.29 -59.95 -29.22
C ALA D 198 12.02 -61.15 -30.08
N ILE D 199 12.61 -62.29 -29.73
CA ILE D 199 12.34 -63.55 -30.40
C ILE D 199 12.15 -64.61 -29.31
N ILE D 200 11.68 -65.79 -29.70
CA ILE D 200 11.64 -66.96 -28.82
C ILE D 200 12.88 -67.79 -29.12
N THR D 201 13.65 -68.05 -28.06
CA THR D 201 14.73 -69.03 -28.14
C THR D 201 14.46 -70.15 -27.13
N THR D 202 15.23 -71.21 -27.19
CA THR D 202 15.07 -72.34 -26.27
C THR D 202 16.42 -72.60 -25.63
N ILE D 203 16.45 -72.82 -24.31
CA ILE D 203 17.65 -73.32 -23.67
C ILE D 203 17.27 -74.44 -22.68
N LYS D 204 17.79 -75.65 -22.96
CA LYS D 204 17.50 -76.89 -22.21
C LYS D 204 16.00 -77.22 -22.11
N GLY D 205 15.32 -77.22 -23.26
CA GLY D 205 13.89 -77.58 -23.29
C GLY D 205 12.91 -76.44 -23.02
N LYS D 206 13.38 -75.38 -22.35
CA LYS D 206 12.56 -74.24 -21.97
C LYS D 206 12.70 -73.09 -22.93
N ASP D 207 11.55 -72.53 -23.32
CA ASP D 207 11.50 -71.34 -24.15
C ASP D 207 11.74 -70.08 -23.32
N TYR D 208 12.38 -69.10 -23.95
CA TYR D 208 12.53 -67.76 -23.38
C TYR D 208 12.21 -66.73 -24.45
N ILE D 209 11.81 -65.54 -24.03
CA ILE D 209 11.82 -64.47 -25.00
C ILE D 209 13.14 -63.73 -24.83
N LEU D 210 13.95 -63.77 -25.89
CA LEU D 210 15.22 -63.10 -25.90
C LEU D 210 14.97 -61.71 -26.44
N ILE D 211 15.13 -60.72 -25.55
CA ILE D 211 14.95 -59.33 -25.90
C ILE D 211 16.33 -58.71 -26.09
N GLU D 212 16.52 -58.09 -27.25
CA GLU D 212 17.72 -57.34 -27.42
C GLU D 212 17.41 -55.85 -27.47
N GLY D 213 18.22 -55.05 -26.80
CA GLY D 213 18.06 -53.60 -26.83
C GLY D 213 19.24 -52.76 -26.41
N SER D 214 19.03 -51.44 -26.38
CA SER D 214 20.07 -50.49 -26.02
C SER D 214 19.83 -49.93 -24.63
N LEU D 215 20.91 -49.80 -23.86
CA LEU D 215 20.81 -49.04 -22.61
C LEU D 215 20.76 -47.54 -22.93
N SER D 216 19.96 -46.80 -22.16
CA SER D 216 19.94 -45.34 -22.28
C SER D 216 19.84 -44.65 -20.93
N GLN D 217 20.06 -43.34 -20.94
CA GLN D 217 19.84 -42.47 -19.78
C GLN D 217 18.78 -41.45 -20.22
N GLU D 218 17.68 -41.35 -19.48
CA GLU D 218 16.67 -40.33 -19.82
C GLU D 218 16.77 -39.32 -18.69
N LEU D 219 16.66 -38.04 -19.02
CA LEU D 219 16.81 -36.96 -18.05
C LEU D 219 15.77 -37.05 -16.93
N ASP D 220 16.22 -37.31 -15.70
CA ASP D 220 15.33 -37.52 -14.58
C ASP D 220 16.04 -37.04 -13.33
N PHE D 221 15.41 -36.12 -12.60
CA PHE D 221 16.01 -35.60 -11.36
C PHE D 221 15.49 -36.28 -10.09
N TYR D 222 14.55 -37.22 -10.24
CA TYR D 222 13.91 -37.93 -9.11
C TYR D 222 13.46 -36.95 -8.04
N ASN D 223 13.89 -37.17 -6.81
CA ASN D 223 13.53 -36.32 -5.70
C ASN D 223 14.36 -35.02 -5.56
N LYS D 224 15.51 -34.95 -6.23
CA LYS D 224 16.36 -33.76 -6.13
C LYS D 224 15.79 -32.56 -6.87
N GLY D 225 15.10 -32.82 -7.98
CA GLY D 225 14.72 -31.77 -8.90
C GLY D 225 15.94 -31.11 -9.55
N SER D 226 15.69 -30.00 -10.24
CA SER D 226 16.78 -29.20 -10.78
C SER D 226 16.38 -27.74 -10.75
N GLU D 227 17.12 -26.93 -10.01
CA GLU D 227 16.89 -25.48 -10.03
C GLU D 227 17.38 -24.96 -11.39
N ALA D 228 18.58 -25.39 -11.75
CA ALA D 228 19.24 -25.11 -13.02
C ALA D 228 18.41 -25.38 -14.29
N TRP D 229 17.76 -26.54 -14.36
CA TRP D 229 17.10 -26.94 -15.62
C TRP D 229 16.05 -25.91 -16.12
N GLY D 230 15.16 -25.48 -15.24
CA GLY D 230 14.13 -24.49 -15.55
C GLY D 230 14.67 -23.12 -15.92
N ALA D 231 15.66 -22.64 -15.20
CA ALA D 231 16.23 -21.33 -15.47
C ALA D 231 16.91 -21.37 -16.82
N GLU D 232 17.68 -22.43 -17.09
CA GLU D 232 18.39 -22.56 -18.36
C GLU D 232 17.42 -22.63 -19.54
N ASN D 233 16.32 -23.37 -19.39
CA ASN D 233 15.41 -23.62 -20.47
C ASN D 233 14.23 -22.65 -20.53
N TYR D 234 13.88 -22.07 -19.39
CA TYR D 234 12.72 -21.15 -19.37
C TYR D 234 13.05 -19.71 -18.89
N GLY D 235 14.35 -19.49 -18.67
CA GLY D 235 14.89 -18.17 -18.35
C GLY D 235 14.28 -17.05 -19.16
N ASP D 236 14.14 -17.24 -20.48
CA ASP D 236 13.62 -16.20 -21.38
C ASP D 236 12.14 -16.35 -21.76
N TYR D 237 11.46 -17.31 -21.15
CA TYR D 237 10.06 -17.61 -21.51
C TYR D 237 9.10 -16.41 -21.39
N ILE D 238 9.07 -15.78 -20.23
CA ILE D 238 8.28 -14.57 -20.05
C ILE D 238 8.51 -13.50 -21.15
N SER D 239 9.76 -13.29 -21.56
CA SER D 239 10.03 -12.30 -22.61
C SER D 239 9.47 -12.71 -23.99
N LYS D 240 9.07 -13.97 -24.14
CA LYS D 240 8.55 -14.45 -25.40
C LYS D 240 7.02 -14.34 -25.46
N LEU D 241 6.39 -14.18 -24.30
CA LEU D 241 4.94 -14.11 -24.23
C LEU D 241 4.47 -12.72 -24.57
N SER D 242 3.27 -12.64 -25.12
CA SER D 242 2.62 -11.35 -25.33
C SER D 242 2.03 -10.93 -23.99
N HIS D 243 1.75 -9.64 -23.85
CA HIS D 243 1.17 -9.06 -22.63
C HIS D 243 -0.06 -9.83 -22.16
N GLU D 244 -0.92 -10.19 -23.10
CA GLU D 244 -2.15 -10.93 -22.80
C GLU D 244 -1.93 -12.40 -22.42
N GLN D 245 -0.94 -13.07 -23.03
CA GLN D 245 -0.59 -14.45 -22.66
C GLN D 245 0.01 -14.46 -21.27
N LEU D 246 0.87 -13.48 -21.01
CA LEU D 246 1.51 -13.32 -19.71
C LEU D 246 0.47 -13.14 -18.58
N GLY D 247 -0.47 -12.23 -18.76
CA GLY D 247 -1.50 -11.93 -17.76
C GLY D 247 -2.44 -13.09 -17.49
N ALA D 248 -2.92 -13.74 -18.54
CA ALA D 248 -3.70 -14.99 -18.45
C ALA D 248 -2.99 -16.11 -17.66
N LEU D 249 -1.75 -16.40 -18.04
CA LEU D 249 -0.96 -17.43 -17.34
C LEU D 249 -0.69 -17.07 -15.87
N GLU D 250 -0.35 -15.81 -15.62
CA GLU D 250 -0.10 -15.37 -14.24
C GLU D 250 -1.40 -15.41 -13.42
N GLY D 251 -2.50 -14.99 -14.06
CA GLY D 251 -3.83 -15.15 -13.50
C GLY D 251 -4.12 -16.59 -13.14
N TYR D 252 -3.77 -17.52 -14.02
CA TYR D 252 -4.00 -18.94 -13.76
C TYR D 252 -3.23 -19.36 -12.52
N LEU D 253 -1.97 -18.93 -12.43
CA LEU D 253 -1.08 -19.43 -11.37
C LEU D 253 -1.49 -18.86 -10.03
N HIS D 254 -1.97 -17.62 -10.04
CA HIS D 254 -2.27 -16.92 -8.79
C HIS D 254 -3.69 -16.95 -8.29
N SER D 255 -4.69 -17.07 -9.18
CA SER D 255 -6.08 -16.89 -8.74
C SER D 255 -7.10 -17.75 -9.47
N ASP D 256 -6.89 -17.92 -10.78
CA ASP D 256 -7.92 -18.47 -11.63
C ASP D 256 -7.92 -19.98 -11.77
N TYR D 257 -6.97 -20.67 -11.14
CA TYR D 257 -6.83 -22.09 -11.50
C TYR D 257 -7.96 -23.00 -11.08
N LYS D 258 -8.45 -22.80 -9.86
CA LYS D 258 -9.54 -23.55 -9.29
C LYS D 258 -10.79 -23.45 -10.18
N ALA D 259 -11.16 -22.22 -10.55
CA ALA D 259 -12.33 -21.99 -11.38
C ALA D 259 -12.13 -22.51 -12.79
N ILE D 260 -10.97 -22.23 -13.38
CA ILE D 260 -10.61 -22.73 -14.71
C ILE D 260 -10.61 -24.28 -14.81
N ASN D 261 -9.93 -24.92 -13.88
CA ASN D 261 -9.83 -26.38 -13.85
C ASN D 261 -11.19 -27.06 -13.68
N SER D 262 -12.03 -26.52 -12.80
CA SER D 262 -13.37 -27.05 -12.62
C SER D 262 -14.25 -26.81 -13.86
N TYR D 263 -14.24 -25.59 -14.40
CA TYR D 263 -14.95 -25.25 -15.63
C TYR D 263 -14.63 -26.29 -16.69
N LEU D 264 -13.33 -26.57 -16.89
CA LEU D 264 -12.89 -27.53 -17.89
C LEU D 264 -13.33 -28.98 -17.62
N ARG D 265 -13.20 -29.41 -16.37
CA ARG D 265 -13.65 -30.74 -15.94
C ARG D 265 -15.14 -30.91 -16.11
N ASN D 266 -15.84 -29.77 -16.09
CA ASN D 266 -17.28 -29.71 -16.27
C ASN D 266 -17.64 -29.60 -17.73
N ASN D 267 -16.65 -29.79 -18.63
CA ASN D 267 -16.86 -29.74 -20.08
C ASN D 267 -17.39 -28.38 -20.50
N ARG D 268 -16.99 -27.36 -19.74
CA ARG D 268 -17.35 -25.97 -20.00
C ARG D 268 -18.85 -25.65 -19.96
N VAL D 269 -19.61 -26.31 -19.08
CA VAL D 269 -21.00 -25.90 -18.93
C VAL D 269 -21.31 -25.37 -17.53
N PRO D 270 -22.07 -24.25 -17.46
CA PRO D 270 -22.56 -23.51 -18.63
C PRO D 270 -21.41 -22.69 -19.20
N ASN D 271 -21.59 -22.21 -20.42
CA ASN D 271 -20.58 -21.41 -21.12
C ASN D 271 -20.12 -20.18 -20.33
N ASN D 272 -18.81 -20.02 -20.18
CA ASN D 272 -18.24 -18.85 -19.54
C ASN D 272 -17.15 -18.24 -20.42
N ASP D 273 -17.51 -17.18 -21.12
CA ASP D 273 -16.64 -16.52 -22.11
C ASP D 273 -15.44 -15.83 -21.48
N GLU D 274 -15.59 -15.25 -20.30
CA GLU D 274 -14.41 -14.78 -19.57
C GLU D 274 -13.38 -15.94 -19.39
N LEU D 275 -13.87 -17.13 -19.02
CA LEU D 275 -12.98 -18.27 -18.81
C LEU D 275 -12.41 -18.79 -20.12
N ASN D 276 -13.23 -18.86 -21.17
CA ASN D 276 -12.77 -19.22 -22.51
C ASN D 276 -11.57 -18.39 -22.98
N LYS D 277 -11.64 -17.07 -22.84
CA LYS D 277 -10.57 -16.19 -23.29
C LYS D 277 -9.30 -16.45 -22.48
N LYS D 278 -9.40 -16.56 -21.17
CA LYS D 278 -8.24 -16.92 -20.34
C LYS D 278 -7.65 -18.25 -20.76
N ILE D 279 -8.52 -19.25 -20.93
CA ILE D 279 -8.11 -20.60 -21.35
C ILE D 279 -7.38 -20.62 -22.70
N GLU D 280 -7.98 -19.98 -23.71
CA GLU D 280 -7.36 -19.82 -25.02
C GLU D 280 -5.94 -19.24 -24.87
N LEU D 281 -5.82 -18.16 -24.09
CA LEU D 281 -4.52 -17.51 -23.91
C LEU D 281 -3.52 -18.35 -23.11
N ILE D 282 -4.00 -19.19 -22.19
CA ILE D 282 -3.08 -20.02 -21.40
C ILE D 282 -2.55 -21.09 -22.35
N SER D 283 -3.45 -21.76 -23.03
CA SER D 283 -3.04 -22.76 -24.01
C SER D 283 -1.99 -22.24 -24.97
N SER D 284 -2.23 -21.06 -25.54
CA SER D 284 -1.30 -20.59 -26.54
C SER D 284 0.00 -20.13 -25.88
N ALA D 285 -0.08 -19.52 -24.70
CA ALA D 285 1.16 -19.30 -23.88
C ALA D 285 2.06 -20.54 -23.83
N LEU D 286 1.43 -21.71 -23.68
CA LEU D 286 2.14 -22.94 -23.37
C LEU D 286 2.73 -23.55 -24.62
N SER D 287 2.22 -23.15 -25.79
CA SER D 287 2.85 -23.50 -27.06
C SER D 287 4.02 -22.57 -27.49
N VAL D 288 4.22 -21.45 -26.79
CA VAL D 288 5.30 -20.52 -27.13
C VAL D 288 6.69 -21.15 -27.02
N LYS D 289 6.97 -21.88 -25.94
CA LYS D 289 8.24 -22.59 -25.83
C LYS D 289 8.07 -24.07 -25.42
N PRO D 290 7.69 -24.92 -26.40
CA PRO D 290 7.47 -26.35 -26.19
C PRO D 290 8.66 -26.98 -25.46
N ILE D 291 8.41 -27.99 -24.63
CA ILE D 291 9.48 -28.70 -23.93
C ILE D 291 10.69 -28.98 -24.88
N PRO D 292 11.89 -28.45 -24.54
CA PRO D 292 13.05 -28.44 -25.47
C PRO D 292 13.81 -29.77 -25.57
N GLN D 293 13.68 -30.60 -24.54
CA GLN D 293 14.22 -31.93 -24.57
C GLN D 293 13.36 -32.89 -23.75
N THR D 294 13.23 -34.13 -24.20
CA THR D 294 12.57 -35.18 -23.43
C THR D 294 13.10 -35.25 -21.99
N LEU D 295 12.20 -35.25 -21.02
CA LEU D 295 12.58 -35.40 -19.63
C LEU D 295 11.42 -35.96 -18.83
N ILE D 296 11.77 -36.43 -17.63
CA ILE D 296 10.80 -36.93 -16.68
C ILE D 296 10.32 -35.78 -15.82
N ALA D 297 9.00 -35.69 -15.64
CA ALA D 297 8.36 -34.81 -14.65
C ALA D 297 7.39 -35.63 -13.74
N TYR D 298 7.01 -35.07 -12.61
CA TYR D 298 6.24 -35.82 -11.65
C TYR D 298 4.95 -35.17 -11.21
N ARG D 299 3.91 -35.98 -11.09
CA ARG D 299 2.67 -35.56 -10.47
C ARG D 299 2.16 -36.64 -9.47
N ARG D 300 2.16 -36.30 -8.20
CA ARG D 300 1.59 -37.19 -7.19
C ARG D 300 0.09 -36.86 -6.96
N VAL D 301 -0.75 -37.88 -7.01
CA VAL D 301 -2.17 -37.78 -6.84
C VAL D 301 -2.55 -38.86 -5.82
N ASP D 302 -3.77 -38.78 -5.30
CA ASP D 302 -4.30 -39.79 -4.42
C ASP D 302 -5.11 -40.81 -5.23
N GLY D 303 -5.87 -41.66 -4.54
CA GLY D 303 -6.74 -42.65 -5.17
C GLY D 303 -7.69 -42.15 -6.25
N ILE D 304 -8.09 -40.89 -6.16
CA ILE D 304 -9.22 -40.34 -6.95
C ILE D 304 -9.20 -40.54 -8.47
N PRO D 305 -8.06 -40.30 -9.15
CA PRO D 305 -8.09 -40.59 -10.61
C PRO D 305 -8.35 -42.06 -10.96
N PHE D 306 -8.26 -42.94 -9.96
CA PHE D 306 -8.44 -44.38 -10.13
C PHE D 306 -9.71 -44.95 -9.49
N ASP D 307 -10.63 -44.03 -9.13
CA ASP D 307 -11.86 -44.39 -8.43
C ASP D 307 -11.65 -45.18 -7.13
N LEU D 308 -10.53 -44.92 -6.48
CA LEU D 308 -10.27 -45.42 -5.13
C LEU D 308 -10.58 -44.34 -4.08
N PRO D 309 -10.92 -44.77 -2.83
CA PRO D 309 -11.11 -43.74 -1.78
C PRO D 309 -9.83 -42.94 -1.58
N SER D 310 -9.97 -41.66 -1.24
CA SER D 310 -8.82 -40.74 -1.17
C SER D 310 -7.80 -41.20 -0.13
N ASP D 311 -8.28 -41.92 0.88
CA ASP D 311 -7.44 -42.52 1.91
C ASP D 311 -7.06 -43.98 1.62
N PHE D 312 -7.29 -44.45 0.39
CA PHE D 312 -6.95 -45.82 -0.02
C PHE D 312 -5.50 -46.08 0.30
N SER D 313 -5.24 -47.24 0.91
CA SER D 313 -3.92 -47.60 1.36
C SER D 313 -3.51 -48.93 0.72
N PHE D 314 -2.26 -49.03 0.29
CA PHE D 314 -1.70 -50.30 -0.21
C PHE D 314 -1.04 -51.09 0.90
N ASP D 315 -1.22 -50.66 2.15
CA ASP D 315 -0.77 -51.46 3.29
C ASP D 315 -1.97 -52.14 4.00
N LYS D 316 -1.62 -53.04 4.91
CA LYS D 316 -2.61 -53.66 5.77
C LYS D 316 -1.90 -54.05 7.05
N LYS D 317 -2.66 -54.05 8.14
CA LYS D 317 -2.21 -54.61 9.41
C LYS D 317 -2.42 -56.11 9.36
N GLU D 318 -1.33 -56.85 9.29
CA GLU D 318 -1.41 -58.29 9.41
C GLU D 318 -0.68 -58.70 10.69
N ASN D 319 -1.43 -59.28 11.64
CA ASN D 319 -0.91 -59.72 12.95
C ASN D 319 0.05 -58.65 13.55
N GLY D 320 -0.57 -57.64 14.19
CA GLY D 320 0.15 -56.51 14.79
C GLY D 320 0.92 -55.59 13.84
N GLU D 321 1.79 -56.18 13.01
CA GLU D 321 2.70 -55.42 12.12
C GLU D 321 2.07 -54.81 10.86
N ILE D 322 2.62 -53.68 10.38
CA ILE D 322 2.18 -53.09 9.10
C ILE D 322 3.05 -53.51 7.91
N ILE D 323 2.39 -54.27 7.03
CA ILE D 323 3.00 -54.93 5.88
C ILE D 323 2.26 -54.48 4.62
N ALA D 324 2.83 -54.76 3.45
CA ALA D 324 2.21 -54.36 2.18
C ALA D 324 1.04 -55.25 1.78
N ASP D 325 0.00 -54.64 1.20
CA ASP D 325 -1.10 -55.41 0.63
C ASP D 325 -0.75 -55.87 -0.80
N LYS D 326 -0.27 -57.12 -0.89
CA LYS D 326 0.26 -57.70 -2.13
C LYS D 326 -0.86 -57.90 -3.16
N GLN D 327 -2.01 -58.39 -2.70
CA GLN D 327 -3.21 -58.52 -3.53
C GLN D 327 -3.66 -57.15 -4.13
N LYS D 328 -3.66 -56.11 -3.31
CA LYS D 328 -4.01 -54.75 -3.74
C LYS D 328 -3.06 -54.23 -4.81
N LEU D 329 -1.77 -54.46 -4.61
CA LEU D 329 -0.73 -54.03 -5.58
C LEU D 329 -0.91 -54.71 -6.93
N ASN D 330 -0.97 -56.05 -6.91
CA ASN D 330 -1.20 -56.88 -8.09
C ASN D 330 -2.47 -56.52 -8.88
N GLU D 331 -3.60 -56.43 -8.19
CA GLU D 331 -4.86 -56.07 -8.84
C GLU D 331 -4.79 -54.67 -9.43
N PHE D 332 -4.17 -53.75 -8.71
CA PHE D 332 -4.01 -52.40 -9.24
C PHE D 332 -3.08 -52.38 -10.46
N ILE D 333 -1.94 -53.08 -10.37
CA ILE D 333 -0.98 -53.14 -11.48
C ILE D 333 -1.64 -53.79 -12.70
N ASP D 334 -2.26 -54.94 -12.53
CA ASP D 334 -2.95 -55.66 -13.61
C ASP D 334 -3.94 -54.78 -14.36
N LYS D 335 -4.74 -54.05 -13.59
CA LYS D 335 -5.78 -53.22 -14.16
C LYS D 335 -5.26 -51.98 -14.90
N TRP D 336 -4.37 -51.20 -14.28
CA TRP D 336 -4.01 -49.87 -14.83
C TRP D 336 -2.85 -49.84 -15.81
N THR D 337 -2.05 -50.91 -15.83
CA THR D 337 -0.99 -51.04 -16.85
C THR D 337 -1.62 -51.09 -18.24
N GLY D 338 -1.25 -50.13 -19.09
CA GLY D 338 -1.80 -50.04 -20.45
C GLY D 338 -2.93 -49.04 -20.60
N LYS D 339 -3.54 -48.63 -19.49
CA LYS D 339 -4.61 -47.65 -19.49
C LYS D 339 -4.15 -46.22 -19.80
N GLU D 340 -5.05 -45.43 -20.39
CA GLU D 340 -4.79 -44.02 -20.65
C GLU D 340 -5.47 -43.20 -19.58
N ILE D 341 -4.79 -42.16 -19.10
CA ILE D 341 -5.38 -41.21 -18.15
C ILE D 341 -5.56 -39.85 -18.82
N GLU D 342 -6.80 -39.31 -18.80
CA GLU D 342 -7.14 -38.00 -19.39
C GLU D 342 -7.13 -36.87 -18.37
N ASN D 343 -6.66 -35.71 -18.82
CA ASN D 343 -6.76 -34.46 -18.07
C ASN D 343 -7.43 -33.40 -18.90
N LEU D 344 -8.66 -33.10 -18.51
CA LEU D 344 -9.51 -32.13 -19.16
C LEU D 344 -8.99 -30.75 -18.86
N SER D 345 -8.32 -30.63 -17.72
CA SER D 345 -7.72 -29.38 -17.38
C SER D 345 -6.21 -29.37 -17.58
N PHE D 346 -5.65 -28.18 -17.41
CA PHE D 346 -4.21 -28.01 -17.30
C PHE D 346 -3.68 -28.86 -16.13
N SER D 347 -2.51 -29.45 -16.34
CA SER D 347 -1.93 -30.15 -15.24
C SER D 347 -0.53 -29.69 -14.85
N SER D 348 -0.43 -29.58 -13.55
CA SER D 348 0.70 -29.17 -12.81
C SER D 348 1.58 -30.41 -12.59
N THR D 349 2.84 -30.20 -12.88
CA THR D 349 3.87 -31.21 -12.83
C THR D 349 5.08 -30.58 -12.11
N SER D 350 5.96 -31.42 -11.59
CA SER D 350 7.20 -30.95 -10.94
C SER D 350 8.44 -31.80 -11.29
N LEU D 351 9.58 -31.13 -11.40
CA LEU D 351 10.88 -31.80 -11.50
C LEU D 351 11.25 -32.64 -10.23
N LYS D 352 10.71 -32.29 -9.07
CA LYS D 352 10.85 -33.13 -7.87
C LYS D 352 9.77 -34.18 -7.79
N SER D 353 10.19 -35.43 -7.64
CA SER D 353 9.26 -36.52 -7.46
C SER D 353 8.42 -36.49 -6.16
N THR D 354 8.96 -35.90 -5.08
CA THR D 354 8.38 -36.01 -3.73
C THR D 354 8.43 -34.71 -2.90
N PRO D 355 7.73 -33.64 -3.38
CA PRO D 355 7.58 -32.45 -2.51
C PRO D 355 6.93 -32.90 -1.22
N SER D 356 7.53 -32.60 -0.07
CA SER D 356 7.14 -33.25 1.17
C SER D 356 5.65 -33.04 1.55
N SER D 357 5.06 -31.95 1.07
CA SER D 357 3.64 -31.66 1.25
C SER D 357 2.74 -32.75 0.67
N PHE D 358 3.28 -33.51 -0.28
CA PHE D 358 2.53 -34.54 -1.00
C PHE D 358 3.12 -35.92 -0.73
N SER D 359 3.87 -36.03 0.36
CA SER D 359 4.56 -37.24 0.76
C SER D 359 3.65 -38.46 0.93
N LYS D 360 2.38 -38.24 1.25
CA LYS D 360 1.46 -39.35 1.42
C LYS D 360 0.57 -39.59 0.20
N SER D 361 0.76 -38.81 -0.87
CA SER D 361 0.06 -39.11 -2.14
C SER D 361 0.72 -40.33 -2.79
N ARG D 362 0.05 -41.47 -2.68
CA ARG D 362 0.59 -42.79 -2.99
C ARG D 362 0.76 -43.16 -4.46
N PHE D 363 0.20 -42.35 -5.35
CA PHE D 363 0.15 -42.63 -6.79
C PHE D 363 1.04 -41.61 -7.53
N ILE D 364 2.22 -42.08 -7.93
CA ILE D 364 3.26 -41.21 -8.42
C ILE D 364 3.34 -41.29 -9.93
N PHE D 365 2.70 -40.37 -10.65
CA PHE D 365 2.91 -40.35 -12.09
C PHE D 365 4.35 -39.94 -12.37
N ARG D 366 5.09 -40.86 -13.01
CA ARG D 366 6.40 -40.56 -13.52
C ARG D 366 6.20 -40.37 -15.05
N LEU D 367 6.13 -39.10 -15.45
CA LEU D 367 5.67 -38.68 -16.78
C LEU D 367 6.82 -38.38 -17.74
N ARG D 368 6.88 -39.12 -18.83
CA ARG D 368 7.85 -38.79 -19.87
C ARG D 368 7.26 -37.66 -20.69
N LEU D 369 7.92 -36.50 -20.60
CA LEU D 369 7.58 -35.33 -21.38
C LEU D 369 8.46 -35.29 -22.62
N SER D 370 7.85 -35.62 -23.77
CA SER D 370 8.54 -35.69 -25.05
C SER D 370 8.93 -34.32 -25.53
N GLU D 371 10.12 -34.21 -26.14
CA GLU D 371 10.52 -32.98 -26.82
C GLU D 371 9.36 -32.47 -27.67
N GLY D 372 9.08 -31.17 -27.53
CA GLY D 372 7.97 -30.52 -28.26
C GLY D 372 6.61 -30.62 -27.57
N ALA D 373 6.54 -31.22 -26.37
CA ALA D 373 5.30 -31.29 -25.60
C ALA D 373 4.88 -29.88 -25.25
N ILE D 374 3.56 -29.64 -25.30
CA ILE D 374 2.97 -28.33 -24.96
C ILE D 374 2.92 -28.16 -23.42
N GLY D 375 3.82 -27.34 -22.91
CA GLY D 375 4.00 -27.15 -21.48
C GLY D 375 5.09 -26.14 -21.29
N ALA D 376 5.21 -25.59 -20.09
CA ALA D 376 6.28 -24.64 -19.82
C ALA D 376 6.66 -24.76 -18.38
N PHE D 377 7.95 -24.51 -18.11
CA PHE D 377 8.46 -24.46 -16.75
C PHE D 377 8.17 -23.08 -16.20
N ILE D 378 7.70 -23.05 -14.95
CA ILE D 378 7.22 -21.81 -14.35
C ILE D 378 8.40 -21.09 -13.73
N TYR D 379 8.90 -20.13 -14.49
CA TYR D 379 10.08 -19.36 -14.15
C TYR D 379 9.82 -17.90 -14.55
N GLY D 380 10.14 -16.99 -13.64
CA GLY D 380 9.92 -15.56 -13.83
C GLY D 380 8.59 -15.08 -13.27
N PHE D 381 7.89 -15.93 -12.49
CA PHE D 381 6.60 -15.54 -11.87
C PHE D 381 6.84 -15.27 -10.39
N SER D 382 6.33 -14.15 -9.88
CA SER D 382 6.63 -13.71 -8.52
C SER D 382 6.07 -14.67 -7.50
N GLY D 383 6.88 -14.93 -6.49
CA GLY D 383 6.44 -15.72 -5.34
C GLY D 383 6.24 -17.19 -5.64
N PHE D 384 7.08 -17.75 -6.51
CA PHE D 384 7.14 -19.21 -6.78
C PHE D 384 8.60 -19.69 -6.82
N GLN D 385 9.41 -19.09 -5.96
CA GLN D 385 10.85 -19.11 -6.11
C GLN D 385 11.58 -20.46 -6.08
N ASP D 386 10.87 -21.55 -5.76
CA ASP D 386 11.51 -22.84 -5.41
C ASP D 386 10.59 -24.01 -5.77
N GLU D 387 9.70 -23.78 -6.74
CA GLU D 387 8.58 -24.67 -7.04
C GLU D 387 8.88 -25.79 -8.05
N GLN D 388 9.73 -25.47 -9.02
CA GLN D 388 10.09 -26.39 -10.11
C GLN D 388 8.89 -26.95 -10.92
N GLU D 389 7.87 -26.13 -11.10
CA GLU D 389 6.67 -26.57 -11.78
C GLU D 389 6.79 -26.50 -13.29
N ILE D 390 6.40 -27.61 -13.93
CA ILE D 390 6.10 -27.60 -15.36
C ILE D 390 4.57 -27.72 -15.48
N LEU D 391 3.95 -26.78 -16.19
CA LEU D 391 2.52 -26.78 -16.35
C LEU D 391 2.24 -27.35 -17.73
N LEU D 392 1.44 -28.40 -17.76
CA LEU D 392 1.04 -29.05 -19.00
C LEU D 392 -0.27 -28.51 -19.57
N ASN D 393 -0.34 -28.44 -20.89
CA ASN D 393 -1.57 -28.05 -21.59
C ASN D 393 -2.72 -28.98 -21.21
N LYS D 394 -3.92 -28.40 -21.13
CA LYS D 394 -5.16 -29.16 -20.98
C LYS D 394 -5.29 -30.24 -22.07
N ASN D 395 -6.10 -31.27 -21.79
CA ASN D 395 -6.30 -32.43 -22.67
C ASN D 395 -5.03 -33.22 -22.94
N SER D 396 -4.09 -33.19 -22.01
CA SER D 396 -2.89 -34.01 -22.10
C SER D 396 -3.18 -35.40 -21.59
N THR D 397 -3.30 -36.35 -22.52
CA THR D 397 -3.49 -37.76 -22.18
C THR D 397 -2.15 -38.47 -22.09
N PHE D 398 -2.00 -39.28 -21.04
CA PHE D 398 -0.85 -40.15 -20.86
C PHE D 398 -1.25 -41.60 -20.85
N LYS D 399 -0.35 -42.46 -21.32
CA LYS D 399 -0.57 -43.89 -21.37
C LYS D 399 0.39 -44.60 -20.40
N ILE D 400 -0.15 -45.39 -19.48
CA ILE D 400 0.67 -46.07 -18.48
C ILE D 400 1.29 -47.29 -19.15
N PHE D 401 2.62 -47.39 -19.09
CA PHE D 401 3.35 -48.54 -19.63
C PHE D 401 4.05 -49.41 -18.57
N ARG D 402 4.05 -48.95 -17.32
CA ARG D 402 4.59 -49.75 -16.22
C ARG D 402 4.16 -49.15 -14.91
N ILE D 403 3.92 -49.99 -13.92
CA ILE D 403 3.66 -49.54 -12.56
C ILE D 403 4.54 -50.32 -11.59
N THR D 404 5.29 -49.62 -10.75
CA THR D 404 6.23 -50.25 -9.83
C THR D 404 5.93 -49.95 -8.36
N PRO D 405 5.72 -50.99 -7.54
CA PRO D 405 5.49 -50.68 -6.13
C PRO D 405 6.81 -50.36 -5.44
N ILE D 406 6.76 -49.39 -4.53
CA ILE D 406 7.91 -49.00 -3.71
C ILE D 406 7.49 -48.97 -2.25
N THR D 407 8.43 -48.70 -1.37
CA THR D 407 8.12 -48.36 0.01
C THR D 407 8.70 -46.97 0.26
N SER D 408 7.88 -45.94 0.10
CA SER D 408 8.33 -44.57 0.34
C SER D 408 8.54 -44.32 1.83
N ILE D 409 9.58 -43.57 2.17
CA ILE D 409 9.85 -43.25 3.57
C ILE D 409 9.36 -41.82 3.81
N ILE D 410 8.41 -41.68 4.75
CA ILE D 410 7.75 -40.41 5.04
C ILE D 410 8.53 -39.68 6.12
N ASN D 411 8.82 -40.39 7.22
CA ASN D 411 9.61 -39.85 8.32
C ASN D 411 10.31 -40.95 9.12
N ARG D 412 10.98 -40.58 10.22
CA ARG D 412 11.76 -41.53 11.05
C ARG D 412 10.94 -42.72 11.52
N VAL D 413 9.64 -42.48 11.63
CA VAL D 413 8.69 -43.42 12.20
C VAL D 413 7.81 -44.11 11.14
N THR D 414 7.62 -43.45 9.98
CA THR D 414 6.61 -43.81 8.96
C THR D 414 7.16 -44.12 7.58
N LYS D 415 6.86 -45.33 7.11
CA LYS D 415 7.08 -45.73 5.72
C LYS D 415 5.69 -46.02 5.13
N MET D 416 5.60 -46.07 3.80
CA MET D 416 4.30 -46.28 3.15
C MET D 416 4.51 -46.88 1.78
N THR D 417 3.76 -47.94 1.48
CA THR D 417 3.74 -48.58 0.19
C THR D 417 3.10 -47.63 -0.80
N GLN D 418 3.77 -47.42 -1.92
CA GLN D 418 3.26 -46.52 -2.95
C GLN D 418 3.55 -47.11 -4.29
N VAL D 419 3.11 -46.45 -5.35
CA VAL D 419 3.37 -46.97 -6.70
C VAL D 419 3.88 -45.87 -7.61
N VAL D 420 4.95 -46.20 -8.33
CA VAL D 420 5.49 -45.33 -9.37
C VAL D 420 4.87 -45.73 -10.71
N ILE D 421 4.15 -44.79 -11.31
CA ILE D 421 3.36 -45.02 -12.53
C ILE D 421 4.05 -44.36 -13.71
N ASP D 422 4.74 -45.17 -14.51
CA ASP D 422 5.40 -44.71 -15.71
C ASP D 422 4.36 -44.53 -16.79
N ALA D 423 4.29 -43.32 -17.33
CA ALA D 423 3.33 -43.02 -18.39
C ALA D 423 3.97 -42.07 -19.37
N GLU D 424 3.60 -42.19 -20.63
CA GLU D 424 4.09 -41.30 -21.65
C GLU D 424 2.92 -40.63 -22.33
N GLY D 425 3.11 -39.44 -22.89
CA GLY D 425 2.04 -38.76 -23.63
C GLY D 425 1.79 -39.52 -24.92
N ILE D 426 0.54 -39.89 -25.22
CA ILE D 426 0.23 -40.54 -26.51
C ILE D 426 -0.32 -39.52 -27.51
N GLU E 6 32.62 66.95 6.20
CA GLU E 6 32.46 66.13 7.43
C GLU E 6 32.77 64.63 7.26
N PRO E 7 32.95 64.12 6.03
CA PRO E 7 33.41 62.72 5.94
C PRO E 7 34.78 62.57 6.56
N ILE E 8 34.96 61.53 7.37
CA ILE E 8 36.27 61.18 7.93
C ILE E 8 37.23 60.95 6.75
N ASP E 9 38.22 61.84 6.65
CA ASP E 9 39.19 61.78 5.57
C ASP E 9 40.52 62.35 6.03
N PHE E 10 41.46 61.45 6.32
CA PHE E 10 42.77 61.83 6.85
C PHE E 10 43.95 61.67 5.89
N ILE E 11 43.67 61.25 4.66
CA ILE E 11 44.67 61.03 3.62
C ILE E 11 45.56 62.25 3.35
N ASN E 12 44.94 63.42 3.22
CA ASN E 12 45.68 64.66 2.99
C ASN E 12 45.83 65.52 4.23
N LYS E 13 45.76 64.90 5.41
CA LYS E 13 45.85 65.62 6.68
C LYS E 13 47.08 65.15 7.42
N PRO E 14 47.62 65.99 8.33
CA PRO E 14 48.78 65.56 9.13
C PRO E 14 48.50 64.28 9.93
N GLU E 15 49.50 63.41 10.03
CA GLU E 15 49.34 62.16 10.78
C GLU E 15 48.94 62.36 12.24
N SER E 16 49.42 63.46 12.83
CA SER E 16 49.09 63.88 14.21
C SER E 16 47.61 64.12 14.41
N GLU E 17 46.92 64.51 13.33
CA GLU E 17 45.49 64.72 13.37
C GLU E 17 44.74 63.39 13.44
N ALA E 18 45.23 62.39 12.70
CA ALA E 18 44.58 61.08 12.70
C ALA E 18 44.83 60.38 14.04
N LYS E 19 46.05 60.55 14.58
CA LYS E 19 46.42 59.94 15.88
C LYS E 19 45.55 60.37 17.04
N LYS E 20 45.31 61.68 17.18
CA LYS E 20 44.47 62.20 18.27
C LYS E 20 43.03 61.78 18.08
N TRP E 21 42.58 61.78 16.83
CA TRP E 21 41.25 61.29 16.49
C TRP E 21 41.08 59.80 16.84
N GLY E 22 41.97 58.95 16.33
CA GLY E 22 41.95 57.52 16.64
C GLY E 22 42.08 57.21 18.12
N LYS E 23 42.97 57.92 18.82
CA LYS E 23 43.14 57.72 20.25
C LYS E 23 41.82 57.94 20.98
N GLU E 24 41.18 59.07 20.72
CA GLU E 24 39.86 59.32 21.28
C GLU E 24 38.81 58.28 20.87
N GLU E 25 38.72 57.97 19.57
CA GLU E 25 37.70 57.03 19.09
C GLU E 25 37.92 55.60 19.59
N GLU E 26 39.17 55.19 19.79
CA GLU E 26 39.43 53.86 20.36
C GLU E 26 39.00 53.77 21.83
N LYS E 27 39.36 54.77 22.63
CA LYS E 27 38.93 54.85 24.02
C LYS E 27 37.40 54.79 24.15
N ARG E 28 36.73 55.46 23.21
CA ARG E 28 35.27 55.56 23.14
C ARG E 28 34.65 54.20 22.82
N TRP E 29 35.32 53.45 21.96
CA TRP E 29 34.89 52.10 21.62
C TRP E 29 35.14 51.16 22.80
N PHE E 30 36.35 51.22 23.36
CA PHE E 30 36.76 50.29 24.42
C PHE E 30 35.92 50.36 25.70
N THR E 31 35.43 51.55 26.03
CA THR E 31 34.53 51.78 27.16
C THR E 31 33.22 50.98 27.02
N LYS E 32 32.83 50.67 25.78
CA LYS E 32 31.61 49.91 25.52
C LYS E 32 31.85 48.39 25.55
N LEU E 33 33.11 48.00 25.66
CA LEU E 33 33.46 46.58 25.58
C LEU E 33 33.74 45.98 26.94
N ASN E 34 33.41 44.70 27.11
CA ASN E 34 33.83 43.97 28.31
C ASN E 34 35.32 43.62 28.17
N ASN E 35 35.91 43.19 29.27
CA ASN E 35 37.32 42.77 29.30
C ASN E 35 37.72 41.84 28.14
N LEU E 36 36.95 40.79 27.93
CA LEU E 36 37.25 39.78 26.91
C LEU E 36 37.19 40.34 25.51
N GLU E 37 36.14 41.11 25.23
CA GLU E 37 35.92 41.73 23.93
C GLU E 37 37.04 42.69 23.57
N GLU E 38 37.51 43.43 24.57
CA GLU E 38 38.60 44.42 24.40
C GLU E 38 39.93 43.71 24.08
N VAL E 39 40.21 42.59 24.75
CA VAL E 39 41.38 41.81 24.40
C VAL E 39 41.24 41.30 22.98
N ALA E 40 40.09 40.72 22.69
CA ALA E 40 39.81 40.17 21.37
C ALA E 40 40.12 41.20 20.28
N VAL E 41 39.68 42.43 20.50
CA VAL E 41 39.81 43.48 19.49
C VAL E 41 41.20 44.11 19.48
N ASN E 42 41.76 44.35 20.67
CA ASN E 42 43.06 45.01 20.75
C ASN E 42 44.23 44.21 20.11
N GLN E 43 44.17 42.89 20.18
CA GLN E 43 45.22 42.03 19.62
C GLN E 43 45.32 42.01 18.08
N LEU E 44 44.33 42.61 17.42
CA LEU E 44 44.32 42.75 15.97
C LEU E 44 45.44 43.71 15.49
N LYS E 45 46.07 44.39 16.43
CA LYS E 45 47.21 45.30 16.18
C LYS E 45 48.54 44.54 15.97
N ASN E 46 48.55 43.28 16.40
CA ASN E 46 49.63 42.38 16.04
C ASN E 46 49.34 41.66 14.73
N LYS E 47 50.26 41.86 13.78
CA LYS E 47 50.18 41.34 12.41
C LYS E 47 49.87 39.85 12.37
N GLU E 48 50.57 39.07 13.19
CA GLU E 48 50.38 37.63 13.22
C GLU E 48 48.97 37.29 13.74
N TYR E 49 48.60 37.83 14.90
CA TYR E 49 47.29 37.56 15.50
C TYR E 49 46.12 38.06 14.62
N LYS E 50 46.34 39.14 13.87
CA LYS E 50 45.32 39.62 12.94
C LYS E 50 45.11 38.60 11.81
N THR E 51 46.23 38.12 11.26
CA THR E 51 46.28 37.06 10.25
C THR E 51 45.63 35.76 10.74
N LYS E 52 45.96 35.35 11.97
CA LYS E 52 45.28 34.24 12.63
C LYS E 52 43.77 34.42 12.57
N ILE E 53 43.31 35.53 13.15
CA ILE E 53 41.89 35.84 13.22
C ILE E 53 41.24 35.86 11.82
N ASP E 54 41.86 36.57 10.88
CA ASP E 54 41.22 36.70 9.57
C ASP E 54 41.10 35.36 8.84
N ASN E 55 42.13 34.51 8.94
CA ASN E 55 42.09 33.19 8.37
C ASN E 55 40.98 32.36 9.01
N PHE E 56 40.98 32.32 10.34
CA PHE E 56 39.99 31.53 11.09
C PHE E 56 38.56 31.99 10.81
N SER E 57 38.33 33.30 10.81
CA SER E 57 37.00 33.85 10.51
C SER E 57 36.50 33.52 9.09
N THR E 58 37.43 33.15 8.22
CA THR E 58 37.08 32.66 6.90
C THR E 58 36.81 31.17 6.99
N ASP E 59 37.66 30.45 7.74
CA ASP E 59 37.58 28.98 7.82
C ASP E 59 36.22 28.49 8.30
N ILE E 60 35.67 29.20 9.28
CA ILE E 60 34.39 28.83 9.90
C ILE E 60 33.17 29.07 9.00
N LEU E 61 33.35 29.88 7.97
CA LEU E 61 32.37 30.05 6.90
C LEU E 61 32.32 28.83 5.99
N PHE E 62 33.45 28.12 5.88
CA PHE E 62 33.49 26.92 5.04
C PHE E 62 33.76 25.62 5.82
N SER E 63 33.11 25.53 6.99
CA SER E 63 33.11 24.35 7.84
C SER E 63 31.64 24.06 8.13
N SER E 64 31.30 22.82 8.44
CA SER E 64 29.91 22.46 8.57
C SER E 64 29.33 23.01 9.86
N LEU E 65 28.00 23.05 9.97
CA LEU E 65 27.33 23.50 11.20
C LEU E 65 27.67 22.56 12.35
N THR E 66 27.79 21.28 12.02
CA THR E 66 28.24 20.26 12.96
C THR E 66 29.61 20.65 13.54
N ALA E 67 30.57 20.91 12.67
CA ALA E 67 31.89 21.43 13.05
C ALA E 67 31.82 22.68 13.96
N ILE E 68 31.00 23.66 13.57
CA ILE E 68 30.86 24.88 14.37
C ILE E 68 30.35 24.53 15.76
N GLU E 69 29.40 23.60 15.82
CA GLU E 69 28.73 23.24 17.06
C GLU E 69 29.69 22.53 18.01
N ILE E 70 30.55 21.68 17.46
CA ILE E 70 31.60 20.99 18.21
C ILE E 70 32.55 22.01 18.83
N MET E 71 33.00 22.96 18.02
CA MET E 71 33.88 24.02 18.50
C MET E 71 33.22 24.89 19.53
N LYS E 72 31.91 25.11 19.37
CA LYS E 72 31.11 25.85 20.36
C LYS E 72 31.15 25.19 21.78
N GLU E 73 30.93 23.89 21.82
CA GLU E 73 30.83 23.14 23.07
C GLU E 73 32.19 22.93 23.73
N ASP E 74 33.21 22.80 22.89
CA ASP E 74 34.60 22.70 23.29
C ASP E 74 35.18 24.10 23.60
N GLU E 75 34.35 25.13 23.42
CA GLU E 75 34.71 26.53 23.70
C GLU E 75 35.99 27.02 22.98
N ASN E 76 36.10 26.71 21.69
CA ASN E 76 37.23 27.11 20.84
C ASN E 76 37.54 28.63 20.96
N ARG E 77 38.76 28.94 21.38
CA ARG E 77 39.21 30.30 21.63
C ARG E 77 39.22 31.19 20.41
N ASN E 78 39.58 30.61 19.26
CA ASN E 78 39.55 31.34 18.00
C ASN E 78 38.12 31.73 17.62
N LEU E 79 37.20 30.75 17.72
CA LEU E 79 35.76 30.95 17.44
C LEU E 79 35.16 32.00 18.36
N PHE E 80 35.49 31.91 19.64
CA PHE E 80 35.02 32.88 20.60
C PHE E 80 35.53 34.28 20.29
N ASP E 81 36.86 34.41 20.09
CA ASP E 81 37.47 35.66 19.62
C ASP E 81 36.75 36.24 18.42
N VAL E 82 36.53 35.44 17.37
CA VAL E 82 35.80 35.95 16.22
C VAL E 82 34.43 36.48 16.64
N GLU E 83 33.74 35.72 17.50
CA GLU E 83 32.40 36.10 17.96
C GLU E 83 32.39 37.34 18.83
N ARG E 84 33.45 37.56 19.61
CA ARG E 84 33.58 38.77 20.43
C ARG E 84 33.89 40.02 19.59
N ILE E 85 34.65 39.85 18.51
CA ILE E 85 34.98 40.96 17.63
C ILE E 85 33.72 41.38 16.89
N ARG E 86 32.93 40.45 16.37
CA ARG E 86 31.64 40.79 15.70
C ARG E 86 30.74 41.57 16.65
N GLU E 87 30.70 41.09 17.90
CA GLU E 87 29.88 41.67 18.94
C GLU E 87 30.34 43.10 19.28
N ALA E 88 31.67 43.28 19.32
CA ALA E 88 32.30 44.57 19.55
C ALA E 88 31.98 45.57 18.43
N LEU E 89 31.99 45.10 17.19
CA LEU E 89 31.68 45.94 16.03
C LEU E 89 30.28 46.54 16.04
N LEU E 90 29.32 45.80 16.56
CA LEU E 90 27.92 46.24 16.60
C LEU E 90 27.67 47.47 17.46
N LYS E 91 28.63 47.84 18.30
CA LYS E 91 28.45 48.89 19.31
C LYS E 91 28.63 50.33 18.84
N ASN E 92 29.28 50.56 17.72
CA ASN E 92 29.34 51.89 17.13
C ASN E 92 28.85 51.83 15.71
N THR E 93 28.16 52.87 15.29
CA THR E 93 27.75 52.98 13.91
C THR E 93 28.17 54.37 13.47
N LEU E 94 28.66 54.43 12.23
CA LEU E 94 29.23 55.65 11.70
C LEU E 94 28.27 56.82 11.63
N ASP E 95 28.77 57.98 12.06
CA ASP E 95 28.12 59.27 12.04
C ASP E 95 28.18 59.93 10.68
N ARG E 96 29.21 59.54 9.92
CA ARG E 96 29.50 60.20 8.66
C ARG E 96 30.21 59.18 7.78
N ASP E 97 30.36 59.49 6.51
CA ASP E 97 31.09 58.62 5.62
C ASP E 97 32.54 58.57 6.11
N ALA E 98 33.25 57.52 5.71
CA ALA E 98 34.70 57.43 5.92
C ALA E 98 35.35 57.03 4.60
N ILE E 99 36.46 57.70 4.29
CA ILE E 99 37.26 57.42 3.10
C ILE E 99 38.60 56.85 3.56
N GLY E 100 39.08 55.80 2.89
CA GLY E 100 40.40 55.21 3.19
C GLY E 100 40.75 54.00 2.34
N TYR E 101 41.70 53.21 2.83
CA TYR E 101 42.19 52.10 2.04
C TYR E 101 41.81 50.76 2.65
N VAL E 102 41.13 49.92 1.88
CA VAL E 102 40.78 48.59 2.38
C VAL E 102 41.90 47.58 2.14
N ASN E 103 42.08 46.67 3.09
CA ASN E 103 43.22 45.78 3.04
C ASN E 103 43.04 44.57 2.12
N PHE E 104 43.07 44.82 0.81
CA PHE E 104 43.14 43.74 -0.19
C PHE E 104 44.56 43.63 -0.74
N THR E 105 45.05 42.40 -0.83
CA THR E 105 46.34 42.12 -1.48
C THR E 105 46.05 41.67 -2.91
N PRO E 106 47.06 41.71 -3.81
CA PRO E 106 46.78 41.34 -5.21
C PRO E 106 46.10 39.97 -5.36
N LYS E 107 46.53 39.02 -4.53
CA LYS E 107 46.09 37.64 -4.61
C LYS E 107 44.63 37.56 -4.18
N GLU E 108 44.20 38.45 -3.29
CA GLU E 108 42.78 38.57 -2.92
C GLU E 108 41.98 39.33 -3.99
N LEU E 109 42.64 39.84 -5.03
CA LEU E 109 41.96 40.37 -6.20
C LEU E 109 42.08 39.40 -7.38
N GLY E 110 42.51 38.17 -7.06
CA GLY E 110 42.73 37.11 -8.03
C GLY E 110 43.93 37.31 -8.95
N ILE E 111 44.81 38.24 -8.58
CA ILE E 111 46.05 38.54 -9.32
C ILE E 111 47.22 37.67 -8.86
N ASN E 112 47.70 36.81 -9.75
CA ASN E 112 48.77 35.86 -9.40
C ASN E 112 50.11 36.12 -10.02
N PHE E 113 50.17 37.03 -10.97
CA PHE E 113 51.42 37.41 -11.61
C PHE E 113 52.05 38.60 -10.90
N SER E 114 53.36 38.74 -11.06
CA SER E 114 54.10 39.86 -10.49
C SER E 114 53.61 41.19 -11.02
N ILE E 115 53.55 42.18 -10.12
CA ILE E 115 53.10 43.51 -10.50
C ILE E 115 54.27 44.46 -10.73
N ARG E 116 55.18 44.50 -9.77
CA ARG E 116 56.39 45.33 -9.89
C ARG E 116 57.52 44.57 -10.56
N ASP E 117 58.41 45.30 -11.23
CA ASP E 117 59.58 44.70 -11.87
C ASP E 117 60.38 43.89 -10.84
N VAL E 118 60.86 42.74 -11.28
CA VAL E 118 61.63 41.80 -10.46
C VAL E 118 62.98 42.40 -10.03
N GLU E 119 63.57 43.23 -10.89
CA GLU E 119 64.92 43.77 -10.66
C GLU E 119 65.05 44.68 -9.45
N LEU E 120 64.23 45.72 -9.38
CA LEU E 120 64.28 46.69 -8.31
C LEU E 120 63.03 46.72 -7.44
N ASP E 121 62.07 45.86 -7.78
CA ASP E 121 60.77 45.76 -7.13
C ASP E 121 60.15 47.15 -6.92
N ARG E 122 59.94 47.85 -8.05
CA ARG E 122 59.74 49.30 -8.04
C ARG E 122 58.84 49.86 -9.18
N ASP E 123 58.98 49.33 -10.40
CA ASP E 123 58.26 49.85 -11.57
C ASP E 123 57.09 48.99 -12.06
N ILE E 124 56.02 49.65 -12.49
CA ILE E 124 54.86 48.96 -13.07
C ILE E 124 54.63 49.39 -14.54
N SER E 125 54.70 48.42 -15.45
CA SER E 125 54.49 48.68 -16.87
C SER E 125 53.00 48.89 -17.21
N ASP E 126 52.75 49.48 -18.39
CA ASP E 126 51.38 49.74 -18.84
C ASP E 126 50.72 48.45 -19.29
N GLU E 127 51.57 47.52 -19.73
CA GLU E 127 51.17 46.17 -20.13
C GLU E 127 50.66 45.40 -18.91
N THR E 128 51.27 45.64 -17.74
CA THR E 128 50.82 45.04 -16.48
C THR E 128 49.50 45.63 -16.01
N LEU E 129 49.39 46.96 -16.08
CA LEU E 129 48.17 47.67 -15.71
C LEU E 129 46.97 47.27 -16.58
N ASP E 130 47.17 47.18 -17.90
CA ASP E 130 46.07 46.82 -18.78
C ASP E 130 45.65 45.36 -18.58
N LYS E 131 46.59 44.53 -18.14
CA LYS E 131 46.30 43.15 -17.76
C LYS E 131 45.50 43.10 -16.45
N VAL E 132 45.81 43.96 -15.46
CA VAL E 132 45.00 43.98 -14.22
C VAL E 132 43.62 44.59 -14.48
N ARG E 133 43.57 45.57 -15.39
CA ARG E 133 42.30 46.17 -15.80
C ARG E 133 41.39 45.15 -16.48
N GLN E 134 41.90 44.42 -17.47
CA GLN E 134 41.04 43.43 -18.12
C GLN E 134 40.46 42.44 -17.10
N GLN E 135 41.28 42.10 -16.11
CA GLN E 135 40.91 41.15 -15.08
C GLN E 135 39.96 41.69 -14.00
N ILE E 136 40.30 42.81 -13.37
CA ILE E 136 39.64 43.16 -12.11
C ILE E 136 38.53 44.21 -12.19
N ILE E 137 38.55 45.07 -13.21
CA ILE E 137 37.57 46.15 -13.27
C ILE E 137 36.18 45.56 -13.42
N ASN E 138 35.26 46.05 -12.58
CA ASN E 138 33.83 45.65 -12.57
C ASN E 138 33.58 44.25 -12.05
N GLN E 139 34.63 43.61 -11.50
CA GLN E 139 34.50 42.32 -10.85
C GLN E 139 34.33 42.59 -9.36
N GLU E 140 33.76 41.60 -8.64
CA GLU E 140 33.42 41.76 -7.24
C GLU E 140 34.10 40.70 -6.42
N TYR E 141 34.91 41.14 -5.46
CA TYR E 141 35.76 40.26 -4.65
C TYR E 141 35.44 40.39 -3.18
N THR E 142 35.06 39.28 -2.56
CA THR E 142 34.63 39.29 -1.17
C THR E 142 35.79 39.22 -0.20
N LYS E 143 35.75 40.09 0.81
CA LYS E 143 36.68 40.00 1.94
C LYS E 143 35.91 39.16 2.96
N PHE E 144 36.20 37.85 3.00
CA PHE E 144 35.43 36.94 3.83
C PHE E 144 35.58 37.30 5.29
N SER E 145 36.76 37.79 5.66
CA SER E 145 37.04 38.11 7.06
C SER E 145 36.62 39.54 7.34
N PHE E 146 36.91 40.01 8.56
CA PHE E 146 36.78 41.43 8.88
C PHE E 146 37.62 42.23 7.88
N ILE E 147 37.22 43.47 7.64
CA ILE E 147 37.96 44.33 6.71
C ILE E 147 38.48 45.54 7.47
N SER E 148 39.69 45.98 7.11
CA SER E 148 40.28 47.21 7.63
C SER E 148 40.19 48.34 6.62
N LEU E 149 39.88 49.52 7.12
CA LEU E 149 39.93 50.72 6.31
C LEU E 149 40.99 51.62 6.92
N GLY E 150 42.17 51.62 6.31
CA GLY E 150 43.30 52.41 6.79
C GLY E 150 43.03 53.85 6.40
N LEU E 151 43.33 54.80 7.30
CA LEU E 151 42.78 56.14 7.17
C LEU E 151 43.72 57.20 6.63
N ASN E 152 45.02 56.91 6.63
CA ASN E 152 45.99 57.80 6.00
C ASN E 152 47.10 56.97 5.34
N ASP E 153 48.08 57.68 4.77
CA ASP E 153 49.13 57.05 4.00
C ASP E 153 50.06 56.16 4.82
N ASN E 154 50.13 56.37 6.13
CA ASN E 154 50.83 55.41 7.01
C ASN E 154 50.24 54.00 7.00
N SER E 155 49.07 53.81 6.40
CA SER E 155 48.50 52.48 6.30
C SER E 155 48.97 51.77 5.05
N ILE E 156 49.57 52.53 4.12
CA ILE E 156 50.00 51.94 2.87
C ILE E 156 51.25 51.13 3.13
N ASN E 157 51.14 49.82 2.91
CA ASN E 157 52.23 48.86 3.05
C ASN E 157 53.04 48.81 1.77
N GLU E 158 54.26 49.33 1.86
CA GLU E 158 55.23 49.38 0.76
C GLU E 158 55.41 48.10 -0.09
N SER E 159 55.37 46.94 0.56
CA SER E 159 55.55 45.66 -0.14
C SER E 159 54.26 45.13 -0.81
N VAL E 160 53.13 45.80 -0.59
CA VAL E 160 51.87 45.49 -1.26
C VAL E 160 51.72 46.43 -2.48
N PRO E 161 51.82 45.90 -3.71
CA PRO E 161 51.92 46.74 -4.92
C PRO E 161 50.60 47.32 -5.44
N VAL E 162 49.58 47.22 -4.60
CA VAL E 162 48.23 47.63 -4.90
C VAL E 162 47.71 48.46 -3.73
N ILE E 163 46.97 49.52 -4.04
CA ILE E 163 46.29 50.33 -3.00
C ILE E 163 44.83 50.32 -3.37
N VAL E 164 43.95 49.94 -2.44
CA VAL E 164 42.49 49.92 -2.75
C VAL E 164 41.78 51.02 -1.99
N LYS E 165 41.33 52.02 -2.73
CA LYS E 165 40.70 53.20 -2.13
C LYS E 165 39.16 53.19 -2.26
N THR E 166 38.47 53.34 -1.13
CA THR E 166 37.01 53.32 -1.16
C THR E 166 36.37 54.25 -0.13
N ARG E 167 35.05 54.15 0.02
CA ARG E 167 34.27 54.92 0.99
C ARG E 167 33.20 54.04 1.68
N VAL E 168 33.16 54.13 3.02
CA VAL E 168 32.18 53.47 3.87
C VAL E 168 31.10 54.52 4.21
N PRO E 169 29.82 54.23 3.92
CA PRO E 169 28.85 55.28 4.20
C PRO E 169 28.51 55.31 5.69
N THR E 170 27.92 56.42 6.12
CA THR E 170 27.41 56.54 7.48
C THR E 170 26.33 55.48 7.77
N THR E 171 26.15 55.22 9.07
CA THR E 171 25.28 54.18 9.68
C THR E 171 25.92 52.78 9.70
N PHE E 172 27.07 52.61 9.05
CA PHE E 172 27.71 51.30 9.08
C PHE E 172 28.45 51.01 10.39
N ASP E 173 28.49 49.74 10.78
CA ASP E 173 29.12 49.33 12.02
C ASP E 173 30.61 49.45 11.83
N TYR E 174 31.28 49.90 12.89
CA TYR E 174 32.72 50.09 12.82
C TYR E 174 33.35 50.11 14.20
N GLY E 175 34.64 49.88 14.21
CA GLY E 175 35.50 50.09 15.38
C GLY E 175 36.75 50.82 14.91
N VAL E 176 37.36 51.59 15.78
CA VAL E 176 38.58 52.30 15.45
C VAL E 176 39.76 51.68 16.19
N LEU E 177 40.82 51.35 15.45
CA LEU E 177 42.05 50.89 16.08
C LEU E 177 43.14 51.94 15.92
N ASN E 178 43.74 52.32 17.04
CA ASN E 178 44.78 53.32 17.08
C ASN E 178 46.13 52.65 17.40
N ASP E 179 46.87 52.34 16.33
CA ASP E 179 48.07 51.52 16.44
C ASP E 179 49.27 52.43 16.34
N LYS E 180 50.48 51.93 16.57
CA LYS E 180 51.64 52.83 16.63
C LYS E 180 51.70 53.85 15.46
N GLU E 181 51.92 53.36 14.25
CA GLU E 181 51.92 54.25 13.07
C GLU E 181 50.50 54.48 12.50
N THR E 182 49.69 53.43 12.57
CA THR E 182 48.41 53.33 11.90
C THR E 182 47.18 53.78 12.71
N VAL E 183 46.25 54.41 12.01
CA VAL E 183 44.90 54.55 12.48
C VAL E 183 43.97 53.95 11.40
N SER E 184 43.11 53.03 11.82
CA SER E 184 42.17 52.37 10.90
C SER E 184 40.82 52.01 11.52
N LEU E 185 39.86 51.83 10.63
CA LEU E 185 38.57 51.29 11.02
C LEU E 185 38.62 49.80 10.82
N LEU E 186 37.82 49.09 11.60
CA LEU E 186 37.57 47.70 11.41
C LEU E 186 36.10 47.66 11.08
N LEU E 187 35.73 46.79 10.15
CA LEU E 187 34.34 46.63 9.75
C LEU E 187 33.99 45.17 9.67
N ASN E 188 32.70 44.88 9.67
CA ASN E 188 32.18 43.50 9.59
C ASN E 188 32.74 42.60 8.47
N GLN E 189 32.70 41.29 8.70
CA GLN E 189 32.98 40.28 7.70
C GLN E 189 32.03 40.41 6.51
N GLY E 190 32.52 40.12 5.31
CA GLY E 190 31.65 39.82 4.18
C GLY E 190 31.36 40.96 3.23
N PHE E 191 32.11 42.05 3.38
CA PHE E 191 32.08 43.11 2.41
C PHE E 191 32.86 42.68 1.18
N SER E 192 32.38 43.12 0.01
CA SER E 192 33.08 42.91 -1.24
C SER E 192 33.57 44.24 -1.79
N ILE E 193 34.59 44.17 -2.66
CA ILE E 193 35.02 45.35 -3.40
C ILE E 193 34.78 45.18 -4.89
N ILE E 194 34.24 46.22 -5.51
CA ILE E 194 34.09 46.31 -6.96
C ILE E 194 35.05 47.40 -7.45
N PRO E 195 36.21 47.01 -8.03
CA PRO E 195 37.13 47.97 -8.61
C PRO E 195 36.56 48.57 -9.87
N GLU E 196 36.55 49.90 -9.93
CA GLU E 196 35.91 50.66 -11.00
C GLU E 196 36.95 51.36 -11.86
N SER E 197 38.09 51.68 -11.24
CA SER E 197 39.23 52.25 -11.94
C SER E 197 40.54 51.71 -11.38
N ALA E 198 41.54 51.63 -12.26
CA ALA E 198 42.91 51.22 -11.95
C ALA E 198 43.94 52.12 -12.67
N ILE E 199 44.76 52.81 -11.89
CA ILE E 199 45.87 53.61 -12.44
C ILE E 199 47.20 53.28 -11.73
N ILE E 200 48.30 53.59 -12.41
CA ILE E 200 49.62 53.55 -11.77
C ILE E 200 49.86 54.87 -11.03
N THR E 201 50.08 54.77 -9.73
CA THR E 201 50.54 55.90 -8.94
C THR E 201 51.95 55.59 -8.45
N THR E 202 52.76 56.64 -8.27
CA THR E 202 54.10 56.50 -7.70
C THR E 202 54.12 57.27 -6.40
N ILE E 203 54.34 56.56 -5.29
CA ILE E 203 54.54 57.21 -4.00
C ILE E 203 55.93 56.80 -3.53
N LYS E 204 56.75 57.81 -3.23
CA LYS E 204 58.15 57.63 -2.79
C LYS E 204 59.06 56.81 -3.71
N GLY E 205 58.90 56.98 -5.03
CA GLY E 205 59.70 56.25 -6.02
C GLY E 205 59.23 54.84 -6.34
N LYS E 206 58.24 54.34 -5.59
CA LYS E 206 57.66 53.02 -5.85
C LYS E 206 56.30 53.16 -6.51
N ASP E 207 56.08 52.34 -7.53
CA ASP E 207 54.81 52.30 -8.22
C ASP E 207 53.82 51.36 -7.52
N TYR E 208 52.60 51.86 -7.37
CA TYR E 208 51.47 51.03 -6.98
C TYR E 208 50.41 51.14 -8.06
N ILE E 209 49.56 50.12 -8.16
CA ILE E 209 48.33 50.27 -8.90
C ILE E 209 47.30 50.83 -7.91
N LEU E 210 46.83 52.04 -8.18
CA LEU E 210 45.82 52.65 -7.34
C LEU E 210 44.47 52.17 -7.83
N ILE E 211 43.73 51.53 -6.94
CA ILE E 211 42.43 51.00 -7.31
C ILE E 211 41.34 51.72 -6.55
N GLU E 212 40.43 52.28 -7.34
CA GLU E 212 39.25 52.89 -6.77
C GLU E 212 38.03 52.05 -7.10
N GLY E 213 37.24 51.78 -6.07
CA GLY E 213 36.07 50.96 -6.21
C GLY E 213 35.05 51.20 -5.13
N SER E 214 33.93 50.51 -5.26
CA SER E 214 32.84 50.62 -4.31
C SER E 214 32.74 49.36 -3.48
N LEU E 215 32.48 49.58 -2.21
CA LEU E 215 32.16 48.52 -1.30
C LEU E 215 30.73 48.02 -1.57
N SER E 216 30.53 46.72 -1.44
CA SER E 216 29.23 46.14 -1.70
C SER E 216 29.00 44.90 -0.82
N GLN E 217 27.77 44.41 -0.85
CA GLN E 217 27.34 43.30 -0.02
C GLN E 217 26.56 42.37 -0.98
N GLU E 218 27.05 41.16 -1.17
CA GLU E 218 26.24 40.23 -1.97
C GLU E 218 25.52 39.20 -1.10
N LEU E 219 24.34 38.77 -1.54
CA LEU E 219 23.59 37.84 -0.72
C LEU E 219 24.32 36.49 -0.67
N ASP E 220 24.83 36.15 0.52
CA ASP E 220 25.61 34.93 0.70
C ASP E 220 25.28 34.38 2.08
N PHE E 221 24.86 33.12 2.14
CA PHE E 221 24.46 32.52 3.40
C PHE E 221 25.59 31.71 4.05
N TYR E 222 26.67 31.46 3.30
CA TYR E 222 27.83 30.68 3.76
C TYR E 222 27.42 29.28 4.22
N ASN E 223 27.82 28.86 5.42
CA ASN E 223 27.51 27.53 5.94
C ASN E 223 26.11 27.41 6.57
N LYS E 224 25.54 28.54 6.94
CA LYS E 224 24.20 28.62 7.52
C LYS E 224 23.08 28.30 6.56
N GLY E 225 23.25 28.62 5.29
CA GLY E 225 22.15 28.53 4.32
C GLY E 225 20.96 29.43 4.67
N SER E 226 19.83 29.17 4.02
CA SER E 226 18.59 29.86 4.36
C SER E 226 17.41 29.00 3.97
N GLU E 227 16.75 28.40 4.93
CA GLU E 227 15.51 27.70 4.55
C GLU E 227 14.54 28.75 4.00
N ALA E 228 14.38 29.83 4.78
CA ALA E 228 13.61 31.01 4.42
C ALA E 228 13.71 31.52 2.97
N TRP E 229 14.92 31.68 2.41
CA TRP E 229 15.10 32.23 1.03
C TRP E 229 14.37 31.42 -0.05
N GLY E 230 14.44 30.10 0.09
CA GLY E 230 13.83 29.19 -0.85
C GLY E 230 12.32 29.23 -0.81
N ALA E 231 11.77 29.15 0.39
CA ALA E 231 10.32 29.21 0.60
C ALA E 231 9.79 30.53 0.07
N GLU E 232 10.50 31.62 0.34
CA GLU E 232 10.06 32.94 -0.09
C GLU E 232 10.00 33.09 -1.62
N ASN E 233 11.00 32.55 -2.29
CA ASN E 233 11.21 32.83 -3.68
C ASN E 233 10.69 31.74 -4.60
N TYR E 234 10.62 30.52 -4.07
CA TYR E 234 10.17 29.34 -4.84
C TYR E 234 9.00 28.63 -4.16
N GLY E 235 8.37 29.32 -3.22
CA GLY E 235 7.12 28.84 -2.60
C GLY E 235 6.04 28.48 -3.61
N ASP E 236 5.88 29.31 -4.62
CA ASP E 236 4.84 29.11 -5.63
C ASP E 236 5.36 28.47 -6.89
N TYR E 237 6.59 27.99 -6.85
CA TYR E 237 7.27 27.43 -8.02
C TYR E 237 6.51 26.28 -8.71
N ILE E 238 6.11 25.31 -7.91
CA ILE E 238 5.42 24.14 -8.39
C ILE E 238 4.08 24.50 -9.05
N SER E 239 3.37 25.45 -8.45
CA SER E 239 2.08 25.86 -8.96
C SER E 239 2.25 26.52 -10.33
N LYS E 240 3.49 26.95 -10.64
CA LYS E 240 3.77 27.64 -11.90
C LYS E 240 4.13 26.69 -13.05
N LEU E 241 4.50 25.45 -12.73
CA LEU E 241 4.91 24.50 -13.77
C LEU E 241 3.75 23.80 -14.40
N SER E 242 3.88 23.42 -15.66
CA SER E 242 2.92 22.52 -16.28
C SER E 242 3.06 21.13 -15.62
N HIS E 243 2.05 20.28 -15.81
CA HIS E 243 2.04 18.89 -15.34
C HIS E 243 3.27 18.13 -15.84
N GLU E 244 3.54 18.24 -17.14
CA GLU E 244 4.70 17.55 -17.73
C GLU E 244 6.03 18.10 -17.22
N GLN E 245 6.11 19.42 -16.99
CA GLN E 245 7.32 20.05 -16.46
C GLN E 245 7.61 19.52 -15.04
N LEU E 246 6.59 19.52 -14.19
CA LEU E 246 6.68 18.98 -12.82
C LEU E 246 7.05 17.47 -12.79
N GLY E 247 6.47 16.69 -13.70
CA GLY E 247 6.72 15.26 -13.80
C GLY E 247 8.18 14.99 -14.15
N ALA E 248 8.63 15.61 -15.23
CA ALA E 248 10.04 15.58 -15.65
C ALA E 248 11.00 15.99 -14.53
N LEU E 249 10.72 17.11 -13.89
CA LEU E 249 11.60 17.65 -12.86
C LEU E 249 11.62 16.74 -11.64
N GLU E 250 10.46 16.32 -11.15
CA GLU E 250 10.38 15.37 -10.02
C GLU E 250 11.11 14.06 -10.32
N GLY E 251 10.95 13.58 -11.56
CA GLY E 251 11.59 12.36 -12.06
C GLY E 251 13.11 12.53 -12.06
N TYR E 252 13.59 13.71 -12.51
CA TYR E 252 15.01 14.02 -12.41
C TYR E 252 15.48 13.96 -10.94
N LEU E 253 14.75 14.61 -10.04
CA LEU E 253 15.16 14.68 -8.63
C LEU E 253 15.18 13.33 -7.93
N HIS E 254 14.22 12.47 -8.25
CA HIS E 254 14.04 11.23 -7.54
C HIS E 254 14.57 9.94 -8.22
N SER E 255 14.82 9.95 -9.53
CA SER E 255 15.21 8.71 -10.23
C SER E 255 16.16 8.87 -11.42
N ASP E 256 15.79 9.79 -12.32
CA ASP E 256 16.38 9.92 -13.63
C ASP E 256 17.73 10.62 -13.72
N TYR E 257 18.24 11.15 -12.61
CA TYR E 257 19.36 12.06 -12.75
C TYR E 257 20.68 11.41 -13.11
N LYS E 258 20.95 10.24 -12.55
CA LYS E 258 22.16 9.46 -12.89
C LYS E 258 22.21 9.24 -14.41
N ALA E 259 21.14 8.70 -14.98
CA ALA E 259 21.06 8.42 -16.41
C ALA E 259 21.08 9.68 -17.26
N ILE E 260 20.33 10.70 -16.86
CA ILE E 260 20.28 11.99 -17.56
C ILE E 260 21.65 12.67 -17.64
N ASN E 261 22.32 12.79 -16.49
CA ASN E 261 23.63 13.42 -16.38
C ASN E 261 24.67 12.68 -17.21
N SER E 262 24.67 11.35 -17.11
CA SER E 262 25.63 10.55 -17.85
C SER E 262 25.36 10.72 -19.35
N TYR E 263 24.10 10.58 -19.73
CA TYR E 263 23.70 10.75 -21.13
C TYR E 263 24.15 12.11 -21.69
N LEU E 264 23.97 13.17 -20.89
CA LEU E 264 24.42 14.51 -21.24
C LEU E 264 25.94 14.64 -21.34
N ARG E 265 26.67 14.07 -20.39
CA ARG E 265 28.15 14.05 -20.48
C ARG E 265 28.67 13.23 -21.66
N ASN E 266 27.87 12.25 -22.07
CA ASN E 266 28.18 11.45 -23.24
C ASN E 266 27.79 12.10 -24.57
N ASN E 267 27.38 13.36 -24.51
CA ASN E 267 27.01 14.13 -25.70
C ASN E 267 25.82 13.50 -26.42
N ARG E 268 24.98 12.85 -25.63
CA ARG E 268 23.73 12.25 -26.13
C ARG E 268 23.93 11.08 -27.12
N VAL E 269 25.03 10.33 -26.99
CA VAL E 269 25.16 9.16 -27.88
C VAL E 269 25.19 7.85 -27.05
N PRO E 270 24.41 6.83 -27.49
CA PRO E 270 23.51 6.90 -28.67
C PRO E 270 22.27 7.75 -28.33
N ASN E 271 21.57 8.20 -29.35
CA ASN E 271 20.37 8.99 -29.15
C ASN E 271 19.31 8.30 -28.26
N ASN E 272 18.78 9.03 -27.28
CA ASN E 272 17.73 8.50 -26.42
C ASN E 272 16.60 9.53 -26.33
N ASP E 273 15.57 9.31 -27.17
CA ASP E 273 14.38 10.17 -27.28
C ASP E 273 13.61 10.35 -25.95
N GLU E 274 13.44 9.25 -25.21
CA GLU E 274 12.79 9.32 -23.90
C GLU E 274 13.53 10.32 -23.02
N LEU E 275 14.86 10.23 -23.05
CA LEU E 275 15.74 11.10 -22.29
C LEU E 275 15.76 12.53 -22.81
N ASN E 276 15.86 12.71 -24.13
CA ASN E 276 15.72 14.04 -24.75
C ASN E 276 14.44 14.79 -24.31
N LYS E 277 13.30 14.11 -24.28
CA LYS E 277 12.05 14.74 -23.89
C LYS E 277 12.07 15.18 -22.42
N LYS E 278 12.55 14.29 -21.52
CA LYS E 278 12.76 14.65 -20.11
C LYS E 278 13.66 15.89 -19.90
N ILE E 279 14.80 15.90 -20.56
CA ILE E 279 15.74 17.04 -20.51
C ILE E 279 15.12 18.36 -21.03
N GLU E 280 14.48 18.31 -22.20
CA GLU E 280 13.76 19.44 -22.77
C GLU E 280 12.83 20.07 -21.72
N LEU E 281 12.13 19.22 -20.97
CA LEU E 281 11.12 19.63 -20.00
C LEU E 281 11.71 20.10 -18.68
N ILE E 282 12.83 19.50 -18.27
CA ILE E 282 13.54 19.95 -17.08
C ILE E 282 14.12 21.32 -17.39
N SER E 283 14.75 21.44 -18.54
CA SER E 283 15.40 22.69 -18.88
C SER E 283 14.36 23.81 -18.94
N SER E 284 13.22 23.48 -19.50
CA SER E 284 12.07 24.38 -19.63
C SER E 284 11.42 24.65 -18.28
N ALA E 285 11.28 23.65 -17.41
CA ALA E 285 10.93 23.90 -15.98
C ALA E 285 11.83 24.94 -15.34
N LEU E 286 13.13 24.84 -15.60
CA LEU E 286 14.11 25.71 -14.94
C LEU E 286 14.11 27.16 -15.38
N SER E 287 13.52 27.46 -16.55
CA SER E 287 13.32 28.82 -17.01
C SER E 287 11.98 29.48 -16.58
N VAL E 288 11.11 28.76 -15.87
CA VAL E 288 9.81 29.31 -15.50
C VAL E 288 9.94 30.43 -14.44
N LYS E 289 10.83 30.26 -13.47
CA LYS E 289 11.11 31.29 -12.48
C LYS E 289 12.63 31.45 -12.27
N PRO E 290 13.30 32.18 -13.18
CA PRO E 290 14.76 32.35 -13.11
C PRO E 290 15.16 32.99 -11.79
N ILE E 291 16.40 32.78 -11.36
CA ILE E 291 16.91 33.33 -10.10
C ILE E 291 16.50 34.80 -9.97
N PRO E 292 15.71 35.15 -8.93
CA PRO E 292 15.10 36.49 -8.79
C PRO E 292 16.02 37.63 -8.36
N GLN E 293 17.10 37.29 -7.65
CA GLN E 293 18.11 38.26 -7.33
C GLN E 293 19.49 37.60 -7.35
N THR E 294 20.53 38.37 -7.64
CA THR E 294 21.89 37.83 -7.53
C THR E 294 22.19 37.24 -6.14
N LEU E 295 22.64 35.99 -6.08
CA LEU E 295 23.07 35.42 -4.78
C LEU E 295 24.18 34.42 -5.02
N ILE E 296 24.82 34.02 -3.92
CA ILE E 296 25.87 33.04 -3.90
C ILE E 296 25.25 31.70 -3.57
N ALA E 297 25.55 30.70 -4.38
CA ALA E 297 25.24 29.32 -4.04
C ALA E 297 26.52 28.48 -4.12
N TYR E 298 26.44 27.24 -3.63
CA TYR E 298 27.64 26.48 -3.43
C TYR E 298 27.61 25.07 -3.96
N ARG E 299 28.77 24.61 -4.40
CA ARG E 299 28.91 23.26 -4.89
C ARG E 299 30.31 22.75 -4.59
N ARG E 300 30.40 21.76 -3.72
CA ARG E 300 31.65 21.15 -3.35
C ARG E 300 31.96 19.92 -4.21
N VAL E 301 33.18 19.87 -4.75
CA VAL E 301 33.59 18.76 -5.62
C VAL E 301 34.96 18.29 -5.17
N ASP E 302 35.41 17.15 -5.70
CA ASP E 302 36.73 16.66 -5.37
C ASP E 302 37.65 17.04 -6.55
N GLY E 303 38.78 16.36 -6.70
CA GLY E 303 39.75 16.70 -7.72
C GLY E 303 39.31 16.47 -9.16
N ILE E 304 38.41 15.52 -9.37
CA ILE E 304 38.08 15.02 -10.73
C ILE E 304 37.83 16.10 -11.80
N PRO E 305 37.05 17.16 -11.48
CA PRO E 305 36.93 18.26 -12.42
C PRO E 305 38.27 18.94 -12.82
N PHE E 306 39.31 18.82 -12.02
CA PHE E 306 40.59 19.50 -12.31
C PHE E 306 41.69 18.51 -12.70
N ASP E 307 41.24 17.32 -13.12
CA ASP E 307 42.10 16.19 -13.52
C ASP E 307 43.07 15.78 -12.43
N LEU E 308 42.64 15.98 -11.20
CA LEU E 308 43.43 15.55 -10.06
C LEU E 308 42.84 14.23 -9.55
N PRO E 309 43.67 13.40 -8.87
CA PRO E 309 43.07 12.21 -8.24
C PRO E 309 41.91 12.57 -7.30
N SER E 310 40.92 11.68 -7.20
CA SER E 310 39.74 11.94 -6.37
C SER E 310 40.18 12.32 -4.96
N ASP E 311 41.10 11.51 -4.42
CA ASP E 311 41.73 11.73 -3.12
C ASP E 311 42.92 12.74 -3.10
N PHE E 312 42.97 13.67 -4.04
CA PHE E 312 44.00 14.70 -4.02
C PHE E 312 43.94 15.48 -2.71
N SER E 313 45.11 15.68 -2.12
CA SER E 313 45.22 16.42 -0.86
C SER E 313 46.16 17.60 -1.02
N PHE E 314 45.71 18.77 -0.57
CA PHE E 314 46.57 19.96 -0.46
C PHE E 314 47.33 19.90 0.87
N ASP E 315 47.26 18.79 1.58
CA ASP E 315 48.07 18.64 2.79
C ASP E 315 49.26 17.78 2.55
N LYS E 316 50.17 17.82 3.50
CA LYS E 316 51.41 17.08 3.42
C LYS E 316 51.88 16.85 4.84
N LYS E 317 52.58 15.74 5.06
CA LYS E 317 53.17 15.43 6.35
C LYS E 317 54.60 15.94 6.35
N GLU E 318 54.90 16.84 7.29
CA GLU E 318 56.26 17.31 7.49
C GLU E 318 56.60 17.33 8.98
N ASN E 319 57.69 16.66 9.37
CA ASN E 319 58.06 16.57 10.78
C ASN E 319 57.35 15.39 11.44
N GLY E 320 56.24 14.95 10.84
CA GLY E 320 55.26 14.07 11.45
C GLY E 320 53.92 14.80 11.43
N GLU E 321 53.97 16.08 11.83
CA GLU E 321 52.83 17.02 11.80
C GLU E 321 52.15 17.18 10.43
N ILE E 322 50.91 17.68 10.44
CA ILE E 322 50.13 17.86 9.21
C ILE E 322 50.07 19.37 8.87
N ILE E 323 50.52 19.69 7.66
CA ILE E 323 50.75 21.07 7.23
C ILE E 323 50.21 21.21 5.82
N ALA E 324 49.91 22.45 5.43
CA ALA E 324 49.50 22.74 4.07
C ALA E 324 50.66 22.53 3.10
N ASP E 325 50.34 21.98 1.95
CA ASP E 325 51.26 21.92 0.82
C ASP E 325 51.13 23.22 0.04
N LYS E 326 51.93 24.21 0.45
CA LYS E 326 51.97 25.52 -0.19
C LYS E 326 52.78 25.48 -1.49
N GLN E 327 52.75 24.37 -2.22
CA GLN E 327 53.36 24.33 -3.55
C GLN E 327 52.25 23.80 -4.44
N LYS E 328 51.54 22.78 -3.97
CA LYS E 328 50.27 22.40 -4.58
C LYS E 328 49.26 23.56 -4.61
N LEU E 329 49.13 24.30 -3.52
CA LEU E 329 48.20 25.43 -3.49
C LEU E 329 48.51 26.42 -4.61
N ASN E 330 49.72 27.00 -4.59
CA ASN E 330 50.16 27.98 -5.57
C ASN E 330 49.99 27.51 -7.02
N GLU E 331 50.34 26.26 -7.31
CA GLU E 331 50.28 25.71 -8.68
C GLU E 331 48.85 25.53 -9.14
N PHE E 332 48.01 25.11 -8.20
CA PHE E 332 46.60 25.02 -8.47
C PHE E 332 45.97 26.41 -8.64
N ILE E 333 46.30 27.35 -7.75
CA ILE E 333 45.74 28.71 -7.86
C ILE E 333 46.16 29.38 -9.17
N ASP E 334 47.45 29.29 -9.51
CA ASP E 334 48.00 29.87 -10.73
C ASP E 334 47.37 29.32 -12.00
N LYS E 335 47.07 28.02 -12.00
CA LYS E 335 46.58 27.35 -13.19
C LYS E 335 45.09 27.59 -13.39
N TRP E 336 44.34 27.53 -12.29
CA TRP E 336 42.88 27.53 -12.40
C TRP E 336 42.14 28.88 -12.38
N THR E 337 42.77 29.90 -11.82
CA THR E 337 42.26 31.28 -11.86
C THR E 337 42.15 31.67 -13.30
N GLY E 338 40.99 32.17 -13.70
CA GLY E 338 40.79 32.62 -15.07
C GLY E 338 40.28 31.55 -16.01
N LYS E 339 40.30 30.30 -15.56
CA LYS E 339 39.82 29.20 -16.38
C LYS E 339 38.31 29.12 -16.31
N GLU E 340 37.72 28.52 -17.35
CA GLU E 340 36.29 28.22 -17.39
C GLU E 340 36.04 26.76 -17.01
N ILE E 341 34.95 26.49 -16.29
CA ILE E 341 34.52 25.13 -15.96
C ILE E 341 33.16 24.91 -16.61
N GLU E 342 33.05 23.88 -17.44
CA GLU E 342 31.80 23.51 -18.14
C GLU E 342 30.97 22.48 -17.40
N ASN E 343 29.66 22.53 -17.60
CA ASN E 343 28.79 21.43 -17.19
C ASN E 343 27.80 21.08 -18.27
N LEU E 344 28.00 19.92 -18.86
CA LEU E 344 27.13 19.40 -19.89
C LEU E 344 25.74 19.03 -19.33
N SER E 345 25.71 18.58 -18.07
CA SER E 345 24.46 18.28 -17.43
C SER E 345 23.97 19.39 -16.53
N PHE E 346 22.77 19.18 -15.97
CA PHE E 346 22.23 20.01 -14.89
C PHE E 346 23.15 19.89 -13.68
N SER E 347 23.33 20.98 -12.95
CA SER E 347 24.23 20.92 -11.82
C SER E 347 23.50 21.37 -10.59
N SER E 348 23.68 20.56 -9.58
CA SER E 348 23.12 20.72 -8.27
C SER E 348 24.02 21.58 -7.36
N THR E 349 23.35 22.51 -6.69
CA THR E 349 23.96 23.58 -5.92
C THR E 349 23.18 23.64 -4.59
N SER E 350 23.80 24.20 -3.56
CA SER E 350 23.11 24.43 -2.30
C SER E 350 23.41 25.84 -1.78
N LEU E 351 22.45 26.41 -1.07
CA LEU E 351 22.63 27.65 -0.30
C LEU E 351 23.66 27.48 0.85
N LYS E 352 23.87 26.23 1.29
CA LYS E 352 24.84 25.94 2.32
C LYS E 352 26.17 25.63 1.71
N SER E 353 27.21 26.25 2.25
CA SER E 353 28.58 26.04 1.78
C SER E 353 29.10 24.66 2.16
N THR E 354 28.64 24.11 3.28
CA THR E 354 29.29 22.88 3.81
C THR E 354 28.33 21.81 4.34
N PRO E 355 27.54 21.19 3.44
CA PRO E 355 26.75 20.07 3.95
C PRO E 355 27.75 19.05 4.51
N SER E 356 27.53 18.60 5.75
CA SER E 356 28.52 17.80 6.46
C SER E 356 28.93 16.51 5.73
N SER E 357 28.00 15.94 4.96
CA SER E 357 28.27 14.76 4.16
C SER E 357 29.35 15.04 3.09
N PHE E 358 29.50 16.30 2.70
CA PHE E 358 30.51 16.71 1.70
C PHE E 358 31.70 17.47 2.29
N SER E 359 31.93 17.26 3.59
CA SER E 359 32.91 18.02 4.33
C SER E 359 34.33 17.78 3.87
N LYS E 360 34.60 16.64 3.25
CA LYS E 360 35.96 16.33 2.82
C LYS E 360 36.23 16.66 1.35
N SER E 361 35.24 17.24 0.69
CA SER E 361 35.41 17.74 -0.67
C SER E 361 36.14 19.06 -0.62
N ARG E 362 37.42 19.04 -1.01
CA ARG E 362 38.36 20.18 -0.96
C ARG E 362 38.11 21.37 -1.91
N PHE E 363 37.31 21.15 -2.94
CA PHE E 363 37.15 22.17 -3.97
C PHE E 363 35.75 22.74 -3.92
N ILE E 364 35.65 23.93 -3.30
CA ILE E 364 34.39 24.54 -2.92
C ILE E 364 34.05 25.58 -3.98
N PHE E 365 33.15 25.24 -4.92
CA PHE E 365 32.64 26.26 -5.84
C PHE E 365 31.71 27.25 -5.14
N ARG E 366 32.16 28.49 -5.08
CA ARG E 366 31.37 29.60 -4.57
C ARG E 366 30.92 30.38 -5.81
N LEU E 367 29.68 30.12 -6.20
CA LEU E 367 29.15 30.54 -7.49
C LEU E 367 28.24 31.72 -7.36
N ARG E 368 28.58 32.79 -8.05
CA ARG E 368 27.66 33.91 -8.19
C ARG E 368 26.56 33.60 -9.20
N LEU E 369 25.32 33.58 -8.73
CA LEU E 369 24.15 33.33 -9.56
C LEU E 369 23.47 34.63 -9.90
N SER E 370 23.65 35.07 -11.15
CA SER E 370 23.07 36.31 -11.66
C SER E 370 21.54 36.31 -11.57
N GLU E 371 20.97 37.45 -11.20
CA GLU E 371 19.53 37.60 -11.30
C GLU E 371 19.16 37.27 -12.77
N GLY E 372 18.18 36.39 -12.97
CA GLY E 372 17.75 35.95 -14.30
C GLY E 372 18.34 34.61 -14.75
N ALA E 373 19.19 34.02 -13.91
CA ALA E 373 19.85 32.79 -14.26
C ALA E 373 18.84 31.67 -14.26
N ILE E 374 19.07 30.68 -15.11
CA ILE E 374 18.11 29.61 -15.34
C ILE E 374 18.39 28.51 -14.33
N GLY E 375 17.49 28.38 -13.37
CA GLY E 375 17.61 27.43 -12.27
C GLY E 375 16.48 27.68 -11.30
N ALA E 376 16.34 26.78 -10.32
CA ALA E 376 15.27 26.92 -9.36
C ALA E 376 15.64 26.32 -8.02
N PHE E 377 15.18 26.95 -6.94
CA PHE E 377 15.30 26.38 -5.61
C PHE E 377 14.28 25.22 -5.49
N ILE E 378 14.74 24.08 -4.99
CA ILE E 378 13.91 22.89 -4.96
C ILE E 378 13.06 22.95 -3.69
N TYR E 379 11.84 23.44 -3.89
CA TYR E 379 10.81 23.62 -2.87
C TYR E 379 9.51 22.97 -3.35
N GLY E 380 8.89 22.22 -2.44
CA GLY E 380 7.60 21.61 -2.68
C GLY E 380 7.68 20.20 -3.23
N PHE E 381 8.85 19.57 -3.05
CA PHE E 381 9.03 18.19 -3.49
C PHE E 381 9.22 17.35 -2.26
N SER E 382 8.33 16.36 -2.08
CA SER E 382 8.45 15.48 -0.93
C SER E 382 9.76 14.69 -1.01
N GLY E 383 10.44 14.57 0.13
CA GLY E 383 11.68 13.80 0.22
C GLY E 383 12.89 14.65 0.55
N PHE E 384 12.82 15.92 0.14
CA PHE E 384 13.92 16.87 0.33
C PHE E 384 13.56 17.90 1.42
N GLN E 385 12.75 17.44 2.39
CA GLN E 385 12.29 18.19 3.57
C GLN E 385 13.16 19.40 3.96
N ASP E 386 14.48 19.22 3.97
CA ASP E 386 15.35 20.33 4.33
C ASP E 386 16.73 20.34 3.66
N GLU E 387 16.81 19.96 2.39
CA GLU E 387 17.93 20.44 1.61
C GLU E 387 17.61 21.87 1.15
N GLN E 388 18.61 22.54 0.60
CA GLN E 388 18.42 23.88 0.13
C GLN E 388 19.04 23.95 -1.27
N GLU E 389 18.53 23.08 -2.12
CA GLU E 389 19.09 22.89 -3.43
C GLU E 389 18.55 23.93 -4.38
N ILE E 390 19.47 24.54 -5.13
CA ILE E 390 19.23 25.22 -6.41
C ILE E 390 19.82 24.36 -7.52
N LEU E 391 18.98 24.00 -8.47
CA LEU E 391 19.38 23.18 -9.57
C LEU E 391 19.54 24.13 -10.70
N LEU E 392 20.72 24.09 -11.32
CA LEU E 392 21.04 24.94 -12.43
C LEU E 392 20.83 24.23 -13.75
N ASN E 393 20.37 24.98 -14.74
CA ASN E 393 20.26 24.47 -16.12
C ASN E 393 21.57 23.82 -16.63
N LYS E 394 21.40 22.77 -17.44
CA LYS E 394 22.48 22.14 -18.23
C LYS E 394 23.24 23.21 -19.06
N ASN E 395 24.49 22.88 -19.44
CA ASN E 395 25.40 23.81 -20.15
C ASN E 395 25.69 25.15 -19.50
N SER E 396 25.80 25.16 -18.18
CA SER E 396 26.13 26.36 -17.42
C SER E 396 27.63 26.41 -17.26
N THR E 397 28.26 27.41 -17.87
CA THR E 397 29.71 27.61 -17.81
C THR E 397 30.07 28.65 -16.75
N PHE E 398 31.00 28.29 -15.87
CA PHE E 398 31.54 29.23 -14.88
C PHE E 398 32.99 29.57 -15.15
N LYS E 399 33.29 30.88 -15.14
CA LYS E 399 34.69 31.33 -15.20
C LYS E 399 35.16 31.67 -13.79
N ILE E 400 36.28 31.06 -13.40
CA ILE E 400 36.91 31.29 -12.08
C ILE E 400 37.64 32.65 -12.02
N PHE E 401 37.35 33.43 -11.01
CA PHE E 401 38.01 34.73 -10.91
C PHE E 401 38.89 34.87 -9.68
N ARG E 402 38.76 33.92 -8.74
CA ARG E 402 39.62 33.91 -7.55
C ARG E 402 39.60 32.58 -6.86
N ILE E 403 40.74 32.18 -6.32
CA ILE E 403 40.81 30.95 -5.54
C ILE E 403 41.51 31.27 -4.22
N THR E 404 40.84 30.95 -3.11
CA THR E 404 41.32 31.28 -1.76
C THR E 404 41.54 30.01 -0.94
N PRO E 405 42.77 29.79 -0.51
CA PRO E 405 43.07 28.69 0.40
C PRO E 405 42.43 28.89 1.77
N ILE E 406 41.87 27.82 2.32
CA ILE E 406 41.34 27.85 3.69
C ILE E 406 41.84 26.63 4.45
N THR E 407 41.59 26.61 5.75
CA THR E 407 41.75 25.42 6.59
C THR E 407 40.34 25.10 7.13
N SER E 408 39.65 24.16 6.49
CA SER E 408 38.30 23.81 6.91
C SER E 408 38.41 22.93 8.13
N ILE E 409 37.50 23.14 9.09
CA ILE E 409 37.45 22.33 10.32
C ILE E 409 36.40 21.22 10.10
N ILE E 410 36.84 19.96 10.10
CA ILE E 410 35.96 18.81 9.81
C ILE E 410 35.30 18.28 11.08
N ASN E 411 36.11 18.08 12.13
CA ASN E 411 35.62 17.68 13.45
C ASN E 411 36.60 18.11 14.56
N ARG E 412 36.38 17.67 15.80
CA ARG E 412 37.20 18.09 16.97
C ARG E 412 38.70 17.83 16.84
N VAL E 413 39.02 16.79 16.09
CA VAL E 413 40.37 16.25 15.92
C VAL E 413 40.97 16.46 14.50
N THR E 414 40.17 17.01 13.58
CA THR E 414 40.52 17.02 12.16
C THR E 414 40.23 18.35 11.49
N LYS E 415 41.20 18.81 10.70
CA LYS E 415 41.04 19.91 9.75
C LYS E 415 41.79 19.64 8.42
N MET E 416 41.45 20.38 7.37
CA MET E 416 41.91 20.02 6.05
C MET E 416 41.98 21.27 5.23
N THR E 417 43.09 21.42 4.48
CA THR E 417 43.32 22.54 3.62
C THR E 417 42.41 22.37 2.41
N GLN E 418 41.61 23.41 2.15
CA GLN E 418 40.65 23.39 1.06
C GLN E 418 40.78 24.67 0.27
N VAL E 419 40.06 24.75 -0.85
CA VAL E 419 40.07 25.99 -1.66
C VAL E 419 38.69 26.52 -2.01
N VAL E 420 38.46 27.78 -1.66
CA VAL E 420 37.23 28.45 -2.10
C VAL E 420 37.43 29.07 -3.50
N ILE E 421 36.63 28.62 -4.44
CA ILE E 421 36.82 28.94 -5.85
C ILE E 421 35.66 29.83 -6.24
N ASP E 422 35.94 31.13 -6.33
CA ASP E 422 34.94 32.09 -6.79
C ASP E 422 34.75 32.01 -8.31
N ALA E 423 33.49 31.86 -8.73
CA ALA E 423 33.18 31.75 -10.14
C ALA E 423 31.85 32.43 -10.50
N GLU E 424 31.77 32.97 -11.71
CA GLU E 424 30.55 33.65 -12.19
C GLU E 424 30.14 33.04 -13.53
N GLY E 425 28.85 33.08 -13.84
CA GLY E 425 28.35 32.53 -15.10
C GLY E 425 28.84 33.28 -16.34
N ILE E 426 29.13 32.55 -17.41
CA ILE E 426 29.44 33.18 -18.70
C ILE E 426 28.74 32.49 -19.85
N GLN E 427 29.12 32.89 -21.08
CA GLN E 427 28.32 32.86 -22.32
C GLN E 427 27.34 34.02 -22.14
N ASN E 428 27.86 35.23 -22.38
CA ASN E 428 27.29 36.47 -21.85
C ASN E 428 25.78 36.60 -21.99
N GLU F 6 -65.90 -13.84 25.26
CA GLU F 6 -66.59 -12.57 24.88
C GLU F 6 -65.99 -11.36 25.64
N PRO F 7 -66.04 -10.16 25.04
CA PRO F 7 -65.31 -9.01 25.59
C PRO F 7 -65.56 -8.66 27.06
N ILE F 8 -64.49 -8.24 27.74
CA ILE F 8 -64.55 -7.62 29.05
C ILE F 8 -65.06 -6.20 28.81
N ASP F 9 -66.26 -5.90 29.29
CA ASP F 9 -66.90 -4.63 28.99
C ASP F 9 -67.57 -4.01 30.23
N PHE F 10 -66.79 -3.81 31.29
CA PHE F 10 -67.33 -3.42 32.59
C PHE F 10 -67.88 -1.98 32.70
N ILE F 11 -67.58 -1.13 31.71
CA ILE F 11 -68.14 0.22 31.58
C ILE F 11 -69.66 0.14 31.63
N ASN F 12 -70.16 -0.93 31.05
CA ASN F 12 -71.59 -1.17 30.94
C ASN F 12 -72.15 -2.13 31.97
N LYS F 13 -71.43 -2.31 33.07
CA LYS F 13 -71.86 -3.24 34.10
C LYS F 13 -71.82 -2.64 35.49
N PRO F 14 -72.61 -3.21 36.44
CA PRO F 14 -72.47 -2.76 37.83
C PRO F 14 -71.00 -2.75 38.28
N GLU F 15 -70.62 -1.72 39.03
CA GLU F 15 -69.24 -1.59 39.48
C GLU F 15 -68.87 -2.79 40.39
N SER F 16 -69.86 -3.36 41.08
CA SER F 16 -69.66 -4.54 41.91
C SER F 16 -69.27 -5.77 41.11
N GLU F 17 -69.64 -5.82 39.84
CA GLU F 17 -69.19 -6.90 38.97
C GLU F 17 -67.70 -6.76 38.59
N ALA F 18 -67.28 -5.56 38.20
CA ALA F 18 -65.87 -5.28 37.99
C ALA F 18 -64.99 -5.65 39.22
N LYS F 19 -65.44 -5.27 40.42
CA LYS F 19 -64.71 -5.56 41.66
C LYS F 19 -64.50 -7.04 41.93
N LYS F 20 -65.54 -7.84 41.70
CA LYS F 20 -65.45 -9.29 41.90
C LYS F 20 -64.53 -9.90 40.87
N TRP F 21 -64.70 -9.50 39.62
CA TRP F 21 -63.79 -9.91 38.58
C TRP F 21 -62.32 -9.49 38.88
N GLY F 22 -62.11 -8.18 39.13
CA GLY F 22 -60.77 -7.66 39.42
C GLY F 22 -60.10 -8.31 40.64
N LYS F 23 -60.86 -8.53 41.72
CA LYS F 23 -60.34 -9.16 42.94
C LYS F 23 -59.76 -10.55 42.65
N GLU F 24 -60.56 -11.39 41.99
CA GLU F 24 -60.18 -12.73 41.58
C GLU F 24 -59.04 -12.74 40.56
N GLU F 25 -59.11 -11.87 39.56
CA GLU F 25 -58.03 -11.75 38.55
C GLU F 25 -56.69 -11.27 39.10
N GLU F 26 -56.71 -10.26 39.97
CA GLU F 26 -55.48 -9.84 40.66
C GLU F 26 -54.90 -10.99 41.51
N LYS F 27 -55.77 -11.70 42.21
CA LYS F 27 -55.36 -12.85 43.03
C LYS F 27 -54.67 -13.94 42.18
N ARG F 28 -55.22 -14.24 41.01
CA ARG F 28 -54.59 -15.18 40.07
C ARG F 28 -53.21 -14.73 39.60
N TRP F 29 -53.13 -13.47 39.17
CA TRP F 29 -51.88 -12.89 38.74
C TRP F 29 -50.81 -12.95 39.82
N PHE F 30 -51.12 -12.41 41.00
CA PHE F 30 -50.14 -12.31 42.08
C PHE F 30 -49.55 -13.65 42.45
N THR F 31 -50.33 -14.72 42.30
CA THR F 31 -49.89 -16.10 42.55
C THR F 31 -48.71 -16.57 41.65
N LYS F 32 -48.62 -15.94 40.47
CA LYS F 32 -47.61 -16.22 39.46
C LYS F 32 -46.33 -15.41 39.72
N LEU F 33 -46.39 -14.51 40.69
CA LEU F 33 -45.30 -13.56 40.91
C LEU F 33 -44.48 -13.93 42.13
N ASN F 34 -43.18 -13.58 42.15
CA ASN F 34 -42.39 -13.66 43.37
C ASN F 34 -42.70 -12.45 44.23
N ASN F 35 -42.32 -12.49 45.50
CA ASN F 35 -42.57 -11.38 46.43
C ASN F 35 -42.26 -10.00 45.82
N LEU F 36 -41.07 -9.88 45.25
CA LEU F 36 -40.54 -8.65 44.66
C LEU F 36 -41.30 -8.13 43.43
N GLU F 37 -41.65 -9.05 42.52
CA GLU F 37 -42.53 -8.75 41.41
C GLU F 37 -43.89 -8.25 41.92
N GLU F 38 -44.35 -8.82 43.04
CA GLU F 38 -45.64 -8.41 43.57
C GLU F 38 -45.58 -7.01 44.18
N VAL F 39 -44.61 -6.75 45.06
CA VAL F 39 -44.33 -5.38 45.53
C VAL F 39 -44.22 -4.43 44.31
N ALA F 40 -43.44 -4.79 43.31
CA ALA F 40 -43.21 -3.88 42.17
C ALA F 40 -44.49 -3.49 41.45
N VAL F 41 -45.40 -4.43 41.34
CA VAL F 41 -46.64 -4.19 40.61
C VAL F 41 -47.69 -3.50 41.51
N ASN F 42 -47.74 -3.93 42.75
CA ASN F 42 -48.70 -3.43 43.73
C ASN F 42 -48.41 -1.98 44.12
N GLN F 43 -47.15 -1.55 44.07
CA GLN F 43 -46.78 -0.16 44.35
C GLN F 43 -47.44 0.80 43.34
N LEU F 44 -47.86 0.29 42.18
CA LEU F 44 -48.44 1.14 41.14
C LEU F 44 -49.84 1.65 41.45
N LYS F 45 -50.41 1.19 42.55
CA LYS F 45 -51.73 1.63 42.99
C LYS F 45 -51.66 2.99 43.70
N ASN F 46 -50.46 3.37 44.16
CA ASN F 46 -50.18 4.71 44.71
C ASN F 46 -49.80 5.67 43.59
N LYS F 47 -50.59 6.73 43.48
CA LYS F 47 -50.58 7.65 42.33
C LYS F 47 -49.24 8.35 42.10
N GLU F 48 -48.54 8.71 43.18
CA GLU F 48 -47.17 9.27 43.10
C GLU F 48 -46.19 8.21 42.55
N TYR F 49 -46.20 7.01 43.15
CA TYR F 49 -45.35 5.92 42.66
C TYR F 49 -45.67 5.54 41.21
N LYS F 50 -46.94 5.57 40.83
CA LYS F 50 -47.27 5.23 39.45
C LYS F 50 -46.63 6.26 38.50
N THR F 51 -46.81 7.54 38.81
CA THR F 51 -46.18 8.65 38.08
C THR F 51 -44.66 8.48 38.04
N LYS F 52 -44.05 8.34 39.21
CA LYS F 52 -42.62 8.04 39.30
C LYS F 52 -42.19 7.02 38.25
N ILE F 53 -42.75 5.81 38.35
CA ILE F 53 -42.41 4.65 37.50
C ILE F 53 -42.67 4.92 36.01
N ASP F 54 -43.79 5.54 35.69
CA ASP F 54 -44.04 5.87 34.28
C ASP F 54 -43.01 6.87 33.73
N ASN F 55 -42.59 7.82 34.58
CA ASN F 55 -41.54 8.77 34.22
C ASN F 55 -40.21 8.06 33.99
N PHE F 56 -39.80 7.25 34.95
CA PHE F 56 -38.55 6.52 34.83
C PHE F 56 -38.52 5.52 33.66
N SER F 57 -39.62 4.80 33.42
CA SER F 57 -39.66 3.78 32.34
C SER F 57 -39.62 4.44 30.94
N THR F 58 -39.95 5.74 30.92
CA THR F 58 -39.77 6.59 29.74
C THR F 58 -38.30 6.99 29.65
N ASP F 59 -37.70 7.35 30.80
CA ASP F 59 -36.34 7.92 30.85
C ASP F 59 -35.29 6.97 30.27
N ILE F 60 -35.43 5.68 30.60
CA ILE F 60 -34.48 4.64 30.22
C ILE F 60 -34.51 4.27 28.73
N LEU F 61 -35.63 4.56 28.07
CA LEU F 61 -35.74 4.40 26.63
C LEU F 61 -34.90 5.45 25.93
N PHE F 62 -34.64 6.57 26.62
CA PHE F 62 -33.88 7.66 26.04
C PHE F 62 -32.60 7.95 26.85
N SER F 63 -32.00 6.88 27.35
CA SER F 63 -30.66 6.90 27.91
C SER F 63 -29.90 5.86 27.11
N SER F 64 -28.62 6.09 26.92
CA SER F 64 -27.69 5.19 26.22
C SER F 64 -27.60 3.81 26.87
N LEU F 65 -27.16 2.83 26.10
CA LEU F 65 -26.96 1.46 26.57
C LEU F 65 -25.94 1.40 27.70
N THR F 66 -24.95 2.29 27.58
CA THR F 66 -23.91 2.51 28.57
C THR F 66 -24.53 2.94 29.88
N ALA F 67 -25.41 3.93 29.83
CA ALA F 67 -26.13 4.38 31.02
C ALA F 67 -26.98 3.25 31.64
N ILE F 68 -27.64 2.46 30.78
CA ILE F 68 -28.45 1.31 31.23
C ILE F 68 -27.58 0.31 32.00
N GLU F 69 -26.38 0.03 31.47
CA GLU F 69 -25.50 -0.97 32.02
C GLU F 69 -24.87 -0.50 33.33
N ILE F 70 -24.64 0.80 33.45
CA ILE F 70 -24.17 1.41 34.68
C ILE F 70 -25.22 1.21 35.78
N MET F 71 -26.47 1.52 35.42
CA MET F 71 -27.61 1.34 36.33
C MET F 71 -27.81 -0.13 36.72
N LYS F 72 -27.60 -1.02 35.75
CA LYS F 72 -27.62 -2.47 35.97
C LYS F 72 -26.61 -2.95 37.02
N GLU F 73 -25.42 -2.38 37.01
CA GLU F 73 -24.34 -2.88 37.86
C GLU F 73 -24.43 -2.29 39.26
N ASP F 74 -24.88 -1.04 39.29
CA ASP F 74 -25.10 -0.25 40.49
C ASP F 74 -26.41 -0.68 41.17
N GLU F 75 -27.08 -1.66 40.56
CA GLU F 75 -28.36 -2.23 41.04
C GLU F 75 -29.52 -1.22 41.25
N ASN F 76 -29.70 -0.32 40.29
CA ASN F 76 -30.72 0.73 40.36
C ASN F 76 -32.15 0.22 40.65
N ARG F 77 -32.73 0.70 41.75
CA ARG F 77 -34.05 0.23 42.23
C ARG F 77 -35.19 0.50 41.25
N ASN F 78 -35.14 1.65 40.61
CA ASN F 78 -36.12 2.04 39.63
C ASN F 78 -36.03 1.17 38.40
N LEU F 79 -34.80 0.88 37.95
CA LEU F 79 -34.61 0.00 36.79
C LEU F 79 -35.08 -1.41 37.12
N PHE F 80 -34.73 -1.89 38.32
CA PHE F 80 -35.17 -3.21 38.78
C PHE F 80 -36.69 -3.32 38.92
N ASP F 81 -37.35 -2.27 39.39
CA ASP F 81 -38.81 -2.25 39.44
C ASP F 81 -39.38 -2.26 38.02
N VAL F 82 -38.81 -1.47 37.09
CA VAL F 82 -39.31 -1.45 35.69
C VAL F 82 -39.23 -2.84 35.02
N GLU F 83 -38.11 -3.54 35.24
CA GLU F 83 -37.94 -4.88 34.64
C GLU F 83 -38.87 -5.92 35.26
N ARG F 84 -39.08 -5.82 36.58
CA ARG F 84 -39.98 -6.74 37.28
C ARG F 84 -41.45 -6.57 36.87
N ILE F 85 -41.86 -5.33 36.61
CA ILE F 85 -43.21 -5.10 36.11
C ILE F 85 -43.34 -5.73 34.72
N ARG F 86 -42.38 -5.43 33.84
CA ARG F 86 -42.36 -6.04 32.50
C ARG F 86 -42.44 -7.57 32.60
N GLU F 87 -41.71 -8.14 33.56
CA GLU F 87 -41.71 -9.58 33.78
C GLU F 87 -43.09 -10.07 34.22
N ALA F 88 -43.68 -9.40 35.20
CA ALA F 88 -45.04 -9.70 35.67
C ALA F 88 -46.10 -9.71 34.52
N LEU F 89 -45.96 -8.80 33.56
CA LEU F 89 -46.94 -8.69 32.46
C LEU F 89 -46.94 -9.86 31.51
N LEU F 90 -45.81 -10.55 31.41
CA LEU F 90 -45.61 -11.69 30.51
C LEU F 90 -46.46 -12.92 30.92
N LYS F 91 -46.92 -12.91 32.16
CA LYS F 91 -47.48 -14.05 32.84
C LYS F 91 -48.97 -14.35 32.63
N ASN F 92 -49.72 -13.37 32.10
CA ASN F 92 -51.10 -13.61 31.65
C ASN F 92 -51.25 -13.08 30.22
N THR F 93 -52.06 -13.75 29.42
CA THR F 93 -52.40 -13.20 28.13
C THR F 93 -53.91 -13.29 27.94
N LEU F 94 -54.47 -12.23 27.37
CA LEU F 94 -55.90 -12.09 27.27
C LEU F 94 -56.55 -13.24 26.50
N ASP F 95 -57.68 -13.67 27.06
CA ASP F 95 -58.60 -14.70 26.56
C ASP F 95 -59.67 -14.12 25.66
N ARG F 96 -59.89 -12.83 25.84
CA ARG F 96 -61.00 -12.13 25.24
C ARG F 96 -60.57 -10.68 25.10
N ASP F 97 -61.29 -9.92 24.26
CA ASP F 97 -61.03 -8.52 24.13
C ASP F 97 -61.39 -7.85 25.45
N ALA F 98 -60.83 -6.67 25.68
CA ALA F 98 -61.23 -5.84 26.78
C ALA F 98 -61.48 -4.43 26.24
N ILE F 99 -62.58 -3.84 26.70
CA ILE F 99 -62.94 -2.47 26.36
C ILE F 99 -62.76 -1.60 27.59
N GLY F 100 -62.12 -0.45 27.40
CA GLY F 100 -61.94 0.53 28.45
C GLY F 100 -61.26 1.81 28.02
N TYR F 101 -60.73 2.49 29.05
CA TYR F 101 -60.17 3.85 28.96
C TYR F 101 -58.69 3.85 29.24
N VAL F 102 -57.90 4.33 28.29
CA VAL F 102 -56.45 4.44 28.49
C VAL F 102 -56.08 5.79 29.05
N ASN F 103 -55.04 5.78 29.88
CA ASN F 103 -54.57 6.94 30.62
C ASN F 103 -53.67 7.87 29.76
N PHE F 104 -54.29 8.62 28.87
CA PHE F 104 -53.64 9.75 28.20
C PHE F 104 -54.28 11.06 28.68
N THR F 105 -53.46 11.95 29.22
CA THR F 105 -53.85 13.32 29.50
C THR F 105 -53.77 14.15 28.18
N PRO F 106 -54.40 15.35 28.12
CA PRO F 106 -54.33 16.18 26.91
C PRO F 106 -52.91 16.52 26.40
N LYS F 107 -51.96 16.75 27.31
CA LYS F 107 -50.60 17.11 26.90
C LYS F 107 -49.89 15.92 26.24
N GLU F 108 -50.29 14.69 26.59
CA GLU F 108 -49.80 13.46 25.92
C GLU F 108 -50.44 13.26 24.53
N LEU F 109 -51.35 14.16 24.18
CA LEU F 109 -51.98 14.20 22.87
C LEU F 109 -51.55 15.48 22.15
N GLY F 110 -50.47 16.09 22.63
CA GLY F 110 -49.97 17.35 22.08
C GLY F 110 -50.81 18.60 22.33
N ILE F 111 -51.84 18.49 23.16
CA ILE F 111 -52.78 19.58 23.42
C ILE F 111 -52.28 20.42 24.60
N ASN F 112 -52.05 21.70 24.33
CA ASN F 112 -51.48 22.60 25.33
C ASN F 112 -52.45 23.70 25.71
N PHE F 113 -53.52 23.84 24.92
CA PHE F 113 -54.52 24.88 25.16
C PHE F 113 -55.61 24.33 26.10
N SER F 114 -56.23 25.23 26.86
CA SER F 114 -57.31 24.86 27.77
C SER F 114 -58.50 24.25 27.04
N ILE F 115 -59.06 23.21 27.64
CA ILE F 115 -60.19 22.50 27.04
C ILE F 115 -61.52 22.94 27.66
N ARG F 116 -61.60 22.96 28.98
CA ARG F 116 -62.81 23.43 29.66
C ARG F 116 -62.74 24.92 29.94
N ASP F 117 -63.91 25.58 29.99
CA ASP F 117 -63.99 27.01 30.31
C ASP F 117 -63.28 27.28 31.66
N VAL F 118 -62.48 28.33 31.71
CA VAL F 118 -61.75 28.74 32.90
C VAL F 118 -62.71 29.01 34.07
N GLU F 119 -63.84 29.64 33.77
CA GLU F 119 -64.79 30.06 34.77
C GLU F 119 -65.36 28.93 35.64
N LEU F 120 -66.01 27.94 35.03
CA LEU F 120 -66.66 26.88 35.81
C LEU F 120 -65.91 25.55 35.72
N ASP F 121 -64.99 25.46 34.75
CA ASP F 121 -64.21 24.27 34.49
C ASP F 121 -65.14 23.07 34.24
N ARG F 122 -66.14 23.32 33.40
CA ARG F 122 -67.23 22.38 33.20
C ARG F 122 -67.61 22.24 31.71
N ASP F 123 -67.65 23.35 30.98
CA ASP F 123 -68.10 23.39 29.58
C ASP F 123 -67.02 23.38 28.50
N ILE F 124 -67.33 22.70 27.40
CA ILE F 124 -66.47 22.65 26.20
C ILE F 124 -67.27 23.12 24.99
N SER F 125 -66.73 24.10 24.27
CA SER F 125 -67.43 24.64 23.11
C SER F 125 -67.14 23.80 21.86
N ASP F 126 -67.99 23.91 20.84
CA ASP F 126 -67.82 23.17 19.57
C ASP F 126 -66.54 23.59 18.85
N GLU F 127 -66.22 24.89 18.95
CA GLU F 127 -64.97 25.44 18.46
C GLU F 127 -63.74 24.80 19.11
N THR F 128 -63.76 24.54 20.42
CA THR F 128 -62.67 23.81 21.10
C THR F 128 -62.62 22.35 20.63
N LEU F 129 -63.78 21.71 20.48
CA LEU F 129 -63.83 20.35 19.94
C LEU F 129 -63.22 20.30 18.53
N ASP F 130 -63.55 21.28 17.67
CA ASP F 130 -63.04 21.27 16.31
C ASP F 130 -61.53 21.47 16.30
N LYS F 131 -61.05 22.27 17.26
CA LYS F 131 -59.61 22.55 17.37
C LYS F 131 -58.82 21.31 17.78
N VAL F 132 -59.33 20.49 18.71
CA VAL F 132 -58.62 19.22 18.99
C VAL F 132 -58.85 18.18 17.88
N ARG F 133 -60.00 18.23 17.23
CA ARG F 133 -60.27 17.34 16.10
C ARG F 133 -59.23 17.52 15.01
N GLN F 134 -59.00 18.77 14.60
CA GLN F 134 -57.98 19.07 13.57
C GLN F 134 -56.60 18.62 13.99
N GLN F 135 -56.31 18.77 15.27
CA GLN F 135 -55.04 18.44 15.89
C GLN F 135 -54.76 16.94 16.03
N ILE F 136 -55.71 16.19 16.60
CA ILE F 136 -55.43 14.81 16.99
C ILE F 136 -55.93 13.70 16.06
N ILE F 137 -56.90 13.99 15.21
CA ILE F 137 -57.57 12.90 14.47
C ILE F 137 -56.65 12.28 13.42
N ASN F 138 -56.47 10.96 13.50
CA ASN F 138 -55.55 10.21 12.63
C ASN F 138 -54.09 10.33 13.04
N GLN F 139 -53.78 11.19 14.02
CA GLN F 139 -52.41 11.22 14.56
C GLN F 139 -52.15 9.99 15.45
N GLU F 140 -50.90 9.71 15.76
CA GLU F 140 -50.53 8.53 16.53
C GLU F 140 -49.60 8.93 17.66
N TYR F 141 -50.03 8.71 18.90
CA TYR F 141 -49.33 9.17 20.11
C TYR F 141 -48.87 8.00 20.94
N THR F 142 -47.57 7.91 21.20
CA THR F 142 -46.99 6.77 21.89
C THR F 142 -47.08 6.94 23.40
N LYS F 143 -47.54 5.91 24.10
CA LYS F 143 -47.42 5.87 25.53
C LYS F 143 -46.11 5.12 25.80
N PHE F 144 -45.04 5.88 26.04
CA PHE F 144 -43.69 5.33 26.25
C PHE F 144 -43.62 4.42 27.46
N SER F 145 -44.40 4.74 28.48
CA SER F 145 -44.39 3.95 29.69
C SER F 145 -45.41 2.82 29.55
N PHE F 146 -45.61 2.07 30.62
CA PHE F 146 -46.70 1.13 30.70
C PHE F 146 -48.00 1.91 30.49
N ILE F 147 -49.03 1.20 30.07
CA ILE F 147 -50.31 1.83 29.83
C ILE F 147 -51.38 1.15 30.71
N SER F 148 -52.33 1.94 31.19
CA SER F 148 -53.47 1.42 31.96
C SER F 148 -54.72 1.43 31.10
N LEU F 149 -55.51 0.37 31.24
CA LEU F 149 -56.86 0.31 30.72
C LEU F 149 -57.81 0.25 31.90
N GLY F 150 -58.37 1.41 32.24
CA GLY F 150 -59.41 1.51 33.26
C GLY F 150 -60.67 0.81 32.74
N LEU F 151 -61.20 -0.10 33.54
CA LEU F 151 -62.24 -1.00 33.07
C LEU F 151 -63.70 -0.53 33.19
N ASN F 152 -63.95 0.48 34.03
CA ASN F 152 -65.26 1.12 34.10
C ASN F 152 -65.17 2.60 34.34
N ASP F 153 -66.33 3.21 34.58
CA ASP F 153 -66.39 4.67 34.69
C ASP F 153 -65.75 5.20 35.95
N ASN F 154 -65.50 4.34 36.94
CA ASN F 154 -64.77 4.78 38.12
C ASN F 154 -63.32 5.13 37.86
N SER F 155 -62.82 4.68 36.71
CA SER F 155 -61.48 5.05 36.25
C SER F 155 -61.41 6.45 35.68
N ILE F 156 -62.56 7.08 35.43
CA ILE F 156 -62.57 8.40 34.79
C ILE F 156 -62.12 9.47 35.79
N ASN F 157 -61.02 10.13 35.49
CA ASN F 157 -60.59 11.26 36.29
C ASN F 157 -61.28 12.53 35.78
N GLU F 158 -62.20 13.03 36.60
CA GLU F 158 -62.97 14.24 36.26
C GLU F 158 -62.15 15.54 36.06
N SER F 159 -60.95 15.61 36.63
CA SER F 159 -60.06 16.75 36.38
C SER F 159 -59.32 16.59 35.03
N VAL F 160 -59.42 15.40 34.44
CA VAL F 160 -58.87 15.19 33.10
C VAL F 160 -60.01 15.35 32.08
N PRO F 161 -59.95 16.40 31.24
CA PRO F 161 -61.09 16.79 30.38
C PRO F 161 -61.24 15.94 29.12
N VAL F 162 -60.52 14.85 29.07
CA VAL F 162 -60.46 14.03 27.89
C VAL F 162 -60.68 12.57 28.32
N ILE F 163 -61.43 11.81 27.53
CA ILE F 163 -61.60 10.38 27.78
C ILE F 163 -61.17 9.63 26.52
N VAL F 164 -60.26 8.66 26.69
CA VAL F 164 -59.74 7.89 25.56
C VAL F 164 -60.17 6.44 25.63
N LYS F 165 -61.12 6.11 24.77
CA LYS F 165 -61.76 4.80 24.78
C LYS F 165 -61.27 3.96 23.61
N THR F 166 -60.93 2.71 23.91
CA THR F 166 -60.32 1.83 22.95
C THR F 166 -60.57 0.38 23.37
N ARG F 167 -59.94 -0.55 22.67
CA ARG F 167 -60.08 -1.96 22.94
C ARG F 167 -58.70 -2.59 22.85
N VAL F 168 -58.44 -3.51 23.79
CA VAL F 168 -57.29 -4.39 23.66
C VAL F 168 -57.78 -5.78 23.17
N PRO F 169 -57.22 -6.29 22.06
CA PRO F 169 -57.58 -7.65 21.59
C PRO F 169 -57.05 -8.79 22.47
N THR F 170 -57.71 -9.93 22.37
CA THR F 170 -57.25 -11.14 23.00
C THR F 170 -55.87 -11.50 22.46
N THR F 171 -55.09 -12.25 23.25
CA THR F 171 -53.68 -12.68 22.96
C THR F 171 -52.62 -11.65 23.39
N PHE F 172 -53.07 -10.47 23.80
CA PHE F 172 -52.15 -9.46 24.30
C PHE F 172 -51.92 -9.69 25.79
N ASP F 173 -50.70 -9.39 26.25
CA ASP F 173 -50.28 -9.58 27.66
C ASP F 173 -50.81 -8.46 28.56
N TYR F 174 -51.08 -8.78 29.83
CA TYR F 174 -51.75 -7.83 30.71
C TYR F 174 -51.62 -8.26 32.17
N GLY F 175 -51.86 -7.30 33.06
CA GLY F 175 -52.01 -7.54 34.48
C GLY F 175 -53.30 -6.84 34.88
N VAL F 176 -53.82 -7.17 36.07
CA VAL F 176 -55.04 -6.60 36.58
C VAL F 176 -54.70 -6.07 37.95
N LEU F 177 -55.00 -4.80 38.19
CA LEU F 177 -54.89 -4.22 39.53
C LEU F 177 -56.26 -3.83 40.06
N ASN F 178 -56.55 -4.34 41.24
CA ASN F 178 -57.80 -4.13 41.91
C ASN F 178 -57.55 -3.19 43.07
N ASP F 179 -57.77 -1.89 42.85
CA ASP F 179 -57.50 -0.90 43.86
C ASP F 179 -58.84 -0.52 44.43
N LYS F 180 -58.84 0.22 45.54
CA LYS F 180 -60.07 0.74 46.16
C LYS F 180 -60.88 1.47 45.10
N GLU F 181 -62.08 0.98 44.78
CA GLU F 181 -62.99 1.69 43.81
C GLU F 181 -62.67 1.52 42.31
N THR F 182 -61.40 1.31 41.97
CA THR F 182 -60.98 1.21 40.58
C THR F 182 -60.55 -0.23 40.18
N VAL F 183 -60.83 -0.62 38.93
CA VAL F 183 -60.27 -1.86 38.37
C VAL F 183 -59.68 -1.52 37.01
N SER F 184 -58.40 -1.87 36.82
CA SER F 184 -57.73 -1.66 35.54
C SER F 184 -56.79 -2.78 35.10
N LEU F 185 -56.52 -2.80 33.80
CA LEU F 185 -55.47 -3.66 33.23
C LEU F 185 -54.21 -2.85 33.11
N LEU F 186 -53.09 -3.53 33.18
CA LEU F 186 -51.83 -2.87 32.97
C LEU F 186 -51.27 -3.57 31.75
N LEU F 187 -50.77 -2.80 30.80
CA LEU F 187 -50.20 -3.37 29.59
C LEU F 187 -48.74 -2.92 29.43
N ASN F 188 -48.03 -3.59 28.53
CA ASN F 188 -46.65 -3.29 28.21
C ASN F 188 -46.37 -1.82 27.79
N GLN F 189 -45.10 -1.43 27.87
CA GLN F 189 -44.60 -0.17 27.36
C GLN F 189 -44.74 -0.10 25.83
N GLY F 190 -44.99 1.09 25.32
CA GLY F 190 -44.78 1.35 23.90
C GLY F 190 -45.98 1.25 22.99
N PHE F 191 -47.19 1.10 23.55
CA PHE F 191 -48.37 1.11 22.69
C PHE F 191 -48.61 2.55 22.29
N SER F 192 -49.24 2.73 21.13
CA SER F 192 -49.72 4.06 20.76
C SER F 192 -51.26 4.14 20.65
N ILE F 193 -51.82 5.33 20.83
CA ILE F 193 -53.23 5.51 20.50
C ILE F 193 -53.34 6.29 19.17
N ILE F 194 -54.27 5.87 18.31
CA ILE F 194 -54.63 6.67 17.12
C ILE F 194 -56.07 7.12 17.33
N PRO F 195 -56.30 8.41 17.74
CA PRO F 195 -57.66 8.95 17.87
C PRO F 195 -58.37 8.96 16.53
N GLU F 196 -59.56 8.38 16.47
CA GLU F 196 -60.31 8.17 15.24
C GLU F 196 -61.54 9.04 15.11
N SER F 197 -62.18 9.30 16.25
CA SER F 197 -63.27 10.27 16.35
C SER F 197 -63.21 10.96 17.72
N ALA F 198 -63.75 12.18 17.76
CA ALA F 198 -63.87 12.97 18.98
C ALA F 198 -65.23 13.65 19.07
N ILE F 199 -65.90 13.45 20.21
CA ILE F 199 -67.19 14.09 20.55
C ILE F 199 -67.15 14.75 21.94
N ILE F 200 -68.09 15.67 22.19
CA ILE F 200 -68.33 16.15 23.53
C ILE F 200 -69.42 15.28 24.14
N THR F 201 -69.11 14.74 25.31
CA THR F 201 -70.08 14.04 26.11
C THR F 201 -70.17 14.73 27.45
N THR F 202 -71.20 14.41 28.23
CA THR F 202 -71.43 15.05 29.52
C THR F 202 -71.73 14.02 30.60
N ILE F 203 -70.86 13.97 31.61
CA ILE F 203 -70.91 12.96 32.66
C ILE F 203 -70.92 13.66 34.01
N LYS F 204 -71.98 13.45 34.78
CA LYS F 204 -72.23 14.16 36.05
C LYS F 204 -72.17 15.68 35.88
N GLY F 205 -72.68 16.16 34.74
CA GLY F 205 -72.79 17.59 34.45
C GLY F 205 -71.52 18.26 33.94
N LYS F 206 -70.46 17.47 33.80
CA LYS F 206 -69.17 17.96 33.37
C LYS F 206 -68.90 17.45 31.95
N ASP F 207 -68.50 18.37 31.07
CA ASP F 207 -68.18 18.02 29.68
C ASP F 207 -66.80 17.38 29.59
N TYR F 208 -66.68 16.39 28.69
CA TYR F 208 -65.39 15.80 28.31
C TYR F 208 -65.38 15.65 26.80
N ILE F 209 -64.18 15.50 26.26
CA ILE F 209 -64.05 15.06 24.87
C ILE F 209 -63.85 13.56 24.93
N LEU F 210 -64.90 12.83 24.53
CA LEU F 210 -64.80 11.38 24.37
C LEU F 210 -64.08 11.09 23.06
N ILE F 211 -62.90 10.50 23.19
CA ILE F 211 -62.10 10.14 22.05
C ILE F 211 -62.16 8.65 21.88
N GLU F 212 -62.64 8.24 20.72
CA GLU F 212 -62.60 6.84 20.31
C GLU F 212 -61.32 6.62 19.47
N GLY F 213 -60.46 5.72 19.96
CA GLY F 213 -59.20 5.45 19.31
C GLY F 213 -58.84 3.98 19.16
N SER F 214 -57.96 3.70 18.20
CA SER F 214 -57.40 2.35 18.04
C SER F 214 -56.00 2.33 18.62
N LEU F 215 -55.73 1.28 19.37
CA LEU F 215 -54.41 1.08 19.93
C LEU F 215 -53.54 0.48 18.80
N SER F 216 -52.32 0.99 18.65
CA SER F 216 -51.33 0.46 17.68
C SER F 216 -49.94 0.23 18.27
N GLN F 217 -49.07 -0.32 17.45
CA GLN F 217 -47.66 -0.52 17.77
C GLN F 217 -46.94 0.04 16.58
N GLU F 218 -46.10 1.05 16.79
CA GLU F 218 -45.25 1.49 15.72
C GLU F 218 -43.85 0.95 15.86
N LEU F 219 -43.20 0.68 14.74
CA LEU F 219 -41.86 0.14 14.73
C LEU F 219 -40.89 1.21 15.27
N ASP F 220 -40.37 0.93 16.45
CA ASP F 220 -39.54 1.86 17.17
C ASP F 220 -38.59 1.00 17.96
N PHE F 221 -37.29 1.28 17.88
CA PHE F 221 -36.27 0.52 18.63
C PHE F 221 -35.68 1.21 19.85
N TYR F 222 -36.10 2.45 20.09
CA TYR F 222 -35.64 3.26 21.23
C TYR F 222 -34.10 3.29 21.33
N ASN F 223 -33.54 3.09 22.53
CA ASN F 223 -32.10 3.06 22.71
C ASN F 223 -31.38 1.78 22.23
N LYS F 224 -32.12 0.69 22.03
CA LYS F 224 -31.54 -0.59 21.62
C LYS F 224 -31.13 -0.61 20.15
N GLY F 225 -31.92 0.01 19.28
CA GLY F 225 -31.68 -0.07 17.85
C GLY F 225 -32.00 -1.45 17.29
N SER F 226 -31.50 -1.73 16.09
CA SER F 226 -31.69 -3.00 15.41
C SER F 226 -30.57 -3.18 14.37
N GLU F 227 -29.66 -4.11 14.60
CA GLU F 227 -28.65 -4.43 13.58
C GLU F 227 -29.39 -5.03 12.37
N ALA F 228 -30.28 -5.98 12.66
CA ALA F 228 -31.14 -6.71 11.72
C ALA F 228 -32.02 -5.92 10.73
N TRP F 229 -32.66 -4.84 11.20
CA TRP F 229 -33.60 -4.10 10.37
C TRP F 229 -32.94 -3.59 9.09
N GLY F 230 -31.78 -2.95 9.22
CA GLY F 230 -31.07 -2.36 8.08
C GLY F 230 -30.57 -3.42 7.10
N ALA F 231 -30.03 -4.51 7.65
CA ALA F 231 -29.60 -5.64 6.83
C ALA F 231 -30.78 -6.25 6.09
N GLU F 232 -31.95 -6.31 6.73
CA GLU F 232 -33.11 -6.93 6.11
C GLU F 232 -33.64 -6.06 4.98
N ASN F 233 -33.58 -4.76 5.22
CA ASN F 233 -34.27 -3.83 4.39
C ASN F 233 -33.39 -3.13 3.37
N TYR F 234 -32.12 -2.96 3.73
CA TYR F 234 -31.12 -2.35 2.82
C TYR F 234 -29.94 -3.26 2.49
N GLY F 235 -30.14 -4.57 2.58
CA GLY F 235 -29.12 -5.54 2.20
C GLY F 235 -28.74 -5.42 0.73
N ASP F 236 -29.74 -5.24 -0.14
CA ASP F 236 -29.52 -5.16 -1.58
C ASP F 236 -29.48 -3.73 -2.11
N TYR F 237 -29.44 -2.75 -1.20
CA TYR F 237 -29.41 -1.32 -1.57
C TYR F 237 -28.28 -0.96 -2.56
N ILE F 238 -27.06 -1.28 -2.20
CA ILE F 238 -25.89 -0.95 -3.00
C ILE F 238 -25.97 -1.54 -4.42
N SER F 239 -26.47 -2.78 -4.53
CA SER F 239 -26.69 -3.41 -5.82
C SER F 239 -27.68 -2.62 -6.69
N LYS F 240 -28.57 -1.87 -6.06
CA LYS F 240 -29.61 -1.16 -6.80
C LYS F 240 -29.13 0.21 -7.32
N LEU F 241 -27.99 0.66 -6.79
CA LEU F 241 -27.43 1.94 -7.15
C LEU F 241 -26.62 1.87 -8.40
N SER F 242 -26.58 2.98 -9.14
CA SER F 242 -25.67 3.10 -10.26
C SER F 242 -24.27 3.42 -9.71
N HIS F 243 -23.27 3.19 -10.55
CA HIS F 243 -21.88 3.45 -10.19
C HIS F 243 -21.73 4.91 -9.71
N GLU F 244 -22.36 5.86 -10.43
CA GLU F 244 -22.25 7.28 -10.08
C GLU F 244 -23.02 7.67 -8.78
N GLN F 245 -24.19 7.09 -8.57
CA GLN F 245 -24.95 7.27 -7.32
C GLN F 245 -24.19 6.69 -6.14
N LEU F 246 -23.59 5.52 -6.35
CA LEU F 246 -22.84 4.84 -5.29
C LEU F 246 -21.60 5.64 -4.88
N GLY F 247 -20.90 6.17 -5.87
CA GLY F 247 -19.71 6.98 -5.64
C GLY F 247 -20.04 8.31 -5.01
N ALA F 248 -21.21 8.86 -5.33
CA ALA F 248 -21.64 10.14 -4.77
C ALA F 248 -21.98 9.95 -3.28
N LEU F 249 -22.79 8.94 -3.02
CA LEU F 249 -23.19 8.65 -1.66
C LEU F 249 -21.99 8.23 -0.82
N GLU F 250 -21.10 7.41 -1.36
CA GLU F 250 -19.89 7.02 -0.60
C GLU F 250 -18.98 8.23 -0.36
N GLY F 251 -18.92 9.12 -1.35
CA GLY F 251 -18.23 10.41 -1.18
C GLY F 251 -18.79 11.12 0.03
N TYR F 252 -20.13 11.29 0.06
CA TYR F 252 -20.80 12.01 1.14
C TYR F 252 -20.46 11.45 2.53
N LEU F 253 -20.61 10.12 2.66
CA LEU F 253 -20.38 9.43 3.91
C LEU F 253 -18.98 9.62 4.45
N HIS F 254 -18.03 9.69 3.54
CA HIS F 254 -16.65 9.56 3.92
C HIS F 254 -15.84 10.84 3.92
N SER F 255 -16.20 11.83 3.10
CA SER F 255 -15.39 13.07 3.03
C SER F 255 -16.14 14.34 2.67
N ASP F 256 -17.17 14.21 1.82
CA ASP F 256 -17.87 15.36 1.26
C ASP F 256 -18.94 15.98 2.17
N TYR F 257 -19.32 15.30 3.25
CA TYR F 257 -20.51 15.77 3.93
C TYR F 257 -20.42 17.12 4.56
N LYS F 258 -19.27 17.45 5.17
CA LYS F 258 -19.09 18.75 5.80
C LYS F 258 -19.29 19.88 4.78
N ALA F 259 -18.69 19.73 3.61
CA ALA F 259 -18.72 20.78 2.61
C ALA F 259 -20.09 20.91 1.99
N ILE F 260 -20.66 19.77 1.66
CA ILE F 260 -21.97 19.66 1.03
C ILE F 260 -23.03 20.27 1.93
N ASN F 261 -22.97 19.90 3.20
CA ASN F 261 -23.92 20.33 4.22
C ASN F 261 -23.85 21.84 4.38
N SER F 262 -22.65 22.39 4.52
CA SER F 262 -22.46 23.83 4.67
C SER F 262 -22.91 24.58 3.38
N TYR F 263 -22.49 24.08 2.23
CA TYR F 263 -22.91 24.60 0.93
C TYR F 263 -24.45 24.72 0.80
N LEU F 264 -25.16 23.67 1.22
CA LEU F 264 -26.61 23.65 1.11
C LEU F 264 -27.29 24.62 2.09
N ARG F 265 -26.79 24.66 3.32
CA ARG F 265 -27.16 25.66 4.33
C ARG F 265 -26.81 27.12 3.92
N ASN F 266 -25.81 27.29 3.05
CA ASN F 266 -25.54 28.61 2.50
C ASN F 266 -26.39 28.93 1.26
N ASN F 267 -27.42 28.10 1.01
CA ASN F 267 -28.29 28.25 -0.16
C ASN F 267 -27.46 28.32 -1.45
N ARG F 268 -26.44 27.48 -1.48
CA ARG F 268 -25.58 27.23 -2.65
C ARG F 268 -24.90 28.47 -3.22
N VAL F 269 -24.55 29.42 -2.36
CA VAL F 269 -23.76 30.56 -2.82
C VAL F 269 -22.37 30.45 -2.19
N PRO F 270 -21.32 30.66 -3.00
CA PRO F 270 -21.45 30.87 -4.46
C PRO F 270 -21.68 29.50 -5.12
N ASN F 271 -22.15 29.51 -6.36
CA ASN F 271 -22.43 28.26 -7.06
C ASN F 271 -21.21 27.36 -7.15
N ASN F 272 -21.38 26.09 -6.84
CA ASN F 272 -20.29 25.13 -6.97
C ASN F 272 -20.83 23.94 -7.76
N ASP F 273 -20.51 23.88 -9.06
CA ASP F 273 -21.02 22.82 -9.97
C ASP F 273 -20.62 21.37 -9.56
N GLU F 274 -19.45 21.23 -8.96
CA GLU F 274 -18.97 19.91 -8.55
C GLU F 274 -19.87 19.37 -7.43
N LEU F 275 -20.17 20.25 -6.49
CA LEU F 275 -21.05 19.94 -5.38
C LEU F 275 -22.49 19.77 -5.83
N ASN F 276 -22.97 20.64 -6.74
CA ASN F 276 -24.29 20.41 -7.36
C ASN F 276 -24.47 18.99 -7.90
N LYS F 277 -23.45 18.51 -8.61
CA LYS F 277 -23.47 17.18 -9.20
C LYS F 277 -23.48 16.09 -8.12
N LYS F 278 -22.61 16.19 -7.12
CA LYS F 278 -22.64 15.22 -6.00
C LYS F 278 -24.00 15.14 -5.33
N ILE F 279 -24.60 16.33 -5.11
CA ILE F 279 -25.88 16.48 -4.39
C ILE F 279 -27.04 15.84 -5.13
N GLU F 280 -27.13 16.08 -6.43
CA GLU F 280 -28.16 15.55 -7.31
C GLU F 280 -28.12 14.02 -7.26
N LEU F 281 -26.90 13.49 -7.36
CA LEU F 281 -26.67 12.04 -7.31
C LEU F 281 -27.02 11.40 -5.97
N ILE F 282 -26.74 12.10 -4.87
CA ILE F 282 -27.05 11.58 -3.52
C ILE F 282 -28.56 11.62 -3.31
N SER F 283 -29.17 12.73 -3.64
CA SER F 283 -30.62 12.86 -3.59
C SER F 283 -31.33 11.78 -4.43
N SER F 284 -30.84 11.56 -5.63
CA SER F 284 -31.31 10.48 -6.48
C SER F 284 -31.06 9.07 -5.90
N ALA F 285 -29.83 8.84 -5.40
CA ALA F 285 -29.50 7.62 -4.64
C ALA F 285 -30.55 7.35 -3.57
N LEU F 286 -30.95 8.38 -2.83
CA LEU F 286 -31.85 8.21 -1.68
C LEU F 286 -33.29 7.88 -2.08
N SER F 287 -33.64 8.11 -3.34
CA SER F 287 -34.95 7.73 -3.85
C SER F 287 -35.01 6.32 -4.48
N VAL F 288 -33.88 5.64 -4.52
CA VAL F 288 -33.80 4.31 -5.14
C VAL F 288 -34.60 3.28 -4.36
N LYS F 289 -34.46 3.28 -3.03
CA LYS F 289 -35.20 2.36 -2.20
C LYS F 289 -35.81 3.08 -0.98
N PRO F 290 -36.95 3.77 -1.19
CA PRO F 290 -37.62 4.57 -0.16
C PRO F 290 -37.93 3.70 1.08
N ILE F 291 -38.02 4.32 2.25
CA ILE F 291 -38.27 3.57 3.46
C ILE F 291 -39.44 2.56 3.24
N PRO F 292 -39.16 1.25 3.40
CA PRO F 292 -40.13 0.19 3.03
C PRO F 292 -41.29 -0.01 3.99
N GLN F 293 -41.13 0.42 5.23
CA GLN F 293 -42.21 0.39 6.20
C GLN F 293 -42.07 1.56 7.18
N THR F 294 -43.20 2.10 7.59
CA THR F 294 -43.18 3.11 8.63
C THR F 294 -42.36 2.65 9.83
N LEU F 295 -41.43 3.50 10.27
CA LEU F 295 -40.67 3.26 11.49
C LEU F 295 -40.18 4.57 12.09
N ILE F 296 -39.83 4.49 13.38
CA ILE F 296 -39.25 5.58 14.14
C ILE F 296 -37.73 5.55 14.01
N ALA F 297 -37.17 6.72 13.74
CA ALA F 297 -35.74 6.95 13.78
C ALA F 297 -35.42 8.21 14.59
N TYR F 298 -34.18 8.35 14.98
CA TYR F 298 -33.79 9.37 15.92
C TYR F 298 -32.64 10.25 15.49
N ARG F 299 -32.71 11.50 15.92
CA ARG F 299 -31.66 12.45 15.69
C ARG F 299 -31.64 13.43 16.85
N ARG F 300 -30.59 13.32 17.66
CA ARG F 300 -30.35 14.26 18.75
C ARG F 300 -29.56 15.49 18.32
N VAL F 301 -30.04 16.67 18.74
CA VAL F 301 -29.37 17.95 18.46
C VAL F 301 -29.28 18.78 19.73
N ASP F 302 -28.59 19.91 19.63
CA ASP F 302 -28.54 20.87 20.74
C ASP F 302 -29.55 21.99 20.51
N GLY F 303 -29.34 23.14 21.17
CA GLY F 303 -30.25 24.28 21.06
C GLY F 303 -30.38 24.92 19.68
N ILE F 304 -29.30 24.88 18.92
CA ILE F 304 -29.16 25.71 17.71
C ILE F 304 -30.36 25.72 16.76
N PRO F 305 -30.90 24.54 16.40
CA PRO F 305 -32.00 24.60 15.43
C PRO F 305 -33.24 25.32 15.95
N PHE F 306 -33.28 25.61 17.27
CA PHE F 306 -34.44 26.23 17.94
C PHE F 306 -34.15 27.65 18.34
N ASP F 307 -33.14 28.24 17.71
CA ASP F 307 -32.66 29.57 18.06
C ASP F 307 -32.31 29.74 19.53
N LEU F 308 -31.69 28.71 20.12
CA LEU F 308 -31.26 28.74 21.52
C LEU F 308 -29.76 28.50 21.61
N PRO F 309 -29.11 28.93 22.72
CA PRO F 309 -27.69 28.59 22.92
C PRO F 309 -27.48 27.06 22.90
N SER F 310 -26.42 26.61 22.22
CA SER F 310 -26.12 25.18 22.07
C SER F 310 -26.11 24.51 23.42
N ASP F 311 -25.66 25.26 24.43
CA ASP F 311 -25.57 24.78 25.81
C ASP F 311 -26.80 25.14 26.62
N PHE F 312 -27.90 25.49 25.94
CA PHE F 312 -29.18 25.80 26.58
C PHE F 312 -29.63 24.61 27.42
N SER F 313 -29.94 24.85 28.69
CA SER F 313 -30.27 23.78 29.61
C SER F 313 -31.72 23.87 30.02
N PHE F 314 -32.44 22.74 30.05
CA PHE F 314 -33.81 22.70 30.61
C PHE F 314 -33.78 22.49 32.12
N ASP F 315 -32.57 22.51 32.64
CA ASP F 315 -32.32 22.20 34.00
C ASP F 315 -31.89 23.50 34.70
N LYS F 316 -31.99 23.51 36.03
CA LYS F 316 -31.85 24.74 36.82
C LYS F 316 -31.47 24.38 38.25
N LYS F 317 -30.62 25.23 38.85
CA LYS F 317 -30.20 25.09 40.24
C LYS F 317 -31.18 25.84 41.13
N GLU F 318 -31.81 25.14 42.06
CA GLU F 318 -32.68 25.80 43.05
C GLU F 318 -32.56 25.12 44.41
N ASN F 319 -32.42 25.95 45.46
CA ASN F 319 -32.20 25.51 46.85
C ASN F 319 -30.68 25.40 47.14
N GLY F 320 -29.96 25.11 46.03
CA GLY F 320 -28.56 24.69 46.08
C GLY F 320 -28.43 23.52 45.11
N GLU F 321 -29.36 22.58 45.26
CA GLU F 321 -29.50 21.35 44.47
C GLU F 321 -29.81 21.60 42.97
N ILE F 322 -29.74 20.53 42.15
CA ILE F 322 -30.03 20.55 40.71
C ILE F 322 -31.41 19.94 40.42
N ILE F 323 -32.25 20.69 39.70
CA ILE F 323 -33.62 20.28 39.33
C ILE F 323 -34.04 20.78 37.92
N ALA F 324 -35.32 20.46 37.58
CA ALA F 324 -35.86 20.80 36.27
C ALA F 324 -36.52 22.17 36.22
N ASP F 325 -36.23 22.91 35.15
CA ASP F 325 -36.79 24.25 34.95
C ASP F 325 -38.10 24.09 34.19
N LYS F 326 -39.22 24.18 34.91
CA LYS F 326 -40.49 23.85 34.27
C LYS F 326 -41.12 25.01 33.47
N GLN F 327 -40.84 26.29 33.88
CA GLN F 327 -41.28 27.47 33.09
C GLN F 327 -40.56 27.50 31.74
N LYS F 328 -39.25 27.08 31.77
CA LYS F 328 -38.51 26.80 30.52
C LYS F 328 -39.17 25.70 29.69
N LEU F 329 -39.46 24.55 30.32
CA LEU F 329 -40.06 23.38 29.61
C LEU F 329 -41.40 23.74 28.99
N ASN F 330 -42.24 24.43 29.76
CA ASN F 330 -43.55 24.84 29.29
C ASN F 330 -43.45 25.75 28.08
N GLU F 331 -42.57 26.77 28.15
CA GLU F 331 -42.51 27.76 27.07
C GLU F 331 -42.06 27.10 25.78
N PHE F 332 -41.13 26.17 25.91
CA PHE F 332 -40.62 25.43 24.77
C PHE F 332 -41.70 24.54 24.15
N ILE F 333 -42.29 23.68 24.99
CA ILE F 333 -43.41 22.83 24.58
C ILE F 333 -44.55 23.67 23.95
N ASP F 334 -44.96 24.75 24.63
CA ASP F 334 -45.97 25.66 24.09
C ASP F 334 -45.54 26.25 22.75
N LYS F 335 -44.29 26.72 22.69
CA LYS F 335 -43.75 27.33 21.50
C LYS F 335 -43.63 26.35 20.34
N TRP F 336 -43.05 25.19 20.58
CA TRP F 336 -42.65 24.34 19.47
C TRP F 336 -43.64 23.26 19.00
N THR F 337 -44.60 22.88 19.83
CA THR F 337 -45.67 21.96 19.39
C THR F 337 -46.39 22.57 18.19
N GLY F 338 -46.46 21.81 17.10
CA GLY F 338 -47.16 22.26 15.91
C GLY F 338 -46.27 22.89 14.86
N LYS F 339 -45.03 23.24 15.23
CA LYS F 339 -44.12 23.95 14.32
C LYS F 339 -43.45 23.00 13.34
N GLU F 340 -43.11 23.57 12.19
CA GLU F 340 -42.34 22.87 11.17
C GLU F 340 -40.85 23.12 11.30
N ILE F 341 -40.04 22.05 11.21
CA ILE F 341 -38.58 22.15 11.13
C ILE F 341 -38.14 21.61 9.76
N GLU F 342 -37.38 22.46 9.05
CA GLU F 342 -36.84 22.11 7.74
C GLU F 342 -35.35 21.88 7.90
N ASN F 343 -34.78 20.98 7.12
CA ASN F 343 -33.33 20.92 7.05
C ASN F 343 -32.90 21.02 5.60
N LEU F 344 -32.17 22.09 5.29
CA LEU F 344 -31.59 22.38 3.98
C LEU F 344 -30.62 21.32 3.43
N SER F 345 -29.88 20.66 4.32
CA SER F 345 -29.06 19.54 3.87
C SER F 345 -29.66 18.17 4.20
N PHE F 346 -28.96 17.12 3.79
CA PHE F 346 -29.30 15.74 4.14
C PHE F 346 -29.19 15.60 5.65
N SER F 347 -30.11 14.83 6.24
CA SER F 347 -30.09 14.67 7.69
C SER F 347 -29.77 13.22 8.01
N SER F 348 -28.88 13.06 8.97
CA SER F 348 -28.49 11.76 9.44
C SER F 348 -29.27 11.45 10.71
N THR F 349 -29.74 10.22 10.72
CA THR F 349 -30.71 9.71 11.65
C THR F 349 -30.19 8.33 12.08
N SER F 350 -30.65 7.84 13.22
CA SER F 350 -30.24 6.54 13.68
C SER F 350 -31.45 5.75 14.17
N LEU F 351 -31.37 4.42 14.11
CA LEU F 351 -32.34 3.56 14.80
C LEU F 351 -32.15 3.59 16.33
N LYS F 352 -30.96 3.97 16.77
CA LYS F 352 -30.70 4.15 18.18
C LYS F 352 -31.09 5.53 18.67
N SER F 353 -31.92 5.59 19.70
CA SER F 353 -32.33 6.88 20.29
C SER F 353 -31.19 7.64 20.96
N THR F 354 -30.17 6.93 21.45
CA THR F 354 -29.18 7.56 22.34
C THR F 354 -27.74 7.05 22.13
N PRO F 355 -27.15 7.33 20.95
CA PRO F 355 -25.70 7.02 20.91
C PRO F 355 -25.02 7.78 22.03
N SER F 356 -24.17 7.09 22.78
CA SER F 356 -23.51 7.66 23.96
C SER F 356 -22.73 8.95 23.68
N SER F 357 -22.16 9.09 22.48
CA SER F 357 -21.46 10.31 22.05
C SER F 357 -22.38 11.52 22.02
N PHE F 358 -23.68 11.27 21.90
CA PHE F 358 -24.66 12.34 21.82
C PHE F 358 -25.59 12.40 23.03
N SER F 359 -25.11 11.85 24.15
CA SER F 359 -25.91 11.72 25.36
C SER F 359 -26.38 13.06 25.96
N LYS F 360 -25.57 14.10 25.77
CA LYS F 360 -25.86 15.41 26.32
C LYS F 360 -26.64 16.33 25.36
N SER F 361 -27.01 15.80 24.20
CA SER F 361 -27.82 16.57 23.28
C SER F 361 -29.24 16.40 23.79
N ARG F 362 -29.84 17.50 24.22
CA ARG F 362 -31.12 17.56 24.93
C ARG F 362 -32.35 17.48 24.04
N PHE F 363 -32.18 17.72 22.74
CA PHE F 363 -33.29 17.82 21.80
C PHE F 363 -33.33 16.56 20.92
N ILE F 364 -34.20 15.63 21.30
CA ILE F 364 -34.28 14.31 20.70
C ILE F 364 -35.43 14.25 19.72
N PHE F 365 -35.15 14.38 18.44
CA PHE F 365 -36.18 14.17 17.45
C PHE F 365 -36.50 12.67 17.37
N ARG F 366 -37.76 12.34 17.64
CA ARG F 366 -38.30 11.00 17.43
C ARG F 366 -39.13 11.13 16.16
N LEU F 367 -38.49 10.78 15.06
CA LEU F 367 -39.00 11.00 13.70
C LEU F 367 -39.74 9.81 13.17
N ARG F 368 -41.03 9.98 12.88
CA ARG F 368 -41.77 8.95 12.19
C ARG F 368 -41.40 9.02 10.71
N LEU F 369 -40.66 8.02 10.27
CA LEU F 369 -40.35 7.87 8.85
C LEU F 369 -41.41 7.02 8.21
N SER F 370 -42.26 7.70 7.43
CA SER F 370 -43.33 7.06 6.69
C SER F 370 -42.82 6.20 5.55
N GLU F 371 -43.57 5.14 5.25
CA GLU F 371 -43.25 4.26 4.16
C GLU F 371 -43.23 5.11 2.90
N GLY F 372 -42.20 4.95 2.08
CA GLY F 372 -42.10 5.79 0.90
C GLY F 372 -41.23 7.03 1.14
N ALA F 373 -40.79 7.23 2.38
CA ALA F 373 -39.86 8.32 2.71
C ALA F 373 -38.56 8.20 1.92
N ILE F 374 -37.99 9.35 1.53
CA ILE F 374 -36.81 9.34 0.71
C ILE F 374 -35.58 9.36 1.64
N GLY F 375 -34.94 8.21 1.76
CA GLY F 375 -33.86 8.03 2.72
C GLY F 375 -33.39 6.62 2.53
N ALA F 376 -32.27 6.27 3.15
CA ALA F 376 -31.75 4.94 3.05
C ALA F 376 -31.02 4.57 4.32
N PHE F 377 -31.05 3.29 4.64
CA PHE F 377 -30.23 2.79 5.73
C PHE F 377 -28.84 2.48 5.17
N ILE F 378 -27.84 3.00 5.88
CA ILE F 378 -26.47 2.93 5.41
C ILE F 378 -25.92 1.53 5.74
N TYR F 379 -26.06 0.65 4.74
CA TYR F 379 -25.62 -0.73 4.81
C TYR F 379 -24.75 -1.05 3.60
N GLY F 380 -23.64 -1.73 3.85
CA GLY F 380 -22.71 -2.11 2.80
C GLY F 380 -21.61 -1.11 2.53
N PHE F 381 -21.47 -0.09 3.37
CA PHE F 381 -20.40 0.89 3.18
C PHE F 381 -19.28 0.61 4.16
N SER F 382 -18.09 0.37 3.62
CA SER F 382 -16.92 0.05 4.41
C SER F 382 -16.70 1.11 5.46
N GLY F 383 -16.43 0.68 6.68
CA GLY F 383 -16.05 1.60 7.77
C GLY F 383 -17.16 2.11 8.66
N PHE F 384 -18.38 1.63 8.44
CA PHE F 384 -19.53 2.00 9.27
C PHE F 384 -20.16 0.76 9.94
N GLN F 385 -19.32 -0.22 10.28
CA GLN F 385 -19.78 -1.50 10.84
C GLN F 385 -20.99 -1.40 11.77
N ASP F 386 -20.75 -0.99 13.01
CA ASP F 386 -21.75 -1.05 14.09
C ASP F 386 -22.66 0.15 14.17
N GLU F 387 -22.92 0.75 13.02
CA GLU F 387 -23.79 1.91 12.90
C GLU F 387 -25.15 1.58 12.28
N GLN F 388 -26.13 2.42 12.61
CA GLN F 388 -27.50 2.15 12.28
C GLN F 388 -28.07 3.46 11.76
N GLU F 389 -27.40 3.98 10.74
CA GLU F 389 -27.72 5.28 10.22
C GLU F 389 -28.77 5.18 9.15
N ILE F 390 -29.81 5.99 9.28
CA ILE F 390 -30.67 6.27 8.13
C ILE F 390 -30.39 7.71 7.68
N LEU F 391 -30.03 7.88 6.41
CA LEU F 391 -29.74 9.21 5.90
C LEU F 391 -30.97 9.65 5.14
N LEU F 392 -31.50 10.81 5.50
CA LEU F 392 -32.70 11.35 4.88
C LEU F 392 -32.34 12.37 3.83
N ASN F 393 -33.18 12.48 2.81
CA ASN F 393 -33.00 13.46 1.74
C ASN F 393 -32.96 14.88 2.30
N LYS F 394 -32.22 15.77 1.62
CA LYS F 394 -32.19 17.20 1.93
C LYS F 394 -33.61 17.79 1.81
N ASN F 395 -33.84 18.92 2.50
CA ASN F 395 -35.14 19.61 2.52
C ASN F 395 -36.28 18.78 3.06
N SER F 396 -35.98 17.82 3.91
CA SER F 396 -37.02 17.00 4.55
C SER F 396 -37.58 17.76 5.74
N THR F 397 -38.80 18.30 5.57
CA THR F 397 -39.54 19.06 6.56
C THR F 397 -40.34 18.15 7.51
N PHE F 398 -40.19 18.41 8.79
CA PHE F 398 -40.91 17.69 9.83
C PHE F 398 -41.77 18.62 10.71
N LYS F 399 -43.03 18.22 10.91
CA LYS F 399 -43.94 18.95 11.78
C LYS F 399 -44.02 18.24 13.14
N ILE F 400 -43.72 18.97 14.20
CA ILE F 400 -43.80 18.49 15.56
C ILE F 400 -45.27 18.35 15.97
N PHE F 401 -45.62 17.20 16.52
CA PHE F 401 -46.98 17.01 16.99
C PHE F 401 -47.06 16.76 18.49
N ARG F 402 -45.91 16.58 19.16
CA ARG F 402 -45.87 16.43 20.60
C ARG F 402 -44.45 16.57 21.11
N ILE F 403 -44.28 17.15 22.29
CA ILE F 403 -42.98 17.22 22.94
C ILE F 403 -43.08 16.71 24.37
N THR F 404 -42.22 15.77 24.75
CA THR F 404 -42.30 15.14 26.10
C THR F 404 -41.05 15.32 26.95
N PRO F 405 -41.19 15.96 28.11
CA PRO F 405 -40.02 16.13 28.97
C PRO F 405 -39.59 14.81 29.60
N ILE F 406 -38.28 14.56 29.60
CA ILE F 406 -37.73 13.36 30.23
C ILE F 406 -36.57 13.74 31.18
N THR F 407 -36.10 12.79 31.98
CA THR F 407 -34.87 12.97 32.74
C THR F 407 -33.94 11.87 32.24
N SER F 408 -33.11 12.19 31.24
CA SER F 408 -32.18 11.21 30.69
C SER F 408 -31.11 10.94 31.74
N ILE F 409 -30.76 9.67 31.90
CA ILE F 409 -29.67 9.27 32.79
C ILE F 409 -28.42 9.23 31.91
N ILE F 410 -27.42 10.03 32.30
CA ILE F 410 -26.18 10.17 31.54
C ILE F 410 -25.10 9.21 32.08
N ASN F 411 -24.91 9.17 33.41
CA ASN F 411 -24.06 8.17 34.04
C ASN F 411 -24.32 8.02 35.57
N ARG F 412 -23.54 7.19 36.27
CA ARG F 412 -23.76 6.91 37.70
C ARG F 412 -24.21 8.13 38.50
N VAL F 413 -23.62 9.29 38.19
CA VAL F 413 -23.81 10.50 38.96
C VAL F 413 -24.53 11.66 38.22
N THR F 414 -25.01 11.39 36.99
CA THR F 414 -25.46 12.48 36.12
C THR F 414 -26.79 12.24 35.41
N LYS F 415 -27.69 13.20 35.57
CA LYS F 415 -29.00 13.16 34.94
C LYS F 415 -29.23 14.50 34.25
N MET F 416 -30.12 14.53 33.25
CA MET F 416 -30.33 15.77 32.49
C MET F 416 -31.72 15.84 31.88
N THR F 417 -32.42 16.96 32.12
CA THR F 417 -33.76 17.16 31.58
C THR F 417 -33.68 17.35 30.07
N GLN F 418 -34.35 16.46 29.33
CA GLN F 418 -34.34 16.54 27.89
C GLN F 418 -35.75 16.57 27.37
N VAL F 419 -35.91 16.73 26.06
CA VAL F 419 -37.23 16.66 25.47
C VAL F 419 -37.27 15.69 24.29
N VAL F 420 -38.27 14.83 24.27
CA VAL F 420 -38.49 13.90 23.16
C VAL F 420 -39.46 14.59 22.22
N ILE F 421 -38.97 14.94 21.04
CA ILE F 421 -39.74 15.76 20.11
C ILE F 421 -40.33 14.87 19.04
N ASP F 422 -41.63 14.59 19.16
CA ASP F 422 -42.32 13.73 18.22
C ASP F 422 -42.62 14.52 16.94
N ALA F 423 -42.10 14.03 15.82
CA ALA F 423 -42.32 14.73 14.58
C ALA F 423 -42.56 13.77 13.44
N GLU F 424 -43.35 14.22 12.46
CA GLU F 424 -43.67 13.46 11.25
C GLU F 424 -43.45 14.33 10.02
N GLY F 425 -43.12 13.70 8.90
CA GLY F 425 -42.87 14.42 7.64
C GLY F 425 -44.16 15.05 7.14
N ILE F 426 -44.20 16.37 7.01
CA ILE F 426 -45.42 17.05 6.56
C ILE F 426 -45.32 17.25 5.06
CO CO G . -7.12 57.78 20.76
C1 GOL H . -1.86 37.97 -2.05
O1 GOL H . -1.96 36.62 -1.65
C2 GOL H . -0.49 38.56 -1.66
O2 GOL H . -0.38 39.85 -2.21
C3 GOL H . -0.26 38.62 -0.14
O3 GOL H . -0.68 39.86 0.42
C1 GOL I . -12.78 25.84 7.35
O1 GOL I . -12.50 27.20 7.39
C2 GOL I . -12.77 25.52 8.82
O2 GOL I . -14.08 25.28 9.36
C3 GOL I . -11.68 24.49 9.14
O3 GOL I . -11.54 23.53 8.11
C1 GOL J . -13.15 15.86 8.82
O1 GOL J . -12.82 14.81 7.95
C2 GOL J . -11.97 16.81 8.95
O2 GOL J . -12.42 18.13 8.71
C3 GOL J . -11.28 16.63 10.31
O3 GOL J . -11.94 17.27 11.40
C1 GOL K . 19.82 59.73 2.57
O1 GOL K . 18.94 60.21 3.56
C2 GOL K . 19.13 59.68 1.21
O2 GOL K . 18.42 60.89 1.02
C3 GOL K . 20.18 59.48 0.13
O3 GOL K . 19.81 60.12 -1.09
S SO4 L . -6.05 38.02 -5.09
O1 SO4 L . -5.34 38.63 -3.95
O2 SO4 L . -7.47 38.32 -4.88
O3 SO4 L . -5.66 38.65 -6.38
O4 SO4 L . -5.87 36.54 -5.12
S SO4 M . -16.22 21.08 13.19
O1 SO4 M . -15.95 21.71 14.49
O2 SO4 M . -16.61 22.06 12.17
O3 SO4 M . -14.97 20.44 12.73
O4 SO4 M . -17.31 20.13 13.33
S SO4 N . 9.27 42.43 -1.60
O1 SO4 N . 8.77 41.47 -0.61
O2 SO4 N . 8.70 43.74 -1.33
O3 SO4 N . 10.73 42.47 -1.46
O4 SO4 N . 8.93 41.98 -2.97
S SO4 O . -12.18 26.82 -2.98
O1 SO4 O . -12.97 25.95 -2.09
O2 SO4 O . -12.92 27.03 -4.24
O3 SO4 O . -11.86 28.13 -2.37
O4 SO4 O . -10.90 26.16 -3.24
S SO4 P . -8.28 51.31 10.84
O1 SO4 P . -7.61 50.58 11.92
O2 SO4 P . -8.67 52.64 11.32
O3 SO4 P . -7.39 51.43 9.68
O4 SO4 P . -9.48 50.56 10.46
CO CO Q . 2.57 -1.67 6.62
CO CO R . -44.77 -42.19 8.47
C1 GOL S . -17.75 -22.97 -2.88
O1 GOL S . -18.59 -23.77 -3.70
C2 GOL S . -16.33 -22.95 -3.42
O2 GOL S . -15.45 -22.57 -2.38
C3 GOL S . -15.95 -24.27 -4.13
O3 GOL S . -16.35 -25.40 -3.39
C1 GOL T . -16.27 -18.72 -9.85
O1 GOL T . -17.25 -19.40 -10.68
C2 GOL T . -15.95 -19.36 -8.48
O2 GOL T . -14.62 -19.78 -8.38
C3 GOL T . -16.16 -18.40 -7.30
O3 GOL T . -16.08 -19.04 -6.02
S SO4 U . -9.96 -27.49 -2.02
O1 SO4 U . -8.67 -27.92 -1.47
O2 SO4 U . -10.73 -26.68 -1.06
O3 SO4 U . -9.75 -26.66 -3.22
O4 SO4 U . -10.69 -28.72 -2.37
S SO4 V . -24.59 -22.41 -22.34
O1 SO4 V . -23.73 -23.56 -22.00
O2 SO4 V . -24.33 -21.25 -21.47
O3 SO4 V . -24.43 -21.97 -23.75
O4 SO4 V . -26.00 -22.82 -22.21
S SO4 W . -41.80 -10.85 4.03
O1 SO4 W . -41.36 -10.62 5.42
O2 SO4 W . -41.90 -9.55 3.37
O3 SO4 W . -40.80 -11.70 3.38
O4 SO4 W . -43.10 -11.55 3.94
S SO4 X . -55.35 -30.02 16.98
O1 SO4 X . -55.32 -30.46 18.38
O2 SO4 X . -56.63 -29.36 16.65
O3 SO4 X . -54.25 -29.05 16.80
O4 SO4 X . -55.20 -31.19 16.11
S SO4 Y . -34.27 -16.58 -8.87
O1 SO4 Y . -34.52 -17.10 -7.51
O2 SO4 Y . -35.35 -15.70 -9.38
O3 SO4 Y . -32.99 -15.82 -8.93
O4 SO4 Y . -34.20 -17.74 -9.75
S SO4 Z . -20.91 -16.85 -11.28
O1 SO4 Z . -19.81 -17.04 -10.34
O2 SO4 Z . -22.10 -16.26 -10.63
O3 SO4 Z . -20.47 -15.99 -12.39
O4 SO4 Z . -21.30 -18.13 -11.81
S SO4 AA . -21.29 -34.90 -15.80
O1 SO4 AA . -20.65 -34.36 -14.59
O2 SO4 AA . -21.61 -33.87 -16.79
O3 SO4 AA . -20.29 -35.82 -16.38
O4 SO4 AA . -22.54 -35.61 -15.50
S SO4 BA . -66.16 -25.20 19.35
O1 SO4 BA . -65.43 -25.65 20.55
O2 SO4 BA . -66.40 -23.74 19.40
O3 SO4 BA . -65.41 -25.55 18.13
O4 SO4 BA . -67.47 -25.88 19.36
CO CO CA . 54.90 -17.37 -23.90
C1 GOL DA . 25.44 0.37 -12.84
O1 GOL DA . 24.28 0.81 -12.19
C2 GOL DA . 25.95 1.55 -13.68
O2 GOL DA . 27.15 2.14 -13.17
C3 GOL DA . 26.14 0.99 -15.08
O3 GOL DA . 27.01 -0.11 -15.06
C1 GOL EA . 34.64 -42.74 -33.43
O1 GOL EA . 33.40 -43.08 -34.00
C2 GOL EA . 34.37 -41.72 -32.34
O2 GOL EA . 33.04 -41.92 -31.87
C3 GOL EA . 35.42 -41.84 -31.23
O3 GOL EA . 35.03 -42.81 -30.26
S SO4 FA . 27.57 5.99 -8.33
O1 SO4 FA . 28.47 5.68 -7.22
O2 SO4 FA . 27.05 7.36 -8.19
O3 SO4 FA . 28.38 5.95 -9.56
O4 SO4 FA . 26.46 5.01 -8.39
S SO4 GA . 48.88 -35.04 -24.76
O1 SO4 GA . 49.90 -34.80 -23.74
O2 SO4 GA . 47.68 -34.22 -24.49
O3 SO4 GA . 49.43 -34.73 -26.08
O4 SO4 GA . 48.51 -36.47 -24.77
S SO4 HA . 34.69 10.42 -25.10
O1 SO4 HA . 33.97 9.80 -23.99
O2 SO4 HA . 33.81 11.38 -25.77
O3 SO4 HA . 35.89 11.09 -24.56
O4 SO4 HA . 35.10 9.41 -26.09
S SO4 IA . 28.78 -3.72 -43.06
O1 SO4 IA . 28.66 -4.81 -42.10
O2 SO4 IA . 29.76 -2.74 -42.54
O3 SO4 IA . 29.24 -4.26 -44.35
O4 SO4 IA . 27.46 -3.08 -43.20
S SO4 JA . 19.13 0.73 -22.06
O1 SO4 JA . 19.00 1.65 -20.91
O2 SO4 JA . 18.20 1.02 -23.16
O3 SO4 JA . 20.45 0.87 -22.65
O4 SO4 JA . 18.89 -0.64 -21.60
S SO4 KA . 24.10 -25.60 -25.46
O1 SO4 KA . 24.35 -26.03 -24.08
O2 SO4 KA . 24.00 -24.14 -25.48
O3 SO4 KA . 25.19 -26.02 -26.35
O4 SO4 KA . 22.87 -26.20 -25.95
S SO4 LA . 23.37 -9.79 -29.29
O1 SO4 LA . 24.33 -10.71 -28.66
O2 SO4 LA . 22.25 -9.51 -28.37
O3 SO4 LA . 24.13 -8.56 -29.56
O4 SO4 LA . 22.83 -10.31 -30.56
CO CO MA . 5.60 -66.96 -16.84
C1 GOL NA . 19.63 -40.03 -8.23
O1 GOL NA . 20.14 -39.09 -7.29
C2 GOL NA . 20.74 -40.94 -8.77
O2 GOL NA . 21.01 -41.97 -7.83
C3 GOL NA . 20.39 -41.49 -10.15
O3 GOL NA . 19.48 -42.57 -10.13
C1 GOL OA . 2.61 -31.53 -8.70
O1 GOL OA . 2.97 -30.18 -8.45
C2 GOL OA . 2.10 -32.04 -7.36
O2 GOL OA . 0.91 -32.83 -7.47
C3 GOL OA . 3.22 -32.78 -6.67
O3 GOL OA . 3.41 -34.00 -7.33
S SO4 PA . 34.56 -75.12 -18.71
O1 SO4 PA . 35.35 -75.72 -17.65
O2 SO4 PA . 34.56 -73.67 -18.47
O3 SO4 PA . 35.18 -75.45 -20.01
O4 SO4 PA . 33.16 -75.57 -18.67
S SO4 QA . 2.81 -7.62 -26.68
O1 SO4 QA . 3.29 -8.19 -25.42
O2 SO4 QA . 1.38 -7.29 -26.56
O3 SO4 QA . 3.64 -6.44 -26.91
O4 SO4 QA . 2.95 -8.56 -27.81
S SO4 RA . -2.65 -42.05 5.75
O1 SO4 RA . -1.95 -41.42 6.87
O2 SO4 RA . -4.08 -42.11 6.06
O3 SO4 RA . -2.49 -41.25 4.53
O4 SO4 RA . -2.14 -43.41 5.51
S SO4 SA . 7.97 -53.01 -2.20
O1 SO4 SA . 8.51 -54.31 -1.79
O2 SO4 SA . 6.75 -52.74 -1.43
O3 SO4 SA . 9.00 -52.00 -1.97
O4 SO4 SA . 7.56 -53.09 -3.60
S SO4 TA . 19.56 -39.69 -2.76
O1 SO4 TA . 20.70 -39.98 -1.88
O2 SO4 TA . 18.89 -38.47 -2.30
O3 SO4 TA . 19.99 -39.45 -4.13
O4 SO4 TA . 18.64 -40.84 -2.79
S SO4 UA . 10.57 -30.31 -0.33
O1 SO4 UA . 10.74 -31.34 0.72
O2 SO4 UA . 9.19 -30.14 -0.77
O3 SO4 UA . 11.03 -29.01 0.18
O4 SO4 UA . 11.38 -30.65 -1.50
CO CO VA . 54.67 42.11 -6.78
C1 GOL WA . 26.03 19.06 -2.83
O1 GOL WA . 27.17 18.23 -2.69
C2 GOL WA . 26.50 20.22 -3.71
O2 GOL WA . 25.39 20.86 -4.35
C3 GOL WA . 27.24 21.24 -2.85
O3 GOL WA . 28.08 20.65 -1.89
S SO4 XA . 52.61 65.24 11.47
O1 SO4 XA . 52.72 64.14 12.42
O2 SO4 XA . 51.96 66.35 12.18
O3 SO4 XA . 53.93 65.66 11.01
O4 SO4 XA . 51.86 64.84 10.27
S SO4 YA . 29.69 31.07 12.87
O1 SO4 YA . 29.85 31.79 14.15
O2 SO4 YA . 28.27 30.80 12.59
O3 SO4 YA . 30.32 31.77 11.75
O4 SO4 YA . 30.39 29.80 12.96
S SO4 ZA . 56.57 42.21 -14.25
O1 SO4 ZA . 57.69 41.73 -13.43
O2 SO4 ZA . 55.36 41.50 -13.80
O3 SO4 ZA . 56.44 43.66 -14.05
O4 SO4 ZA . 56.77 41.95 -15.68
S SO4 AB . 41.08 12.29 3.56
O1 SO4 AB . 40.98 12.87 4.91
O2 SO4 AB . 39.90 12.62 2.74
O3 SO4 AB . 42.27 12.85 2.89
O4 SO4 AB . 41.17 10.84 3.67
S SO4 BB . 24.48 19.86 7.69
O1 SO4 BB . 24.46 19.13 8.97
O2 SO4 BB . 24.24 21.29 7.92
O3 SO4 BB . 25.80 19.69 7.12
O4 SO4 BB . 23.50 19.33 6.72
S SO4 CB . 31.23 37.21 26.89
O1 SO4 CB . 32.18 37.17 28.01
O2 SO4 CB . 29.92 37.69 27.36
O3 SO4 CB . 31.75 38.12 25.87
O4 SO4 CB . 31.04 35.86 26.34
S SO4 DB . -0.90 22.32 -17.00
O1 SO4 DB . -0.81 22.93 -15.66
O2 SO4 DB . -2.25 21.74 -17.17
O3 SO4 DB . -0.60 23.35 -18.02
O4 SO4 DB . 0.04 21.22 -17.17
CO CO EB . -58.45 22.05 30.93
C1 GOL FB . -28.01 11.32 14.50
O1 GOL FB . -27.08 10.54 13.76
C2 GOL FB . -27.15 12.12 15.48
O2 GOL FB . -27.46 13.50 15.60
C3 GOL FB . -27.15 11.35 16.79
O3 GOL FB . -28.45 11.20 17.28
S SO4 GB . -39.99 -1.33 25.20
O1 SO4 GB . -39.84 -1.79 26.59
O2 SO4 GB . -40.86 -0.15 25.14
O3 SO4 GB . -38.65 -1.03 24.69
O4 SO4 GB . -40.52 -2.39 24.32
S SO4 HB . -32.45 -9.17 -1.12
O1 SO4 HB . -31.53 -10.30 -0.98
O2 SO4 HB . -32.02 -8.10 -0.19
O3 SO4 HB . -32.39 -8.71 -2.50
O4 SO4 HB . -33.83 -9.59 -0.83
S SO4 IB . -22.78 32.32 -8.32
O1 SO4 IB . -23.44 31.96 -7.05
O2 SO4 IB . -22.39 33.75 -8.32
O3 SO4 IB . -21.58 31.51 -8.52
O4 SO4 IB . -23.68 32.08 -9.44
S SO4 JB . -23.57 3.39 21.85
O1 SO4 JB . -22.38 3.05 22.63
O2 SO4 JB . -24.08 4.65 22.38
O3 SO4 JB . -23.26 3.61 20.44
O4 SO4 JB . -24.59 2.35 22.04
S SO4 KB . -48.10 -7.91 23.80
O1 SO4 KB . -47.41 -8.84 24.68
O2 SO4 KB . -49.33 -7.52 24.49
O3 SO4 KB . -47.32 -6.69 23.52
O4 SO4 KB . -48.37 -8.64 22.54
S SO4 LB . -35.90 -11.55 40.92
O1 SO4 LB . -36.20 -12.01 42.28
O2 SO4 LB . -37.13 -10.99 40.37
O3 SO4 LB . -34.85 -10.51 40.98
O4 SO4 LB . -35.40 -12.65 40.06
S SO4 MB . -73.08 -1.00 41.59
O1 SO4 MB . -72.09 -2.06 41.69
O2 SO4 MB . -72.77 0.07 42.56
O3 SO4 MB . -73.09 -0.41 40.24
O4 SO4 MB . -74.36 -1.66 41.88
#